data_6XZQ
#
_entry.id   6XZQ
#
_cell.length_a   1.00
_cell.length_b   1.00
_cell.length_c   1.00
_cell.angle_alpha   90.00
_cell.angle_beta   90.00
_cell.angle_gamma   90.00
#
_symmetry.space_group_name_H-M   'P 1'
#
loop_
_entity.id
_entity.type
_entity.pdbx_description
1 polymer "RNA (5'-R(*AP*GP*UP*AP*GP*AP*AP*AP*CP*AP*AP*GP*GP*GP*CP*CP*CP*UP*G)-3')"
2 polymer 'Polymerase acidic protein'
3 polymer 'RNA-directed RNA polymerase catalytic subunit'
4 polymer 'Polymerase basic protein 2'
5 polymer 'Acidic leucine-rich nuclear phosphoprotein 32 family member A'
#
loop_
_entity_poly.entity_id
_entity_poly.type
_entity_poly.pdbx_seq_one_letter_code
_entity_poly.pdbx_strand_id
1 'polyribonucleotide' AGUAGAAACAAGGGUAUUUUUCUUUACUAGUCUACCCUGCUUUUGCU I
2 'polypeptide(L)'
;MSKTFAEIAEAFLEPEAVRIAKEAVEEYGDHERKIIQIGIHFQVCCMFCDEYLSTNGSDRFVLIEGRKRGTAVSLQNELC
KSYDLEPLPFLCDIFDREEKQFVEIGITRKADDSYFQSKFGKLGNSCKIFVFSYDGRLDKNCEGPMEEQKLRIFSFLATA
ADFLRKENMFNEIFLPDNEETIIEMKKGKTFLELRDESVPLPFQTYEQMKDYCEKFKGNPRELASKVSQMQSNIKLPIKH
YEQNKFRQIRLPKGPMAPYTHKFLMEEAWMFTKISDPERSRAGEILIDFFKKGNLSAIRPKDKPLQGKYPIHYKNLWNQI
KAAIADRTMVINENDHSEFLGGIGRASKKIPEISLTQDVITTEGLKQSENKLPEPRSFPRWFNAEWMWAIKDSDLTGWVP
MAEYPPADNELEDYAEHLNKTMEGVLQGTNCAREMGKCILTVGALMTECRLFPGKIKVVPIYARSKERKSMQEGLPVPSE
MDCLFGICVKSKSHLNKDDGMYTIITFEFSIREPNLEKHQKYTVFEAGHTTVRMKKGESVIGREVPLYLYCRTTALSKIK
NDWLSKARRCFITTMDTVETICLRESAKAEENLVEKTLNEKQMWIGKKNGELIAQPLREALRVQLVQQFYFCIYNDSQLE
GFCNEQKKILMALEGDKKNKSSFGFNPEGLLEKIEECLINNPMCLFMAQRLNELVIEASKRGAKFFKTD
;
A,D
3 'polypeptide(L)'
;MEINPYLMFLNNDVTSLISTTYPYTGPPPMSHGSSTKYTLETIKRTYDYSRTSVEKTSKVFNIPRRKFCNCLEDKDELVK
PTGNVDISSLLGLAEMMEKRMGEGFFKHCVMEAETEILKMHFSRLTEGRQTYDWTSERNMPAATALQLTVDAIKETEGPF
KGTTMLEYCNKMIEMLDWKEIKFKKVKTVVRREKDKRSGKEIKTKVPVMGIDSIKHDEFLIRALTINTMAKDGERGKLQR
RAIATPGMIVRPFSKIVETVAQKICEKLKESGLPVGGNEKKAKLKTTVTSLNARMNSDQFAVNITGDNSKWNECQQPEAY
LALLAYITKDSSDLMKDLCSVAPVLFCNKFVKLGQGIRLSNKRKTKEVIIKAEKMGKYKNLMREEYKNLFEPLEKYIQKD
VCFLPGGMLMGMFNMLSTVLGVSTLCYMDEELKAKGCFWTGLQSSDDFVLFAVASNWSNIHWTIRRFNAVCKLIGINMSL
EKSYGSLPELFEFTSMFFDGEFVSNLAMELPAFTTAGVNEGVDFTAAMSIIKTNMINNSLSPSTALMALRICLQEFRATY
RVHPWDSRVKGGRMKIINEFIKTIENKDGLLIADGGKLMNNISTLHIPEEVLKFEKMDEQYRNRVFNPKNPFTNFDKTID
IFRAHGPIRVEENEAVVSTHSFRTRANRTLLNTDMRAMMAEEKRYQMVCDMFKSVFESADINPPIGAMSIGEAIEEKLLE
RAKMKRDIGAIEDSEYEEIKDIIRDAKKARLESR
;
B,E
4 'polypeptide(L)'
;MSLLLTIAKEYKRLCQDAKAAQMMTVGTVSNYTTFKKWTTSRKEKNPSLRMRWAMSSKFPIIANKRMLEEAQIPKEHNNV
ALWEDTEDVSKRDHVLASASCINYWNFCGPCVNNSEVIKEVYKSRFGRLERRKEIMWKELRFTLVDRQRRRVDTQPVEQR
LRTGEIKDLQMWTLFEDEAPLASKFILDNYGLVKEMRSKFANKPLNKEVVAHMLEKQFNPESRFLPVFGAIRPERMELIH
ALGGETWIQEANTAGISNVDQRKNDIRAVCRKVCLAANASIMNAKSKLVEYIKSTSMRIGETERKLEELILETDDVSPEV
TLCKSALGGQLGKTLSFGPMLLKKISGSGVKVKDTVYIQGVRAVQFEYWSEQEEFYGEYKSATALFSRKERSLEWITIGG
GINEDRKRLLAMCMIFCRDGDYFKDAPATITMADLSTKLGREIPYQYVMMNWIQKSEDNLEALLYSRGIVETNPGKMGSS
MGIDGSKRAIKSLRAVTIQSGKIDMPESKEKIHLELSDNLEAFDSSGRIVATILDLPSDKKVTFQDVSFQHPDLAVLRDE
KTAITKGYEALIKRLGTGDNDIPSLIAKKDYLSLYNLPEVKLMAPLIRPNRKGVYSRVARKLVSTQVTTGHYSLHELIKV
LPFTYFAPKQGMFEGRLFFSNDSFVEPGVNNNVFSWSKADSSKIYCHGIAIRVPLVVGDEHMDTSLALLEGFSVCENDPR
APMVTRQDLIDVGFGQKVRLFVGQGSVRTFKRTASQRAASSDVNKNVKKIKMSNENLYFQGELKTAALAQHDEAVDNKFN
KEQQNAFYEILHLPNLNEEQRNAFIQSLKDDPSQSANLLAEAKKLNDAQAPKVDNKFNKEQQNAFYEILHLPNLNEEQRN
AFIQSLKADPSQSANLLAEAKKLNGAQAPKVDANSAGKST
;
C,F
5 'polypeptide(L)'
;HHHHHHLEVLFEGPMEMGRRIHLELRNRTPSDVKELVLDNSRSNEGKLEGLTDEFEELEFLSTINVGLTSIANLPKLNKL
KKLELSDNRVSGGLEVLAEKCPNLTHLNLSGNKIKDLSTIEPLKKLENLKSLDLFNCEVTNLNDYRENVFKLLPQLTYLD
GYDRDDKEAPDSDAEGYVEGLDDEEEDEDEEEYDEDAQVVEDEEDEDEEEEGEEEDVSGEEEEDEEGYNDGEVDDEEDEE
ELGEEERGQKRKREPEDEGEDDD
;
G
#
loop_
_chem_comp.id
_chem_comp.type
_chem_comp.name
_chem_comp.formula
A RNA linking ADENOSINE-5'-MONOPHOSPHATE 'C10 H14 N5 O7 P'
C RNA linking CYTIDINE-5'-MONOPHOSPHATE 'C9 H14 N3 O8 P'
G RNA linking GUANOSINE-5'-MONOPHOSPHATE 'C10 H14 N5 O8 P'
U RNA linking URIDINE-5'-MONOPHOSPHATE 'C9 H13 N2 O9 P'
#
# COMPACT_ATOMS: atom_id res chain seq x y z
N SER B 2 28.97 -8.87 13.64
CA SER B 2 29.13 -8.91 15.09
C SER B 2 29.57 -10.30 15.55
N LYS B 3 30.03 -11.12 14.60
CA LYS B 3 30.46 -12.47 14.92
C LYS B 3 31.83 -12.52 15.57
N THR B 4 32.64 -11.47 15.41
CA THR B 4 33.97 -11.39 16.00
C THR B 4 34.07 -10.15 16.87
N PHE B 5 35.02 -10.18 17.81
CA PHE B 5 35.13 -9.11 18.80
C PHE B 5 35.36 -7.75 18.15
N ALA B 6 36.11 -7.72 17.04
CA ALA B 6 36.44 -6.45 16.42
C ALA B 6 35.19 -5.66 16.07
N GLU B 7 34.14 -6.34 15.60
CA GLU B 7 32.91 -5.63 15.29
C GLU B 7 32.29 -5.03 16.55
N ILE B 8 32.36 -5.77 17.67
CA ILE B 8 31.74 -5.27 18.89
C ILE B 8 32.48 -4.05 19.37
N ALA B 9 33.80 -4.01 19.18
CA ALA B 9 34.53 -2.81 19.57
C ALA B 9 34.24 -1.67 18.59
N GLU B 10 34.09 -2.00 17.31
CA GLU B 10 33.75 -1.00 16.31
C GLU B 10 32.36 -0.42 16.52
N ALA B 11 31.53 -1.06 17.35
CA ALA B 11 30.18 -0.55 17.56
C ALA B 11 30.23 0.83 18.20
N PHE B 12 31.14 1.06 19.14
CA PHE B 12 31.30 2.36 19.77
C PHE B 12 32.68 2.96 19.55
N LEU B 13 33.75 2.18 19.67
CA LEU B 13 35.09 2.69 19.44
C LEU B 13 35.34 3.00 17.97
N GLU B 14 36.16 4.01 17.74
CA GLU B 14 36.55 4.34 16.38
C GLU B 14 37.45 3.25 15.81
N PRO B 15 37.33 2.95 14.51
CA PRO B 15 38.06 1.79 13.96
C PRO B 15 39.57 1.91 14.06
N GLU B 16 40.09 3.14 14.10
CA GLU B 16 41.54 3.32 14.16
C GLU B 16 42.11 2.70 15.43
N ALA B 17 41.53 3.05 16.58
CA ALA B 17 42.00 2.48 17.84
C ALA B 17 41.84 0.97 17.84
N VAL B 18 40.82 0.45 17.16
CA VAL B 18 40.66 -0.99 17.02
C VAL B 18 41.86 -1.58 16.31
N ARG B 19 42.20 -1.04 15.14
CA ARG B 19 43.35 -1.54 14.40
C ARG B 19 44.62 -1.46 15.23
N ILE B 20 44.77 -0.38 15.98
CA ILE B 20 45.97 -0.21 16.80
C ILE B 20 46.05 -1.31 17.84
N ALA B 21 44.99 -1.47 18.64
CA ALA B 21 45.01 -2.50 19.68
C ALA B 21 45.17 -3.89 19.09
N LYS B 22 44.65 -4.11 17.88
CA LYS B 22 44.82 -5.40 17.23
C LYS B 22 46.28 -5.66 16.89
N GLU B 23 46.93 -4.71 16.22
CA GLU B 23 48.36 -4.84 15.96
C GLU B 23 49.14 -5.07 17.25
N ALA B 24 48.79 -4.34 18.31
CA ALA B 24 49.50 -4.48 19.57
C ALA B 24 49.34 -5.89 20.13
N VAL B 25 48.12 -6.42 20.09
CA VAL B 25 47.87 -7.76 20.60
C VAL B 25 48.66 -8.77 19.79
N GLU B 26 48.69 -8.60 18.47
CA GLU B 26 49.44 -9.52 17.62
C GLU B 26 50.91 -9.47 17.97
N GLU B 27 51.46 -8.28 18.21
CA GLU B 27 52.87 -8.16 18.56
C GLU B 27 53.15 -8.88 19.88
N TYR B 28 52.32 -8.66 20.89
CA TYR B 28 52.50 -9.38 22.13
C TYR B 28 52.22 -10.87 21.97
N GLY B 29 51.21 -11.21 21.16
CA GLY B 29 50.82 -12.59 21.00
C GLY B 29 49.72 -13.04 21.92
N ASP B 30 49.10 -12.12 22.67
CA ASP B 30 48.04 -12.45 23.59
C ASP B 30 46.71 -12.62 22.85
N HIS B 31 45.73 -13.17 23.56
CA HIS B 31 44.40 -13.35 23.00
C HIS B 31 43.89 -12.03 22.43
N GLU B 32 42.99 -12.11 21.46
CA GLU B 32 42.39 -10.92 20.87
C GLU B 32 41.18 -10.44 21.66
N ARG B 33 40.73 -11.23 22.63
CA ARG B 33 39.65 -10.81 23.51
C ARG B 33 39.95 -9.47 24.17
N LYS B 34 41.20 -9.05 24.23
CA LYS B 34 41.61 -7.83 24.89
C LYS B 34 41.58 -6.62 23.97
N ILE B 35 41.11 -6.80 22.73
CA ILE B 35 40.98 -5.68 21.81
C ILE B 35 40.04 -4.65 22.41
N ILE B 36 39.14 -5.09 23.28
CA ILE B 36 38.16 -4.19 23.83
C ILE B 36 38.83 -3.29 24.87
N GLN B 37 39.58 -3.88 25.78
CA GLN B 37 40.17 -3.06 26.84
C GLN B 37 41.24 -2.13 26.28
N ILE B 38 42.16 -2.67 25.48
CA ILE B 38 43.30 -1.88 25.05
C ILE B 38 42.84 -0.71 24.20
N GLY B 39 41.86 -0.94 23.33
CA GLY B 39 41.35 0.17 22.54
C GLY B 39 40.81 1.27 23.42
N ILE B 40 40.07 0.90 24.46
CA ILE B 40 39.54 1.92 25.35
C ILE B 40 40.69 2.68 25.98
N HIS B 41 41.74 1.97 26.39
CA HIS B 41 42.87 2.62 27.02
C HIS B 41 43.46 3.65 26.09
N PHE B 42 43.50 3.34 24.80
CA PHE B 42 44.13 4.27 23.87
C PHE B 42 43.22 5.48 23.64
N GLN B 43 41.91 5.26 23.58
CA GLN B 43 41.06 6.38 23.19
C GLN B 43 41.04 7.42 24.30
N VAL B 44 41.02 6.97 25.55
CA VAL B 44 41.12 7.90 26.66
C VAL B 44 42.34 8.76 26.46
N CYS B 45 43.49 8.12 26.22
CA CYS B 45 44.72 8.88 26.06
C CYS B 45 44.57 9.93 24.99
N CYS B 46 43.99 9.56 23.85
CA CYS B 46 43.85 10.55 22.79
C CYS B 46 42.94 11.67 23.25
N MET B 47 41.77 11.32 23.78
CA MET B 47 40.85 12.35 24.22
C MET B 47 41.32 13.00 25.50
N PHE B 48 42.34 12.43 26.15
CA PHE B 48 43.02 13.16 27.21
C PHE B 48 43.78 14.34 26.62
N CYS B 49 44.64 14.06 25.62
CA CYS B 49 45.40 15.12 24.97
C CYS B 49 44.53 16.32 24.65
N ASP B 50 43.49 16.11 23.85
CA ASP B 50 42.53 17.15 23.49
C ASP B 50 43.16 18.26 22.66
N GLU B 51 44.34 18.01 22.11
CA GLU B 51 45.03 18.99 21.28
C GLU B 51 45.35 20.25 22.07
N TYR B 52 45.52 20.12 23.38
CA TYR B 52 45.92 21.25 24.21
C TYR B 52 47.32 21.71 23.84
N LEU B 53 47.64 22.92 24.28
CA LEU B 53 48.88 23.58 23.89
C LEU B 53 49.56 24.17 25.11
N SER B 54 50.82 24.55 24.94
CA SER B 54 51.63 25.13 25.99
C SER B 54 51.71 26.65 25.80
N THR B 55 52.45 27.30 26.69
CA THR B 55 52.60 28.75 26.60
C THR B 55 53.23 29.18 25.28
N ASN B 56 54.07 28.34 24.70
CA ASN B 56 54.79 28.67 23.47
C ASN B 56 53.98 28.39 22.21
N GLY B 57 52.66 28.24 22.33
CA GLY B 57 51.85 27.93 21.16
C GLY B 57 52.16 26.58 20.54
N SER B 58 52.82 25.70 21.28
CA SER B 58 53.19 24.38 20.81
C SER B 58 52.37 23.33 21.56
N ASP B 59 52.39 22.11 21.02
CA ASP B 59 51.66 21.03 21.67
C ASP B 59 52.20 20.81 23.08
N ARG B 60 51.30 20.41 23.98
CA ARG B 60 51.65 20.19 25.38
C ARG B 60 51.89 18.71 25.69
N PHE B 61 50.91 17.86 25.39
CA PHE B 61 51.00 16.44 25.72
C PHE B 61 51.55 15.65 24.55
N VAL B 62 52.42 14.69 24.84
CA VAL B 62 52.99 13.80 23.83
C VAL B 62 52.68 12.36 24.22
N LEU B 63 51.96 11.67 23.34
CA LEU B 63 51.59 10.28 23.54
C LEU B 63 52.81 9.38 23.38
N ILE B 64 52.79 8.24 24.06
CA ILE B 64 53.85 7.24 23.89
C ILE B 64 53.27 5.83 23.80
N GLU B 65 51.97 5.69 24.06
CA GLU B 65 51.39 4.36 24.23
C GLU B 65 51.24 3.64 22.89
N GLY B 66 50.58 4.27 21.93
CA GLY B 66 50.31 3.61 20.66
C GLY B 66 51.55 3.18 19.91
N ARG B 67 52.70 3.79 20.21
CA ARG B 67 53.93 3.47 19.51
C ARG B 67 54.38 2.05 19.82
N LYS B 68 55.16 1.48 18.90
CA LYS B 68 55.67 0.14 19.09
C LYS B 68 56.64 0.08 20.26
N ARG B 69 56.82 -1.13 20.79
CA ARG B 69 57.60 -1.31 22.00
C ARG B 69 59.02 -0.79 21.83
N GLY B 70 59.63 -1.05 20.67
CA GLY B 70 61.00 -0.62 20.45
C GLY B 70 61.17 0.89 20.53
N THR B 71 60.28 1.63 19.89
CA THR B 71 60.41 3.09 19.87
C THR B 71 59.88 3.75 21.14
N ALA B 72 59.16 2.98 21.98
CA ALA B 72 58.66 3.57 23.22
C ALA B 72 59.79 3.92 24.15
N VAL B 73 60.78 3.03 24.28
CA VAL B 73 61.86 3.30 25.23
C VAL B 73 62.81 4.31 24.63
N SER B 74 62.79 4.47 23.31
CA SER B 74 63.68 5.43 22.68
C SER B 74 63.15 6.84 22.90
N LEU B 75 61.85 7.04 22.69
CA LEU B 75 61.28 8.35 23.00
C LEU B 75 61.34 8.62 24.50
N GLN B 76 61.09 7.61 25.33
CA GLN B 76 61.16 7.81 26.77
C GLN B 76 62.54 8.29 27.19
N ASN B 77 63.59 7.61 26.73
CA ASN B 77 64.94 8.01 27.09
C ASN B 77 65.30 9.37 26.49
N GLU B 78 64.91 9.61 25.24
CA GLU B 78 65.17 10.90 24.62
C GLU B 78 64.60 12.04 25.46
N LEU B 79 63.36 11.88 25.93
CA LEU B 79 62.75 12.94 26.72
C LEU B 79 63.37 13.05 28.11
N CYS B 80 63.61 11.90 28.76
CA CYS B 80 64.26 11.94 30.06
C CYS B 80 65.63 12.61 29.98
N LYS B 81 66.28 12.53 28.82
CA LYS B 81 67.61 13.13 28.66
C LYS B 81 67.51 14.61 28.34
N SER B 82 66.76 14.95 27.29
CA SER B 82 66.68 16.35 26.84
C SER B 82 66.30 17.26 28.00
N TYR B 83 65.13 17.03 28.62
CA TYR B 83 64.72 17.86 29.74
C TYR B 83 65.50 17.56 31.02
N ASP B 84 66.47 16.64 30.97
CA ASP B 84 67.31 16.31 32.12
C ASP B 84 66.46 15.76 33.27
N LEU B 85 65.82 14.64 32.99
CA LEU B 85 65.00 13.92 33.96
C LEU B 85 65.59 12.54 34.21
N GLU B 86 65.19 11.96 35.34
CA GLU B 86 65.66 10.63 35.71
C GLU B 86 64.88 9.57 34.93
N PRO B 87 65.56 8.54 34.41
CA PRO B 87 64.84 7.50 33.67
C PRO B 87 64.05 6.61 34.60
N LEU B 88 62.82 6.33 34.22
CA LEU B 88 62.00 5.45 35.04
C LEU B 88 62.25 3.99 34.67
N PRO B 89 62.10 3.06 35.62
CA PRO B 89 62.29 1.65 35.28
C PRO B 89 61.24 1.13 34.30
N PHE B 90 59.99 1.55 34.45
CA PHE B 90 58.88 1.03 33.66
C PHE B 90 58.44 2.05 32.63
N LEU B 91 57.56 1.60 31.74
CA LEU B 91 57.03 2.42 30.67
C LEU B 91 55.79 3.19 31.13
N CYS B 92 55.49 4.27 30.42
CA CYS B 92 54.34 5.10 30.75
C CYS B 92 53.45 5.32 29.52
N ASP B 93 52.45 6.19 29.65
CA ASP B 93 51.46 6.41 28.60
C ASP B 93 51.50 7.80 27.98
N ILE B 94 51.77 8.85 28.76
CA ILE B 94 51.79 10.20 28.22
C ILE B 94 52.83 11.02 28.97
N PHE B 95 53.51 11.93 28.25
CA PHE B 95 54.54 12.76 28.86
C PHE B 95 54.18 14.24 28.77
N ASP B 96 53.60 14.78 29.85
CA ASP B 96 53.26 16.19 29.93
C ASP B 96 54.52 17.06 29.82
N ARG B 97 54.65 17.84 28.76
CA ARG B 97 55.86 18.65 28.59
C ARG B 97 55.91 19.80 29.59
N GLU B 98 54.79 20.49 29.79
CA GLU B 98 54.79 21.70 30.60
C GLU B 98 55.29 21.42 32.01
N GLU B 99 54.84 20.32 32.62
CA GLU B 99 55.25 19.96 33.97
C GLU B 99 56.46 19.03 33.99
N LYS B 100 56.94 18.60 32.82
CA LYS B 100 58.17 17.82 32.72
C LYS B 100 58.09 16.56 33.58
N GLN B 101 56.97 15.85 33.48
CA GLN B 101 56.82 14.58 34.19
C GLN B 101 55.81 13.72 33.47
N PHE B 102 55.98 12.40 33.61
CA PHE B 102 55.11 11.45 32.94
C PHE B 102 53.76 11.38 33.64
N VAL B 103 52.78 10.81 32.95
CA VAL B 103 51.46 10.57 33.54
C VAL B 103 50.98 9.20 33.11
N GLU B 104 50.83 8.29 34.08
CA GLU B 104 50.22 7.00 33.82
C GLU B 104 48.71 7.12 33.93
N ILE B 105 48.00 6.26 33.21
CA ILE B 105 46.56 6.21 33.27
C ILE B 105 46.12 4.79 33.57
N GLY B 106 45.02 4.65 34.31
CA GLY B 106 44.48 3.36 34.62
C GLY B 106 42.96 3.41 34.66
N ILE B 107 42.36 2.23 34.58
CA ILE B 107 40.91 2.09 34.54
C ILE B 107 40.50 0.81 35.24
N THR B 108 39.80 0.94 36.36
CA THR B 108 39.40 -0.18 37.18
C THR B 108 37.89 -0.22 37.28
N ARG B 109 37.31 -1.37 36.95
CA ARG B 109 35.86 -1.51 36.96
C ARG B 109 35.32 -1.41 38.39
N LYS B 110 35.92 -2.13 39.33
CA LYS B 110 35.44 -2.07 40.70
C LYS B 110 35.60 -0.66 41.24
N ALA B 111 34.59 -0.20 41.99
CA ALA B 111 34.67 1.09 42.66
C ALA B 111 35.42 0.91 43.98
N ASP B 112 36.72 0.68 43.85
CA ASP B 112 37.59 0.46 45.00
C ASP B 112 39.01 0.89 44.63
N ASP B 113 39.80 1.19 45.66
CA ASP B 113 41.13 1.75 45.49
C ASP B 113 42.22 0.69 45.30
N SER B 114 41.85 -0.55 44.98
CA SER B 114 42.86 -1.60 44.87
C SER B 114 43.85 -1.29 43.74
N TYR B 115 43.33 -0.95 42.57
CA TYR B 115 44.19 -0.74 41.41
C TYR B 115 45.08 0.47 41.62
N PHE B 116 44.51 1.55 42.17
CA PHE B 116 45.30 2.74 42.45
C PHE B 116 46.38 2.44 43.48
N GLN B 117 46.03 1.68 44.53
CA GLN B 117 47.02 1.38 45.55
C GLN B 117 48.17 0.56 44.98
N SER B 118 47.86 -0.46 44.17
CA SER B 118 48.91 -1.29 43.59
C SER B 118 49.79 -0.47 42.66
N LYS B 119 49.17 0.33 41.79
CA LYS B 119 49.96 1.11 40.83
C LYS B 119 50.84 2.13 41.55
N PHE B 120 50.29 2.80 42.56
CA PHE B 120 51.08 3.76 43.33
C PHE B 120 52.23 3.07 44.04
N GLY B 121 51.98 1.90 44.61
CA GLY B 121 53.05 1.18 45.28
C GLY B 121 54.16 0.82 44.32
N LYS B 122 53.81 0.37 43.12
CA LYS B 122 54.82 0.05 42.13
C LYS B 122 55.60 1.29 41.72
N LEU B 123 54.90 2.40 41.46
CA LEU B 123 55.52 3.63 41.01
C LEU B 123 55.74 4.65 42.11
N GLY B 124 55.32 4.36 43.34
CA GLY B 124 55.43 5.34 44.41
C GLY B 124 54.74 6.64 44.04
N ASN B 125 55.44 7.75 44.27
CA ASN B 125 54.95 9.08 43.93
C ASN B 125 55.74 9.70 42.78
N SER B 126 56.57 8.92 42.10
CA SER B 126 57.44 9.43 41.05
C SER B 126 56.71 10.40 40.11
N CYS B 127 55.58 9.95 39.55
CA CYS B 127 54.87 10.71 38.54
C CYS B 127 53.38 10.74 38.88
N LYS B 128 52.60 11.38 38.01
CA LYS B 128 51.18 11.56 38.22
C LYS B 128 50.39 10.39 37.67
N ILE B 129 49.51 9.83 38.49
CA ILE B 129 48.66 8.70 38.10
C ILE B 129 47.21 9.11 38.31
N PHE B 130 46.36 8.77 37.34
CA PHE B 130 44.94 9.09 37.38
C PHE B 130 44.17 7.80 37.14
N VAL B 131 43.50 7.31 38.17
CA VAL B 131 42.79 6.04 38.11
C VAL B 131 41.31 6.36 37.99
N PHE B 132 40.84 6.43 36.74
CA PHE B 132 39.44 6.63 36.43
C PHE B 132 38.66 5.37 36.75
N SER B 133 37.34 5.50 36.81
CA SER B 133 36.46 4.36 37.01
C SER B 133 35.23 4.52 36.11
N TYR B 134 34.64 3.39 35.74
CA TYR B 134 33.52 3.42 34.81
C TYR B 134 32.30 4.09 35.44
N ASP B 135 32.10 3.90 36.75
CA ASP B 135 30.92 4.40 37.45
C ASP B 135 31.19 5.73 38.14
N GLY B 136 32.12 6.51 37.63
CA GLY B 136 32.39 7.84 38.15
C GLY B 136 33.13 7.89 39.47
N ARG B 137 34.38 7.43 39.47
CA ARG B 137 35.25 7.57 40.63
C ARG B 137 36.65 7.87 40.13
N LEU B 138 37.34 8.78 40.81
CA LEU B 138 38.68 9.20 40.44
C LEU B 138 39.61 9.04 41.63
N ASP B 139 40.75 8.39 41.40
CA ASP B 139 41.76 8.25 42.45
C ASP B 139 43.10 8.73 41.91
N LYS B 140 43.67 9.74 42.54
CA LYS B 140 44.89 10.35 42.06
C LYS B 140 45.86 10.57 43.21
N ASN B 141 47.03 11.10 42.88
CA ASN B 141 48.10 11.37 43.83
C ASN B 141 48.62 12.79 43.68
N CYS B 142 47.85 13.67 43.07
CA CYS B 142 48.27 15.01 42.69
C CYS B 142 47.02 15.81 42.36
N GLU B 143 47.20 16.99 41.79
CA GLU B 143 46.05 17.82 41.43
C GLU B 143 45.25 17.16 40.30
N GLY B 144 43.94 17.42 40.31
CA GLY B 144 43.05 16.86 39.33
C GLY B 144 43.27 17.46 37.95
N PRO B 145 42.85 16.76 36.90
CA PRO B 145 42.93 17.32 35.55
C PRO B 145 41.86 18.39 35.35
N MET B 146 41.96 19.06 34.19
CA MET B 146 40.98 20.06 33.82
C MET B 146 39.58 19.45 33.82
N GLU B 147 38.58 20.32 34.00
CA GLU B 147 37.20 19.85 34.08
C GLU B 147 36.79 19.16 32.79
N GLU B 148 37.09 19.76 31.65
CA GLU B 148 36.62 19.24 30.37
C GLU B 148 37.13 17.82 30.14
N GLN B 149 38.38 17.58 30.53
CA GLN B 149 38.96 16.26 30.35
C GLN B 149 38.17 15.23 31.15
N LYS B 150 37.84 15.57 32.40
CA LYS B 150 37.05 14.66 33.22
C LYS B 150 35.69 14.42 32.62
N LEU B 151 35.02 15.47 32.15
CA LEU B 151 33.68 15.29 31.62
C LEU B 151 33.71 14.38 30.40
N ARG B 152 34.72 14.54 29.55
CA ARG B 152 34.75 13.78 28.30
C ARG B 152 35.08 12.32 28.58
N ILE B 153 35.96 12.11 29.56
CA ILE B 153 36.34 10.75 29.91
C ILE B 153 35.18 10.04 30.59
N PHE B 154 34.48 10.72 31.48
CA PHE B 154 33.47 10.05 32.28
C PHE B 154 32.20 9.82 31.46
N SER B 155 31.88 10.70 30.52
CA SER B 155 30.77 10.45 29.63
C SER B 155 31.08 9.27 28.71
N PHE B 156 32.29 9.26 28.12
CA PHE B 156 32.65 8.13 27.28
C PHE B 156 32.58 6.82 28.06
N LEU B 157 33.10 6.81 29.29
CA LEU B 157 33.10 5.60 30.09
C LEU B 157 31.69 5.15 30.42
N ALA B 158 30.78 6.10 30.69
CA ALA B 158 29.41 5.73 30.98
C ALA B 158 28.76 5.06 29.78
N THR B 159 28.90 5.67 28.60
CA THR B 159 28.35 5.06 27.39
C THR B 159 28.95 3.67 27.17
N ALA B 160 30.26 3.54 27.33
CA ALA B 160 30.91 2.26 27.13
C ALA B 160 30.38 1.20 28.09
N ALA B 161 30.20 1.58 29.36
CA ALA B 161 29.68 0.62 30.33
C ALA B 161 28.25 0.24 30.02
N ASP B 162 27.46 1.16 29.44
CA ASP B 162 26.10 0.78 29.06
C ASP B 162 26.13 -0.21 27.91
N PHE B 163 27.02 0.01 26.95
CA PHE B 163 27.05 -0.83 25.75
C PHE B 163 27.73 -2.16 26.02
N LEU B 164 28.48 -2.25 27.12
CA LEU B 164 29.02 -3.53 27.53
C LEU B 164 28.00 -4.29 28.36
N ARG B 165 27.46 -3.66 29.41
CA ARG B 165 26.44 -4.30 30.22
C ARG B 165 25.31 -4.84 29.38
N LYS B 166 24.99 -4.17 28.27
CA LYS B 166 23.93 -4.67 27.40
C LYS B 166 24.30 -6.01 26.79
N GLU B 167 25.56 -6.19 26.43
CA GLU B 167 26.01 -7.39 25.73
C GLU B 167 26.57 -8.46 26.66
N ASN B 168 26.51 -8.25 27.98
CA ASN B 168 27.07 -9.20 28.94
C ASN B 168 28.57 -9.36 28.78
N MET B 169 29.27 -8.24 28.61
CA MET B 169 30.72 -8.24 28.49
C MET B 169 31.36 -7.31 29.51
N PHE B 170 30.61 -6.93 30.54
CA PHE B 170 31.15 -6.14 31.66
C PHE B 170 31.53 -7.08 32.80
N ASN B 171 32.58 -7.85 32.55
CA ASN B 171 33.07 -8.82 33.52
C ASN B 171 34.58 -8.80 33.55
N GLU B 172 35.15 -9.56 34.50
CA GLU B 172 36.59 -9.65 34.61
C GLU B 172 37.20 -10.25 33.35
N ILE B 173 36.44 -11.10 32.67
CA ILE B 173 36.94 -11.78 31.48
C ILE B 173 37.46 -10.77 30.46
N PHE B 174 36.59 -9.85 30.03
CA PHE B 174 36.97 -8.87 29.03
C PHE B 174 37.66 -7.67 29.63
N LEU B 175 37.39 -7.34 30.89
CA LEU B 175 37.96 -6.17 31.56
C LEU B 175 38.67 -6.57 32.85
N PRO B 176 39.70 -7.39 32.75
CA PRO B 176 40.45 -7.77 33.96
C PRO B 176 41.46 -6.69 34.34
N ASP B 177 41.92 -6.79 35.58
CA ASP B 177 43.02 -5.96 36.06
C ASP B 177 44.35 -6.60 35.65
N ASN B 178 45.46 -6.04 36.15
CA ASN B 178 46.77 -6.55 35.79
C ASN B 178 46.95 -8.02 36.19
N GLU B 179 46.50 -8.38 37.40
CA GLU B 179 46.78 -9.72 37.90
C GLU B 179 45.88 -10.77 37.24
N GLU B 180 44.56 -10.55 37.26
CA GLU B 180 43.60 -11.54 36.76
C GLU B 180 43.56 -11.54 35.22
N THR B 181 44.71 -11.83 34.63
CA THR B 181 44.87 -11.85 33.19
C THR B 181 45.04 -13.25 32.63
N ILE B 182 44.84 -14.28 33.45
CA ILE B 182 45.01 -15.68 33.03
C ILE B 182 43.71 -16.40 33.38
N ILE B 183 42.79 -16.46 32.43
CA ILE B 183 41.56 -17.22 32.57
C ILE B 183 41.78 -18.60 31.98
N GLU B 184 41.31 -19.62 32.68
CA GLU B 184 41.50 -20.99 32.22
C GLU B 184 40.41 -21.85 32.83
N MET B 185 40.00 -22.86 32.07
CA MET B 185 39.04 -23.82 32.60
C MET B 185 39.60 -24.45 33.87
N LYS B 186 38.79 -24.50 34.92
CA LYS B 186 39.25 -24.99 36.22
C LYS B 186 39.28 -26.51 36.18
N LYS B 187 40.34 -27.03 35.58
CA LYS B 187 40.51 -28.46 35.38
C LYS B 187 40.45 -29.18 36.73
N GLY B 188 39.49 -30.09 36.87
CA GLY B 188 39.31 -30.84 38.09
C GLY B 188 39.96 -32.21 38.01
N LYS B 189 40.21 -32.77 39.19
CA LYS B 189 40.93 -34.05 39.25
C LYS B 189 40.15 -35.14 38.52
N THR B 190 38.83 -35.18 38.70
CA THR B 190 38.04 -36.26 38.12
C THR B 190 37.94 -36.14 36.62
N PHE B 191 37.67 -34.93 36.11
CA PHE B 191 37.54 -34.75 34.68
C PHE B 191 38.77 -35.25 33.93
N LEU B 192 39.96 -34.94 34.45
CA LEU B 192 41.18 -35.43 33.82
C LEU B 192 41.27 -36.94 33.91
N GLU B 193 40.93 -37.49 35.08
CA GLU B 193 40.95 -38.94 35.26
C GLU B 193 40.08 -39.62 34.21
N LEU B 194 38.96 -38.99 33.85
CA LEU B 194 38.08 -39.56 32.83
C LEU B 194 38.67 -39.39 31.43
N ARG B 195 39.11 -38.16 31.11
CA ARG B 195 39.65 -37.90 29.78
C ARG B 195 40.80 -38.84 29.46
N ASP B 196 41.64 -39.13 30.44
CA ASP B 196 42.73 -40.08 30.26
C ASP B 196 42.25 -41.52 30.14
N GLU B 197 40.94 -41.75 30.28
CA GLU B 197 40.36 -43.09 30.19
C GLU B 197 39.53 -43.28 28.94
N SER B 198 39.08 -42.19 28.31
CA SER B 198 38.25 -42.25 27.11
C SER B 198 39.09 -42.18 25.84
N VAL B 199 40.40 -42.22 25.95
CA VAL B 199 41.27 -42.07 24.79
C VAL B 199 41.17 -43.33 23.93
N PRO B 200 41.35 -43.24 22.62
CA PRO B 200 41.39 -44.45 21.79
C PRO B 200 42.48 -45.41 22.25
N LEU B 201 42.47 -46.60 21.64
CA LEU B 201 43.31 -47.69 22.12
C LEU B 201 44.79 -47.39 21.97
N PRO B 202 45.32 -47.12 20.76
CA PRO B 202 46.77 -47.00 20.62
C PRO B 202 47.38 -45.96 21.55
N PHE B 203 46.64 -44.90 21.85
CA PHE B 203 47.10 -43.89 22.78
C PHE B 203 46.66 -44.26 24.19
N GLN B 204 47.34 -43.70 25.17
CA GLN B 204 47.01 -43.96 26.57
C GLN B 204 46.91 -42.70 27.42
N THR B 205 47.14 -41.52 26.84
CA THR B 205 47.05 -40.27 27.57
C THR B 205 46.64 -39.18 26.60
N TYR B 206 45.77 -38.27 27.07
CA TYR B 206 45.29 -37.21 26.19
C TYR B 206 46.46 -36.46 25.56
N GLU B 207 47.61 -36.45 26.24
CA GLU B 207 48.77 -35.75 25.71
C GLU B 207 49.25 -36.39 24.42
N GLN B 208 49.35 -37.72 24.40
CA GLN B 208 49.78 -38.40 23.18
C GLN B 208 48.78 -38.19 22.05
N MET B 209 47.49 -38.29 22.35
CA MET B 209 46.49 -38.10 21.30
C MET B 209 46.59 -36.69 20.73
N LYS B 210 46.74 -35.69 21.59
CA LYS B 210 46.84 -34.32 21.13
C LYS B 210 48.12 -34.10 20.32
N ASP B 211 49.24 -34.67 20.77
CA ASP B 211 50.50 -34.50 20.05
C ASP B 211 50.49 -35.21 18.71
N TYR B 212 49.79 -36.34 18.62
CA TYR B 212 49.70 -37.06 17.36
C TYR B 212 48.74 -36.37 16.39
N CYS B 213 47.72 -35.70 16.92
CA CYS B 213 46.72 -35.07 16.07
C CYS B 213 47.17 -33.70 15.58
N GLU B 214 47.83 -32.92 16.43
CA GLU B 214 48.24 -31.58 16.02
C GLU B 214 49.24 -31.59 14.87
N LYS B 215 49.98 -32.68 14.67
CA LYS B 215 50.98 -32.78 13.63
C LYS B 215 50.60 -33.76 12.52
N PHE B 216 49.37 -34.28 12.54
CA PHE B 216 48.97 -35.28 11.57
C PHE B 216 49.19 -34.80 10.15
N LYS B 217 49.82 -35.65 9.34
CA LYS B 217 50.08 -35.37 7.93
C LYS B 217 49.41 -36.44 7.07
N GLY B 218 49.05 -36.04 5.84
CA GLY B 218 48.35 -36.91 4.93
C GLY B 218 49.30 -37.81 4.15
N ASN B 219 49.00 -39.10 4.13
CA ASN B 219 49.73 -40.09 3.34
C ASN B 219 48.72 -40.79 2.43
N PRO B 220 48.37 -40.19 1.30
CA PRO B 220 47.36 -40.79 0.42
C PRO B 220 47.67 -42.19 -0.06
N ARG B 221 48.94 -42.62 -0.12
CA ARG B 221 49.22 -43.97 -0.57
C ARG B 221 48.62 -45.00 0.39
N GLU B 222 48.86 -44.82 1.68
CA GLU B 222 48.33 -45.76 2.67
C GLU B 222 46.81 -45.68 2.72
N LEU B 223 46.26 -44.46 2.65
CA LEU B 223 44.81 -44.32 2.70
C LEU B 223 44.16 -45.04 1.53
N ALA B 224 44.73 -44.89 0.34
CA ALA B 224 44.21 -45.61 -0.83
C ALA B 224 44.34 -47.11 -0.65
N SER B 225 45.46 -47.56 -0.10
CA SER B 225 45.63 -49.00 0.10
C SER B 225 44.53 -49.54 1.01
N LYS B 226 44.27 -48.83 2.11
CA LYS B 226 43.23 -49.28 3.03
C LYS B 226 41.85 -49.23 2.37
N VAL B 227 41.60 -48.19 1.59
CA VAL B 227 40.31 -48.07 0.91
C VAL B 227 40.11 -49.22 -0.07
N SER B 228 41.16 -49.59 -0.80
CA SER B 228 41.04 -50.69 -1.75
C SER B 228 40.87 -52.02 -1.03
N GLN B 229 41.53 -52.18 0.12
CA GLN B 229 41.40 -53.43 0.85
C GLN B 229 39.99 -53.55 1.43
N MET B 230 39.37 -52.44 1.79
CA MET B 230 37.99 -52.48 2.24
C MET B 230 37.02 -52.64 1.07
N GLN B 231 37.39 -52.14 -0.10
CA GLN B 231 36.59 -52.28 -1.31
C GLN B 231 36.65 -53.68 -1.89
N SER B 232 37.62 -54.49 -1.47
CA SER B 232 37.72 -55.85 -1.97
C SER B 232 37.07 -56.88 -1.07
N ASN B 233 37.10 -56.67 0.24
CA ASN B 233 36.50 -57.58 1.20
C ASN B 233 35.01 -57.34 1.42
N ILE B 234 34.37 -56.50 0.61
CA ILE B 234 32.94 -56.22 0.73
C ILE B 234 32.16 -56.82 -0.43
N LYS B 235 32.45 -56.42 -1.66
CA LYS B 235 31.73 -56.88 -2.85
C LYS B 235 30.27 -56.44 -2.80
N LEU B 236 30.08 -55.13 -2.73
CA LEU B 236 28.75 -54.56 -2.68
C LEU B 236 27.95 -54.97 -3.92
N PRO B 237 26.80 -55.62 -3.76
CA PRO B 237 26.02 -56.01 -4.95
C PRO B 237 25.33 -54.83 -5.60
N ILE B 238 25.29 -54.85 -6.92
CA ILE B 238 24.56 -53.89 -7.74
C ILE B 238 23.64 -54.69 -8.64
N LYS B 239 22.37 -54.31 -8.67
CA LYS B 239 21.34 -55.10 -9.34
C LYS B 239 20.50 -54.18 -10.22
N HIS B 240 20.76 -54.20 -11.52
CA HIS B 240 19.88 -53.53 -12.47
C HIS B 240 18.56 -54.28 -12.55
N TYR B 241 17.46 -53.54 -12.35
CA TYR B 241 16.15 -54.19 -12.27
C TYR B 241 15.80 -54.92 -13.56
N GLU B 242 16.23 -54.40 -14.70
CA GLU B 242 15.84 -55.00 -15.97
C GLU B 242 16.26 -56.47 -16.02
N GLN B 243 17.43 -56.78 -15.47
CA GLN B 243 17.89 -58.16 -15.42
C GLN B 243 17.29 -58.90 -14.23
N ASN B 244 17.28 -58.27 -13.06
CA ASN B 244 16.74 -58.85 -11.83
C ASN B 244 15.41 -58.16 -11.53
N LYS B 245 14.31 -58.82 -11.89
CA LYS B 245 12.97 -58.26 -11.84
C LYS B 245 12.35 -58.38 -10.45
N PHE B 246 11.34 -57.54 -10.22
CA PHE B 246 10.62 -57.45 -8.95
C PHE B 246 9.57 -58.54 -8.87
N ARG B 247 9.76 -59.52 -7.98
CA ARG B 247 8.75 -60.53 -7.82
C ARG B 247 7.49 -59.92 -7.21
N GLN B 248 6.35 -60.54 -7.49
CA GLN B 248 5.08 -60.02 -7.00
C GLN B 248 5.02 -60.04 -5.48
N ILE B 249 4.40 -59.00 -4.91
CA ILE B 249 4.23 -58.95 -3.46
C ILE B 249 3.37 -60.12 -3.00
N ARG B 250 3.77 -60.72 -1.89
CA ARG B 250 3.06 -61.85 -1.31
C ARG B 250 2.14 -61.34 -0.20
N LEU B 251 0.89 -61.66 -0.30
CA LEU B 251 -0.07 -61.28 0.71
C LEU B 251 -0.33 -62.44 1.65
N PRO B 252 -0.67 -62.16 2.91
CA PRO B 252 -0.89 -63.26 3.86
C PRO B 252 -2.11 -64.09 3.49
N LYS B 253 -2.38 -65.12 4.28
CA LYS B 253 -3.47 -66.04 3.99
C LYS B 253 -4.28 -66.28 5.25
N GLY B 254 -5.59 -66.45 5.07
CA GLY B 254 -6.50 -66.64 6.17
C GLY B 254 -7.87 -66.08 5.87
N PRO B 255 -8.63 -65.74 6.91
CA PRO B 255 -9.99 -65.25 6.72
C PRO B 255 -10.03 -63.78 6.29
N MET B 256 -11.15 -63.41 5.69
CA MET B 256 -11.29 -62.07 5.12
C MET B 256 -11.16 -61.01 6.19
N ALA B 257 -10.57 -59.89 5.82
CA ALA B 257 -10.48 -58.77 6.75
C ALA B 257 -11.89 -58.30 7.09
N PRO B 258 -12.19 -58.04 8.36
CA PRO B 258 -13.55 -57.67 8.72
C PRO B 258 -13.77 -56.17 8.87
N TYR B 259 -15.02 -55.74 8.77
CA TYR B 259 -15.32 -54.32 8.86
C TYR B 259 -14.87 -53.80 10.22
N THR B 260 -14.28 -52.61 10.22
CA THR B 260 -13.77 -52.02 11.46
C THR B 260 -14.17 -50.57 11.70
N HIS B 261 -14.64 -49.84 10.69
CA HIS B 261 -15.04 -48.47 10.90
C HIS B 261 -16.23 -48.40 11.84
N LYS B 262 -16.30 -47.32 12.62
CA LYS B 262 -17.33 -47.19 13.65
C LYS B 262 -18.73 -47.21 13.05
N PHE B 263 -18.94 -46.47 11.97
CA PHE B 263 -20.27 -46.21 11.43
C PHE B 263 -20.47 -46.92 10.10
N LEU B 264 -21.54 -47.71 10.01
CA LEU B 264 -21.84 -48.41 8.76
C LEU B 264 -22.08 -47.39 7.66
N MET B 265 -21.60 -47.69 6.45
CA MET B 265 -21.77 -46.80 5.31
C MET B 265 -22.84 -47.31 4.35
N GLU B 266 -22.61 -48.45 3.71
CA GLU B 266 -23.52 -48.93 2.67
C GLU B 266 -24.85 -49.41 3.25
N GLU B 267 -24.79 -50.31 4.25
CA GLU B 267 -25.98 -50.94 4.76
C GLU B 267 -26.90 -49.98 5.50
N ALA B 268 -26.33 -49.04 6.26
CA ALA B 268 -27.10 -48.26 7.23
C ALA B 268 -28.36 -47.65 6.61
N TRP B 269 -29.48 -47.82 7.30
CA TRP B 269 -30.77 -47.30 6.89
C TRP B 269 -31.13 -46.15 7.83
N MET B 270 -31.65 -45.07 7.25
CA MET B 270 -31.86 -43.82 7.99
C MET B 270 -33.32 -43.35 7.94
N PHE B 271 -33.67 -42.57 8.96
CA PHE B 271 -34.97 -41.94 9.09
C PHE B 271 -34.81 -40.43 8.99
N THR B 272 -35.63 -39.79 8.15
CA THR B 272 -35.59 -38.36 7.90
C THR B 272 -36.79 -37.65 8.53
N LYS B 273 -36.59 -36.37 8.88
CA LYS B 273 -37.67 -35.55 9.42
C LYS B 273 -37.43 -34.09 9.06
N ILE B 274 -38.53 -33.40 8.73
CA ILE B 274 -38.46 -32.01 8.34
C ILE B 274 -37.73 -31.19 9.40
N SER B 275 -36.87 -30.29 8.95
CA SER B 275 -36.03 -29.50 9.83
C SER B 275 -36.84 -28.54 10.69
N ASP B 276 -36.44 -28.41 11.95
CA ASP B 276 -37.00 -27.42 12.86
C ASP B 276 -35.83 -26.55 13.33
N PRO B 277 -35.73 -25.28 12.90
CA PRO B 277 -34.61 -24.46 13.36
C PRO B 277 -34.56 -24.30 14.87
N GLU B 278 -35.71 -24.12 15.53
CA GLU B 278 -35.72 -23.92 16.97
C GLU B 278 -35.09 -25.12 17.67
N ARG B 279 -35.58 -26.32 17.38
CA ARG B 279 -35.06 -27.55 17.98
C ARG B 279 -33.98 -28.09 17.04
N SER B 280 -32.75 -27.67 17.28
CA SER B 280 -31.60 -28.11 16.50
C SER B 280 -30.59 -28.89 17.32
N ARG B 281 -30.80 -29.04 18.63
CA ARG B 281 -29.86 -29.73 19.48
C ARG B 281 -30.00 -31.24 19.35
N ALA B 282 -28.93 -31.95 19.72
CA ALA B 282 -28.90 -33.40 19.60
C ALA B 282 -30.07 -34.06 20.32
N GLY B 283 -30.18 -33.83 21.63
CA GLY B 283 -31.22 -34.49 22.40
C GLY B 283 -32.60 -34.09 21.90
N GLU B 284 -32.77 -32.84 21.52
CA GLU B 284 -34.05 -32.37 21.03
C GLU B 284 -34.42 -33.06 19.72
N ILE B 285 -33.44 -33.22 18.83
CA ILE B 285 -33.69 -33.92 17.58
C ILE B 285 -34.07 -35.36 17.83
N LEU B 286 -33.36 -36.02 18.76
CA LEU B 286 -33.70 -37.41 19.08
C LEU B 286 -35.11 -37.51 19.65
N ILE B 287 -35.50 -36.54 20.48
CA ILE B 287 -36.85 -36.55 21.03
C ILE B 287 -37.88 -36.40 19.92
N ASP B 288 -37.63 -35.46 19.02
CA ASP B 288 -38.58 -35.23 17.93
C ASP B 288 -38.72 -36.47 17.06
N PHE B 289 -37.61 -37.14 16.76
CA PHE B 289 -37.68 -38.35 15.96
C PHE B 289 -38.42 -39.46 16.70
N PHE B 290 -38.18 -39.60 18.00
CA PHE B 290 -38.83 -40.67 18.75
C PHE B 290 -40.34 -40.45 18.87
N LYS B 291 -40.77 -39.18 18.91
CA LYS B 291 -42.18 -38.90 19.21
C LYS B 291 -43.12 -39.32 18.10
N LYS B 292 -42.68 -39.31 16.84
CA LYS B 292 -43.62 -39.63 15.75
C LYS B 292 -44.21 -41.02 15.91
N GLY B 293 -43.46 -41.97 16.47
CA GLY B 293 -43.96 -43.30 16.75
C GLY B 293 -43.43 -44.38 15.83
N ASN B 294 -42.80 -44.03 14.71
CA ASN B 294 -42.15 -45.04 13.89
C ASN B 294 -41.04 -45.73 14.66
N LEU B 295 -40.28 -44.95 15.46
CA LEU B 295 -39.18 -45.51 16.22
C LEU B 295 -39.66 -46.49 17.28
N SER B 296 -40.83 -46.21 17.88
CA SER B 296 -41.31 -47.03 18.99
C SER B 296 -41.80 -48.40 18.54
N ALA B 297 -41.82 -48.67 17.24
CA ALA B 297 -42.27 -49.97 16.77
C ALA B 297 -41.20 -51.04 17.00
N ILE B 298 -39.92 -50.66 16.91
CA ILE B 298 -38.84 -51.62 17.00
C ILE B 298 -39.00 -52.48 18.25
N ARG B 299 -38.90 -53.80 18.06
CA ARG B 299 -39.03 -54.77 19.15
C ARG B 299 -38.19 -55.98 18.79
N PRO B 300 -36.89 -55.89 18.93
CA PRO B 300 -36.01 -56.99 18.50
C PRO B 300 -36.42 -58.33 19.09
N LYS B 301 -36.13 -59.39 18.33
CA LYS B 301 -36.34 -60.75 18.78
C LYS B 301 -35.20 -61.21 19.68
N ASP B 302 -35.48 -62.25 20.46
CA ASP B 302 -34.49 -62.76 21.40
C ASP B 302 -33.28 -63.32 20.67
N LYS B 303 -33.51 -64.14 19.65
CA LYS B 303 -32.41 -64.78 18.94
C LYS B 303 -31.85 -63.86 17.87
N PRO B 304 -30.57 -63.50 17.91
CA PRO B 304 -29.97 -62.73 16.82
C PRO B 304 -29.63 -63.61 15.63
N LEU B 305 -29.55 -62.97 14.47
CA LEU B 305 -29.10 -63.68 13.27
C LEU B 305 -27.70 -64.23 13.47
N GLN B 306 -26.83 -63.44 14.07
CA GLN B 306 -25.45 -63.87 14.34
C GLN B 306 -24.92 -63.04 15.51
N GLY B 307 -23.67 -63.30 15.88
CA GLY B 307 -23.01 -62.54 16.92
C GLY B 307 -23.21 -63.13 18.29
N LYS B 308 -22.69 -62.43 19.29
CA LYS B 308 -22.70 -62.90 20.67
C LYS B 308 -23.18 -61.79 21.60
N TYR B 309 -23.42 -62.17 22.85
CA TYR B 309 -23.90 -61.26 23.88
C TYR B 309 -25.12 -60.49 23.40
N PRO B 310 -26.22 -61.17 23.08
CA PRO B 310 -27.45 -60.49 22.63
C PRO B 310 -28.29 -59.82 23.70
N ILE B 311 -28.46 -60.52 24.83
CA ILE B 311 -29.37 -60.04 25.87
C ILE B 311 -28.94 -58.67 26.36
N HIS B 312 -27.63 -58.46 26.51
CA HIS B 312 -27.15 -57.18 27.01
C HIS B 312 -27.58 -56.06 26.06
N TYR B 313 -27.42 -56.29 24.76
CA TYR B 313 -27.78 -55.29 23.77
C TYR B 313 -29.28 -55.01 23.80
N LYS B 314 -30.10 -56.06 23.92
CA LYS B 314 -31.55 -55.83 23.94
C LYS B 314 -31.93 -54.99 25.15
N ASN B 315 -31.33 -55.30 26.31
CA ASN B 315 -31.65 -54.56 27.52
C ASN B 315 -31.26 -53.10 27.37
N LEU B 316 -30.08 -52.85 26.80
CA LEU B 316 -29.63 -51.46 26.65
C LEU B 316 -30.48 -50.70 25.66
N TRP B 317 -30.95 -51.35 24.59
CA TRP B 317 -31.83 -50.67 23.65
C TRP B 317 -33.13 -50.26 24.33
N ASN B 318 -33.68 -51.18 25.14
CA ASN B 318 -34.90 -50.85 25.87
C ASN B 318 -34.65 -49.69 26.84
N GLN B 319 -33.51 -49.71 27.53
CA GLN B 319 -33.21 -48.63 28.46
C GLN B 319 -33.07 -47.29 27.74
N ILE B 320 -32.48 -47.27 26.55
CA ILE B 320 -32.40 -46.03 25.79
C ILE B 320 -33.79 -45.50 25.47
N LYS B 321 -34.68 -46.39 25.02
CA LYS B 321 -36.02 -45.90 24.70
C LYS B 321 -36.71 -45.39 25.96
N ALA B 322 -36.49 -46.06 27.09
CA ALA B 322 -37.09 -45.57 28.33
C ALA B 322 -36.52 -44.21 28.70
N ALA B 323 -35.22 -44.02 28.46
CA ALA B 323 -34.55 -42.76 28.78
C ALA B 323 -35.21 -41.60 28.05
N ILE B 324 -35.39 -41.74 26.74
CA ILE B 324 -35.90 -40.60 25.97
C ILE B 324 -37.29 -40.20 26.47
N ALA B 325 -38.13 -41.17 26.78
CA ALA B 325 -39.47 -40.85 27.25
C ALA B 325 -39.41 -39.96 28.48
N ASP B 326 -38.50 -40.25 29.40
CA ASP B 326 -38.26 -39.42 30.57
C ASP B 326 -37.49 -38.14 30.23
N ARG B 327 -36.97 -38.01 29.01
CA ARG B 327 -36.21 -36.84 28.60
C ARG B 327 -34.97 -36.64 29.48
N THR B 328 -34.34 -37.74 29.84
CA THR B 328 -33.08 -37.71 30.58
C THR B 328 -32.19 -38.81 30.04
N MET B 329 -31.12 -38.42 29.35
CA MET B 329 -30.30 -39.38 28.62
C MET B 329 -29.13 -39.85 29.49
N VAL B 330 -29.49 -40.44 30.62
CA VAL B 330 -28.53 -40.96 31.58
C VAL B 330 -28.94 -42.39 31.90
N ILE B 331 -28.01 -43.31 31.74
CA ILE B 331 -28.24 -44.73 31.97
C ILE B 331 -27.73 -45.12 33.34
N ASN B 332 -28.45 -46.01 34.00
CA ASN B 332 -28.03 -46.54 35.30
C ASN B 332 -26.99 -47.63 35.12
N GLU B 333 -26.28 -47.92 36.20
CA GLU B 333 -25.20 -48.91 36.21
C GLU B 333 -25.77 -50.27 36.61
N ASN B 334 -26.01 -51.11 35.62
CA ASN B 334 -26.54 -52.45 35.82
C ASN B 334 -25.57 -53.47 35.22
N ASP B 335 -25.91 -54.75 35.34
CA ASP B 335 -25.00 -55.79 34.89
C ASP B 335 -24.73 -55.66 33.39
N HIS B 336 -25.76 -55.36 32.61
CA HIS B 336 -25.58 -55.28 31.16
C HIS B 336 -24.68 -54.10 30.79
N SER B 337 -24.95 -52.93 31.35
CA SER B 337 -24.11 -51.77 31.09
C SER B 337 -22.70 -52.00 31.62
N GLU B 338 -22.58 -52.66 32.76
CA GLU B 338 -21.28 -52.92 33.34
C GLU B 338 -20.45 -53.80 32.42
N PHE B 339 -21.05 -54.87 31.91
CA PHE B 339 -20.33 -55.81 31.06
C PHE B 339 -19.96 -55.16 29.74
N LEU B 340 -20.92 -54.46 29.11
CA LEU B 340 -20.62 -53.82 27.84
C LEU B 340 -19.64 -52.65 28.02
N GLY B 341 -19.77 -51.92 29.12
CA GLY B 341 -18.92 -50.78 29.40
C GLY B 341 -17.66 -51.11 30.18
N GLY B 342 -17.52 -52.33 30.66
CA GLY B 342 -16.32 -52.70 31.40
C GLY B 342 -16.02 -51.78 32.55
N ILE B 343 -17.05 -51.38 33.30
CA ILE B 343 -16.87 -50.39 34.36
C ILE B 343 -15.85 -50.88 35.38
N GLY B 344 -15.83 -52.17 35.66
CA GLY B 344 -15.01 -52.70 36.74
C GLY B 344 -13.96 -53.71 36.34
N ARG B 345 -13.79 -53.94 35.05
CA ARG B 345 -12.81 -54.91 34.57
C ARG B 345 -11.46 -54.26 34.29
N ALA B 346 -10.94 -53.54 35.29
CA ALA B 346 -9.63 -52.91 35.25
C ALA B 346 -8.76 -53.54 36.33
N SER B 347 -7.64 -54.12 35.91
CA SER B 347 -6.78 -54.86 36.83
C SER B 347 -6.30 -53.98 37.97
N LYS B 348 -6.31 -54.55 39.18
CA LYS B 348 -5.88 -53.86 40.40
C LYS B 348 -4.40 -54.07 40.64
N LYS B 349 -3.68 -52.97 40.83
CA LYS B 349 -2.22 -53.03 41.01
C LYS B 349 -1.86 -53.74 42.30
N ILE B 350 -0.87 -54.61 42.24
CA ILE B 350 -0.34 -55.33 43.39
C ILE B 350 1.04 -54.81 43.71
N PRO B 351 1.34 -54.44 44.96
CA PRO B 351 2.70 -54.02 45.30
C PRO B 351 3.69 -55.18 45.26
N GLU B 352 4.96 -54.84 45.03
CA GLU B 352 6.02 -55.84 45.04
C GLU B 352 6.53 -56.17 46.44
N ILE B 353 6.53 -55.20 47.35
CA ILE B 353 6.96 -55.47 48.72
C ILE B 353 6.04 -56.50 49.38
N SER B 354 4.80 -56.59 48.94
CA SER B 354 3.84 -57.55 49.48
C SER B 354 3.88 -58.88 48.74
N LEU B 355 4.95 -59.15 48.00
CA LEU B 355 5.06 -60.34 47.18
C LEU B 355 5.97 -61.37 47.81
N THR B 356 5.73 -62.64 47.47
CA THR B 356 6.56 -63.74 47.94
C THR B 356 6.36 -64.91 46.99
N GLN B 357 7.32 -65.84 47.00
CA GLN B 357 7.20 -67.05 46.20
C GLN B 357 5.86 -67.76 46.41
N ASP B 358 5.31 -67.70 47.62
CA ASP B 358 4.02 -68.34 47.88
C ASP B 358 2.92 -67.67 47.08
N VAL B 359 2.92 -66.33 47.04
CA VAL B 359 1.90 -65.63 46.26
C VAL B 359 2.04 -65.97 44.78
N ILE B 360 3.29 -66.04 44.30
CA ILE B 360 3.52 -66.39 42.91
C ILE B 360 2.95 -67.77 42.60
N THR B 361 3.12 -68.71 43.53
CA THR B 361 2.57 -70.05 43.33
C THR B 361 1.04 -70.03 43.36
N THR B 362 0.46 -69.25 44.27
CA THR B 362 -0.99 -69.29 44.44
C THR B 362 -1.72 -68.87 43.17
N GLU B 363 -1.26 -67.80 42.53
CA GLU B 363 -1.82 -67.33 41.27
C GLU B 363 -0.69 -67.19 40.27
N GLY B 364 -0.90 -67.68 39.05
CA GLY B 364 0.18 -67.67 38.08
C GLY B 364 0.71 -66.26 37.90
N LEU B 365 2.03 -66.15 37.76
CA LEU B 365 2.69 -64.87 37.57
C LEU B 365 3.79 -65.04 36.54
N LYS B 366 3.60 -64.45 35.37
CA LYS B 366 4.60 -64.51 34.30
C LYS B 366 4.41 -63.30 33.41
N GLN B 367 5.50 -62.88 32.77
CA GLN B 367 5.45 -61.72 31.92
C GLN B 367 4.38 -61.89 30.85
N SER B 368 3.63 -60.83 30.62
CA SER B 368 2.48 -60.89 29.71
C SER B 368 2.91 -61.42 28.35
N GLU B 369 2.23 -62.47 27.90
CA GLU B 369 2.54 -63.11 26.63
C GLU B 369 1.83 -62.34 25.53
N ASN B 370 2.48 -61.26 25.08
CA ASN B 370 1.89 -60.36 24.11
C ASN B 370 1.34 -61.16 22.93
N LYS B 371 0.04 -60.98 22.68
CA LYS B 371 -0.66 -61.65 21.59
C LYS B 371 -0.71 -60.71 20.40
N LEU B 372 0.35 -60.74 19.59
CA LEU B 372 0.42 -59.91 18.39
C LEU B 372 -0.76 -60.21 17.48
N PRO B 373 -1.10 -59.28 16.58
CA PRO B 373 -2.21 -59.51 15.66
C PRO B 373 -2.00 -60.76 14.81
N GLU B 374 -3.10 -61.25 14.26
CA GLU B 374 -3.10 -62.42 13.39
C GLU B 374 -3.35 -62.01 11.94
N PRO B 375 -2.93 -62.81 10.97
CA PRO B 375 -3.02 -62.40 9.57
C PRO B 375 -4.40 -62.64 8.97
N ARG B 376 -4.85 -61.67 8.18
CA ARG B 376 -6.13 -61.77 7.48
C ARG B 376 -5.93 -61.52 5.99
N SER B 377 -6.62 -62.32 5.18
CA SER B 377 -6.49 -62.27 3.74
C SER B 377 -7.28 -61.09 3.14
N PHE B 378 -7.04 -60.85 1.85
CA PHE B 378 -7.62 -59.72 1.15
C PHE B 378 -9.14 -59.70 1.28
N PRO B 379 -9.75 -58.54 1.51
CA PRO B 379 -11.22 -58.42 1.53
C PRO B 379 -11.81 -58.28 0.14
N ARG B 380 -12.81 -59.11 -0.16
CA ARG B 380 -13.45 -59.09 -1.45
C ARG B 380 -14.61 -58.11 -1.51
N TRP B 381 -14.93 -57.45 -0.39
CA TRP B 381 -16.07 -56.54 -0.29
C TRP B 381 -15.70 -55.07 -0.36
N PHE B 382 -14.43 -54.72 -0.32
CA PHE B 382 -14.05 -53.30 -0.30
C PHE B 382 -14.47 -52.60 -1.59
N ASN B 383 -14.36 -53.29 -2.72
CA ASN B 383 -14.71 -52.70 -4.00
C ASN B 383 -16.17 -52.27 -4.03
N ALA B 384 -17.04 -53.09 -3.44
CA ALA B 384 -18.47 -52.73 -3.43
C ALA B 384 -18.70 -51.45 -2.66
N GLU B 385 -18.03 -51.30 -1.52
CA GLU B 385 -18.17 -50.07 -0.74
C GLU B 385 -17.71 -48.88 -1.55
N TRP B 386 -16.58 -49.04 -2.26
CA TRP B 386 -16.07 -47.94 -3.08
C TRP B 386 -17.08 -47.56 -4.16
N MET B 387 -17.57 -48.56 -4.90
CA MET B 387 -18.49 -48.28 -6.00
C MET B 387 -19.76 -47.62 -5.48
N TRP B 388 -20.29 -48.08 -4.35
CA TRP B 388 -21.49 -47.48 -3.81
C TRP B 388 -21.21 -46.05 -3.35
N ALA B 389 -20.07 -45.83 -2.70
CA ALA B 389 -19.69 -44.49 -2.25
C ALA B 389 -19.44 -43.54 -3.39
N ILE B 390 -19.33 -44.04 -4.61
CA ILE B 390 -19.15 -43.17 -5.78
C ILE B 390 -20.50 -42.87 -6.47
N LYS B 391 -21.61 -42.97 -5.74
CA LYS B 391 -22.92 -42.65 -6.28
C LYS B 391 -23.62 -41.62 -5.42
N ASP B 392 -24.58 -40.92 -6.04
CA ASP B 392 -25.33 -39.87 -5.40
C ASP B 392 -26.24 -40.43 -4.30
N SER B 393 -26.66 -39.55 -3.40
CA SER B 393 -27.40 -39.96 -2.21
C SER B 393 -28.85 -39.47 -2.20
N ASP B 394 -29.37 -39.01 -3.33
CA ASP B 394 -30.71 -38.46 -3.42
C ASP B 394 -30.88 -37.19 -2.58
N LEU B 395 -29.79 -36.61 -2.11
CA LEU B 395 -29.84 -35.35 -1.39
C LEU B 395 -28.51 -34.64 -1.62
N THR B 396 -28.38 -33.43 -1.07
CA THR B 396 -27.13 -32.69 -1.17
C THR B 396 -26.88 -31.97 0.15
N GLY B 397 -25.92 -31.05 0.13
CA GLY B 397 -25.61 -30.27 1.34
C GLY B 397 -25.32 -31.12 2.56
N TRP B 398 -24.69 -32.27 2.36
CA TRP B 398 -24.48 -33.21 3.46
C TRP B 398 -23.52 -32.67 4.50
N VAL B 399 -22.39 -32.12 4.05
CA VAL B 399 -21.36 -31.65 4.99
C VAL B 399 -21.48 -30.15 5.16
N PRO B 400 -21.22 -29.61 6.35
CA PRO B 400 -21.30 -28.15 6.53
C PRO B 400 -20.11 -27.45 5.89
N MET B 401 -20.39 -26.46 5.05
CA MET B 401 -19.37 -25.59 4.53
C MET B 401 -19.80 -24.14 4.74
N ALA B 402 -18.82 -23.25 4.82
CA ALA B 402 -19.06 -21.84 5.07
C ALA B 402 -19.49 -21.16 3.78
N GLU B 403 -19.51 -19.84 3.80
CA GLU B 403 -20.01 -19.03 2.69
C GLU B 403 -18.85 -18.53 1.83
N TYR B 404 -19.19 -17.99 0.67
CA TYR B 404 -18.17 -17.48 -0.23
C TYR B 404 -18.06 -15.97 -0.05
N PRO B 405 -16.85 -15.45 0.12
CA PRO B 405 -16.70 -14.01 0.34
C PRO B 405 -16.82 -13.22 -0.95
N PRO B 406 -16.74 -11.90 -0.86
CA PRO B 406 -16.82 -11.07 -2.07
C PRO B 406 -15.66 -11.31 -3.01
N ALA B 407 -15.65 -10.58 -4.13
CA ALA B 407 -14.61 -10.72 -5.13
C ALA B 407 -14.32 -9.36 -5.75
N ASP B 408 -13.09 -9.19 -6.18
CA ASP B 408 -12.61 -7.94 -6.76
C ASP B 408 -11.88 -8.15 -8.08
N ASN B 409 -11.12 -9.23 -8.21
CA ASN B 409 -10.31 -9.48 -9.38
C ASN B 409 -10.78 -10.76 -10.06
N GLU B 410 -10.29 -10.97 -11.29
CA GLU B 410 -10.68 -12.15 -12.06
C GLU B 410 -10.25 -13.43 -11.34
N LEU B 411 -9.10 -13.40 -10.68
CA LEU B 411 -8.58 -14.59 -10.03
C LEU B 411 -9.55 -15.14 -9.00
N GLU B 412 -10.16 -14.28 -8.20
CA GLU B 412 -11.09 -14.76 -7.18
C GLU B 412 -12.34 -15.35 -7.84
N ASP B 413 -12.82 -14.74 -8.92
CA ASP B 413 -13.97 -15.29 -9.62
C ASP B 413 -13.68 -16.68 -10.18
N TYR B 414 -12.47 -16.87 -10.72
CA TYR B 414 -12.10 -18.20 -11.19
C TYR B 414 -12.01 -19.20 -10.05
N ALA B 415 -11.43 -18.79 -8.93
CA ALA B 415 -11.33 -19.69 -7.78
C ALA B 415 -12.70 -20.06 -7.27
N GLU B 416 -13.64 -19.12 -7.31
CA GLU B 416 -14.96 -19.35 -6.74
C GLU B 416 -15.81 -20.18 -7.68
N HIS B 417 -15.58 -20.06 -8.99
CA HIS B 417 -16.31 -20.88 -9.94
C HIS B 417 -15.85 -22.32 -9.86
N LEU B 418 -14.53 -22.52 -9.81
CA LEU B 418 -14.02 -23.89 -9.70
C LEU B 418 -14.45 -24.52 -8.39
N ASN B 419 -14.38 -23.77 -7.28
CA ASN B 419 -14.78 -24.32 -6.00
C ASN B 419 -16.26 -24.65 -6.00
N LYS B 420 -17.10 -23.79 -6.62
CA LYS B 420 -18.52 -24.07 -6.66
C LYS B 420 -18.80 -25.35 -7.42
N THR B 421 -18.14 -25.54 -8.57
CA THR B 421 -18.36 -26.74 -9.34
C THR B 421 -17.96 -27.98 -8.55
N MET B 422 -16.78 -27.95 -7.93
CA MET B 422 -16.33 -29.12 -7.20
C MET B 422 -17.20 -29.40 -5.99
N GLU B 423 -17.61 -28.36 -5.27
CA GLU B 423 -18.46 -28.56 -4.10
C GLU B 423 -19.81 -29.14 -4.51
N GLY B 424 -20.35 -28.67 -5.63
CA GLY B 424 -21.59 -29.24 -6.13
C GLY B 424 -21.44 -30.71 -6.46
N VAL B 425 -20.33 -31.08 -7.09
CA VAL B 425 -20.09 -32.49 -7.41
C VAL B 425 -19.94 -33.31 -6.13
N LEU B 426 -19.23 -32.78 -5.15
CA LEU B 426 -18.82 -33.53 -3.97
C LEU B 426 -19.85 -33.56 -2.85
N GLN B 427 -20.89 -32.72 -2.91
CA GLN B 427 -21.86 -32.70 -1.83
C GLN B 427 -22.96 -33.74 -2.01
N GLY B 428 -23.01 -34.41 -3.15
CA GLY B 428 -24.08 -35.34 -3.42
C GLY B 428 -23.75 -36.80 -3.19
N THR B 429 -22.49 -37.11 -2.92
CA THR B 429 -22.07 -38.49 -2.80
C THR B 429 -22.53 -39.08 -1.47
N ASN B 430 -22.19 -40.34 -1.25
CA ASN B 430 -22.47 -41.01 0.00
C ASN B 430 -21.31 -40.88 0.98
N CYS B 431 -20.07 -40.94 0.47
CA CYS B 431 -18.92 -40.68 1.33
C CYS B 431 -19.08 -39.38 2.08
N ALA B 432 -19.57 -38.34 1.40
CA ALA B 432 -19.75 -37.06 2.06
C ALA B 432 -20.84 -37.13 3.12
N ARG B 433 -21.83 -38.00 2.91
CA ARG B 433 -22.81 -38.26 3.96
C ARG B 433 -22.11 -38.79 5.21
N GLU B 434 -21.12 -39.66 5.02
CA GLU B 434 -20.34 -40.15 6.14
C GLU B 434 -19.46 -39.06 6.73
N MET B 435 -18.98 -38.13 5.91
CA MET B 435 -18.22 -37.00 6.44
C MET B 435 -19.07 -36.19 7.39
N GLY B 436 -20.31 -35.91 6.99
CA GLY B 436 -21.21 -35.18 7.85
C GLY B 436 -21.55 -35.96 9.10
N LYS B 437 -21.78 -37.27 8.94
CA LYS B 437 -22.17 -38.08 10.08
C LYS B 437 -21.04 -38.17 11.10
N CYS B 438 -19.80 -38.15 10.63
CA CYS B 438 -18.68 -38.21 11.55
C CYS B 438 -18.49 -36.87 12.23
N ILE B 439 -18.53 -35.80 11.46
CA ILE B 439 -18.31 -34.48 12.04
C ILE B 439 -19.34 -34.21 13.13
N LEU B 440 -20.63 -34.42 12.82
CA LEU B 440 -21.67 -34.11 13.79
C LEU B 440 -21.66 -35.06 14.97
N THR B 441 -21.61 -36.37 14.70
CA THR B 441 -21.71 -37.32 15.81
C THR B 441 -20.52 -37.21 16.74
N VAL B 442 -19.31 -37.09 16.18
CA VAL B 442 -18.15 -36.94 17.04
C VAL B 442 -18.15 -35.60 17.76
N GLY B 443 -18.65 -34.52 17.13
CA GLY B 443 -18.77 -33.27 17.87
C GLY B 443 -19.67 -33.41 19.08
N ALA B 444 -20.83 -34.05 18.90
CA ALA B 444 -21.74 -34.25 20.01
C ALA B 444 -21.13 -35.15 21.08
N LEU B 445 -20.47 -36.23 20.66
CA LEU B 445 -19.89 -37.15 21.62
C LEU B 445 -18.71 -36.53 22.35
N MET B 446 -17.97 -35.64 21.67
CA MET B 446 -16.88 -34.92 22.32
C MET B 446 -17.42 -33.98 23.39
N THR B 447 -18.52 -33.29 23.07
CA THR B 447 -19.08 -32.34 24.01
C THR B 447 -19.89 -33.00 25.11
N GLU B 448 -20.24 -34.28 24.95
CA GLU B 448 -20.80 -35.02 26.07
C GLU B 448 -19.70 -35.58 26.97
N CYS B 449 -18.71 -36.27 26.40
CA CYS B 449 -17.63 -36.79 27.23
C CYS B 449 -16.93 -35.68 28.00
N ARG B 450 -16.91 -34.46 27.47
CA ARG B 450 -16.28 -33.37 28.20
C ARG B 450 -17.14 -32.91 29.37
N LEU B 451 -18.46 -32.92 29.22
CA LEU B 451 -19.33 -32.34 30.24
C LEU B 451 -19.82 -33.35 31.26
N PHE B 452 -20.22 -34.54 30.84
CA PHE B 452 -20.88 -35.53 31.70
C PHE B 452 -20.10 -36.83 31.77
N PRO B 453 -18.85 -36.80 32.21
CA PRO B 453 -18.16 -38.05 32.50
C PRO B 453 -18.64 -38.66 33.80
N GLY B 454 -18.59 -39.98 33.85
CA GLY B 454 -19.18 -40.72 34.94
C GLY B 454 -20.67 -40.95 34.77
N LYS B 455 -21.18 -40.64 33.59
CA LYS B 455 -22.59 -40.84 33.25
C LYS B 455 -22.62 -41.44 31.86
N ILE B 456 -23.22 -42.62 31.73
CA ILE B 456 -23.18 -43.35 30.47
C ILE B 456 -24.25 -42.75 29.56
N LYS B 457 -23.91 -41.61 28.96
CA LYS B 457 -24.85 -40.81 28.20
C LYS B 457 -25.29 -41.55 26.94
N VAL B 458 -26.37 -41.03 26.35
CA VAL B 458 -26.89 -41.49 25.07
C VAL B 458 -26.78 -40.36 24.06
N VAL B 459 -26.11 -40.63 22.95
CA VAL B 459 -25.88 -39.65 21.90
C VAL B 459 -26.38 -40.24 20.60
N PRO B 460 -27.07 -39.47 19.75
CA PRO B 460 -27.56 -40.03 18.50
C PRO B 460 -26.47 -40.02 17.44
N ILE B 461 -26.69 -40.83 16.43
CA ILE B 461 -25.86 -40.88 15.23
C ILE B 461 -26.71 -40.28 14.12
N TYR B 462 -26.42 -39.03 13.78
CA TYR B 462 -27.34 -38.26 12.96
C TYR B 462 -26.54 -37.42 11.98
N ALA B 463 -27.28 -36.62 11.22
CA ALA B 463 -26.69 -35.70 10.27
C ALA B 463 -27.79 -34.78 9.77
N ARG B 464 -27.41 -33.72 9.08
CA ARG B 464 -28.36 -32.76 8.54
C ARG B 464 -28.05 -32.56 7.07
N SER B 465 -29.09 -32.45 6.26
CA SER B 465 -28.93 -32.39 4.82
C SER B 465 -30.05 -31.56 4.23
N LYS B 466 -30.08 -31.50 2.90
CA LYS B 466 -31.03 -30.66 2.19
C LYS B 466 -31.51 -31.36 0.94
N GLU B 467 -32.83 -31.44 0.77
CA GLU B 467 -33.38 -32.06 -0.42
C GLU B 467 -32.96 -31.30 -1.67
N ARG B 468 -32.78 -32.05 -2.76
CA ARG B 468 -32.27 -31.45 -3.99
C ARG B 468 -33.24 -30.44 -4.57
N LYS B 469 -32.73 -29.68 -5.53
CA LYS B 469 -33.49 -28.61 -6.18
C LYS B 469 -33.95 -29.12 -7.54
N SER B 470 -35.25 -29.35 -7.66
CA SER B 470 -35.85 -29.68 -8.95
C SER B 470 -36.04 -28.39 -9.74
N MET B 471 -36.73 -28.48 -10.86
CA MET B 471 -37.03 -27.27 -11.62
C MET B 471 -38.02 -26.41 -10.85
N GLN B 472 -38.29 -25.21 -11.37
CA GLN B 472 -39.21 -24.32 -10.69
C GLN B 472 -40.58 -24.97 -10.47
N GLU B 473 -40.92 -25.96 -11.30
CA GLU B 473 -42.17 -26.67 -11.14
C GLU B 473 -42.23 -27.33 -9.76
N GLY B 474 -43.43 -27.70 -9.35
CA GLY B 474 -43.60 -28.34 -8.05
C GLY B 474 -43.29 -27.38 -6.91
N LEU B 475 -43.04 -27.98 -5.75
CA LEU B 475 -42.76 -27.23 -4.54
C LEU B 475 -41.42 -26.52 -4.65
N PRO B 476 -41.37 -25.18 -4.70
CA PRO B 476 -40.08 -24.49 -4.79
C PRO B 476 -39.39 -24.43 -3.43
N VAL B 477 -38.28 -23.69 -3.36
CA VAL B 477 -37.53 -23.48 -2.11
C VAL B 477 -37.42 -24.79 -1.35
N PRO B 478 -36.58 -25.74 -1.81
CA PRO B 478 -36.46 -27.02 -1.11
C PRO B 478 -36.13 -26.82 0.36
N SER B 479 -36.58 -27.77 1.18
CA SER B 479 -36.44 -27.69 2.61
C SER B 479 -35.19 -28.41 3.09
N GLU B 480 -34.95 -28.36 4.39
CA GLU B 480 -33.87 -29.08 5.02
C GLU B 480 -34.41 -30.38 5.63
N MET B 481 -33.49 -31.19 6.15
CA MET B 481 -33.86 -32.51 6.64
C MET B 481 -32.87 -32.92 7.71
N ASP B 482 -33.38 -33.56 8.77
CA ASP B 482 -32.54 -34.18 9.79
C ASP B 482 -32.62 -35.69 9.62
N CYS B 483 -31.46 -36.33 9.46
CA CYS B 483 -31.37 -37.78 9.32
C CYS B 483 -30.84 -38.41 10.61
N LEU B 484 -31.30 -39.63 10.87
CA LEU B 484 -30.98 -40.41 12.07
C LEU B 484 -30.51 -41.80 11.69
N PHE B 485 -29.23 -41.94 11.41
CA PHE B 485 -28.69 -43.24 10.99
C PHE B 485 -28.82 -44.25 12.12
N GLY B 486 -28.55 -43.83 13.34
CA GLY B 486 -28.69 -44.70 14.48
C GLY B 486 -28.53 -43.95 15.78
N ILE B 487 -28.15 -44.68 16.82
CA ILE B 487 -27.89 -44.11 18.13
C ILE B 487 -26.56 -44.63 18.67
N CYS B 488 -25.85 -43.77 19.41
CA CYS B 488 -24.65 -44.20 20.10
C CYS B 488 -24.78 -43.96 21.60
N VAL B 489 -23.89 -44.60 22.36
CA VAL B 489 -23.69 -44.32 23.77
C VAL B 489 -22.19 -44.32 24.02
N LYS B 490 -21.78 -43.65 25.10
CA LYS B 490 -20.37 -43.60 25.50
C LYS B 490 -20.22 -43.92 26.98
N SER B 491 -19.61 -45.05 27.28
CA SER B 491 -19.22 -45.34 28.65
C SER B 491 -18.31 -44.24 29.16
N LYS B 492 -18.09 -44.24 30.47
CA LYS B 492 -17.36 -43.16 31.13
C LYS B 492 -16.09 -42.79 30.38
N SER B 493 -16.02 -41.54 29.96
CA SER B 493 -14.86 -41.02 29.24
C SER B 493 -13.97 -40.21 30.19
N HIS B 494 -13.44 -40.91 31.19
CA HIS B 494 -12.58 -40.26 32.18
C HIS B 494 -11.18 -40.22 31.58
N LEU B 495 -10.96 -39.23 30.72
CA LEU B 495 -9.74 -39.16 29.92
C LEU B 495 -8.69 -38.37 30.67
N ASN B 496 -8.08 -39.02 31.66
CA ASN B 496 -7.10 -38.36 32.50
C ASN B 496 -5.87 -37.95 31.72
N LYS B 497 -5.55 -38.66 30.64
CA LYS B 497 -4.33 -38.45 29.89
C LYS B 497 -4.63 -38.36 28.40
N ASP B 498 -3.69 -37.78 27.66
CA ASP B 498 -3.79 -37.72 26.22
C ASP B 498 -3.73 -39.12 25.60
N ASP B 499 -4.42 -39.27 24.47
CA ASP B 499 -4.56 -40.56 23.80
C ASP B 499 -5.13 -41.60 24.75
N GLY B 500 -6.30 -41.29 25.29
CA GLY B 500 -6.89 -42.13 26.30
C GLY B 500 -7.51 -43.38 25.72
N MET B 501 -8.63 -43.81 26.30
CA MET B 501 -9.40 -44.92 25.76
C MET B 501 -10.78 -44.85 26.39
N TYR B 502 -11.82 -44.97 25.59
CA TYR B 502 -13.17 -45.00 26.16
C TYR B 502 -14.10 -45.79 25.26
N THR B 503 -14.62 -46.88 25.80
CA THR B 503 -15.51 -47.76 25.05
C THR B 503 -16.79 -47.00 24.73
N ILE B 504 -17.31 -47.22 23.51
CA ILE B 504 -18.61 -46.72 23.14
C ILE B 504 -19.39 -47.87 22.52
N ILE B 505 -20.65 -47.61 22.26
CA ILE B 505 -21.55 -48.63 21.73
C ILE B 505 -22.44 -48.00 20.69
N THR B 506 -22.69 -48.72 19.62
CA THR B 506 -23.35 -48.17 18.44
C THR B 506 -24.48 -49.08 18.01
N PHE B 507 -25.69 -48.56 17.98
CA PHE B 507 -26.84 -49.22 17.38
C PHE B 507 -27.13 -48.54 16.06
N GLU B 508 -27.35 -49.32 15.00
CA GLU B 508 -27.61 -48.74 13.69
C GLU B 508 -28.54 -49.65 12.91
N PHE B 509 -29.37 -49.04 12.08
CA PHE B 509 -30.43 -49.79 11.42
C PHE B 509 -29.92 -50.34 10.10
N SER B 510 -30.70 -51.26 9.51
CA SER B 510 -30.35 -51.81 8.21
C SER B 510 -31.56 -52.53 7.64
N ILE B 511 -31.52 -52.73 6.33
CA ILE B 511 -32.53 -53.49 5.60
C ILE B 511 -31.90 -54.66 4.84
N ARG B 512 -30.66 -55.02 5.17
CA ARG B 512 -29.90 -55.99 4.40
C ARG B 512 -29.48 -57.16 5.26
N GLU B 513 -29.37 -58.33 4.63
CA GLU B 513 -28.91 -59.51 5.32
C GLU B 513 -27.43 -59.34 5.68
N PRO B 514 -27.00 -59.78 6.86
CA PRO B 514 -25.59 -59.64 7.24
C PRO B 514 -24.71 -60.75 6.69
N ASN B 515 -23.59 -60.36 6.09
CA ASN B 515 -22.55 -61.32 5.74
C ASN B 515 -21.84 -61.81 7.00
N LEU B 516 -21.48 -63.08 7.01
CA LEU B 516 -20.72 -63.64 8.13
C LEU B 516 -19.29 -63.10 8.15
N GLU B 517 -18.63 -63.09 6.99
CA GLU B 517 -17.23 -62.70 6.93
C GLU B 517 -17.04 -61.22 7.18
N LYS B 518 -17.88 -60.39 6.56
CA LYS B 518 -17.73 -58.94 6.69
C LYS B 518 -18.17 -58.45 8.07
N HIS B 519 -19.43 -58.70 8.41
CA HIS B 519 -20.03 -58.15 9.62
C HIS B 519 -19.79 -59.04 10.84
N GLN B 520 -18.55 -59.48 11.02
CA GLN B 520 -18.21 -60.29 12.19
C GLN B 520 -18.33 -59.46 13.47
N LYS B 521 -17.93 -58.19 13.41
CA LYS B 521 -17.94 -57.33 14.58
C LYS B 521 -19.35 -57.22 15.18
N TYR B 522 -20.34 -56.96 14.33
CA TYR B 522 -21.69 -56.64 14.77
C TYR B 522 -22.46 -57.86 15.27
N THR B 523 -23.55 -57.57 15.98
CA THR B 523 -24.48 -58.56 16.54
C THR B 523 -25.90 -58.11 16.17
N VAL B 524 -26.33 -58.47 14.97
CA VAL B 524 -27.58 -57.98 14.40
C VAL B 524 -28.80 -58.56 15.13
N PHE B 525 -29.91 -57.82 15.05
CA PHE B 525 -31.19 -58.21 15.64
C PHE B 525 -32.32 -57.82 14.70
N GLU B 526 -33.02 -58.80 14.14
CA GLU B 526 -34.17 -58.50 13.31
C GLU B 526 -35.18 -57.68 14.12
N ALA B 527 -35.63 -56.56 13.55
CA ALA B 527 -36.45 -55.58 14.29
C ALA B 527 -37.70 -55.20 13.50
N GLY B 528 -38.67 -56.10 13.45
CA GLY B 528 -39.95 -55.77 12.85
C GLY B 528 -39.91 -55.50 11.36
N HIS B 529 -40.45 -54.35 10.97
CA HIS B 529 -40.67 -53.99 9.57
C HIS B 529 -40.54 -52.48 9.44
N THR B 530 -40.35 -52.02 8.20
CA THR B 530 -40.31 -50.59 7.94
C THR B 530 -40.92 -50.26 6.59
N THR B 531 -41.62 -49.13 6.54
CA THR B 531 -42.17 -48.62 5.29
C THR B 531 -41.06 -47.96 4.47
N VAL B 532 -41.40 -47.63 3.21
CA VAL B 532 -40.45 -46.94 2.34
C VAL B 532 -41.06 -45.61 1.90
N ARG B 543 -43.55 -49.31 0.51
CA ARG B 543 -43.96 -50.64 0.94
C ARG B 543 -43.16 -51.12 2.15
N GLU B 544 -43.54 -52.28 2.67
CA GLU B 544 -42.93 -52.81 3.89
C GLU B 544 -41.66 -53.59 3.57
N VAL B 545 -40.71 -53.55 4.50
CA VAL B 545 -39.44 -54.24 4.34
C VAL B 545 -38.97 -54.73 5.71
N PRO B 546 -38.31 -55.90 5.79
CA PRO B 546 -37.74 -56.33 7.07
C PRO B 546 -36.67 -55.36 7.56
N LEU B 547 -36.32 -55.50 8.82
CA LEU B 547 -35.31 -54.65 9.44
C LEU B 547 -34.21 -55.51 10.05
N TYR B 548 -33.08 -54.89 10.36
CA TYR B 548 -31.97 -55.56 11.03
C TYR B 548 -31.18 -54.54 11.83
N LEU B 549 -31.08 -54.76 13.14
CA LEU B 549 -30.48 -53.80 14.08
C LEU B 549 -29.04 -54.20 14.41
N TYR B 550 -28.07 -53.54 13.79
CA TYR B 550 -26.63 -53.82 13.90
C TYR B 550 -26.06 -53.16 15.15
N CYS B 551 -25.78 -53.94 16.20
CA CYS B 551 -25.29 -53.44 17.49
C CYS B 551 -23.81 -53.75 17.74
N ARG B 552 -22.95 -52.75 17.58
CA ARG B 552 -21.52 -52.90 17.81
C ARG B 552 -21.15 -52.35 19.19
N THR B 553 -19.92 -52.71 19.65
CA THR B 553 -19.35 -52.18 20.90
C THR B 553 -17.91 -51.70 20.70
N THR B 554 -17.73 -50.57 20.01
CA THR B 554 -16.41 -50.13 19.62
C THR B 554 -15.71 -49.34 20.72
N ALA B 555 -14.64 -48.62 20.38
CA ALA B 555 -13.93 -47.78 21.34
C ALA B 555 -13.26 -46.62 20.62
N LEU B 556 -13.13 -45.49 21.32
CA LEU B 556 -12.55 -44.28 20.72
C LEU B 556 -11.57 -43.63 21.69
N SER B 557 -10.89 -42.58 21.20
CA SER B 557 -9.96 -41.80 21.99
C SER B 557 -10.15 -40.32 21.69
N LYS B 558 -9.34 -39.48 22.36
CA LYS B 558 -9.32 -38.05 22.07
C LYS B 558 -8.87 -37.76 20.65
N ILE B 559 -7.78 -38.39 20.22
CA ILE B 559 -7.15 -38.03 18.97
C ILE B 559 -8.03 -38.41 17.80
N LYS B 560 -8.58 -39.62 17.81
CA LYS B 560 -9.47 -40.02 16.74
C LYS B 560 -10.66 -39.08 16.65
N ASN B 561 -11.16 -38.63 17.81
CA ASN B 561 -12.26 -37.67 17.82
C ASN B 561 -11.86 -36.39 17.12
N ASP B 562 -10.75 -35.78 17.56
CA ASP B 562 -10.34 -34.50 17.00
C ASP B 562 -10.10 -34.60 15.50
N TRP B 563 -9.50 -35.70 15.06
CA TRP B 563 -9.16 -35.80 13.64
C TRP B 563 -10.39 -36.09 12.80
N LEU B 564 -11.25 -37.02 13.22
CA LEU B 564 -12.49 -37.27 12.51
C LEU B 564 -13.32 -35.99 12.39
N SER B 565 -13.38 -35.20 13.46
CA SER B 565 -14.08 -33.94 13.40
C SER B 565 -13.40 -32.99 12.43
N LYS B 566 -12.27 -33.42 11.84
CA LYS B 566 -11.55 -32.62 10.86
C LYS B 566 -11.31 -33.42 9.58
N ALA B 567 -12.24 -34.33 9.24
CA ALA B 567 -12.16 -35.11 8.03
C ALA B 567 -12.37 -34.27 6.78
N ARG B 568 -12.85 -33.04 6.97
CA ARG B 568 -13.10 -32.08 5.92
C ARG B 568 -11.84 -31.70 5.16
N ARG B 569 -10.68 -32.10 5.67
CA ARG B 569 -9.39 -31.89 5.00
C ARG B 569 -9.34 -32.48 3.59
N CYS B 570 -10.00 -33.61 3.36
CA CYS B 570 -9.96 -34.26 2.05
C CYS B 570 -10.29 -33.33 0.89
N PHE B 571 -11.17 -32.35 1.11
CA PHE B 571 -11.52 -31.41 0.06
C PHE B 571 -10.29 -30.68 -0.43
N ILE B 572 -9.42 -30.25 0.49
CA ILE B 572 -8.23 -29.50 0.13
C ILE B 572 -7.34 -30.34 -0.77
N THR B 573 -7.01 -31.56 -0.33
CA THR B 573 -6.09 -32.39 -1.09
C THR B 573 -6.63 -32.73 -2.47
N THR B 574 -7.91 -33.12 -2.55
CA THR B 574 -8.47 -33.46 -3.84
C THR B 574 -8.50 -32.25 -4.77
N MET B 575 -8.88 -31.08 -4.24
CA MET B 575 -8.90 -29.88 -5.06
C MET B 575 -7.50 -29.56 -5.56
N ASP B 576 -6.51 -29.72 -4.70
CA ASP B 576 -5.14 -29.41 -5.10
C ASP B 576 -4.70 -30.31 -6.23
N THR B 577 -4.98 -31.61 -6.13
CA THR B 577 -4.57 -32.51 -7.20
C THR B 577 -5.28 -32.18 -8.50
N VAL B 578 -6.57 -31.88 -8.44
CA VAL B 578 -7.32 -31.61 -9.66
C VAL B 578 -6.87 -30.31 -10.31
N GLU B 579 -6.55 -29.30 -9.51
CA GLU B 579 -6.13 -28.05 -10.10
C GLU B 579 -4.64 -28.04 -10.41
N THR B 580 -3.91 -29.02 -9.88
CA THR B 580 -2.54 -29.27 -10.25
C THR B 580 -2.47 -29.92 -11.61
N ILE B 581 -3.52 -30.66 -11.98
CA ILE B 581 -3.56 -31.25 -13.30
C ILE B 581 -4.11 -30.24 -14.30
N CYS B 582 -5.11 -29.46 -13.89
CA CYS B 582 -5.75 -28.55 -14.84
C CYS B 582 -4.88 -27.34 -15.15
N LEU B 583 -4.22 -26.75 -14.15
CA LEU B 583 -3.37 -25.60 -14.43
C LEU B 583 -2.16 -26.02 -15.26
N ARG B 584 -1.61 -27.19 -14.97
CA ARG B 584 -0.49 -27.69 -15.76
C ARG B 584 -0.89 -27.92 -17.21
N GLU B 585 -2.05 -28.56 -17.43
CA GLU B 585 -2.50 -28.76 -18.81
C GLU B 585 -2.83 -27.44 -19.49
N SER B 586 -3.27 -26.44 -18.74
CA SER B 586 -3.62 -25.16 -19.34
C SER B 586 -2.39 -24.32 -19.66
N ALA B 587 -1.30 -24.51 -18.91
CA ALA B 587 -0.12 -23.69 -19.12
C ALA B 587 0.63 -24.10 -20.37
N LYS B 588 0.68 -25.40 -20.66
CA LYS B 588 1.36 -25.88 -21.85
C LYS B 588 0.79 -25.27 -23.12
N ALA B 589 -0.41 -24.71 -23.06
CA ALA B 589 -1.06 -24.11 -24.21
C ALA B 589 -1.31 -22.62 -24.06
N GLU B 590 -1.09 -22.05 -22.87
CA GLU B 590 -1.25 -20.61 -22.64
C GLU B 590 -2.66 -20.16 -23.01
N GLU B 591 -3.64 -20.80 -22.38
CA GLU B 591 -5.05 -20.50 -22.62
C GLU B 591 -5.86 -21.15 -21.51
N ASN B 592 -7.05 -20.60 -21.27
CA ASN B 592 -7.93 -21.09 -20.22
C ASN B 592 -8.48 -22.44 -20.65
N LEU B 593 -7.84 -23.52 -20.22
CA LEU B 593 -8.29 -24.87 -20.50
C LEU B 593 -8.48 -25.58 -19.16
N VAL B 594 -9.66 -25.40 -18.59
CA VAL B 594 -10.01 -26.02 -17.32
C VAL B 594 -11.30 -26.79 -17.53
N GLU B 595 -12.33 -26.11 -18.04
CA GLU B 595 -13.58 -26.78 -18.35
C GLU B 595 -13.37 -27.90 -19.35
N LYS B 596 -12.58 -27.65 -20.40
CA LYS B 596 -12.30 -28.71 -21.36
C LYS B 596 -11.53 -29.86 -20.72
N THR B 597 -10.56 -29.52 -19.87
CA THR B 597 -9.80 -30.56 -19.18
C THR B 597 -10.68 -31.37 -18.26
N LEU B 598 -11.56 -30.69 -17.51
CA LEU B 598 -12.43 -31.41 -16.57
C LEU B 598 -13.40 -32.30 -17.32
N ASN B 599 -14.02 -31.78 -18.37
CA ASN B 599 -15.04 -32.53 -19.10
C ASN B 599 -14.43 -33.69 -19.89
N GLU B 600 -13.25 -33.50 -20.45
CA GLU B 600 -12.70 -34.43 -21.44
C GLU B 600 -11.66 -35.39 -20.87
N LYS B 601 -10.68 -34.89 -20.12
CA LYS B 601 -9.54 -35.71 -19.73
C LYS B 601 -10.02 -36.99 -19.06
N GLN B 602 -9.63 -38.12 -19.64
CA GLN B 602 -10.06 -39.44 -19.17
C GLN B 602 -9.03 -39.97 -18.21
N MET B 603 -9.48 -40.48 -17.06
CA MET B 603 -8.61 -41.01 -16.02
C MET B 603 -8.97 -42.46 -15.74
N TRP B 604 -8.07 -43.37 -16.06
CA TRP B 604 -8.32 -44.78 -15.82
C TRP B 604 -8.68 -45.01 -14.35
N ILE B 605 -9.80 -45.67 -14.10
CA ILE B 605 -10.25 -45.94 -12.74
C ILE B 605 -10.51 -47.41 -12.46
N GLY B 606 -10.25 -48.31 -13.40
CA GLY B 606 -10.38 -49.72 -13.09
C GLY B 606 -10.36 -50.57 -14.35
N LYS B 607 -10.69 -51.84 -14.15
CA LYS B 607 -10.88 -52.79 -15.23
C LYS B 607 -12.24 -53.44 -15.14
N LYS B 608 -12.81 -53.76 -16.30
CA LYS B 608 -14.06 -54.49 -16.38
C LYS B 608 -14.05 -55.35 -17.64
N ASN B 609 -14.30 -56.64 -17.48
CA ASN B 609 -14.31 -57.57 -18.60
C ASN B 609 -12.96 -57.61 -19.30
N GLY B 610 -11.88 -57.54 -18.52
CA GLY B 610 -10.55 -57.55 -19.06
C GLY B 610 -10.14 -56.30 -19.79
N GLU B 611 -10.99 -55.29 -19.84
CA GLU B 611 -10.68 -54.03 -20.49
C GLU B 611 -10.48 -52.94 -19.43
N LEU B 612 -9.90 -51.83 -19.87
CA LEU B 612 -9.57 -50.73 -18.99
C LEU B 612 -10.70 -49.71 -19.07
N ILE B 613 -11.41 -49.51 -17.97
CA ILE B 613 -12.46 -48.52 -17.93
C ILE B 613 -11.82 -47.14 -17.78
N ALA B 614 -12.54 -46.13 -18.25
CA ALA B 614 -12.09 -44.76 -18.14
C ALA B 614 -13.30 -43.84 -18.03
N GLN B 615 -13.13 -42.75 -17.30
CA GLN B 615 -14.18 -41.75 -17.14
C GLN B 615 -13.52 -40.40 -16.92
N PRO B 616 -14.20 -39.32 -17.29
CA PRO B 616 -13.59 -38.00 -17.14
C PRO B 616 -13.12 -37.72 -15.72
N LEU B 617 -12.36 -36.64 -15.56
CA LEU B 617 -11.89 -36.24 -14.25
C LEU B 617 -13.05 -35.89 -13.32
N ARG B 618 -14.08 -35.25 -13.88
CA ARG B 618 -15.23 -34.80 -13.10
C ARG B 618 -15.83 -35.92 -12.28
N GLU B 619 -15.69 -37.17 -12.73
CA GLU B 619 -16.20 -38.32 -12.00
C GLU B 619 -15.12 -39.11 -11.27
N ALA B 620 -13.84 -38.78 -11.46
CA ALA B 620 -12.77 -39.41 -10.68
C ALA B 620 -12.36 -38.57 -9.49
N LEU B 621 -12.92 -37.36 -9.37
CA LEU B 621 -12.76 -36.62 -8.12
C LEU B 621 -13.35 -37.43 -6.98
N ARG B 622 -14.44 -38.15 -7.26
CA ARG B 622 -15.07 -38.98 -6.25
C ARG B 622 -14.12 -40.08 -5.77
N VAL B 623 -13.40 -40.71 -6.70
CA VAL B 623 -12.43 -41.73 -6.33
C VAL B 623 -11.34 -41.14 -5.45
N GLN B 624 -10.82 -39.97 -5.85
CA GLN B 624 -9.78 -39.34 -5.04
C GLN B 624 -10.32 -39.04 -3.64
N LEU B 625 -11.54 -38.51 -3.56
CA LEU B 625 -12.12 -38.16 -2.28
C LEU B 625 -12.26 -39.38 -1.38
N VAL B 626 -12.69 -40.49 -1.96
CA VAL B 626 -12.83 -41.71 -1.18
C VAL B 626 -11.47 -42.17 -0.68
N GLN B 627 -10.44 -42.00 -1.51
CA GLN B 627 -9.09 -42.38 -1.08
C GLN B 627 -8.68 -41.58 0.15
N GLN B 628 -8.87 -40.26 0.10
CA GLN B 628 -8.46 -39.43 1.23
C GLN B 628 -9.30 -39.70 2.47
N PHE B 629 -10.61 -39.89 2.29
CA PHE B 629 -11.46 -40.20 3.42
C PHE B 629 -11.06 -41.52 4.07
N TYR B 630 -10.81 -42.55 3.27
CA TYR B 630 -10.40 -43.82 3.85
C TYR B 630 -9.05 -43.72 4.53
N PHE B 631 -8.14 -42.88 4.00
CA PHE B 631 -6.90 -42.66 4.73
C PHE B 631 -7.19 -42.07 6.09
N CYS B 632 -8.14 -41.15 6.17
CA CYS B 632 -8.52 -40.62 7.48
C CYS B 632 -9.08 -41.71 8.39
N ILE B 633 -9.88 -42.61 7.82
CA ILE B 633 -10.61 -43.58 8.64
C ILE B 633 -9.67 -44.67 9.16
N TYR B 634 -9.00 -45.38 8.25
CA TYR B 634 -8.22 -46.57 8.60
C TYR B 634 -6.77 -46.29 8.94
N ASN B 635 -6.43 -45.04 9.28
CA ASN B 635 -5.03 -44.74 9.53
C ASN B 635 -4.52 -45.52 10.73
N ASP B 636 -3.33 -46.09 10.57
CA ASP B 636 -2.68 -46.89 11.60
C ASP B 636 -1.19 -46.90 11.30
N SER B 637 -0.44 -47.64 12.12
CA SER B 637 0.99 -47.76 11.88
C SER B 637 1.26 -48.58 10.62
N GLN B 638 0.45 -49.60 10.38
CA GLN B 638 0.65 -50.45 9.21
C GLN B 638 0.54 -49.64 7.93
N LEU B 639 -0.57 -48.93 7.76
CA LEU B 639 -0.77 -48.13 6.57
C LEU B 639 0.32 -47.08 6.43
N GLU B 640 0.76 -46.50 7.55
CA GLU B 640 1.84 -45.52 7.50
C GLU B 640 3.09 -46.14 6.89
N GLY B 641 3.55 -47.24 7.49
CA GLY B 641 4.75 -47.89 6.98
C GLY B 641 4.62 -48.31 5.54
N PHE B 642 3.48 -48.91 5.19
CA PHE B 642 3.27 -49.35 3.82
C PHE B 642 3.36 -48.18 2.84
N CYS B 643 2.48 -47.19 3.01
CA CYS B 643 2.48 -46.06 2.10
C CYS B 643 3.81 -45.32 2.10
N ASN B 644 4.63 -45.51 3.13
CA ASN B 644 5.96 -44.91 3.11
C ASN B 644 6.95 -45.75 2.33
N GLU B 645 6.76 -47.07 2.30
CA GLU B 645 7.68 -47.97 1.64
C GLU B 645 7.28 -48.36 0.23
N GLN B 646 6.08 -48.01 -0.22
CA GLN B 646 5.68 -48.34 -1.58
C GLN B 646 6.19 -47.35 -2.60
N LYS B 647 6.68 -46.19 -2.16
CA LYS B 647 7.09 -45.15 -3.10
C LYS B 647 8.23 -45.64 -3.98
N LYS B 648 9.14 -46.44 -3.43
CA LYS B 648 10.24 -46.96 -4.22
C LYS B 648 9.75 -47.68 -5.47
N ILE B 649 8.69 -48.49 -5.32
CA ILE B 649 8.15 -49.22 -6.46
C ILE B 649 7.61 -48.26 -7.51
N LEU B 650 6.92 -47.19 -7.07
CA LEU B 650 6.39 -46.24 -8.03
C LEU B 650 7.52 -45.50 -8.74
N MET B 651 8.61 -45.18 -8.02
CA MET B 651 9.74 -44.53 -8.64
C MET B 651 10.39 -45.45 -9.67
N ALA B 652 10.48 -46.75 -9.36
CA ALA B 652 10.95 -47.72 -10.33
C ALA B 652 10.04 -47.75 -11.56
N LEU B 653 8.73 -47.68 -11.34
CA LEU B 653 7.81 -47.62 -12.46
C LEU B 653 8.11 -46.42 -13.35
N GLU B 654 8.27 -45.25 -12.74
CA GLU B 654 8.59 -44.06 -13.54
C GLU B 654 9.90 -44.25 -14.30
N GLY B 655 10.92 -44.80 -13.63
CA GLY B 655 12.16 -45.10 -14.33
C GLY B 655 11.94 -46.00 -15.53
N ASP B 656 11.04 -46.97 -15.40
CA ASP B 656 10.73 -47.85 -16.51
C ASP B 656 10.05 -47.09 -17.64
N LYS B 657 9.17 -46.16 -17.30
CA LYS B 657 8.44 -45.41 -18.33
C LYS B 657 9.37 -44.55 -19.16
N LYS B 658 10.45 -44.04 -18.57
CA LYS B 658 11.35 -43.11 -19.25
C LYS B 658 12.68 -43.74 -19.62
N ASN B 659 12.77 -45.07 -19.61
CA ASN B 659 13.95 -45.79 -20.08
C ASN B 659 15.19 -45.42 -19.26
N LYS B 660 14.98 -45.00 -18.03
CA LYS B 660 16.06 -44.72 -17.10
C LYS B 660 16.47 -46.02 -16.42
N SER B 661 17.70 -46.46 -16.66
CA SER B 661 18.14 -47.77 -16.20
C SER B 661 18.37 -47.70 -14.71
N SER B 662 17.28 -47.79 -13.96
CA SER B 662 17.37 -47.78 -12.52
C SER B 662 18.07 -49.04 -12.02
N PHE B 663 18.45 -49.01 -10.75
CA PHE B 663 19.12 -50.14 -10.14
C PHE B 663 18.94 -50.08 -8.64
N GLY B 664 19.35 -51.15 -7.97
CA GLY B 664 19.17 -51.26 -6.54
C GLY B 664 20.18 -52.23 -5.98
N PHE B 665 20.22 -52.28 -4.66
CA PHE B 665 21.20 -53.08 -3.93
C PHE B 665 20.63 -54.37 -3.36
N ASN B 666 19.39 -54.35 -2.88
CA ASN B 666 18.76 -55.56 -2.35
C ASN B 666 17.25 -55.39 -2.29
N PRO B 667 16.57 -55.54 -3.43
CA PRO B 667 15.10 -55.34 -3.43
C PRO B 667 14.34 -56.40 -2.65
N GLU B 668 14.83 -57.64 -2.63
CA GLU B 668 14.11 -58.69 -1.92
C GLU B 668 13.86 -58.30 -0.47
N GLY B 669 14.85 -57.69 0.17
CA GLY B 669 14.65 -57.20 1.53
C GLY B 669 13.56 -56.14 1.60
N LEU B 670 13.45 -55.32 0.56
CA LEU B 670 12.39 -54.30 0.53
C LEU B 670 11.02 -54.96 0.48
N LEU B 671 10.86 -55.95 -0.40
CA LEU B 671 9.60 -56.67 -0.47
C LEU B 671 9.29 -57.35 0.86
N GLU B 672 10.31 -57.89 1.51
CA GLU B 672 10.11 -58.51 2.82
C GLU B 672 9.60 -57.48 3.83
N LYS B 673 10.26 -56.33 3.91
CA LYS B 673 9.80 -55.28 4.80
C LYS B 673 8.34 -54.94 4.55
N ILE B 674 7.97 -54.84 3.28
CA ILE B 674 6.59 -54.49 2.94
C ILE B 674 5.64 -55.59 3.42
N GLU B 675 5.88 -56.82 2.98
CA GLU B 675 4.95 -57.89 3.34
C GLU B 675 4.89 -58.12 4.84
N GLU B 676 5.86 -57.60 5.60
CA GLU B 676 5.79 -57.73 7.05
C GLU B 676 4.70 -56.85 7.65
N CYS B 677 4.43 -55.68 7.04
CA CYS B 677 3.50 -54.71 7.62
C CYS B 677 2.10 -54.80 7.02
N LEU B 678 1.73 -55.94 6.47
CA LEU B 678 0.39 -56.18 5.91
C LEU B 678 -0.34 -57.12 6.86
N ILE B 679 -1.13 -56.56 7.77
CA ILE B 679 -1.85 -57.39 8.74
C ILE B 679 -3.19 -56.79 9.12
N ASN B 680 -4.26 -57.55 8.89
CA ASN B 680 -5.59 -57.28 9.44
C ASN B 680 -6.04 -55.83 9.26
N ASN B 681 -5.61 -55.16 8.20
CA ASN B 681 -6.12 -53.83 7.88
C ASN B 681 -6.59 -53.82 6.43
N PRO B 682 -7.89 -53.80 6.17
CA PRO B 682 -8.38 -53.98 4.80
C PRO B 682 -7.73 -53.06 3.78
N MET B 683 -7.49 -51.81 4.14
CA MET B 683 -6.99 -50.84 3.18
C MET B 683 -5.62 -51.24 2.66
N CYS B 684 -4.67 -51.48 3.55
CA CYS B 684 -3.34 -51.93 3.15
C CYS B 684 -3.42 -53.09 2.17
N LEU B 685 -4.16 -54.14 2.52
CA LEU B 685 -4.20 -55.35 1.71
C LEU B 685 -4.80 -55.06 0.33
N PHE B 686 -5.88 -54.27 0.30
CA PHE B 686 -6.50 -53.92 -0.96
C PHE B 686 -5.54 -53.11 -1.83
N MET B 687 -4.85 -52.15 -1.23
CA MET B 687 -3.94 -51.31 -2.00
C MET B 687 -2.77 -52.11 -2.53
N ALA B 688 -2.29 -53.09 -1.77
CA ALA B 688 -1.23 -53.96 -2.25
C ALA B 688 -1.69 -54.83 -3.41
N GLN B 689 -2.90 -55.38 -3.31
CA GLN B 689 -3.41 -56.19 -4.41
C GLN B 689 -3.53 -55.36 -5.67
N ARG B 690 -3.99 -54.12 -5.52
CA ARG B 690 -4.06 -53.21 -6.66
C ARG B 690 -2.67 -52.89 -7.20
N LEU B 691 -1.68 -52.70 -6.32
CA LEU B 691 -0.33 -52.40 -6.79
C LEU B 691 0.22 -53.56 -7.60
N ASN B 692 -0.12 -54.79 -7.24
CA ASN B 692 0.34 -55.93 -8.02
C ASN B 692 -0.37 -55.97 -9.36
N GLU B 693 -1.69 -55.78 -9.36
CA GLU B 693 -2.40 -55.75 -10.63
C GLU B 693 -1.88 -54.63 -11.52
N LEU B 694 -1.49 -53.51 -10.93
CA LEU B 694 -0.91 -52.41 -11.71
C LEU B 694 0.38 -52.83 -12.37
N VAL B 695 1.32 -53.38 -11.60
CA VAL B 695 2.60 -53.73 -12.20
C VAL B 695 2.38 -54.79 -13.28
N ILE B 696 1.39 -55.66 -13.09
CA ILE B 696 1.06 -56.65 -14.13
C ILE B 696 0.59 -55.95 -15.39
N GLU B 697 -0.41 -55.07 -15.25
CA GLU B 697 -0.96 -54.37 -16.42
C GLU B 697 0.10 -53.54 -17.13
N ALA B 698 1.08 -53.03 -16.38
CA ALA B 698 2.13 -52.22 -17.00
C ALA B 698 3.20 -53.07 -17.66
N SER B 699 3.43 -54.28 -17.16
CA SER B 699 4.40 -55.18 -17.78
C SER B 699 4.10 -55.40 -19.26
N LYS B 700 2.86 -55.16 -19.70
CA LYS B 700 2.53 -55.33 -21.11
C LYS B 700 3.19 -54.24 -21.95
N ARG B 701 3.44 -53.08 -21.35
CA ARG B 701 4.03 -51.94 -22.04
C ARG B 701 5.31 -51.47 -21.36
N GLY B 702 5.90 -52.30 -20.51
CA GLY B 702 7.07 -51.93 -19.73
C GLY B 702 7.78 -53.17 -19.24
N ALA B 703 8.88 -52.93 -18.52
CA ALA B 703 9.71 -54.01 -18.00
C ALA B 703 9.92 -53.90 -16.50
N LYS B 704 10.84 -54.70 -15.96
CA LYS B 704 11.25 -54.70 -14.56
C LYS B 704 10.27 -55.38 -13.62
N PHE B 705 9.43 -56.29 -14.09
CA PHE B 705 8.52 -56.97 -13.19
C PHE B 705 8.27 -58.39 -13.68
N PHE B 706 8.25 -59.33 -12.72
CA PHE B 706 8.09 -60.75 -12.99
C PHE B 706 6.65 -61.16 -12.77
N LYS B 707 6.27 -62.27 -13.41
CA LYS B 707 4.91 -62.78 -13.32
C LYS B 707 4.85 -64.05 -12.48
N MET C 1 -17.45 -54.30 -11.57
CA MET C 1 -16.13 -53.69 -11.91
C MET C 1 -15.18 -53.77 -10.72
N GLU C 2 -13.88 -53.73 -11.00
CA GLU C 2 -12.84 -53.71 -9.98
C GLU C 2 -12.13 -52.36 -10.06
N ILE C 3 -12.56 -51.43 -9.22
CA ILE C 3 -11.98 -50.09 -9.21
C ILE C 3 -10.54 -50.15 -8.71
N ASN C 4 -9.64 -49.50 -9.45
CA ASN C 4 -8.23 -49.41 -9.07
C ASN C 4 -7.82 -47.95 -9.18
N PRO C 5 -7.36 -47.32 -8.09
CA PRO C 5 -6.95 -45.91 -8.18
C PRO C 5 -5.55 -45.69 -8.68
N TYR C 6 -4.69 -46.71 -8.69
CA TYR C 6 -3.32 -46.51 -9.16
C TYR C 6 -3.20 -46.36 -10.67
N LEU C 7 -4.23 -46.72 -11.43
CA LEU C 7 -4.11 -46.68 -12.88
C LEU C 7 -3.75 -45.29 -13.38
N MET C 8 -3.96 -44.25 -12.60
CA MET C 8 -3.60 -42.91 -13.04
C MET C 8 -2.10 -42.74 -13.20
N PHE C 9 -1.31 -43.66 -12.64
CA PHE C 9 0.14 -43.63 -12.75
C PHE C 9 0.64 -44.25 -14.04
N LEU C 10 -0.23 -44.98 -14.75
CA LEU C 10 0.12 -45.54 -16.04
C LEU C 10 0.33 -44.45 -17.09
N ASN C 11 -0.53 -43.43 -17.10
CA ASN C 11 -0.52 -42.40 -18.14
C ASN C 11 -0.38 -41.00 -17.56
N ASN C 12 0.09 -40.87 -16.32
CA ASN C 12 0.34 -39.56 -15.74
C ASN C 12 1.61 -39.61 -14.90
N ASP C 13 2.33 -38.49 -14.89
CA ASP C 13 3.57 -38.40 -14.13
C ASP C 13 3.37 -38.82 -12.69
N VAL C 14 4.37 -39.50 -12.14
CA VAL C 14 4.26 -40.03 -10.78
C VAL C 14 4.43 -38.93 -9.73
N THR C 15 5.26 -37.93 -10.01
CA THR C 15 5.45 -36.87 -9.01
C THR C 15 4.17 -36.06 -8.84
N SER C 16 3.51 -35.73 -9.94
CA SER C 16 2.34 -34.85 -9.90
C SER C 16 1.16 -35.49 -9.18
N LEU C 17 1.33 -36.71 -8.67
CA LEU C 17 0.28 -37.38 -7.91
C LEU C 17 0.83 -38.04 -6.66
N ILE C 18 2.13 -37.91 -6.37
CA ILE C 18 2.71 -38.62 -5.24
C ILE C 18 2.07 -38.18 -3.94
N SER C 19 1.57 -36.94 -3.89
CA SER C 19 0.91 -36.47 -2.69
C SER C 19 -0.27 -37.34 -2.29
N THR C 20 -0.92 -37.99 -3.25
CA THR C 20 -2.08 -38.80 -2.95
C THR C 20 -1.77 -39.97 -2.02
N THR C 21 -0.53 -40.42 -1.98
CA THR C 21 -0.19 -41.57 -1.15
C THR C 21 -0.06 -41.20 0.32
N TYR C 22 0.57 -40.07 0.61
CA TYR C 22 0.79 -39.65 1.99
C TYR C 22 -0.50 -39.64 2.79
N PRO C 23 -0.64 -40.51 3.81
CA PRO C 23 -1.81 -40.50 4.68
C PRO C 23 -1.72 -39.50 5.83
N TYR C 24 -1.37 -38.26 5.49
CA TYR C 24 -1.24 -37.20 6.48
C TYR C 24 -2.57 -36.56 6.81
N THR C 25 -3.67 -37.13 6.34
CA THR C 25 -5.01 -36.67 6.65
C THR C 25 -5.59 -37.36 7.89
N GLY C 26 -4.82 -38.23 8.55
CA GLY C 26 -5.33 -38.96 9.68
C GLY C 26 -4.41 -38.92 10.88
N PRO C 27 -4.90 -39.41 12.01
CA PRO C 27 -4.14 -39.36 13.25
C PRO C 27 -2.92 -40.27 13.18
N PRO C 28 -1.76 -39.80 13.62
CA PRO C 28 -0.59 -40.66 13.68
C PRO C 28 -0.59 -41.47 14.96
N PRO C 29 0.24 -42.52 15.03
CA PRO C 29 0.32 -43.37 16.22
C PRO C 29 1.08 -42.74 17.38
N SER C 35 9.81 -47.26 26.35
CA SER C 35 9.82 -48.55 27.01
C SER C 35 11.24 -48.95 27.39
N THR C 36 11.47 -50.24 27.56
CA THR C 36 12.79 -50.77 27.88
C THR C 36 13.29 -51.77 26.85
N LYS C 37 12.41 -52.58 26.29
CA LYS C 37 12.83 -53.54 25.27
C LYS C 37 13.53 -52.84 24.12
N TYR C 38 12.97 -51.71 23.67
CA TYR C 38 13.61 -50.95 22.59
C TYR C 38 15.00 -50.50 22.99
N THR C 39 15.14 -49.98 24.22
CA THR C 39 16.43 -49.50 24.67
C THR C 39 17.44 -50.64 24.75
N LEU C 40 17.01 -51.80 25.25
CA LEU C 40 17.90 -52.94 25.35
C LEU C 40 18.32 -53.41 23.96
N GLU C 41 17.40 -53.46 23.00
CA GLU C 41 17.79 -53.80 21.65
C GLU C 41 18.79 -52.81 21.10
N THR C 42 18.62 -51.53 21.43
CA THR C 42 19.58 -50.52 20.98
C THR C 42 20.95 -50.77 21.58
N ILE C 43 21.00 -51.05 22.88
CA ILE C 43 22.26 -51.36 23.55
C ILE C 43 22.93 -52.56 22.89
N LYS C 44 22.16 -53.60 22.63
CA LYS C 44 22.72 -54.81 22.04
C LYS C 44 23.28 -54.52 20.65
N ARG C 45 22.50 -53.85 19.81
CA ARG C 45 22.98 -53.53 18.48
C ARG C 45 24.22 -52.66 18.54
N THR C 46 24.30 -51.76 19.52
CA THR C 46 25.44 -50.88 19.63
C THR C 46 26.69 -51.68 19.99
N TYR C 47 26.60 -52.54 20.99
CA TYR C 47 27.74 -53.39 21.34
C TYR C 47 28.09 -54.36 20.23
N ASP C 48 27.12 -54.71 19.37
CA ASP C 48 27.41 -55.65 18.28
C ASP C 48 28.13 -54.96 17.13
N TYR C 49 27.62 -53.80 16.71
CA TYR C 49 28.24 -53.08 15.61
C TYR C 49 29.74 -52.91 15.83
N SER C 50 30.13 -52.41 17.01
CA SER C 50 31.54 -52.41 17.33
C SER C 50 32.00 -53.85 17.22
N ARG C 51 32.76 -54.15 16.18
CA ARG C 51 33.10 -55.51 15.86
C ARG C 51 34.17 -56.08 16.79
N THR C 52 34.95 -55.21 17.42
CA THR C 52 36.05 -55.61 18.28
C THR C 52 35.57 -56.24 19.58
N SER C 53 36.50 -56.91 20.25
CA SER C 53 36.25 -57.51 21.56
C SER C 53 37.19 -56.97 22.63
N VAL C 54 38.10 -56.06 22.29
CA VAL C 54 39.01 -55.51 23.28
C VAL C 54 38.22 -54.75 24.34
N GLU C 55 38.50 -55.06 25.60
CA GLU C 55 37.80 -54.46 26.72
C GLU C 55 38.82 -53.96 27.74
N LYS C 56 38.72 -52.68 28.11
CA LYS C 56 39.53 -52.16 29.19
C LYS C 56 38.77 -52.30 30.50
N THR C 57 39.38 -51.85 31.58
CA THR C 57 38.73 -51.78 32.89
C THR C 57 38.98 -50.41 33.47
N SER C 58 37.90 -49.65 33.69
CA SER C 58 37.99 -48.35 34.30
C SER C 58 38.34 -48.46 35.78
N LYS C 59 38.90 -47.38 36.31
CA LYS C 59 39.18 -47.24 37.74
C LYS C 59 38.11 -46.41 38.44
N VAL C 60 37.61 -45.38 37.77
CA VAL C 60 36.58 -44.53 38.36
C VAL C 60 35.32 -45.34 38.63
N PHE C 61 34.91 -46.15 37.66
CA PHE C 61 33.68 -46.93 37.76
C PHE C 61 33.93 -48.41 38.00
N ASN C 62 35.09 -48.94 37.60
CA ASN C 62 35.38 -50.37 37.73
C ASN C 62 34.41 -51.21 36.91
N ILE C 63 34.11 -50.75 35.70
CA ILE C 63 33.21 -51.45 34.79
C ILE C 63 33.96 -51.71 33.48
N PRO C 64 33.93 -52.93 32.94
CA PRO C 64 34.57 -53.16 31.64
C PRO C 64 34.10 -52.19 30.58
N ARG C 65 35.05 -51.60 29.87
CA ARG C 65 34.79 -50.52 28.91
C ARG C 65 35.24 -50.97 27.51
N ARG C 66 34.26 -51.39 26.69
CA ARG C 66 34.52 -51.76 25.31
C ARG C 66 34.99 -50.54 24.51
N LYS C 67 36.08 -50.71 23.76
CA LYS C 67 36.73 -49.63 23.03
C LYS C 67 36.31 -49.66 21.56
N PHE C 68 35.51 -48.67 21.14
CA PHE C 68 34.94 -48.65 19.79
C PHE C 68 35.77 -47.86 18.81
N CYS C 69 37.10 -47.89 18.84
CA CYS C 69 37.85 -47.16 17.81
C CYS C 69 39.23 -47.75 17.59
N ASN C 70 39.53 -48.03 16.32
CA ASN C 70 40.84 -48.52 15.88
C ASN C 70 41.15 -49.93 16.42
N CYS C 71 40.13 -50.78 16.50
CA CYS C 71 40.31 -52.15 16.94
C CYS C 71 39.47 -53.10 16.09
N LEU C 72 39.39 -52.84 14.79
CA LEU C 72 38.46 -53.57 13.96
C LEU C 72 38.84 -55.05 13.89
N GLU C 73 37.85 -55.91 14.06
CA GLU C 73 37.98 -57.35 13.91
C GLU C 73 36.67 -57.88 13.35
N ASP C 74 36.62 -59.18 13.10
CA ASP C 74 35.39 -59.83 12.64
C ASP C 74 34.91 -59.18 11.35
N LYS C 75 35.74 -59.29 10.32
CA LYS C 75 35.47 -58.66 9.03
C LYS C 75 34.57 -59.55 8.19
N ASP C 76 33.48 -60.04 8.79
CA ASP C 76 32.51 -60.88 8.12
C ASP C 76 31.23 -60.09 7.84
N GLU C 77 30.72 -60.22 6.63
CA GLU C 77 29.49 -59.54 6.22
C GLU C 77 29.58 -58.04 6.51
N LEU C 78 30.62 -57.42 5.92
CA LEU C 78 30.83 -56.00 6.16
C LEU C 78 29.69 -55.15 5.62
N VAL C 79 28.92 -55.66 4.66
CA VAL C 79 27.77 -54.90 4.16
C VAL C 79 26.96 -54.35 5.32
N LYS C 80 26.88 -55.09 6.42
CA LYS C 80 26.03 -54.71 7.54
C LYS C 80 26.68 -53.56 8.30
N PRO C 81 26.00 -53.00 9.30
CA PRO C 81 26.53 -51.83 10.00
C PRO C 81 27.70 -52.16 10.92
N THR C 82 28.78 -51.42 10.75
CA THR C 82 29.97 -51.52 11.59
C THR C 82 30.18 -50.17 12.27
N GLY C 83 30.54 -50.19 13.54
CA GLY C 83 30.74 -48.96 14.29
C GLY C 83 32.17 -48.68 14.74
N ASN C 84 33.14 -49.28 14.07
CA ASN C 84 34.54 -49.05 14.36
C ASN C 84 35.10 -48.00 13.40
N VAL C 85 36.04 -47.20 13.91
CA VAL C 85 36.52 -46.03 13.18
C VAL C 85 38.03 -46.05 13.10
N ASP C 86 38.57 -45.71 11.93
CA ASP C 86 39.99 -45.56 11.68
C ASP C 86 40.31 -44.07 11.68
N ILE C 87 40.85 -43.57 12.79
CA ILE C 87 41.12 -42.15 12.95
C ILE C 87 42.01 -41.60 11.84
N SER C 88 42.94 -42.42 11.33
CA SER C 88 43.82 -41.94 10.27
C SER C 88 43.04 -41.49 9.04
N SER C 89 42.11 -42.32 8.58
CA SER C 89 41.32 -41.96 7.40
C SER C 89 40.46 -40.73 7.68
N LEU C 90 39.86 -40.67 8.87
CA LEU C 90 39.00 -39.55 9.22
C LEU C 90 39.80 -38.25 9.19
N LEU C 91 41.00 -38.28 9.75
CA LEU C 91 41.84 -37.10 9.77
C LEU C 91 42.30 -36.74 8.35
N GLY C 92 42.57 -37.74 7.52
CA GLY C 92 42.91 -37.46 6.13
C GLY C 92 41.78 -36.76 5.39
N LEU C 93 40.55 -37.22 5.61
CA LEU C 93 39.41 -36.56 5.00
C LEU C 93 39.26 -35.14 5.51
N ALA C 94 39.54 -34.93 6.80
CA ALA C 94 39.50 -33.59 7.34
C ALA C 94 40.55 -32.71 6.68
N GLU C 95 41.74 -33.27 6.43
CA GLU C 95 42.78 -32.52 5.74
C GLU C 95 42.34 -32.16 4.33
N MET C 96 41.66 -33.08 3.65
CA MET C 96 41.22 -32.79 2.29
C MET C 96 40.20 -31.67 2.28
N MET C 97 39.30 -31.67 3.27
CA MET C 97 38.30 -30.61 3.33
C MET C 97 38.96 -29.28 3.67
N GLU C 98 39.90 -29.28 4.60
CA GLU C 98 40.61 -28.05 4.94
C GLU C 98 41.34 -27.51 3.72
N LYS C 99 42.00 -28.38 2.96
CA LYS C 99 42.73 -27.94 1.79
C LYS C 99 41.79 -27.32 0.77
N ARG C 100 40.65 -27.95 0.51
CA ARG C 100 39.73 -27.40 -0.48
C ARG C 100 39.17 -26.06 -0.03
N MET C 101 38.73 -25.98 1.24
CA MET C 101 38.12 -24.74 1.71
C MET C 101 39.12 -23.60 1.74
N GLY C 102 40.32 -23.85 2.24
CA GLY C 102 41.35 -22.84 2.30
C GLY C 102 42.21 -23.03 3.53
N GLU C 103 43.23 -22.18 3.62
CA GLU C 103 44.14 -22.23 4.76
C GLU C 103 43.46 -21.69 6.01
N GLY C 104 43.68 -22.38 7.13
CA GLY C 104 43.11 -21.93 8.39
C GLY C 104 41.60 -21.76 8.35
N PHE C 105 40.90 -22.72 7.74
CA PHE C 105 39.45 -22.61 7.65
C PHE C 105 38.79 -22.73 9.02
N PHE C 106 39.33 -23.60 9.87
CA PHE C 106 38.67 -23.93 11.13
C PHE C 106 38.92 -22.88 12.21
N LYS C 107 40.02 -22.14 12.12
CA LYS C 107 40.34 -21.15 13.13
C LYS C 107 39.32 -20.01 13.14
N HIS C 108 38.95 -19.53 11.95
CA HIS C 108 37.93 -18.49 11.87
C HIS C 108 36.62 -18.96 12.51
N CYS C 109 36.27 -20.22 12.27
CA CYS C 109 35.03 -20.77 12.82
C CYS C 109 35.08 -20.83 14.35
N VAL C 110 36.13 -21.42 14.91
CA VAL C 110 36.21 -21.49 16.37
C VAL C 110 36.30 -20.09 16.97
N MET C 111 36.84 -19.12 16.22
CA MET C 111 36.83 -17.75 16.70
C MET C 111 35.41 -17.19 16.74
N GLU C 112 34.62 -17.50 15.70
CA GLU C 112 33.26 -17.00 15.65
C GLU C 112 32.38 -17.66 16.70
N ALA C 113 32.77 -18.85 17.16
CA ALA C 113 32.09 -19.47 18.29
C ALA C 113 32.52 -18.85 19.62
N GLU C 114 33.82 -18.75 19.84
CA GLU C 114 34.33 -18.13 21.06
C GLU C 114 33.82 -16.72 21.24
N THR C 115 33.52 -16.02 20.14
CA THR C 115 32.97 -14.67 20.27
C THR C 115 31.61 -14.67 20.95
N GLU C 116 30.93 -15.81 20.99
CA GLU C 116 29.61 -15.94 21.58
C GLU C 116 29.61 -16.69 22.89
N ILE C 117 30.39 -17.78 22.99
CA ILE C 117 30.39 -18.58 24.20
C ILE C 117 30.75 -17.76 25.42
N LEU C 118 31.60 -16.75 25.25
CA LEU C 118 32.09 -16.00 26.41
C LEU C 118 31.04 -15.02 26.92
N LYS C 119 30.44 -14.24 26.03
CA LYS C 119 29.45 -13.26 26.44
C LYS C 119 28.08 -13.88 26.69
N MET C 120 27.90 -15.16 26.42
CA MET C 120 26.59 -15.78 26.55
C MET C 120 26.16 -15.79 28.01
N HIS C 121 24.88 -15.51 28.23
CA HIS C 121 24.30 -15.57 29.56
C HIS C 121 23.90 -17.01 29.87
N PHE C 122 23.97 -17.37 31.15
CA PHE C 122 23.68 -18.74 31.55
C PHE C 122 22.19 -19.01 31.67
N SER C 123 21.34 -18.08 31.22
CA SER C 123 19.90 -18.28 31.19
C SER C 123 19.42 -18.80 29.85
N ARG C 124 20.26 -18.84 28.83
CA ARG C 124 19.86 -19.34 27.53
C ARG C 124 19.73 -20.86 27.50
N LEU C 125 19.94 -21.52 28.63
CA LEU C 125 19.68 -22.95 28.72
C LEU C 125 18.22 -23.25 28.96
N THR C 126 17.41 -22.23 29.27
CA THR C 126 15.99 -22.44 29.49
C THR C 126 15.27 -22.71 28.18
N GLU C 127 15.74 -22.15 27.08
CA GLU C 127 15.10 -22.36 25.78
C GLU C 127 15.68 -23.64 25.19
N GLY C 128 15.14 -24.76 25.66
CA GLY C 128 15.55 -26.06 25.18
C GLY C 128 14.48 -27.09 25.46
N ARG C 129 14.65 -28.25 24.82
CA ARG C 129 13.76 -29.37 25.07
C ARG C 129 13.82 -29.80 26.53
N GLN C 130 12.89 -30.66 26.90
CA GLN C 130 12.84 -31.18 28.27
C GLN C 130 14.16 -31.85 28.61
N THR C 131 14.69 -31.53 29.79
CA THR C 131 15.97 -32.05 30.24
C THR C 131 15.82 -32.79 31.56
N TYR C 132 16.49 -33.93 31.65
CA TYR C 132 16.49 -34.76 32.84
C TYR C 132 16.93 -33.95 34.05
N ASP C 133 16.27 -34.18 35.18
CA ASP C 133 16.62 -33.54 36.45
C ASP C 133 17.37 -34.51 37.33
N TRP C 134 18.50 -34.07 37.87
CA TRP C 134 19.37 -34.92 38.65
C TRP C 134 19.06 -34.87 40.14
N THR C 135 17.86 -34.44 40.53
CA THR C 135 17.43 -34.40 41.92
C THR C 135 16.20 -35.24 42.15
N SER C 136 15.13 -34.99 41.40
CA SER C 136 13.92 -35.80 41.45
C SER C 136 13.97 -37.00 40.52
N GLU C 137 14.94 -37.05 39.60
CA GLU C 137 15.06 -38.15 38.65
C GLU C 137 13.84 -38.21 37.74
N ARG C 138 13.56 -37.08 37.09
CA ARG C 138 12.44 -37.00 36.16
C ARG C 138 12.74 -35.93 35.11
N ASN C 139 12.09 -36.07 33.97
CA ASN C 139 12.20 -35.08 32.91
C ASN C 139 11.43 -33.84 33.31
N MET C 140 12.01 -32.68 33.01
CA MET C 140 11.42 -31.42 33.46
C MET C 140 11.85 -30.30 32.54
N PRO C 141 11.01 -29.30 32.33
CA PRO C 141 11.41 -28.19 31.46
C PRO C 141 12.74 -27.62 31.89
N ALA C 142 13.45 -26.97 30.97
CA ALA C 142 14.81 -26.55 31.27
C ALA C 142 14.86 -25.55 32.41
N ALA C 143 13.90 -24.62 32.46
CA ALA C 143 13.95 -23.54 33.44
C ALA C 143 13.91 -24.09 34.87
N THR C 144 12.99 -25.01 35.14
CA THR C 144 12.87 -25.55 36.50
C THR C 144 14.13 -26.30 36.91
N ALA C 145 14.73 -27.05 35.98
CA ALA C 145 15.96 -27.77 36.30
C ALA C 145 17.10 -26.80 36.59
N LEU C 146 17.18 -25.72 35.82
CA LEU C 146 18.22 -24.72 36.05
C LEU C 146 18.05 -24.08 37.42
N GLN C 147 16.82 -23.71 37.76
CA GLN C 147 16.56 -23.11 39.06
C GLN C 147 16.91 -24.08 40.18
N LEU C 148 16.55 -25.36 40.00
CA LEU C 148 16.86 -26.38 41.00
C LEU C 148 18.35 -26.54 41.21
N THR C 149 19.12 -26.57 40.13
CA THR C 149 20.56 -26.78 40.31
C THR C 149 21.24 -25.53 40.86
N VAL C 150 20.69 -24.34 40.59
CA VAL C 150 21.30 -23.15 41.17
C VAL C 150 20.90 -23.02 42.63
N ASP C 151 19.77 -23.60 43.02
CA ASP C 151 19.39 -23.61 44.42
C ASP C 151 20.23 -24.62 45.18
N ALA C 152 20.56 -25.74 44.53
CA ALA C 152 21.46 -26.71 45.15
C ALA C 152 22.83 -26.10 45.36
N ILE C 153 23.37 -25.43 44.34
CA ILE C 153 24.64 -24.71 44.50
C ILE C 153 24.55 -23.74 45.67
N LYS C 154 23.48 -22.94 45.73
CA LYS C 154 23.38 -21.92 46.77
C LYS C 154 23.34 -22.56 48.15
N GLU C 155 22.58 -23.65 48.30
CA GLU C 155 22.51 -24.33 49.59
C GLU C 155 23.84 -24.93 49.98
N THR C 156 24.60 -25.45 49.02
CA THR C 156 25.84 -26.15 49.34
C THR C 156 26.93 -25.25 49.89
N GLU C 157 27.45 -24.34 49.07
CA GLU C 157 28.60 -23.52 49.45
C GLU C 157 28.31 -22.03 49.50
N GLY C 158 27.45 -21.50 48.64
CA GLY C 158 27.22 -20.08 48.59
C GLY C 158 26.59 -19.64 47.29
N PRO C 159 25.87 -18.52 47.33
CA PRO C 159 25.10 -18.08 46.15
C PRO C 159 25.97 -18.01 44.91
N PHE C 160 25.40 -18.43 43.79
CA PHE C 160 26.08 -18.42 42.50
C PHE C 160 26.18 -16.97 42.03
N LYS C 161 27.36 -16.36 42.19
CA LYS C 161 27.57 -15.01 41.72
C LYS C 161 27.74 -14.94 40.20
N GLY C 162 28.04 -16.07 39.57
CA GLY C 162 28.26 -16.07 38.13
C GLY C 162 27.04 -15.57 37.37
N THR C 163 27.32 -15.08 36.16
CA THR C 163 26.27 -14.60 35.27
C THR C 163 26.50 -15.02 33.82
N THR C 164 27.52 -15.83 33.54
CA THR C 164 27.94 -16.11 32.18
C THR C 164 28.22 -17.59 32.04
N MET C 165 28.39 -18.01 30.78
CA MET C 165 28.52 -19.45 30.50
C MET C 165 29.81 -20.02 31.06
N LEU C 166 30.94 -19.32 30.85
CA LEU C 166 32.22 -19.86 31.30
C LEU C 166 32.21 -20.11 32.81
N GLU C 167 31.64 -19.17 33.58
CA GLU C 167 31.58 -19.34 35.02
C GLU C 167 30.72 -20.55 35.37
N TYR C 168 29.62 -20.72 34.65
CA TYR C 168 28.75 -21.86 34.90
C TYR C 168 29.47 -23.17 34.62
N CYS C 169 30.22 -23.24 33.52
CA CYS C 169 30.92 -24.48 33.18
C CYS C 169 32.01 -24.77 34.20
N ASN C 170 32.73 -23.75 34.67
CA ASN C 170 33.76 -24.00 35.66
C ASN C 170 33.12 -24.37 36.99
N LYS C 171 31.88 -23.95 37.22
CA LYS C 171 31.22 -24.30 38.46
C LYS C 171 30.71 -25.73 38.41
N MET C 172 30.28 -26.19 37.24
CA MET C 172 29.95 -27.60 37.09
C MET C 172 31.18 -28.48 37.27
N ILE C 173 32.32 -28.06 36.68
CA ILE C 173 33.54 -28.84 36.82
C ILE C 173 33.97 -28.91 38.28
N GLU C 174 33.83 -27.80 39.00
CA GLU C 174 34.12 -27.84 40.43
C GLU C 174 33.13 -28.75 41.15
N MET C 175 31.88 -28.74 40.73
CA MET C 175 30.86 -29.55 41.39
C MET C 175 31.14 -31.03 41.23
N LEU C 176 31.82 -31.43 40.16
CA LEU C 176 32.20 -32.83 40.02
C LEU C 176 33.18 -33.25 41.13
N ASP C 177 34.04 -32.32 41.56
CA ASP C 177 35.02 -32.66 42.59
C ASP C 177 34.39 -32.80 43.97
N TRP C 178 33.36 -32.00 44.26
CA TRP C 178 32.81 -31.93 45.61
C TRP C 178 32.40 -33.30 46.13
N LYS C 179 32.74 -33.57 47.38
CA LYS C 179 32.36 -34.82 48.01
C LYS C 179 30.85 -34.89 48.24
N GLU C 180 30.24 -33.77 48.64
CA GLU C 180 28.84 -33.74 49.02
C GLU C 180 28.13 -32.60 48.32
N ILE C 181 26.85 -32.81 48.03
CA ILE C 181 26.02 -31.83 47.33
C ILE C 181 24.64 -31.82 47.99
N LYS C 182 24.21 -30.66 48.45
CA LYS C 182 22.87 -30.50 48.99
C LYS C 182 21.91 -30.00 47.92
N PHE C 183 20.63 -30.31 48.11
CA PHE C 183 19.59 -29.88 47.19
C PHE C 183 18.24 -29.99 47.89
N LYS C 184 17.36 -29.07 47.58
CA LYS C 184 16.09 -28.96 48.30
C LYS C 184 15.13 -30.06 47.90
N LYS C 185 14.38 -30.55 48.88
CA LYS C 185 13.35 -31.56 48.65
C LYS C 185 12.46 -31.61 49.88
N VAL C 186 11.30 -32.23 49.73
CA VAL C 186 10.33 -32.31 50.80
C VAL C 186 10.92 -33.06 51.99
N ILE C 211 15.69 -32.33 51.78
CA ILE C 211 16.97 -31.66 51.90
C ILE C 211 18.04 -32.74 52.02
N ASP C 212 17.84 -33.81 51.25
CA ASP C 212 18.76 -34.94 51.24
C ASP C 212 20.14 -34.53 50.76
N SER C 213 21.14 -35.31 51.17
CA SER C 213 22.52 -35.13 50.77
C SER C 213 22.99 -36.40 50.08
N ILE C 214 23.95 -36.25 49.16
CA ILE C 214 24.42 -37.36 48.34
C ILE C 214 25.93 -37.27 48.20
N LYS C 215 26.59 -38.44 48.27
CA LYS C 215 28.02 -38.50 48.13
C LYS C 215 28.43 -38.27 46.68
N HIS C 216 29.74 -38.14 46.47
CA HIS C 216 30.27 -37.73 45.17
C HIS C 216 29.92 -38.71 44.05
N ASP C 217 29.87 -40.01 44.36
CA ASP C 217 29.71 -41.00 43.30
C ASP C 217 28.28 -41.00 42.74
N GLU C 218 27.29 -40.81 43.60
CA GLU C 218 25.92 -40.82 43.13
C GLU C 218 25.64 -39.61 42.24
N PHE C 219 26.21 -38.46 42.58
CA PHE C 219 26.02 -37.30 41.72
C PHE C 219 26.85 -37.41 40.46
N LEU C 220 28.00 -38.07 40.54
CA LEU C 220 28.78 -38.30 39.33
C LEU C 220 28.02 -39.15 38.34
N ILE C 221 27.36 -40.20 38.82
CA ILE C 221 26.52 -41.02 37.94
C ILE C 221 25.28 -40.24 37.49
N ARG C 222 24.67 -39.46 38.38
CA ARG C 222 23.43 -38.80 38.04
C ARG C 222 23.61 -37.66 37.05
N ALA C 223 24.81 -37.08 36.96
CA ALA C 223 25.02 -36.01 36.01
C ALA C 223 25.06 -36.55 34.59
N LEU C 224 25.76 -37.67 34.38
CA LEU C 224 25.92 -38.22 33.04
C LEU C 224 24.64 -38.87 32.53
N THR C 225 23.80 -39.37 33.44
CA THR C 225 22.63 -40.13 33.04
C THR C 225 21.79 -39.36 32.03
N ILE C 226 21.36 -40.06 31.00
CA ILE C 226 20.52 -39.51 29.93
C ILE C 226 19.22 -40.30 29.90
N ASN C 227 18.10 -39.60 30.01
CA ASN C 227 16.81 -40.28 29.95
C ASN C 227 16.34 -40.37 28.51
N THR C 228 15.12 -40.85 28.32
CA THR C 228 14.52 -40.95 27.00
C THR C 228 13.06 -40.54 27.06
N MET C 229 12.58 -40.04 25.92
CA MET C 229 11.19 -39.65 25.73
C MET C 229 10.73 -40.30 24.43
N ALA C 230 9.48 -40.78 24.42
CA ALA C 230 8.95 -41.52 23.29
C ALA C 230 8.23 -40.63 22.28
N LYS C 231 8.61 -39.36 22.18
CA LYS C 231 7.95 -38.44 21.27
C LYS C 231 8.23 -38.84 19.83
N ALA C 242 11.89 -42.51 19.45
CA ALA C 242 12.42 -42.08 20.73
C ALA C 242 13.31 -40.86 20.57
N ILE C 243 13.78 -40.32 21.69
CA ILE C 243 14.66 -39.16 21.68
C ILE C 243 15.27 -39.05 23.06
N ALA C 244 16.46 -38.44 23.13
CA ALA C 244 17.22 -38.41 24.36
C ALA C 244 16.83 -37.21 25.21
N THR C 245 17.27 -37.25 26.48
CA THR C 245 17.10 -36.14 27.41
C THR C 245 18.35 -36.07 28.27
N PRO C 246 19.37 -35.34 27.82
CA PRO C 246 20.62 -35.26 28.58
C PRO C 246 20.50 -34.39 29.81
N GLY C 247 21.38 -34.64 30.77
CA GLY C 247 21.36 -33.91 32.01
C GLY C 247 21.72 -32.45 31.82
N MET C 248 21.41 -31.65 32.83
CA MET C 248 21.74 -30.24 32.80
C MET C 248 23.25 -30.01 32.77
N ILE C 249 24.02 -30.92 33.39
CA ILE C 249 25.46 -30.74 33.47
C ILE C 249 26.08 -30.69 32.07
N VAL C 250 25.66 -31.60 31.19
CA VAL C 250 26.26 -31.68 29.86
C VAL C 250 25.81 -30.54 28.96
N ARG C 251 24.55 -30.11 29.11
CA ARG C 251 23.91 -29.16 28.20
C ARG C 251 24.80 -28.03 27.69
N PRO C 252 25.51 -27.28 28.53
CA PRO C 252 26.26 -26.12 28.00
C PRO C 252 27.41 -26.51 27.09
N PHE C 253 28.17 -27.55 27.44
CA PHE C 253 29.24 -28.00 26.56
C PHE C 253 28.68 -28.47 25.23
N SER C 254 27.54 -29.17 25.27
CA SER C 254 26.88 -29.56 24.04
C SER C 254 26.53 -28.33 23.20
N LYS C 255 26.07 -27.26 23.85
CA LYS C 255 25.78 -26.05 23.10
C LYS C 255 27.03 -25.49 22.46
N ILE C 256 28.15 -25.49 23.18
CA ILE C 256 29.39 -24.97 22.62
C ILE C 256 29.78 -25.76 21.36
N VAL C 257 29.79 -27.07 21.48
CA VAL C 257 30.19 -27.92 20.37
C VAL C 257 29.24 -27.73 19.18
N GLU C 258 27.94 -27.67 19.46
CA GLU C 258 26.99 -27.44 18.38
C GLU C 258 27.20 -26.08 17.75
N THR C 259 27.59 -25.08 18.53
CA THR C 259 27.81 -23.75 17.98
C THR C 259 28.96 -23.78 16.99
N VAL C 260 30.07 -24.40 17.37
CA VAL C 260 31.21 -24.46 16.45
C VAL C 260 30.84 -25.27 15.21
N ALA C 261 30.14 -26.39 15.39
CA ALA C 261 29.76 -27.22 14.25
C ALA C 261 28.82 -26.46 13.32
N GLN C 262 27.93 -25.64 13.87
CA GLN C 262 27.04 -24.84 13.05
C GLN C 262 27.82 -23.78 12.28
N LYS C 263 28.73 -23.08 12.96
CA LYS C 263 29.53 -22.07 12.30
C LYS C 263 30.33 -22.67 11.17
N ILE C 264 30.71 -23.95 11.30
CA ILE C 264 31.41 -24.63 10.22
C ILE C 264 30.43 -24.98 9.10
N CYS C 265 29.34 -25.67 9.44
CA CYS C 265 28.44 -26.20 8.42
C CYS C 265 27.90 -25.08 7.54
N GLU C 266 27.55 -23.94 8.13
CA GLU C 266 26.99 -22.86 7.33
C GLU C 266 27.89 -22.51 6.15
N LYS C 267 29.21 -22.62 6.33
CA LYS C 267 30.14 -22.29 5.26
C LYS C 267 30.07 -23.32 4.15
N LEU C 268 29.94 -24.59 4.51
CA LEU C 268 30.02 -25.66 3.51
C LEU C 268 28.85 -25.59 2.54
N LYS C 269 29.16 -25.86 1.27
CA LYS C 269 28.17 -25.82 0.20
C LYS C 269 27.60 -27.20 -0.11
N GLU C 270 28.06 -28.23 0.58
CA GLU C 270 27.61 -29.60 0.38
C GLU C 270 26.74 -30.10 1.53
N SER C 271 26.08 -29.18 2.23
CA SER C 271 25.21 -29.55 3.34
C SER C 271 23.91 -28.77 3.25
N GLY C 272 22.89 -29.30 3.93
CA GLY C 272 21.58 -28.69 3.92
C GLY C 272 20.84 -28.79 5.24
N LEU C 273 21.57 -28.91 6.35
CA LEU C 273 20.92 -29.06 7.64
C LEU C 273 20.49 -27.73 8.26
N PRO C 274 21.36 -26.74 8.35
CA PRO C 274 20.91 -25.44 8.89
C PRO C 274 19.84 -24.80 8.04
N VAL C 275 19.98 -24.92 6.72
CA VAL C 275 19.09 -24.29 5.75
C VAL C 275 17.78 -25.04 5.71
N GLY C 276 16.76 -24.44 5.09
CA GLY C 276 15.49 -25.11 4.92
C GLY C 276 14.72 -24.57 3.72
N GLY C 277 13.81 -25.40 3.23
CA GLY C 277 12.92 -24.98 2.17
C GLY C 277 13.63 -24.66 0.88
N ASN C 278 13.52 -23.40 0.45
CA ASN C 278 14.00 -23.01 -0.87
C ASN C 278 15.51 -23.19 -1.02
N GLU C 279 16.27 -22.93 0.05
CA GLU C 279 17.71 -22.90 -0.07
C GLU C 279 18.27 -24.20 -0.62
N LYS C 280 17.80 -25.34 -0.09
CA LYS C 280 18.35 -26.61 -0.51
C LYS C 280 17.93 -26.96 -1.93
N LYS C 281 16.74 -26.53 -2.34
CA LYS C 281 16.34 -26.69 -3.73
C LYS C 281 17.30 -25.95 -4.66
N ALA C 282 17.61 -24.69 -4.31
CA ALA C 282 18.55 -23.93 -5.11
C ALA C 282 19.92 -24.59 -5.14
N LYS C 283 20.36 -25.10 -3.99
CA LYS C 283 21.63 -25.81 -3.94
C LYS C 283 21.64 -26.96 -4.94
N LEU C 284 20.60 -27.81 -4.88
CA LEU C 284 20.55 -28.97 -5.76
C LEU C 284 20.53 -28.55 -7.22
N LYS C 285 19.78 -27.50 -7.54
CA LYS C 285 19.69 -27.08 -8.94
C LYS C 285 21.03 -26.58 -9.45
N THR C 286 21.73 -25.76 -8.66
CA THR C 286 23.05 -25.29 -9.06
C THR C 286 24.01 -26.46 -9.20
N THR C 287 23.93 -27.43 -8.29
CA THR C 287 24.80 -28.60 -8.37
C THR C 287 24.56 -29.35 -9.67
N VAL C 288 23.29 -29.51 -10.05
CA VAL C 288 22.97 -30.25 -11.27
C VAL C 288 23.47 -29.50 -12.50
N THR C 289 23.34 -28.17 -12.52
CA THR C 289 23.89 -27.41 -13.65
C THR C 289 25.40 -27.62 -13.74
N SER C 290 26.09 -27.48 -12.61
CA SER C 290 27.52 -27.71 -12.58
C SER C 290 27.87 -29.09 -13.12
N LEU C 291 27.11 -30.10 -12.70
CA LEU C 291 27.37 -31.46 -13.17
C LEU C 291 27.22 -31.55 -14.69
N ASN C 292 26.04 -31.15 -15.19
CA ASN C 292 25.79 -31.28 -16.62
C ASN C 292 26.78 -30.49 -17.45
N ALA C 293 27.47 -29.52 -16.86
CA ALA C 293 28.51 -28.83 -17.61
C ALA C 293 29.87 -29.50 -17.49
N ARG C 294 30.25 -29.96 -16.30
CA ARG C 294 31.59 -30.52 -16.11
C ARG C 294 31.80 -31.82 -16.88
N MET C 295 30.82 -32.71 -16.86
CA MET C 295 31.03 -34.06 -17.39
C MET C 295 31.38 -34.01 -18.87
N ASN C 296 32.25 -34.93 -19.27
CA ASN C 296 32.65 -35.07 -20.67
C ASN C 296 31.56 -35.79 -21.46
N SER C 297 31.66 -35.67 -22.79
CA SER C 297 30.67 -36.31 -23.65
C SER C 297 30.67 -37.82 -23.45
N ASP C 298 31.85 -38.42 -23.34
CA ASP C 298 31.94 -39.86 -23.08
C ASP C 298 31.35 -40.20 -21.72
N GLN C 299 31.56 -39.33 -20.73
CA GLN C 299 31.07 -39.59 -19.39
C GLN C 299 29.55 -39.48 -19.33
N PHE C 300 28.97 -40.08 -18.30
CA PHE C 300 27.54 -40.02 -18.06
C PHE C 300 27.28 -40.07 -16.56
N ALA C 301 26.38 -39.21 -16.10
CA ALA C 301 26.10 -39.05 -14.68
C ALA C 301 25.10 -40.08 -14.19
N VAL C 302 25.05 -40.21 -12.85
CA VAL C 302 24.07 -41.05 -12.17
C VAL C 302 23.69 -40.36 -10.86
N ASN C 303 22.56 -40.78 -10.29
CA ASN C 303 22.11 -40.30 -8.99
C ASN C 303 21.85 -41.49 -8.09
N ILE C 304 21.95 -41.23 -6.80
CA ILE C 304 21.64 -42.22 -5.77
C ILE C 304 21.02 -41.53 -4.57
N THR C 305 19.73 -41.78 -4.34
CA THR C 305 19.04 -41.42 -3.12
C THR C 305 19.42 -42.37 -2.01
N GLY C 306 20.16 -41.89 -1.02
CA GLY C 306 20.65 -42.69 0.07
C GLY C 306 19.99 -42.32 1.39
N ASP C 307 19.84 -43.33 2.24
CA ASP C 307 19.22 -43.19 3.56
C ASP C 307 20.06 -44.05 4.51
N ASN C 308 21.03 -43.41 5.16
CA ASN C 308 21.92 -44.12 6.05
C ASN C 308 21.13 -44.84 7.14
N SER C 309 21.73 -45.88 7.69
CA SER C 309 21.10 -46.69 8.71
C SER C 309 21.93 -46.66 9.99
N LYS C 310 21.24 -46.71 11.12
CA LYS C 310 21.90 -46.77 12.41
C LYS C 310 22.82 -45.58 12.63
N TRP C 311 22.50 -44.46 11.98
CA TRP C 311 23.27 -43.23 12.09
C TRP C 311 23.79 -43.03 13.51
N ASN C 312 22.87 -42.96 14.47
CA ASN C 312 23.25 -42.68 15.85
C ASN C 312 24.02 -43.83 16.47
N GLU C 313 23.58 -45.06 16.22
CA GLU C 313 24.23 -46.20 16.87
C GLU C 313 25.69 -46.33 16.47
N CYS C 314 26.03 -45.99 15.22
CA CYS C 314 27.37 -46.21 14.71
C CYS C 314 28.29 -45.02 14.86
N GLN C 315 27.76 -43.84 15.13
CA GLN C 315 28.61 -42.69 15.43
C GLN C 315 29.26 -42.85 16.80
N GLN C 316 30.54 -42.56 16.85
CA GLN C 316 31.32 -42.64 18.06
C GLN C 316 31.75 -41.25 18.52
N PRO C 317 31.70 -40.98 19.82
CA PRO C 317 32.17 -39.67 20.32
C PRO C 317 33.67 -39.60 20.48
N GLU C 318 34.39 -40.71 20.35
CA GLU C 318 35.84 -40.70 20.46
C GLU C 318 36.46 -40.14 19.20
N ALA C 319 35.92 -40.53 18.04
CA ALA C 319 36.33 -39.90 16.79
C ALA C 319 36.00 -38.42 16.82
N TYR C 320 34.87 -38.05 17.40
CA TYR C 320 34.55 -36.64 17.57
C TYR C 320 35.58 -35.95 18.45
N LEU C 321 36.03 -36.64 19.51
CA LEU C 321 37.04 -36.06 20.39
C LEU C 321 38.33 -35.78 19.63
N ALA C 322 38.83 -36.78 18.89
CA ALA C 322 40.04 -36.58 18.11
C ALA C 322 39.86 -35.49 17.05
N LEU C 323 38.68 -35.45 16.42
CA LEU C 323 38.44 -34.46 15.39
C LEU C 323 38.41 -33.06 15.97
N LEU C 324 37.74 -32.88 17.10
CA LEU C 324 37.71 -31.59 17.76
C LEU C 324 39.10 -31.18 18.23
N ALA C 325 39.93 -32.16 18.57
CA ALA C 325 41.33 -31.87 18.91
C ALA C 325 42.08 -31.36 17.68
N TYR C 326 41.89 -32.01 16.53
CA TYR C 326 42.56 -31.57 15.31
C TYR C 326 42.10 -30.18 14.90
N ILE C 327 40.80 -29.93 14.99
CA ILE C 327 40.27 -28.62 14.62
C ILE C 327 40.85 -27.55 15.52
N THR C 328 40.92 -27.84 16.82
CA THR C 328 41.44 -26.91 17.81
C THR C 328 42.93 -27.20 18.06
N LYS C 329 43.74 -26.99 17.02
CA LYS C 329 45.17 -27.20 17.13
C LYS C 329 45.96 -25.90 17.17
N ASP C 330 45.39 -24.81 16.64
CA ASP C 330 46.03 -23.51 16.62
C ASP C 330 45.29 -22.47 17.44
N SER C 331 44.00 -22.66 17.68
CA SER C 331 43.18 -21.67 18.35
C SER C 331 43.53 -21.61 19.83
N SER C 332 43.03 -20.55 20.48
CA SER C 332 43.26 -20.31 21.89
C SER C 332 43.12 -21.58 22.72
N ASP C 333 44.05 -21.75 23.66
CA ASP C 333 44.03 -22.89 24.57
C ASP C 333 42.71 -23.03 25.31
N LEU C 334 41.92 -21.96 25.37
CA LEU C 334 40.66 -22.01 26.11
C LEU C 334 39.65 -22.94 25.44
N MET C 335 39.48 -22.83 24.13
CA MET C 335 38.50 -23.66 23.44
C MET C 335 38.90 -25.12 23.45
N LYS C 336 40.20 -25.41 23.53
CA LYS C 336 40.67 -26.79 23.46
C LYS C 336 40.07 -27.62 24.58
N ASP C 337 40.13 -27.10 25.81
CA ASP C 337 39.57 -27.83 26.95
C ASP C 337 38.04 -27.85 26.90
N LEU C 338 37.43 -26.69 26.61
CA LEU C 338 35.98 -26.59 26.73
C LEU C 338 35.28 -27.54 25.76
N CYS C 339 35.76 -27.60 24.52
CA CYS C 339 35.14 -28.47 23.53
C CYS C 339 35.32 -29.93 23.86
N SER C 340 36.49 -30.30 24.38
CA SER C 340 36.81 -31.69 24.65
C SER C 340 35.93 -32.33 25.71
N VAL C 341 35.19 -31.55 26.50
CA VAL C 341 34.47 -32.13 27.63
C VAL C 341 33.31 -32.99 27.15
N ALA C 342 32.43 -32.41 26.32
CA ALA C 342 31.21 -33.10 25.95
C ALA C 342 31.47 -34.45 25.32
N PRO C 343 32.46 -34.62 24.45
CA PRO C 343 32.73 -35.96 23.93
C PRO C 343 33.08 -36.97 25.01
N VAL C 344 33.89 -36.62 25.99
CA VAL C 344 34.24 -37.58 27.03
C VAL C 344 33.02 -37.88 27.89
N LEU C 345 32.21 -36.86 28.18
CA LEU C 345 31.02 -37.07 29.00
C LEU C 345 30.07 -38.01 28.29
N PHE C 346 29.93 -37.87 26.98
CA PHE C 346 29.10 -38.77 26.21
C PHE C 346 29.74 -40.15 26.10
N CYS C 347 31.07 -40.21 26.10
CA CYS C 347 31.79 -41.47 26.07
C CYS C 347 31.78 -42.20 27.41
N ASN C 348 31.22 -41.59 28.44
CA ASN C 348 31.04 -42.27 29.73
C ASN C 348 29.58 -42.28 30.15
N LYS C 349 28.68 -41.99 29.21
CA LYS C 349 27.26 -41.83 29.51
C LYS C 349 26.60 -43.14 29.93
N PHE C 350 25.72 -43.03 30.93
CA PHE C 350 24.78 -44.06 31.29
C PHE C 350 23.48 -43.83 30.51
N VAL C 351 22.65 -44.87 30.43
CA VAL C 351 21.34 -44.76 29.80
C VAL C 351 20.30 -45.39 30.71
N LYS C 352 19.25 -44.63 31.01
CA LYS C 352 18.25 -45.08 31.97
C LYS C 352 17.22 -45.99 31.33
N LEU C 353 16.88 -47.07 32.03
CA LEU C 353 15.81 -47.97 31.63
C LEU C 353 14.52 -47.54 32.32
N GLY C 354 13.44 -47.46 31.55
CA GLY C 354 12.21 -46.87 32.06
C GLY C 354 10.98 -47.77 32.09
N GLN C 355 10.34 -47.82 33.26
CA GLN C 355 9.03 -48.41 33.52
C GLN C 355 9.10 -49.93 33.69
N GLY C 356 10.24 -50.56 33.46
CA GLY C 356 10.38 -51.99 33.71
C GLY C 356 9.35 -52.87 33.05
N ILE C 357 9.34 -54.15 33.43
CA ILE C 357 8.40 -55.12 32.89
C ILE C 357 7.12 -55.12 33.70
N ARG C 358 6.08 -55.76 33.17
CA ARG C 358 4.80 -55.91 33.83
C ARG C 358 4.49 -57.40 33.95
N LEU C 359 4.01 -57.81 35.12
CA LEU C 359 3.63 -59.19 35.38
C LEU C 359 2.12 -59.29 35.44
N SER C 360 1.61 -60.51 35.21
CA SER C 360 0.18 -60.72 35.14
C SER C 360 -0.12 -62.20 35.26
N ASN C 361 -1.39 -62.50 35.51
CA ASN C 361 -1.88 -63.87 35.59
C ASN C 361 -2.53 -64.25 34.26
N LYS C 362 -3.09 -65.46 34.22
CA LYS C 362 -3.71 -65.95 33.00
C LYS C 362 -4.95 -65.14 32.65
N ARG C 363 -5.91 -65.09 33.58
CA ARG C 363 -7.14 -64.36 33.34
C ARG C 363 -6.90 -62.86 33.19
N LYS C 364 -5.70 -62.37 33.50
CA LYS C 364 -5.33 -60.97 33.43
C LYS C 364 -6.09 -60.11 34.44
N THR C 365 -6.79 -60.72 35.38
CA THR C 365 -7.49 -59.95 36.41
C THR C 365 -6.51 -59.10 37.22
N LYS C 366 -5.57 -59.75 37.90
CA LYS C 366 -4.56 -59.03 38.65
C LYS C 366 -3.44 -58.56 37.71
N GLU C 367 -2.56 -57.72 38.24
CA GLU C 367 -1.45 -57.22 37.46
C GLU C 367 -0.40 -56.55 38.35
N VAL C 368 0.86 -56.99 38.22
CA VAL C 368 1.96 -56.43 38.99
C VAL C 368 2.80 -55.53 38.09
N ILE C 369 3.37 -54.50 38.68
CA ILE C 369 4.25 -53.58 37.98
C ILE C 369 5.62 -53.63 38.66
N ILE C 370 6.66 -53.59 37.84
CA ILE C 370 8.03 -53.75 38.30
C ILE C 370 8.92 -52.77 37.55
N LYS C 371 9.84 -52.15 38.27
CA LYS C 371 10.70 -51.10 37.72
C LYS C 371 12.01 -51.71 37.25
N ALA C 372 12.80 -50.88 36.56
CA ALA C 372 14.05 -51.36 35.98
C ALA C 372 15.02 -51.84 37.05
N GLU C 373 15.02 -51.19 38.22
CA GLU C 373 15.96 -51.60 39.26
C GLU C 373 15.75 -53.04 39.71
N LYS C 374 14.51 -53.50 39.72
CA LYS C 374 14.20 -54.83 40.26
C LYS C 374 14.27 -55.93 39.20
N MET C 375 14.64 -55.61 37.97
CA MET C 375 14.62 -56.64 36.93
C MET C 375 15.52 -57.81 37.29
N GLY C 376 16.68 -57.54 37.88
CA GLY C 376 17.62 -58.61 38.17
C GLY C 376 17.02 -59.66 39.09
N LYS C 377 16.23 -59.22 40.06
CA LYS C 377 15.65 -60.15 41.03
C LYS C 377 14.78 -61.19 40.35
N TYR C 378 13.81 -60.73 39.56
CA TYR C 378 12.86 -61.62 38.89
C TYR C 378 13.34 -61.99 37.49
N LYS C 379 14.61 -62.40 37.38
CA LYS C 379 15.14 -62.82 36.09
C LYS C 379 14.41 -64.06 35.56
N ASN C 380 14.00 -64.95 36.46
CA ASN C 380 13.28 -66.15 36.03
C ASN C 380 11.94 -65.81 35.39
N LEU C 381 11.24 -64.83 35.94
CA LEU C 381 9.88 -64.50 35.49
C LEU C 381 9.93 -63.55 34.29
N MET C 382 10.46 -64.07 33.19
CA MET C 382 10.43 -63.33 31.93
C MET C 382 10.58 -64.31 30.79
N ARG C 383 10.05 -63.92 29.63
CA ARG C 383 10.13 -64.76 28.44
C ARG C 383 11.58 -65.04 28.09
N GLU C 384 11.79 -66.12 27.34
CA GLU C 384 13.15 -66.55 27.00
C GLU C 384 13.88 -65.48 26.20
N GLU C 385 13.20 -64.81 25.28
CA GLU C 385 13.84 -63.76 24.50
C GLU C 385 14.33 -62.62 25.39
N TYR C 386 13.47 -62.20 26.32
CA TYR C 386 13.83 -61.09 27.20
C TYR C 386 15.03 -61.47 28.07
N LYS C 387 15.04 -62.69 28.59
CA LYS C 387 16.19 -63.15 29.39
C LYS C 387 17.45 -63.19 28.56
N ASN C 388 17.37 -63.72 27.34
CA ASN C 388 18.56 -63.84 26.50
C ASN C 388 19.11 -62.46 26.17
N LEU C 389 18.23 -61.49 25.94
CA LEU C 389 18.67 -60.13 25.67
C LEU C 389 19.28 -59.48 26.92
N PHE C 390 18.68 -59.74 28.08
CA PHE C 390 19.11 -59.06 29.31
C PHE C 390 20.44 -59.59 29.84
N GLU C 391 20.65 -60.90 29.78
CA GLU C 391 21.79 -61.49 30.48
C GLU C 391 23.15 -60.98 30.04
N PRO C 392 23.42 -60.70 28.76
CA PRO C 392 24.74 -60.20 28.38
C PRO C 392 25.05 -58.81 28.89
N LEU C 393 24.04 -57.99 29.16
CA LEU C 393 24.26 -56.61 29.57
C LEU C 393 24.29 -56.43 31.09
N GLU C 394 24.11 -57.50 31.86
CA GLU C 394 24.02 -57.35 33.31
C GLU C 394 25.30 -56.73 33.87
N LYS C 395 26.45 -57.12 33.31
CA LYS C 395 27.72 -56.58 33.81
C LYS C 395 27.79 -55.08 33.62
N TYR C 396 27.36 -54.58 32.46
CA TYR C 396 27.33 -53.14 32.24
C TYR C 396 26.26 -52.48 33.10
N ILE C 397 25.13 -53.17 33.29
CA ILE C 397 24.00 -52.56 33.97
C ILE C 397 24.36 -52.17 35.39
N GLN C 398 23.96 -50.95 35.77
CA GLN C 398 23.98 -50.45 37.12
C GLN C 398 22.54 -50.12 37.48
N LYS C 399 22.27 -49.86 38.75
CA LYS C 399 20.88 -49.64 39.17
C LYS C 399 20.17 -48.66 38.26
N ASP C 400 19.15 -49.16 37.57
CA ASP C 400 18.29 -48.36 36.70
C ASP C 400 19.09 -47.53 35.69
N VAL C 401 20.18 -48.12 35.20
CA VAL C 401 21.03 -47.50 34.18
C VAL C 401 21.88 -48.57 33.54
N CYS C 402 22.35 -48.30 32.32
CA CYS C 402 23.23 -49.16 31.56
C CYS C 402 24.37 -48.29 31.05
N PHE C 403 25.55 -48.46 31.64
CA PHE C 403 26.73 -47.73 31.18
C PHE C 403 27.02 -48.09 29.74
N LEU C 404 27.10 -47.09 28.87
CA LEU C 404 27.40 -47.31 27.46
C LEU C 404 28.63 -46.49 27.08
N PRO C 405 29.79 -47.12 26.86
CA PRO C 405 31.02 -46.34 26.64
C PRO C 405 31.02 -45.52 25.37
N GLY C 406 30.08 -45.73 24.48
CA GLY C 406 30.05 -44.98 23.25
C GLY C 406 28.67 -44.95 22.66
N GLY C 407 28.62 -44.76 21.34
CA GLY C 407 27.37 -44.55 20.66
C GLY C 407 26.86 -43.13 20.81
N MET C 408 25.87 -42.80 19.97
CA MET C 408 25.20 -41.51 19.97
C MET C 408 23.72 -41.74 20.06
N LEU C 409 22.99 -40.71 20.48
CA LEU C 409 21.53 -40.76 20.50
C LEU C 409 20.94 -39.64 19.66
N MET C 410 19.65 -39.78 19.37
CA MET C 410 18.98 -38.87 18.45
C MET C 410 18.98 -37.44 18.94
N GLY C 411 19.24 -36.51 18.02
CA GLY C 411 19.12 -35.08 18.26
C GLY C 411 20.30 -34.42 18.95
N MET C 412 21.19 -35.19 19.57
CA MET C 412 22.29 -34.61 20.32
C MET C 412 23.29 -33.89 19.42
N PHE C 413 23.91 -34.62 18.48
CA PHE C 413 25.00 -34.09 17.66
C PHE C 413 24.69 -34.16 16.17
N ASN C 414 23.57 -33.55 15.76
CA ASN C 414 23.17 -33.64 14.36
C ASN C 414 24.20 -33.03 13.43
N MET C 415 24.68 -31.82 13.74
CA MET C 415 25.53 -31.11 12.78
C MET C 415 26.96 -31.65 12.72
N LEU C 416 27.42 -32.30 13.77
CA LEU C 416 28.79 -32.81 13.74
C LEU C 416 28.86 -34.07 12.90
N SER C 417 27.76 -34.83 12.88
CA SER C 417 27.67 -35.97 11.98
C SER C 417 27.52 -35.50 10.54
N THR C 418 26.82 -34.39 10.34
CA THR C 418 26.71 -33.82 9.00
C THR C 418 28.08 -33.41 8.48
N VAL C 419 28.91 -32.81 9.33
CA VAL C 419 30.28 -32.48 8.91
C VAL C 419 31.05 -33.74 8.59
N LEU C 420 31.01 -34.71 9.50
CA LEU C 420 31.75 -35.95 9.28
C LEU C 420 31.34 -36.62 7.98
N GLY C 421 30.05 -36.52 7.62
CA GLY C 421 29.58 -37.16 6.41
C GLY C 421 29.89 -36.37 5.17
N VAL C 422 29.87 -35.04 5.26
CA VAL C 422 30.30 -34.21 4.15
C VAL C 422 31.76 -34.46 3.84
N SER C 423 32.52 -34.91 4.83
CA SER C 423 33.92 -35.22 4.58
C SER C 423 34.06 -36.27 3.48
N THR C 424 33.18 -37.25 3.45
CA THR C 424 33.29 -38.34 2.49
C THR C 424 33.11 -37.87 1.05
N LEU C 425 32.19 -36.92 0.84
CA LEU C 425 31.93 -36.46 -0.53
C LEU C 425 33.18 -35.81 -1.14
N CYS C 426 33.97 -35.11 -0.32
CA CYS C 426 35.16 -34.43 -0.82
C CYS C 426 36.22 -35.40 -1.34
N TYR C 427 36.29 -36.61 -0.78
CA TYR C 427 37.41 -37.51 -1.04
C TYR C 427 37.73 -37.59 -2.52
N MET C 428 39.02 -37.69 -2.83
CA MET C 428 39.51 -37.75 -4.20
C MET C 428 40.95 -38.24 -4.19
N ASP C 429 41.24 -39.23 -5.03
CA ASP C 429 42.55 -39.88 -5.06
C ASP C 429 42.98 -40.04 -6.50
N GLU C 430 44.25 -40.42 -6.70
CA GLU C 430 44.81 -40.53 -8.04
C GLU C 430 44.07 -41.57 -8.87
N GLU C 431 43.67 -42.68 -8.26
CA GLU C 431 43.07 -43.76 -9.04
C GLU C 431 41.81 -43.32 -9.75
N LEU C 432 40.93 -42.58 -9.06
CA LEU C 432 39.70 -42.15 -9.68
C LEU C 432 39.96 -41.21 -10.86
N LYS C 433 40.87 -40.26 -10.69
CA LYS C 433 41.15 -39.32 -11.78
C LYS C 433 41.82 -40.01 -12.95
N ALA C 434 42.62 -41.06 -12.68
CA ALA C 434 43.21 -41.83 -13.75
C ALA C 434 42.13 -42.51 -14.59
N LYS C 435 41.08 -43.00 -13.93
CA LYS C 435 39.98 -43.67 -14.62
C LYS C 435 38.89 -42.71 -15.09
N GLY C 436 38.99 -41.43 -14.76
CA GLY C 436 37.99 -40.47 -15.14
C GLY C 436 36.67 -40.67 -14.42
N CYS C 437 36.71 -40.67 -13.10
CA CYS C 437 35.53 -40.88 -12.27
C CYS C 437 35.53 -39.88 -11.14
N PHE C 438 34.36 -39.33 -10.81
CA PHE C 438 34.28 -38.43 -9.67
C PHE C 438 32.86 -38.39 -9.13
N TRP C 439 32.74 -38.37 -7.80
CA TRP C 439 31.45 -38.34 -7.13
C TRP C 439 31.33 -37.08 -6.29
N THR C 440 30.17 -36.43 -6.38
CA THR C 440 29.83 -35.31 -5.53
C THR C 440 28.47 -35.60 -4.92
N GLY C 441 27.97 -34.70 -4.09
CA GLY C 441 26.64 -34.92 -3.55
C GLY C 441 26.26 -33.88 -2.53
N LEU C 442 25.12 -34.14 -1.90
CA LEU C 442 24.56 -33.26 -0.87
C LEU C 442 23.98 -34.14 0.23
N GLN C 443 24.56 -34.07 1.41
CA GLN C 443 24.10 -34.83 2.57
C GLN C 443 23.54 -33.89 3.64
N SER C 444 22.37 -34.24 4.15
CA SER C 444 21.91 -33.78 5.45
C SER C 444 21.86 -34.98 6.40
N SER C 445 21.42 -34.73 7.62
CA SER C 445 21.53 -35.74 8.67
C SER C 445 20.85 -37.03 8.23
N ASP C 446 21.64 -38.10 8.19
CA ASP C 446 21.17 -39.47 7.88
C ASP C 446 20.38 -39.54 6.59
N ASP C 447 20.54 -38.57 5.68
CA ASP C 447 19.83 -38.61 4.41
C ASP C 447 20.69 -37.90 3.38
N PHE C 448 21.09 -38.60 2.31
CA PHE C 448 22.00 -37.97 1.37
C PHE C 448 21.56 -38.23 -0.06
N VAL C 449 22.27 -37.56 -0.95
CA VAL C 449 22.07 -37.66 -2.38
C VAL C 449 23.46 -37.69 -3.01
N LEU C 450 23.65 -38.60 -3.96
CA LEU C 450 24.95 -38.83 -4.57
C LEU C 450 24.83 -38.61 -6.05
N PHE C 451 25.87 -38.06 -6.65
CA PHE C 451 25.96 -37.77 -8.09
C PHE C 451 27.29 -38.35 -8.52
N ALA C 452 27.24 -39.52 -9.14
CA ALA C 452 28.44 -40.21 -9.58
C ALA C 452 28.67 -39.96 -11.07
N VAL C 453 29.94 -39.91 -11.46
CA VAL C 453 30.29 -39.71 -12.86
C VAL C 453 31.42 -40.65 -13.23
N ALA C 454 31.36 -41.15 -14.45
CA ALA C 454 32.32 -42.11 -15.01
C ALA C 454 32.05 -42.19 -16.50
N SER C 455 32.77 -43.11 -17.16
CA SER C 455 32.68 -43.30 -18.60
C SER C 455 32.03 -44.63 -18.97
N ASN C 456 31.87 -45.54 -18.02
CA ASN C 456 31.33 -46.87 -18.28
C ASN C 456 30.70 -47.41 -17.00
N TRP C 457 29.73 -48.30 -17.16
CA TRP C 457 29.04 -48.84 -15.99
C TRP C 457 29.99 -49.63 -15.11
N SER C 458 30.92 -50.37 -15.72
CA SER C 458 31.89 -51.12 -14.94
C SER C 458 32.65 -50.20 -13.99
N ASN C 459 32.83 -48.94 -14.38
CA ASN C 459 33.48 -47.97 -13.53
C ASN C 459 32.51 -47.26 -12.59
N ILE C 460 31.24 -47.10 -12.99
CA ILE C 460 30.24 -46.57 -12.07
C ILE C 460 30.14 -47.45 -10.83
N HIS C 461 30.02 -48.76 -11.05
CA HIS C 461 29.92 -49.68 -9.93
C HIS C 461 31.15 -49.60 -9.03
N TRP C 462 32.33 -49.55 -9.63
CA TRP C 462 33.57 -49.46 -8.87
C TRP C 462 33.63 -48.16 -8.07
N THR C 463 33.18 -47.06 -8.66
CA THR C 463 33.15 -45.78 -7.96
C THR C 463 32.25 -45.86 -6.74
N ILE C 464 31.06 -46.43 -6.92
CA ILE C 464 30.11 -46.54 -5.81
C ILE C 464 30.69 -47.42 -4.70
N ARG C 465 31.36 -48.51 -5.09
CA ARG C 465 31.96 -49.38 -4.09
C ARG C 465 33.06 -48.66 -3.33
N ARG C 466 33.85 -47.83 -4.02
CA ARG C 466 34.90 -47.06 -3.35
C ARG C 466 34.29 -46.10 -2.33
N PHE C 467 33.22 -45.41 -2.72
CA PHE C 467 32.53 -44.52 -1.79
C PHE C 467 32.04 -45.29 -0.57
N ASN C 468 31.41 -46.45 -0.79
CA ASN C 468 30.94 -47.27 0.32
C ASN C 468 32.08 -47.64 1.25
N ALA C 469 33.24 -47.96 0.69
CA ALA C 469 34.39 -48.33 1.51
C ALA C 469 34.84 -47.16 2.38
N VAL C 470 35.03 -45.99 1.76
CA VAL C 470 35.50 -44.85 2.54
C VAL C 470 34.50 -44.49 3.63
N CYS C 471 33.20 -44.70 3.37
CA CYS C 471 32.22 -44.42 4.40
C CYS C 471 32.26 -45.49 5.51
N LYS C 472 32.55 -46.73 5.15
CA LYS C 472 32.68 -47.78 6.16
C LYS C 472 33.89 -47.53 7.05
N LEU C 473 34.91 -46.85 6.54
CA LEU C 473 36.09 -46.61 7.35
C LEU C 473 35.83 -45.67 8.53
N ILE C 474 34.69 -45.00 8.56
CA ILE C 474 34.39 -44.06 9.64
C ILE C 474 33.02 -44.34 10.24
N GLY C 475 32.59 -45.59 10.19
CA GLY C 475 31.31 -45.96 10.76
C GLY C 475 30.12 -45.68 9.88
N ILE C 476 30.18 -44.60 9.09
CA ILE C 476 29.02 -44.23 8.28
C ILE C 476 28.70 -45.37 7.34
N ASN C 477 27.49 -45.90 7.45
CA ASN C 477 27.07 -47.04 6.67
C ASN C 477 26.13 -46.58 5.56
N MET C 478 25.48 -47.54 4.90
CA MET C 478 24.45 -47.23 3.93
C MET C 478 23.44 -48.37 3.91
N SER C 479 22.16 -48.00 3.90
CA SER C 479 21.10 -48.98 3.76
C SER C 479 21.00 -49.41 2.30
N LEU C 480 20.78 -50.70 2.09
CA LEU C 480 20.71 -51.25 0.75
C LEU C 480 19.29 -51.34 0.20
N GLU C 481 18.30 -51.36 1.07
CA GLU C 481 16.91 -51.49 0.65
C GLU C 481 16.26 -50.13 0.38
N LYS C 482 16.32 -49.23 1.35
CA LYS C 482 15.73 -47.91 1.21
C LYS C 482 16.51 -47.01 0.26
N SER C 483 17.70 -47.43 -0.17
CA SER C 483 18.56 -46.62 -1.02
C SER C 483 18.45 -47.13 -2.45
N TYR C 484 18.35 -46.20 -3.40
CA TYR C 484 18.23 -46.59 -4.79
C TYR C 484 18.86 -45.52 -5.67
N GLY C 485 19.03 -45.86 -6.95
CA GLY C 485 19.67 -44.96 -7.88
C GLY C 485 19.02 -45.00 -9.25
N SER C 486 19.46 -44.09 -10.10
CA SER C 486 18.91 -44.00 -11.45
C SER C 486 19.71 -43.01 -12.27
N LEU C 487 19.45 -43.01 -13.57
CA LEU C 487 20.02 -42.01 -14.45
C LEU C 487 19.47 -40.63 -14.08
N PRO C 488 20.16 -39.58 -14.50
CA PRO C 488 19.83 -38.22 -14.04
C PRO C 488 18.35 -37.84 -13.98
N GLU C 489 18.06 -36.94 -13.03
CA GLU C 489 16.75 -36.32 -12.87
C GLU C 489 15.68 -37.25 -12.31
N LEU C 490 16.03 -38.08 -11.33
CA LEU C 490 14.99 -38.80 -10.61
C LEU C 490 15.45 -39.22 -9.22
N PHE C 491 15.45 -38.27 -8.29
CA PHE C 491 15.90 -38.53 -6.92
C PHE C 491 14.89 -38.06 -5.90
N GLU C 492 15.24 -38.14 -4.63
CA GLU C 492 14.39 -37.70 -3.53
C GLU C 492 15.29 -37.30 -2.38
N PHE C 493 14.94 -36.21 -1.71
CA PHE C 493 15.78 -35.71 -0.63
C PHE C 493 14.89 -34.98 0.38
N THR C 494 14.68 -35.60 1.54
CA THR C 494 13.89 -35.02 2.62
C THR C 494 12.46 -34.73 2.17
N SER C 495 11.79 -35.77 1.69
CA SER C 495 10.38 -35.72 1.33
C SER C 495 10.12 -34.78 0.16
N MET C 496 11.14 -34.40 -0.59
CA MET C 496 10.99 -33.57 -1.78
C MET C 496 11.48 -34.36 -2.98
N PHE C 497 10.55 -34.75 -3.85
CA PHE C 497 10.85 -35.50 -5.05
C PHE C 497 11.19 -34.54 -6.18
N PHE C 498 12.16 -34.93 -7.00
CA PHE C 498 12.72 -34.05 -8.00
C PHE C 498 12.63 -34.65 -9.39
N ASP C 499 12.25 -33.78 -10.33
CA ASP C 499 12.23 -34.03 -11.75
C ASP C 499 12.50 -32.68 -12.40
N GLY C 500 12.14 -32.53 -13.67
CA GLY C 500 12.20 -31.21 -14.26
C GLY C 500 11.70 -30.13 -13.33
N GLU C 501 10.57 -30.41 -12.65
CA GLU C 501 10.02 -29.58 -11.60
C GLU C 501 10.28 -30.23 -10.23
N PHE C 502 9.65 -29.67 -9.19
CA PHE C 502 9.75 -30.21 -7.84
C PHE C 502 8.35 -30.20 -7.25
N VAL C 503 7.73 -31.37 -7.14
CA VAL C 503 6.36 -31.43 -6.66
C VAL C 503 6.33 -31.06 -5.19
N SER C 504 5.63 -29.98 -4.85
CA SER C 504 5.44 -29.64 -3.45
C SER C 504 4.66 -30.75 -2.77
N ASN C 505 5.14 -31.20 -1.61
CA ASN C 505 4.49 -32.33 -0.97
C ASN C 505 3.05 -32.01 -0.62
N LEU C 506 2.81 -30.80 -0.10
CA LEU C 506 1.49 -30.33 0.33
C LEU C 506 1.01 -31.08 1.56
N ALA C 507 1.08 -32.41 1.51
CA ALA C 507 0.75 -33.22 2.68
C ALA C 507 1.53 -32.77 3.89
N MET C 508 2.82 -32.48 3.72
CA MET C 508 3.66 -32.10 4.85
C MET C 508 3.10 -30.86 5.54
N GLU C 509 2.54 -29.94 4.76
CA GLU C 509 1.99 -28.69 5.29
C GLU C 509 0.51 -28.76 5.60
N LEU C 510 -0.12 -29.91 5.38
CA LEU C 510 -1.56 -30.03 5.66
C LEU C 510 -1.89 -29.88 7.14
N PRO C 511 -1.14 -30.45 8.08
CA PRO C 511 -1.45 -30.20 9.50
C PRO C 511 -1.40 -28.73 9.87
N ALA C 512 -0.60 -27.94 9.16
CA ALA C 512 -0.49 -26.52 9.46
C ALA C 512 -1.82 -25.78 9.27
N PHE C 513 -2.72 -26.32 8.44
CA PHE C 513 -4.03 -25.71 8.22
C PHE C 513 -5.00 -26.05 9.36
N THR C 514 -4.60 -25.68 10.57
CA THR C 514 -5.41 -25.93 11.75
C THR C 514 -5.33 -24.72 12.67
N THR C 515 -6.39 -24.52 13.45
CA THR C 515 -6.38 -23.45 14.43
C THR C 515 -5.41 -23.80 15.55
N ALA C 516 -4.38 -22.97 15.71
CA ALA C 516 -3.37 -23.23 16.75
C ALA C 516 -4.03 -23.46 18.09
N GLY C 517 -4.98 -22.61 18.45
CA GLY C 517 -5.63 -22.65 19.75
C GLY C 517 -4.87 -21.81 20.74
N VAL C 518 -4.64 -20.56 20.37
CA VAL C 518 -4.05 -19.56 21.25
C VAL C 518 -5.10 -18.61 21.77
N ASN C 519 -5.89 -18.03 20.87
CA ASN C 519 -6.96 -17.10 21.20
C ASN C 519 -7.74 -16.86 19.92
N GLU C 520 -8.76 -16.00 20.00
CA GLU C 520 -9.63 -15.78 18.85
C GLU C 520 -8.92 -14.98 17.77
N GLY C 521 -8.24 -13.91 18.15
CA GLY C 521 -7.56 -13.08 17.17
C GLY C 521 -6.41 -13.79 16.48
N VAL C 522 -5.59 -14.51 17.24
CA VAL C 522 -4.38 -15.11 16.71
C VAL C 522 -4.68 -16.21 15.69
N ASP C 523 -5.69 -17.04 15.95
CA ASP C 523 -5.85 -18.26 15.18
C ASP C 523 -6.13 -17.98 13.70
N PHE C 524 -7.10 -17.10 13.42
CA PHE C 524 -7.48 -16.86 12.03
C PHE C 524 -6.36 -16.18 11.26
N THR C 525 -5.71 -15.21 11.87
CA THR C 525 -4.61 -14.51 11.21
C THR C 525 -3.45 -15.46 10.94
N ALA C 526 -3.11 -16.31 11.91
CA ALA C 526 -2.03 -17.27 11.71
C ALA C 526 -2.37 -18.24 10.60
N ALA C 527 -3.61 -18.72 10.55
CA ALA C 527 -4.00 -19.63 9.48
C ALA C 527 -3.85 -18.96 8.13
N MET C 528 -4.32 -17.71 8.00
CA MET C 528 -4.20 -17.02 6.73
C MET C 528 -2.74 -16.83 6.34
N SER C 529 -1.89 -16.52 7.32
CA SER C 529 -0.47 -16.36 7.01
C SER C 529 0.15 -17.68 6.57
N ILE C 530 -0.25 -18.79 7.18
CA ILE C 530 0.24 -20.09 6.76
C ILE C 530 -0.17 -20.36 5.32
N ILE C 531 -1.40 -19.98 4.96
CA ILE C 531 -1.86 -20.18 3.60
C ILE C 531 -1.04 -19.33 2.65
N LYS C 532 -0.70 -18.11 3.07
CA LYS C 532 0.11 -17.24 2.23
C LYS C 532 1.48 -17.85 1.98
N THR C 533 2.13 -18.37 3.02
CA THR C 533 3.45 -18.96 2.84
C THR C 533 3.38 -20.19 1.96
N ASN C 534 2.41 -21.06 2.21
CA ASN C 534 2.28 -22.26 1.38
C ASN C 534 1.99 -21.89 -0.07
N MET C 535 1.30 -20.77 -0.28
CA MET C 535 1.03 -20.30 -1.62
C MET C 535 2.30 -19.83 -2.31
N ILE C 536 3.14 -19.08 -1.57
CA ILE C 536 4.33 -18.53 -2.19
C ILE C 536 5.36 -19.61 -2.49
N ASN C 537 5.55 -20.56 -1.58
CA ASN C 537 6.65 -21.51 -1.71
C ASN C 537 6.25 -22.85 -2.29
N ASN C 538 5.24 -23.49 -1.71
CA ASN C 538 4.81 -24.81 -2.17
C ASN C 538 3.84 -24.72 -3.35
N SER C 539 3.73 -23.55 -3.97
CA SER C 539 2.90 -23.35 -5.15
C SER C 539 1.48 -23.88 -4.94
N LEU C 540 0.92 -23.59 -3.78
CA LEU C 540 -0.47 -23.92 -3.52
C LEU C 540 -1.37 -23.11 -4.44
N SER C 541 -2.39 -23.75 -4.97
CA SER C 541 -3.28 -23.09 -5.91
C SER C 541 -4.18 -22.08 -5.22
N PRO C 542 -4.78 -21.16 -5.98
CA PRO C 542 -5.71 -20.21 -5.35
C PRO C 542 -6.99 -20.84 -4.85
N SER C 543 -7.56 -21.79 -5.60
CA SER C 543 -8.83 -22.38 -5.20
C SER C 543 -8.65 -23.28 -4.00
N THR C 544 -7.52 -23.99 -3.93
CA THR C 544 -7.21 -24.76 -2.74
C THR C 544 -7.06 -23.83 -1.54
N ALA C 545 -6.46 -22.66 -1.76
CA ALA C 545 -6.31 -21.69 -0.68
C ALA C 545 -7.67 -21.22 -0.19
N LEU C 546 -8.59 -20.91 -1.11
CA LEU C 546 -9.92 -20.49 -0.71
C LEU C 546 -10.64 -21.59 0.05
N MET C 547 -10.53 -22.83 -0.42
CA MET C 547 -11.20 -23.93 0.26
C MET C 547 -10.65 -24.13 1.67
N ALA C 548 -9.33 -24.06 1.81
CA ALA C 548 -8.74 -24.21 3.13
C ALA C 548 -9.11 -23.05 4.04
N LEU C 549 -9.21 -21.85 3.48
CA LEU C 549 -9.61 -20.69 4.27
C LEU C 549 -11.03 -20.86 4.79
N ARG C 550 -11.93 -21.37 3.94
CA ARG C 550 -13.29 -21.63 4.37
C ARG C 550 -13.35 -22.73 5.42
N ILE C 551 -12.52 -23.77 5.25
CA ILE C 551 -12.47 -24.84 6.23
C ILE C 551 -12.00 -24.31 7.56
N CYS C 552 -11.01 -23.40 7.55
CA CYS C 552 -10.50 -22.84 8.78
C CYS C 552 -11.51 -21.93 9.44
N LEU C 553 -12.27 -21.17 8.64
CA LEU C 553 -13.28 -20.31 9.24
C LEU C 553 -14.39 -21.12 9.88
N GLN C 554 -14.75 -22.26 9.29
CA GLN C 554 -15.82 -23.05 9.88
C GLN C 554 -15.35 -23.84 11.09
N GLU C 555 -14.11 -24.33 11.08
CA GLU C 555 -13.58 -24.98 12.27
C GLU C 555 -13.37 -23.98 13.39
N PHE C 556 -12.98 -22.74 13.06
CA PHE C 556 -12.88 -21.69 14.06
C PHE C 556 -14.24 -21.38 14.66
N ARG C 557 -15.25 -21.24 13.80
CA ARG C 557 -16.61 -21.00 14.30
C ARG C 557 -17.06 -22.13 15.21
N ALA C 558 -16.65 -23.36 14.90
CA ALA C 558 -17.11 -24.49 15.71
C ALA C 558 -16.36 -24.58 17.04
N THR C 559 -15.04 -24.34 17.03
CA THR C 559 -14.25 -24.52 18.24
C THR C 559 -14.65 -23.52 19.32
N TYR C 560 -14.69 -22.23 18.98
CA TYR C 560 -15.01 -21.19 19.93
C TYR C 560 -16.50 -20.99 20.12
N ARG C 561 -17.31 -21.95 19.67
CA ARG C 561 -18.75 -21.93 19.94
C ARG C 561 -19.39 -20.67 19.38
N VAL C 562 -18.91 -20.22 18.24
CA VAL C 562 -19.47 -19.06 17.56
C VAL C 562 -20.18 -19.54 16.31
N HIS C 563 -21.07 -18.69 15.80
CA HIS C 563 -21.80 -18.96 14.58
C HIS C 563 -22.30 -17.62 14.06
N PRO C 564 -22.78 -17.57 12.81
CA PRO C 564 -23.19 -16.28 12.24
C PRO C 564 -24.44 -15.75 12.93
N TRP C 565 -24.65 -14.45 12.77
CA TRP C 565 -25.84 -13.81 13.34
C TRP C 565 -27.12 -14.27 12.65
N ASP C 566 -27.08 -14.45 11.33
CA ASP C 566 -28.29 -14.77 10.59
C ASP C 566 -28.70 -16.23 10.75
N SER C 567 -27.80 -17.09 11.20
CA SER C 567 -28.13 -18.47 11.43
C SER C 567 -29.19 -18.58 12.54
N ARG C 568 -29.72 -19.79 12.72
CA ARG C 568 -30.75 -20.06 13.71
C ARG C 568 -30.21 -20.83 14.90
N VAL C 569 -28.89 -20.95 15.03
CA VAL C 569 -28.30 -21.72 16.12
C VAL C 569 -28.62 -21.07 17.46
N LYS C 570 -28.78 -21.89 18.47
CA LYS C 570 -28.98 -21.47 19.84
C LYS C 570 -27.81 -21.91 20.72
N GLY C 571 -27.66 -21.25 21.84
CA GLY C 571 -26.57 -21.52 22.75
C GLY C 571 -26.23 -20.27 23.54
N GLY C 572 -25.11 -20.35 24.24
CA GLY C 572 -24.70 -19.27 25.11
C GLY C 572 -24.42 -17.97 24.37
N ARG C 573 -23.33 -17.93 23.61
CA ARG C 573 -22.91 -16.68 22.99
C ARG C 573 -23.96 -16.17 22.02
N MET C 574 -24.55 -17.08 21.24
CA MET C 574 -25.45 -16.67 20.16
C MET C 574 -26.68 -15.98 20.72
N LYS C 575 -27.17 -16.46 21.87
CA LYS C 575 -28.40 -15.91 22.44
C LYS C 575 -28.22 -14.43 22.78
N ILE C 576 -27.15 -14.09 23.49
CA ILE C 576 -26.91 -12.69 23.85
C ILE C 576 -26.55 -11.89 22.59
N ILE C 577 -25.85 -12.51 21.65
CA ILE C 577 -25.58 -11.83 20.39
C ILE C 577 -26.89 -11.38 19.76
N ASN C 578 -27.86 -12.28 19.70
CA ASN C 578 -29.16 -11.92 19.13
C ASN C 578 -29.86 -10.88 19.98
N GLU C 579 -29.68 -10.96 21.30
CA GLU C 579 -30.33 -10.01 22.20
C GLU C 579 -29.90 -8.58 21.88
N PHE C 580 -28.61 -8.36 21.71
CA PHE C 580 -28.09 -7.01 21.46
C PHE C 580 -27.75 -6.74 20.00
N ILE C 581 -28.11 -7.64 19.08
CA ILE C 581 -27.78 -7.45 17.68
C ILE C 581 -28.46 -6.22 17.10
N LYS C 582 -29.67 -5.92 17.56
CA LYS C 582 -30.43 -4.83 16.96
C LYS C 582 -29.66 -3.52 16.99
N THR C 583 -28.89 -3.30 18.05
CA THR C 583 -28.11 -2.07 18.17
C THR C 583 -27.16 -1.89 16.99
N ILE C 584 -26.61 -2.98 16.49
CA ILE C 584 -25.57 -2.93 15.46
C ILE C 584 -26.19 -2.39 14.18
N GLU C 585 -25.84 -1.16 13.82
CA GLU C 585 -26.35 -0.56 12.58
C GLU C 585 -25.70 -1.20 11.35
N ASN C 586 -24.38 -1.34 11.36
CA ASN C 586 -23.63 -1.81 10.21
C ASN C 586 -23.24 -3.26 10.44
N LYS C 587 -23.87 -4.17 9.69
CA LYS C 587 -23.58 -5.59 9.83
C LYS C 587 -22.19 -5.94 9.33
N ASP C 588 -21.71 -5.25 8.30
CA ASP C 588 -20.47 -5.67 7.64
C ASP C 588 -19.30 -5.70 8.62
N GLY C 589 -19.17 -4.67 9.45
CA GLY C 589 -18.01 -4.57 10.33
C GLY C 589 -17.97 -5.60 11.43
N LEU C 590 -19.03 -6.36 11.60
CA LEU C 590 -19.13 -7.31 12.70
C LEU C 590 -18.00 -8.32 12.65
N LEU C 591 -17.38 -8.58 13.81
CA LEU C 591 -16.27 -9.50 13.88
C LEU C 591 -16.76 -10.94 13.82
N ILE C 592 -15.88 -11.83 13.33
CA ILE C 592 -16.27 -13.22 13.13
C ILE C 592 -16.65 -13.87 14.45
N ALA C 593 -15.90 -13.59 15.50
CA ALA C 593 -16.26 -14.12 16.82
C ALA C 593 -17.57 -13.53 17.30
N ASP C 594 -17.85 -12.28 16.95
CA ASP C 594 -19.11 -11.63 17.30
C ASP C 594 -20.02 -11.57 16.07
N GLY C 595 -20.52 -12.75 15.68
CA GLY C 595 -21.50 -12.85 14.62
C GLY C 595 -21.15 -12.08 13.37
N GLY C 596 -19.94 -12.26 12.84
CA GLY C 596 -19.50 -11.56 11.67
C GLY C 596 -19.64 -12.36 10.38
N LYS C 597 -19.15 -11.75 9.30
CA LYS C 597 -19.13 -12.35 7.98
C LYS C 597 -17.73 -12.24 7.41
N LEU C 598 -17.43 -13.12 6.45
CA LEU C 598 -16.10 -13.20 5.87
C LEU C 598 -15.88 -12.04 4.90
N MET C 599 -14.91 -11.18 5.21
CA MET C 599 -14.47 -10.13 4.30
C MET C 599 -12.96 -10.29 4.16
N ASN C 600 -12.55 -11.35 3.46
CA ASN C 600 -11.16 -11.65 3.21
C ASN C 600 -11.07 -12.65 2.08
N ASN C 601 -10.01 -12.56 1.28
CA ASN C 601 -9.89 -13.40 0.10
C ASN C 601 -8.42 -13.63 -0.18
N ILE C 602 -8.13 -14.13 -1.38
CA ILE C 602 -6.76 -14.44 -1.76
C ILE C 602 -5.90 -13.19 -1.75
N SER C 603 -6.45 -12.07 -2.22
CA SER C 603 -5.73 -10.80 -2.28
C SER C 603 -5.70 -10.05 -0.95
N THR C 604 -6.28 -10.59 0.12
CA THR C 604 -6.34 -9.91 1.40
C THR C 604 -5.99 -10.86 2.52
N LEU C 605 -5.07 -11.79 2.26
CA LEU C 605 -4.62 -12.73 3.28
C LEU C 605 -3.57 -12.12 4.19
N HIS C 606 -2.89 -11.07 3.74
CA HIS C 606 -1.87 -10.38 4.52
C HIS C 606 -2.43 -9.20 5.30
N ILE C 607 -3.72 -9.24 5.63
CA ILE C 607 -4.39 -8.17 6.35
C ILE C 607 -5.40 -8.78 7.31
N PRO C 608 -5.25 -8.59 8.62
CA PRO C 608 -6.25 -9.13 9.54
C PRO C 608 -7.61 -8.49 9.32
N GLU C 609 -8.65 -9.23 9.73
CA GLU C 609 -10.01 -8.75 9.52
C GLU C 609 -10.27 -7.48 10.31
N GLU C 610 -9.72 -7.38 11.53
CA GLU C 610 -9.95 -6.21 12.36
C GLU C 610 -9.60 -4.93 11.62
N VAL C 611 -8.71 -5.01 10.63
CA VAL C 611 -8.29 -3.82 9.89
C VAL C 611 -9.21 -3.52 8.73
N LEU C 612 -9.62 -4.55 7.98
CA LEU C 612 -10.49 -4.33 6.84
C LEU C 612 -11.85 -3.81 7.28
N LYS C 613 -12.33 -4.27 8.43
CA LYS C 613 -13.66 -3.97 8.94
C LYS C 613 -13.69 -2.71 9.79
N PHE C 614 -12.55 -2.02 9.95
CA PHE C 614 -12.46 -0.92 10.90
C PHE C 614 -13.41 0.23 10.54
N GLU C 615 -13.45 0.62 9.27
CA GLU C 615 -14.24 1.78 8.88
C GLU C 615 -15.72 1.55 9.14
N LYS C 616 -16.23 0.39 8.76
CA LYS C 616 -17.65 0.12 8.88
C LYS C 616 -18.08 -0.08 10.33
N MET C 617 -17.19 -0.59 11.18
CA MET C 617 -17.57 -0.88 12.56
C MET C 617 -18.23 0.33 13.20
N ASP C 618 -19.30 0.07 13.96
CA ASP C 618 -19.92 1.13 14.74
C ASP C 618 -18.96 1.63 15.79
N GLU C 619 -19.22 2.84 16.29
CA GLU C 619 -18.30 3.46 17.23
C GLU C 619 -18.40 2.82 18.61
N GLN C 620 -19.62 2.48 19.05
CA GLN C 620 -19.79 1.83 20.34
C GLN C 620 -19.02 0.51 20.39
N TYR C 621 -19.31 -0.37 19.42
CA TYR C 621 -18.65 -1.66 19.36
C TYR C 621 -17.14 -1.50 19.20
N ARG C 622 -16.72 -0.59 18.34
CA ARG C 622 -15.30 -0.35 18.12
C ARG C 622 -14.60 0.04 19.42
N ASN C 623 -15.12 1.07 20.10
CA ASN C 623 -14.48 1.55 21.31
C ASN C 623 -14.50 0.49 22.41
N ARG C 624 -15.60 -0.25 22.53
CA ARG C 624 -15.69 -1.27 23.57
C ARG C 624 -14.72 -2.41 23.32
N VAL C 625 -14.57 -2.83 22.06
CA VAL C 625 -13.70 -3.95 21.74
C VAL C 625 -12.24 -3.59 22.03
N PHE C 626 -11.82 -2.40 21.61
CA PHE C 626 -10.43 -1.95 21.71
C PHE C 626 -10.19 -1.04 22.91
N ASN C 627 -10.80 -1.33 24.06
CA ASN C 627 -10.58 -0.51 25.24
C ASN C 627 -9.51 -1.16 26.10
N PRO C 628 -8.30 -0.60 26.19
CA PRO C 628 -7.19 -1.31 26.87
C PRO C 628 -7.50 -1.75 28.29
N LYS C 629 -8.55 -1.19 28.89
CA LYS C 629 -8.98 -1.58 30.23
C LYS C 629 -9.83 -2.83 30.09
N ASN C 630 -9.15 -3.95 29.88
CA ASN C 630 -9.79 -5.23 29.65
C ASN C 630 -9.37 -6.24 30.71
N PRO C 631 -10.31 -6.93 31.36
CA PRO C 631 -9.91 -8.02 32.25
C PRO C 631 -9.27 -9.18 31.52
N PHE C 632 -9.80 -9.52 30.33
CA PHE C 632 -9.37 -10.71 29.61
C PHE C 632 -8.00 -10.51 28.94
N THR C 633 -7.79 -9.35 28.31
CA THR C 633 -6.65 -9.16 27.43
C THR C 633 -5.33 -9.41 28.15
N ASN C 634 -4.58 -10.39 27.66
CA ASN C 634 -3.22 -10.65 28.10
C ASN C 634 -2.32 -10.78 26.88
N PHE C 635 -1.08 -10.32 27.03
CA PHE C 635 -0.12 -10.33 25.93
C PHE C 635 0.84 -11.51 26.05
N ASN C 653 3.88 -13.15 15.85
CA ASN C 653 2.63 -12.64 16.41
C ASN C 653 2.14 -11.41 15.64
N GLU C 654 1.72 -11.64 14.40
CA GLU C 654 1.16 -10.57 13.57
C GLU C 654 -0.35 -10.53 13.81
N ALA C 655 -0.75 -9.79 14.85
CA ALA C 655 -2.14 -9.79 15.25
C ALA C 655 -2.47 -8.51 15.99
N VAL C 656 -3.75 -8.21 16.03
CA VAL C 656 -4.31 -7.07 16.76
C VAL C 656 -4.67 -7.50 18.17
N VAL C 657 -4.52 -6.58 19.11
CA VAL C 657 -4.82 -6.83 20.52
C VAL C 657 -6.22 -6.29 20.80
N SER C 658 -7.16 -7.19 21.03
CA SER C 658 -8.53 -6.88 21.38
C SER C 658 -8.90 -7.64 22.65
N THR C 659 -10.16 -7.49 23.08
CA THR C 659 -10.62 -8.25 24.24
C THR C 659 -10.55 -9.74 24.00
N HIS C 660 -10.53 -10.16 22.74
CA HIS C 660 -10.50 -11.58 22.40
C HIS C 660 -9.17 -12.24 22.73
N SER C 661 -8.10 -11.48 22.86
CA SER C 661 -6.76 -12.05 23.08
C SER C 661 -6.62 -12.47 24.54
N PHE C 662 -7.33 -13.53 24.89
CA PHE C 662 -7.39 -14.00 26.26
C PHE C 662 -6.32 -15.06 26.51
N ARG C 663 -6.31 -15.55 27.74
CA ARG C 663 -5.44 -16.65 28.16
C ARG C 663 -6.31 -17.77 28.69
N THR C 664 -5.84 -19.00 28.54
CA THR C 664 -6.64 -20.14 28.95
C THR C 664 -6.49 -20.43 30.45
N ARG C 665 -7.45 -21.18 30.97
CA ARG C 665 -7.38 -21.68 32.34
C ARG C 665 -6.12 -22.52 32.52
N ALA C 666 -5.75 -22.73 33.76
CA ALA C 666 -4.56 -23.51 34.09
C ALA C 666 -4.94 -24.92 34.54
N ASN C 667 -4.07 -25.86 34.25
CA ASN C 667 -4.31 -27.25 34.64
C ASN C 667 -4.45 -27.34 36.16
N ARG C 668 -5.04 -28.44 36.62
CA ARG C 668 -5.28 -28.63 38.03
C ARG C 668 -4.93 -30.03 38.53
N THR C 669 -4.37 -30.90 37.67
CA THR C 669 -3.96 -32.22 38.15
C THR C 669 -2.97 -32.11 39.30
N LEU C 670 -2.03 -31.16 39.19
CA LEU C 670 -1.08 -30.92 40.28
C LEU C 670 -1.78 -30.58 41.58
N LEU C 671 -3.03 -30.11 41.52
CA LEU C 671 -3.73 -29.71 42.73
C LEU C 671 -3.69 -30.80 43.79
N ASN C 672 -3.79 -32.06 43.36
CA ASN C 672 -3.76 -33.17 44.30
C ASN C 672 -2.33 -33.58 44.63
N THR C 673 -1.46 -33.65 43.62
CA THR C 673 -0.07 -34.00 43.84
C THR C 673 0.59 -32.97 44.77
N ASP C 674 1.55 -33.46 45.55
CA ASP C 674 2.30 -32.60 46.47
C ASP C 674 3.48 -31.96 45.75
N MET C 675 3.16 -31.21 44.70
CA MET C 675 4.13 -30.42 43.95
C MET C 675 4.09 -28.95 44.36
N ARG C 676 3.71 -28.67 45.60
CA ARG C 676 3.43 -27.30 46.03
C ARG C 676 4.66 -26.59 46.55
N ALA C 677 5.60 -27.31 47.18
CA ALA C 677 6.81 -26.67 47.69
C ALA C 677 7.46 -25.81 46.62
N MET C 678 7.42 -26.27 45.37
CA MET C 678 8.00 -25.50 44.28
C MET C 678 7.17 -24.25 44.00
N MET C 679 5.84 -24.38 44.09
CA MET C 679 4.97 -23.23 43.88
C MET C 679 5.32 -22.08 44.80
N ALA C 680 5.83 -22.36 46.00
CA ALA C 680 6.21 -21.29 46.91
C ALA C 680 7.37 -20.47 46.36
N GLU C 681 8.41 -21.16 45.87
CA GLU C 681 9.55 -20.46 45.29
C GLU C 681 9.13 -19.69 44.03
N GLU C 682 8.32 -20.34 43.19
CA GLU C 682 7.85 -19.67 41.99
C GLU C 682 7.05 -18.43 42.34
N LYS C 683 6.22 -18.51 43.38
CA LYS C 683 5.42 -17.37 43.82
C LYS C 683 6.30 -16.26 44.38
N ARG C 684 7.40 -16.63 45.04
CA ARG C 684 8.34 -15.63 45.55
C ARG C 684 8.91 -14.82 44.40
N TYR C 685 9.44 -15.53 43.40
CA TYR C 685 10.01 -14.83 42.25
C TYR C 685 8.94 -14.05 41.51
N GLN C 686 7.74 -14.61 41.41
CA GLN C 686 6.65 -13.93 40.74
C GLN C 686 6.34 -12.60 41.41
N MET C 687 6.27 -12.59 42.74
CA MET C 687 5.98 -11.35 43.46
C MET C 687 7.07 -10.32 43.20
N VAL C 688 8.33 -10.74 43.29
CA VAL C 688 9.43 -9.79 43.10
C VAL C 688 9.37 -9.18 41.72
N CYS C 689 9.21 -10.02 40.70
CA CYS C 689 9.14 -9.54 39.33
C CYS C 689 7.92 -8.63 39.15
N ASP C 690 6.79 -9.04 39.72
CA ASP C 690 5.55 -8.30 39.57
C ASP C 690 5.70 -6.87 40.06
N MET C 691 6.25 -6.69 41.26
CA MET C 691 6.31 -5.31 41.73
C MET C 691 7.49 -4.53 41.15
N PHE C 692 8.54 -5.19 40.68
CA PHE C 692 9.55 -4.44 39.95
C PHE C 692 8.96 -3.90 38.65
N LYS C 693 8.10 -4.71 38.02
CA LYS C 693 7.38 -4.24 36.84
C LYS C 693 6.37 -3.17 37.22
N SER C 694 5.79 -3.27 38.42
CA SER C 694 4.86 -2.25 38.88
C SER C 694 5.52 -0.88 38.94
N VAL C 695 6.74 -0.83 39.46
CA VAL C 695 7.49 0.42 39.44
C VAL C 695 7.92 0.73 38.01
N PHE C 696 8.77 -0.12 37.45
CA PHE C 696 9.33 0.11 36.13
C PHE C 696 8.46 -0.56 35.08
N GLU C 697 7.85 0.24 34.21
CA GLU C 697 6.92 -0.28 33.22
C GLU C 697 7.61 -0.81 31.97
N SER C 698 8.94 -0.68 31.88
CA SER C 698 9.72 -1.15 30.75
C SER C 698 10.80 -2.11 31.22
N ALA C 699 10.44 -3.01 32.14
CA ALA C 699 11.39 -3.97 32.66
C ALA C 699 11.49 -5.21 31.77
N ASP C 700 10.41 -5.60 31.12
CA ASP C 700 10.42 -6.81 30.31
C ASP C 700 10.92 -6.53 28.90
N ILE C 701 10.37 -5.51 28.25
CA ILE C 701 10.77 -5.19 26.88
C ILE C 701 12.27 -4.91 26.82
N ASN C 702 12.74 -3.94 27.59
CA ASN C 702 14.13 -3.53 27.53
C ASN C 702 14.84 -4.08 28.76
N PRO C 703 15.77 -5.03 28.58
CA PRO C 703 16.44 -5.65 29.73
C PRO C 703 16.98 -4.63 30.71
N PRO C 704 16.69 -4.77 32.00
CA PRO C 704 17.29 -3.87 32.99
C PRO C 704 18.80 -3.98 32.96
N ILE C 705 19.47 -2.88 33.34
CA ILE C 705 20.92 -2.89 33.48
C ILE C 705 21.30 -1.84 34.51
N GLY C 706 22.33 -2.14 35.29
CA GLY C 706 22.86 -1.14 36.21
C GLY C 706 23.84 -1.76 37.18
N ALA C 707 24.13 -1.01 38.23
CA ALA C 707 24.96 -1.48 39.33
C ALA C 707 24.22 -1.61 40.63
N MET C 708 23.01 -1.06 40.73
CA MET C 708 22.23 -1.15 41.95
C MET C 708 21.50 -2.47 42.00
N SER C 709 21.19 -2.91 43.22
CA SER C 709 20.36 -4.09 43.38
C SER C 709 18.90 -3.70 43.19
N ILE C 710 18.03 -4.71 43.12
CA ILE C 710 16.61 -4.46 42.90
C ILE C 710 16.05 -3.60 44.02
N GLY C 711 16.40 -3.92 45.26
CA GLY C 711 15.87 -3.17 46.37
C GLY C 711 16.23 -1.70 46.32
N GLU C 712 17.48 -1.40 45.99
CA GLU C 712 17.92 -0.02 45.98
C GLU C 712 17.20 0.77 44.90
N ALA C 713 16.99 0.16 43.74
CA ALA C 713 16.27 0.86 42.68
C ALA C 713 14.85 1.15 43.10
N ILE C 714 14.18 0.17 43.72
CA ILE C 714 12.81 0.42 44.16
C ILE C 714 12.80 1.54 45.18
N GLU C 715 13.75 1.52 46.12
CA GLU C 715 13.78 2.52 47.18
C GLU C 715 13.90 3.92 46.60
N GLU C 716 14.88 4.12 45.72
CA GLU C 716 15.14 5.46 45.20
C GLU C 716 14.04 5.91 44.26
N LYS C 717 13.57 5.04 43.38
CA LYS C 717 12.54 5.44 42.44
C LYS C 717 11.27 5.82 43.18
N LEU C 718 10.89 5.02 44.19
CA LEU C 718 9.68 5.35 44.93
C LEU C 718 9.81 6.68 45.64
N LEU C 719 10.97 6.94 46.26
CA LEU C 719 11.14 8.23 46.93
C LEU C 719 11.07 9.38 45.94
N GLU C 720 11.68 9.23 44.76
CA GLU C 720 11.66 10.29 43.78
C GLU C 720 10.24 10.54 43.27
N ARG C 721 9.47 9.48 43.04
CA ARG C 721 8.08 9.66 42.61
C ARG C 721 7.28 10.38 43.68
N ALA C 722 7.51 10.01 44.94
CA ALA C 722 6.79 10.65 46.05
C ALA C 722 7.12 12.13 46.11
N LYS C 723 8.39 12.49 45.91
CA LYS C 723 8.74 13.90 45.91
C LYS C 723 8.12 14.63 44.73
N MET C 724 8.10 14.00 43.54
CA MET C 724 7.50 14.67 42.39
C MET C 724 6.02 14.93 42.62
N LYS C 725 5.32 13.99 43.26
CA LYS C 725 3.88 14.16 43.42
C LYS C 725 3.54 15.02 44.63
N ARG C 726 4.44 15.17 45.58
CA ARG C 726 4.21 16.15 46.63
C ARG C 726 4.48 17.56 46.13
N ASP C 727 5.40 17.71 45.17
CA ASP C 727 5.68 19.04 44.64
C ASP C 727 4.42 19.66 44.04
N ILE C 728 3.74 18.91 43.16
CA ILE C 728 2.56 19.40 42.46
C ILE C 728 1.34 18.54 42.71
N GLY C 729 1.50 17.22 42.71
CA GLY C 729 0.36 16.33 42.77
C GLY C 729 -0.28 16.25 44.14
N ALA C 730 -1.32 15.43 44.23
CA ALA C 730 -2.20 15.39 45.39
C ALA C 730 -1.63 14.47 46.45
N ILE C 731 -0.69 15.02 47.23
CA ILE C 731 -0.14 14.32 48.39
C ILE C 731 0.20 15.38 49.44
N GLU C 732 0.06 15.00 50.71
CA GLU C 732 0.30 15.90 51.82
C GLU C 732 1.63 15.55 52.50
N ASP C 733 2.24 16.57 53.11
CA ASP C 733 3.52 16.37 53.78
C ASP C 733 3.45 15.22 54.77
N SER C 734 2.32 15.08 55.48
CA SER C 734 2.16 13.94 56.38
C SER C 734 2.27 12.63 55.63
N GLU C 735 1.56 12.53 54.49
CA GLU C 735 1.61 11.30 53.70
C GLU C 735 3.00 11.05 53.14
N TYR C 736 3.66 12.11 52.66
CA TYR C 736 5.00 11.96 52.12
C TYR C 736 5.96 11.47 53.20
N GLU C 737 5.85 12.04 54.39
CA GLU C 737 6.71 11.63 55.50
C GLU C 737 6.43 10.19 55.88
N GLU C 738 5.16 9.79 55.91
CA GLU C 738 4.80 8.42 56.21
C GLU C 738 5.44 7.46 55.21
N ILE C 739 5.33 7.78 53.93
CA ILE C 739 5.88 6.91 52.89
C ILE C 739 7.39 6.80 53.05
N LYS C 740 8.06 7.94 53.26
CA LYS C 740 9.50 7.92 53.38
C LYS C 740 9.94 7.12 54.61
N ASP C 741 9.21 7.28 55.73
CA ASP C 741 9.52 6.52 56.93
C ASP C 741 9.35 5.02 56.67
N ILE C 742 8.29 4.66 55.94
CA ILE C 742 8.06 3.26 55.62
C ILE C 742 9.23 2.72 54.83
N ILE C 743 9.70 3.48 53.84
CA ILE C 743 10.82 3.04 53.02
C ILE C 743 12.07 2.86 53.88
N ARG C 744 12.33 3.80 54.78
CA ARG C 744 13.52 3.69 55.61
C ARG C 744 13.46 2.45 56.49
N ASP C 745 12.29 2.20 57.08
CA ASP C 745 12.13 1.03 57.94
C ASP C 745 12.33 -0.26 57.14
N ALA C 746 11.74 -0.31 55.95
CA ALA C 746 11.87 -1.50 55.12
C ALA C 746 13.32 -1.74 54.72
N LYS C 747 14.04 -0.68 54.34
CA LYS C 747 15.44 -0.83 53.99
C LYS C 747 16.25 -1.34 55.18
N LYS C 748 16.04 -0.76 56.36
CA LYS C 748 16.78 -1.20 57.52
C LYS C 748 16.51 -2.67 57.80
N ALA C 749 15.24 -3.08 57.74
CA ALA C 749 14.90 -4.47 57.99
C ALA C 749 15.58 -5.38 56.97
N ARG C 750 15.53 -4.99 55.69
CA ARG C 750 16.11 -5.82 54.64
C ARG C 750 17.60 -6.03 54.90
N LEU C 751 18.32 -4.95 55.17
CA LEU C 751 19.76 -5.08 55.37
C LEU C 751 20.07 -5.88 56.62
N GLU C 752 19.34 -5.62 57.72
CA GLU C 752 19.63 -6.30 58.98
C GLU C 752 19.35 -7.80 58.90
N SER C 753 18.27 -8.18 58.23
CA SER C 753 17.89 -9.60 58.20
C SER C 753 18.98 -10.45 57.56
N ARG C 754 19.50 -10.03 56.42
CA ARG C 754 20.45 -10.85 55.68
C ARG C 754 21.23 -10.00 54.67
N MET D 1 -0.51 7.94 44.61
CA MET D 1 -1.40 8.25 45.76
C MET D 1 -1.43 7.08 46.74
N SER D 2 -2.60 6.79 47.32
CA SER D 2 -2.76 5.61 48.16
C SER D 2 -2.14 4.38 47.51
N LEU D 3 -2.24 4.27 46.18
CA LEU D 3 -1.55 3.21 45.47
C LEU D 3 -0.05 3.22 45.74
N LEU D 4 0.56 4.40 45.77
CA LEU D 4 1.98 4.49 46.13
C LEU D 4 2.23 3.88 47.50
N LEU D 5 1.38 4.23 48.46
CA LEU D 5 1.51 3.66 49.80
C LEU D 5 1.35 2.15 49.77
N THR D 6 0.46 1.65 48.91
CA THR D 6 0.27 0.20 48.80
C THR D 6 1.54 -0.45 48.27
N ILE D 7 2.17 0.17 47.27
CA ILE D 7 3.41 -0.36 46.73
C ILE D 7 4.50 -0.38 47.80
N ALA D 8 4.58 0.70 48.59
CA ALA D 8 5.59 0.74 49.64
C ALA D 8 5.33 -0.30 50.71
N LYS D 9 4.08 -0.46 51.13
CA LYS D 9 3.76 -1.50 52.10
C LYS D 9 4.08 -2.88 51.56
N GLU D 10 3.83 -3.11 50.27
CA GLU D 10 4.16 -4.40 49.66
C GLU D 10 5.66 -4.63 49.70
N TYR D 11 6.43 -3.61 49.32
CA TYR D 11 7.89 -3.71 49.40
C TYR D 11 8.34 -4.02 50.82
N LYS D 12 7.73 -3.37 51.81
CA LYS D 12 8.07 -3.63 53.21
C LYS D 12 7.80 -5.08 53.57
N ARG D 13 6.63 -5.61 53.17
CA ARG D 13 6.32 -6.99 53.46
C ARG D 13 7.32 -7.92 52.79
N LEU D 14 7.72 -7.59 51.56
CA LEU D 14 8.69 -8.41 50.85
C LEU D 14 10.02 -8.42 51.58
N CYS D 15 10.46 -7.26 52.07
CA CYS D 15 11.74 -7.19 52.76
C CYS D 15 11.68 -7.86 54.12
N GLN D 16 10.50 -7.93 54.72
CA GLN D 16 10.40 -8.61 56.02
C GLN D 16 10.72 -10.08 55.88
N ASP D 17 10.36 -10.69 54.75
CA ASP D 17 10.77 -12.05 54.48
C ASP D 17 12.29 -12.13 54.39
N ALA D 18 12.82 -13.35 54.47
CA ALA D 18 14.26 -13.56 54.46
C ALA D 18 14.80 -13.89 53.08
N LYS D 19 14.15 -14.81 52.35
CA LYS D 19 14.65 -15.23 51.05
C LYS D 19 14.55 -14.10 50.04
N ALA D 20 13.39 -13.43 49.97
CA ALA D 20 13.22 -12.31 49.06
C ALA D 20 14.25 -11.23 49.35
N ALA D 21 14.56 -11.00 50.62
CA ALA D 21 15.56 -10.00 50.96
C ALA D 21 16.91 -10.37 50.39
N GLN D 22 17.29 -11.64 50.53
CA GLN D 22 18.57 -12.09 49.97
C GLN D 22 18.60 -11.84 48.46
N MET D 23 17.58 -12.32 47.75
CA MET D 23 17.66 -12.21 46.29
C MET D 23 17.61 -10.76 45.82
N MET D 24 16.88 -9.88 46.50
CA MET D 24 16.92 -8.47 46.12
C MET D 24 18.27 -7.84 46.44
N THR D 25 18.83 -8.14 47.60
CA THR D 25 20.05 -7.47 48.04
C THR D 25 21.23 -7.81 47.14
N VAL D 26 21.41 -9.09 46.82
CA VAL D 26 22.59 -9.54 46.11
C VAL D 26 22.47 -9.23 44.62
N GLY D 27 23.61 -8.93 44.01
CA GLY D 27 23.69 -8.74 42.58
C GLY D 27 23.07 -7.43 42.11
N THR D 28 22.92 -7.36 40.80
CA THR D 28 22.37 -6.19 40.13
C THR D 28 20.94 -6.46 39.71
N VAL D 29 20.37 -5.55 38.91
CA VAL D 29 18.97 -5.67 38.51
C VAL D 29 18.79 -6.67 37.39
N SER D 30 19.82 -6.93 36.59
CA SER D 30 19.69 -7.84 35.46
C SER D 30 19.14 -9.19 35.90
N ASN D 31 19.39 -9.60 37.15
CA ASN D 31 18.85 -10.85 37.64
C ASN D 31 17.35 -10.96 37.42
N TYR D 32 16.66 -9.82 37.40
CA TYR D 32 15.23 -9.83 37.11
C TYR D 32 14.94 -10.66 35.87
N THR D 33 15.63 -10.37 34.76
CA THR D 33 15.44 -11.15 33.54
C THR D 33 15.50 -12.64 33.85
N THR D 34 16.55 -13.07 34.55
CA THR D 34 16.66 -14.47 34.92
C THR D 34 15.42 -14.93 35.68
N PHE D 35 15.06 -14.22 36.76
CA PHE D 35 13.88 -14.58 37.53
C PHE D 35 12.63 -14.60 36.66
N LYS D 36 12.62 -13.84 35.57
CA LYS D 36 11.42 -13.77 34.74
C LYS D 36 11.15 -15.09 34.03
N LYS D 37 12.11 -16.00 34.02
CA LYS D 37 12.00 -17.28 33.33
C LYS D 37 11.68 -18.44 34.25
N TRP D 38 12.25 -18.47 35.45
CA TRP D 38 11.97 -19.56 36.39
C TRP D 38 10.50 -19.65 36.75
N THR D 39 9.71 -18.64 36.42
CA THR D 39 8.30 -18.60 36.74
C THR D 39 7.49 -18.75 35.46
N THR D 40 6.24 -19.19 35.62
CA THR D 40 5.31 -19.34 34.51
C THR D 40 5.95 -20.18 33.39
N SER D 41 6.30 -21.41 33.75
CA SER D 41 6.90 -22.35 32.82
C SER D 41 5.90 -23.49 32.61
N ARG D 42 5.24 -23.49 31.47
CA ARG D 42 4.29 -24.56 31.14
C ARG D 42 3.93 -24.49 29.66
N LYS D 43 4.08 -25.59 28.95
CA LYS D 43 3.78 -25.69 27.53
C LYS D 43 2.80 -26.84 27.32
N GLU D 44 2.42 -27.04 26.06
CA GLU D 44 1.46 -28.09 25.71
C GLU D 44 1.82 -28.68 24.35
N LYS D 45 1.68 -29.99 24.25
CA LYS D 45 2.14 -30.70 23.05
C LYS D 45 1.31 -30.32 21.84
N ASN D 46 0.01 -30.62 21.90
CA ASN D 46 -0.94 -30.34 20.82
C ASN D 46 -1.86 -29.20 21.25
N PRO D 47 -1.57 -27.95 20.91
CA PRO D 47 -2.40 -26.85 21.40
C PRO D 47 -3.83 -26.89 20.87
N SER D 48 -4.01 -27.28 19.60
CA SER D 48 -5.34 -27.30 19.00
C SER D 48 -6.29 -28.15 19.83
N LEU D 49 -5.92 -29.40 20.07
CA LEU D 49 -6.80 -30.31 20.81
C LEU D 49 -7.08 -29.76 22.20
N ARG D 50 -6.07 -29.21 22.87
CA ARG D 50 -6.27 -28.64 24.19
C ARG D 50 -7.28 -27.50 24.16
N MET D 51 -7.17 -26.61 23.18
CA MET D 51 -8.10 -25.49 23.12
C MET D 51 -9.52 -25.98 22.85
N ARG D 52 -9.69 -26.90 21.91
CA ARG D 52 -11.02 -27.40 21.61
C ARG D 52 -11.61 -28.13 22.82
N TRP D 53 -10.79 -28.90 23.53
CA TRP D 53 -11.25 -29.58 24.74
C TRP D 53 -11.67 -28.58 25.80
N ALA D 54 -10.88 -27.53 25.98
CA ALA D 54 -11.15 -26.55 27.03
C ALA D 54 -12.43 -25.77 26.74
N MET D 55 -12.58 -25.25 25.51
CA MET D 55 -13.69 -24.37 25.19
C MET D 55 -15.04 -24.99 25.52
N SER D 56 -15.15 -26.31 25.57
CA SER D 56 -16.42 -26.92 25.93
C SER D 56 -16.81 -26.58 27.35
N SER D 57 -15.84 -26.30 28.21
CA SER D 57 -16.10 -26.08 29.62
C SER D 57 -16.90 -24.78 29.82
N LYS D 58 -17.55 -24.71 30.98
CA LYS D 58 -18.41 -23.58 31.29
C LYS D 58 -17.64 -22.26 31.36
N PHE D 59 -16.39 -22.28 31.83
CA PHE D 59 -15.63 -21.06 32.08
C PHE D 59 -14.18 -21.23 31.66
N PRO D 60 -13.89 -21.04 30.38
CA PRO D 60 -12.52 -21.25 29.85
C PRO D 60 -11.63 -20.03 29.80
N ILE D 61 -11.96 -18.90 30.43
CA ILE D 61 -11.12 -17.71 30.37
C ILE D 61 -10.87 -17.19 31.78
N ILE D 62 -9.60 -17.11 32.17
CA ILE D 62 -9.28 -16.40 33.41
C ILE D 62 -9.48 -14.90 33.16
N ALA D 63 -9.82 -14.16 34.21
CA ALA D 63 -10.07 -12.74 34.01
C ALA D 63 -9.85 -11.98 35.32
N ASN D 64 -9.69 -10.66 35.17
CA ASN D 64 -9.57 -9.78 36.33
C ASN D 64 -10.89 -9.73 37.09
N LYS D 65 -10.80 -9.41 38.38
CA LYS D 65 -11.97 -9.36 39.25
C LYS D 65 -12.44 -7.93 39.49
N ARG D 66 -11.54 -7.08 39.98
CA ARG D 66 -11.93 -5.71 40.33
C ARG D 66 -12.45 -4.95 39.11
N MET D 67 -11.85 -5.18 37.94
CA MET D 67 -12.34 -4.50 36.74
C MET D 67 -13.77 -4.91 36.40
N LEU D 68 -14.13 -6.16 36.69
CA LEU D 68 -15.49 -6.60 36.38
C LEU D 68 -16.49 -5.98 37.33
N GLU D 69 -16.16 -5.97 38.62
CA GLU D 69 -17.02 -5.30 39.61
C GLU D 69 -17.20 -3.83 39.25
N GLU D 70 -16.09 -3.15 38.96
CA GLU D 70 -16.16 -1.74 38.58
C GLU D 70 -17.06 -1.54 37.37
N ALA D 71 -16.95 -2.41 36.36
CA ALA D 71 -17.74 -2.25 35.16
C ALA D 71 -19.18 -2.72 35.32
N GLN D 72 -19.57 -3.16 36.50
CA GLN D 72 -20.95 -3.61 36.76
C GLN D 72 -21.35 -4.72 35.79
N ILE D 73 -20.45 -5.69 35.62
CA ILE D 73 -20.71 -6.88 34.82
C ILE D 73 -21.21 -7.97 35.76
N PRO D 74 -22.51 -8.29 35.75
CA PRO D 74 -23.02 -9.33 36.64
C PRO D 74 -22.65 -10.73 36.16
N LYS D 75 -22.83 -11.70 37.06
CA LYS D 75 -22.51 -13.08 36.73
C LYS D 75 -23.40 -13.62 35.63
N GLU D 76 -24.68 -13.27 35.65
CA GLU D 76 -25.64 -13.76 34.65
C GLU D 76 -26.50 -12.60 34.17
N HIS D 77 -26.44 -12.32 32.87
CA HIS D 77 -27.36 -11.32 32.30
C HIS D 77 -28.77 -11.87 32.24
N ASN D 78 -28.94 -13.06 31.66
CA ASN D 78 -30.26 -13.66 31.53
C ASN D 78 -30.13 -15.18 31.40
N ASN D 79 -30.01 -15.86 32.54
CA ASN D 79 -29.91 -17.32 32.58
C ASN D 79 -28.71 -17.82 31.77
N VAL D 80 -27.64 -17.04 31.72
CA VAL D 80 -26.41 -17.42 31.02
C VAL D 80 -25.23 -17.19 31.94
N ALA D 81 -24.51 -18.26 32.26
CA ALA D 81 -23.37 -18.16 33.15
C ALA D 81 -22.23 -17.39 32.50
N LEU D 82 -21.55 -16.56 33.28
CA LEU D 82 -20.44 -15.75 32.79
C LEU D 82 -19.18 -15.90 33.64
N TRP D 83 -19.32 -16.05 34.95
CA TRP D 83 -18.18 -16.27 35.82
C TRP D 83 -18.68 -16.60 37.22
N GLU D 84 -17.77 -17.11 38.05
CA GLU D 84 -18.10 -17.52 39.40
C GLU D 84 -16.90 -17.26 40.29
N ASP D 85 -17.16 -16.84 41.52
CA ASP D 85 -16.07 -16.49 42.43
C ASP D 85 -15.15 -17.68 42.63
N THR D 86 -13.88 -17.50 42.29
CA THR D 86 -12.85 -18.52 42.44
C THR D 86 -11.52 -17.82 42.18
N GLU D 87 -10.43 -18.52 42.49
CA GLU D 87 -9.10 -18.00 42.25
C GLU D 87 -8.31 -18.98 41.39
N ASP D 88 -7.74 -18.47 40.30
CA ASP D 88 -6.85 -19.27 39.49
C ASP D 88 -5.64 -19.67 40.33
N VAL D 89 -5.28 -20.96 40.26
CA VAL D 89 -4.26 -21.48 41.16
C VAL D 89 -2.92 -20.76 40.94
N SER D 90 -2.53 -20.57 39.68
CA SER D 90 -1.21 -20.02 39.40
C SER D 90 -1.13 -18.54 39.73
N LYS D 91 -2.05 -17.73 39.18
CA LYS D 91 -1.94 -16.28 39.35
C LYS D 91 -2.30 -15.87 40.77
N ARG D 92 -3.38 -16.41 41.32
CA ARG D 92 -3.87 -16.06 42.65
C ARG D 92 -4.45 -14.65 42.71
N ASP D 93 -4.74 -14.04 41.56
CA ASP D 93 -5.36 -12.74 41.52
C ASP D 93 -6.33 -12.63 40.34
N HIS D 94 -6.96 -13.75 39.99
CA HIS D 94 -7.86 -13.79 38.84
C HIS D 94 -8.98 -14.78 39.12
N VAL D 95 -10.07 -14.62 38.38
CA VAL D 95 -11.28 -15.41 38.58
C VAL D 95 -11.71 -16.00 37.26
N LEU D 96 -12.12 -17.28 37.29
CA LEU D 96 -12.61 -17.94 36.08
C LEU D 96 -13.80 -17.19 35.51
N ALA D 97 -13.96 -17.29 34.19
CA ALA D 97 -15.06 -16.68 33.48
C ALA D 97 -15.25 -17.42 32.16
N SER D 98 -16.22 -16.97 31.38
CA SER D 98 -16.56 -17.58 30.11
C SER D 98 -16.34 -16.60 28.97
N ALA D 99 -16.34 -17.14 27.75
CA ALA D 99 -16.11 -16.32 26.57
C ALA D 99 -17.32 -15.42 26.28
N SER D 100 -18.53 -15.88 26.57
CA SER D 100 -19.71 -15.05 26.35
C SER D 100 -19.53 -13.67 26.94
N CYS D 101 -18.76 -13.56 28.03
CA CYS D 101 -18.62 -12.27 28.69
C CYS D 101 -18.11 -11.22 27.73
N ILE D 102 -17.17 -11.60 26.87
CA ILE D 102 -16.61 -10.62 25.94
C ILE D 102 -17.72 -10.03 25.10
N ASN D 103 -18.63 -10.88 24.61
CA ASN D 103 -19.69 -10.36 23.76
C ASN D 103 -20.50 -9.33 24.53
N TYR D 104 -20.83 -9.63 25.78
CA TYR D 104 -21.59 -8.67 26.57
C TYR D 104 -20.80 -7.39 26.72
N TRP D 105 -19.50 -7.54 27.05
CA TRP D 105 -18.67 -6.36 27.22
C TRP D 105 -18.60 -5.60 25.91
N ASN D 106 -18.55 -6.33 24.79
CA ASN D 106 -18.47 -5.67 23.51
C ASN D 106 -19.73 -4.88 23.18
N PHE D 107 -20.90 -5.34 23.65
CA PHE D 107 -22.16 -4.75 23.23
C PHE D 107 -22.73 -3.74 24.20
N CYS D 108 -22.37 -3.79 25.49
CA CYS D 108 -22.90 -2.82 26.43
C CYS D 108 -21.90 -2.42 27.52
N GLY D 109 -20.61 -2.61 27.33
CA GLY D 109 -19.64 -2.37 28.38
C GLY D 109 -19.17 -0.94 28.42
N PRO D 110 -17.97 -0.71 28.95
CA PRO D 110 -17.43 0.65 29.01
C PRO D 110 -16.82 1.08 27.68
N CYS D 111 -17.14 2.31 27.28
CA CYS D 111 -16.72 2.88 26.01
C CYS D 111 -15.70 3.97 26.25
N VAL D 112 -14.61 3.94 25.49
CA VAL D 112 -13.55 4.93 25.62
C VAL D 112 -13.88 6.12 24.72
N ASN D 113 -13.23 7.25 25.00
CA ASN D 113 -13.53 8.48 24.27
C ASN D 113 -13.22 8.34 22.79
N ASN D 114 -12.08 7.73 22.44
CA ASN D 114 -11.69 7.61 21.05
C ASN D 114 -10.77 6.41 20.87
N SER D 115 -11.03 5.63 19.82
CA SER D 115 -10.22 4.47 19.47
C SER D 115 -9.46 4.65 18.16
N GLU D 116 -9.39 5.87 17.62
CA GLU D 116 -8.64 6.10 16.40
C GLU D 116 -7.13 5.93 16.59
N VAL D 117 -6.67 5.86 17.83
CA VAL D 117 -5.24 5.65 18.09
C VAL D 117 -4.74 4.34 17.50
N ILE D 118 -5.63 3.37 17.30
CA ILE D 118 -5.17 2.10 16.76
C ILE D 118 -4.59 2.31 15.37
N LYS D 119 -5.05 3.33 14.66
CA LYS D 119 -4.54 3.55 13.31
C LYS D 119 -3.07 3.91 13.33
N GLU D 120 -2.60 4.51 14.43
CA GLU D 120 -1.19 4.78 14.57
C GLU D 120 -0.42 3.56 15.06
N VAL D 121 -1.04 2.75 15.92
CA VAL D 121 -0.33 1.60 16.48
C VAL D 121 0.08 0.63 15.37
N TYR D 122 -0.82 0.35 14.44
CA TYR D 122 -0.63 -0.63 13.38
C TYR D 122 -0.48 0.04 12.02
N LYS D 123 0.27 1.15 11.99
CA LYS D 123 0.44 1.92 10.76
C LYS D 123 0.91 1.07 9.60
N SER D 124 1.63 -0.02 9.87
CA SER D 124 2.07 -0.90 8.79
C SER D 124 0.88 -1.54 8.09
N ARG D 125 -0.06 -2.10 8.86
CA ARG D 125 -1.18 -2.82 8.28
C ARG D 125 -2.16 -1.89 7.58
N PHE D 126 -2.41 -0.72 8.16
CA PHE D 126 -3.24 0.26 7.48
C PHE D 126 -2.56 0.76 6.21
N GLY D 127 -1.24 0.88 6.23
CA GLY D 127 -0.53 1.18 5.00
C GLY D 127 -0.71 0.08 3.97
N ARG D 128 -0.70 -1.17 4.42
CA ARG D 128 -0.92 -2.29 3.51
C ARG D 128 -2.29 -2.18 2.85
N LEU D 129 -3.31 -1.87 3.64
CA LEU D 129 -4.67 -1.76 3.10
C LEU D 129 -4.77 -0.59 2.13
N GLU D 130 -4.13 0.54 2.47
CA GLU D 130 -4.22 1.71 1.61
C GLU D 130 -3.51 1.45 0.29
N ARG D 131 -2.37 0.77 0.33
CA ARG D 131 -1.67 0.43 -0.90
C ARG D 131 -2.48 -0.55 -1.72
N ARG D 132 -3.09 -1.54 -1.07
CA ARG D 132 -3.88 -2.53 -1.81
C ARG D 132 -5.07 -1.89 -2.50
N LYS D 133 -5.62 -0.81 -1.93
CA LYS D 133 -6.80 -0.21 -2.54
C LYS D 133 -6.49 0.48 -3.87
N GLU D 134 -5.22 0.72 -4.19
CA GLU D 134 -4.83 1.47 -5.37
C GLU D 134 -4.28 0.58 -6.48
N ILE D 135 -4.50 -0.73 -6.39
CA ILE D 135 -4.02 -1.67 -7.40
C ILE D 135 -5.12 -1.93 -8.41
N MET D 136 -4.87 -1.56 -9.66
CA MET D 136 -5.80 -1.83 -10.76
C MET D 136 -5.47 -3.21 -11.32
N TRP D 137 -6.29 -4.20 -10.99
CA TRP D 137 -6.07 -5.57 -11.45
C TRP D 137 -6.50 -5.69 -12.91
N LYS D 138 -5.62 -6.23 -13.75
CA LYS D 138 -5.92 -6.32 -15.18
C LYS D 138 -6.54 -7.65 -15.63
N GLU D 139 -5.77 -8.74 -15.55
CA GLU D 139 -6.27 -9.99 -16.13
C GLU D 139 -5.42 -11.23 -15.84
N LEU D 140 -6.04 -12.25 -15.29
CA LEU D 140 -5.37 -13.53 -15.08
C LEU D 140 -5.02 -14.19 -16.41
N ARG D 141 -3.77 -14.64 -16.53
CA ARG D 141 -3.33 -15.45 -17.66
C ARG D 141 -2.65 -16.70 -17.12
N PHE D 142 -2.25 -17.58 -18.03
CA PHE D 142 -1.65 -18.86 -17.68
C PHE D 142 -0.41 -19.11 -18.53
N THR D 143 0.69 -19.44 -17.87
CA THR D 143 1.95 -19.72 -18.53
C THR D 143 2.97 -20.14 -17.48
N LEU D 144 4.02 -20.82 -17.94
CA LEU D 144 5.04 -21.35 -17.04
C LEU D 144 5.98 -20.22 -16.66
N VAL D 145 5.77 -19.66 -15.47
CA VAL D 145 6.56 -18.52 -15.04
C VAL D 145 7.96 -18.97 -14.65
N ASP D 146 8.96 -18.18 -15.02
CA ASP D 146 10.33 -18.42 -14.63
C ASP D 146 10.61 -17.68 -13.33
N ARG D 147 10.89 -18.43 -12.28
CA ARG D 147 11.05 -17.88 -10.94
C ARG D 147 12.48 -18.11 -10.49
N GLN D 148 13.10 -17.07 -9.93
CA GLN D 148 14.45 -17.15 -9.40
C GLN D 148 14.39 -17.00 -7.88
N ARG D 149 15.04 -17.92 -7.18
CA ARG D 149 15.09 -17.91 -5.73
C ARG D 149 16.15 -16.91 -5.27
N ARG D 150 15.71 -15.79 -4.70
CA ARG D 150 16.62 -14.75 -4.23
C ARG D 150 16.10 -14.11 -2.96
N ARG D 151 17.05 -13.63 -2.17
CA ARG D 151 16.75 -12.84 -0.98
C ARG D 151 16.14 -11.49 -1.36
N VAL D 152 15.08 -11.11 -0.66
CA VAL D 152 14.41 -9.83 -0.91
C VAL D 152 13.88 -9.28 0.41
N ASP D 153 13.26 -8.10 0.36
CA ASP D 153 12.57 -7.51 1.50
C ASP D 153 11.08 -7.44 1.21
N THR D 154 10.26 -7.75 2.23
CA THR D 154 8.81 -7.87 2.07
C THR D 154 8.05 -6.86 2.92
N GLN D 155 8.67 -5.76 3.31
CA GLN D 155 7.93 -4.72 4.02
C GLN D 155 8.45 -3.34 3.61
N PRO D 156 7.63 -2.50 2.98
CA PRO D 156 8.06 -1.12 2.72
C PRO D 156 8.22 -0.39 4.05
N VAL D 157 9.41 0.15 4.27
CA VAL D 157 9.73 0.81 5.54
C VAL D 157 10.52 2.07 5.26
N GLU D 158 10.23 3.11 6.02
CA GLU D 158 10.96 4.37 5.97
C GLU D 158 11.86 4.46 7.18
N GLN D 159 13.07 4.99 6.99
CA GLN D 159 14.03 5.16 8.07
C GLN D 159 14.27 3.83 8.79
N ARG D 160 14.77 2.85 8.03
CA ARG D 160 15.12 1.55 8.60
C ARG D 160 16.31 1.69 9.53
N LEU D 161 16.20 1.13 10.73
CA LEU D 161 17.19 1.27 11.78
C LEU D 161 17.60 -0.10 12.30
N ARG D 162 18.60 -0.11 13.17
CA ARG D 162 19.10 -1.33 13.77
C ARG D 162 18.40 -1.58 15.10
N THR D 163 18.64 -2.78 15.65
CA THR D 163 17.99 -3.14 16.90
C THR D 163 18.46 -2.24 18.04
N GLY D 164 19.75 -1.89 18.05
CA GLY D 164 20.26 -1.03 19.11
C GLY D 164 19.63 0.34 19.10
N GLU D 165 19.50 0.95 17.92
CA GLU D 165 18.91 2.28 17.83
C GLU D 165 17.43 2.23 18.19
N ILE D 166 16.72 1.20 17.75
CA ILE D 166 15.28 1.12 17.97
C ILE D 166 14.97 1.03 19.46
N LYS D 167 15.79 0.31 20.23
CA LYS D 167 15.46 0.09 21.63
C LYS D 167 15.32 1.42 22.37
N ASP D 168 16.18 2.38 22.06
CA ASP D 168 16.06 3.69 22.68
C ASP D 168 14.79 4.40 22.23
N LEU D 169 14.38 4.18 20.98
CA LEU D 169 13.17 4.81 20.47
C LEU D 169 11.95 4.42 21.29
N GLN D 170 11.86 3.14 21.66
CA GLN D 170 10.73 2.70 22.48
C GLN D 170 10.79 3.35 23.85
N MET D 171 11.97 3.38 24.46
CA MET D 171 12.11 3.95 25.79
C MET D 171 11.85 5.45 25.79
N TRP D 172 12.36 6.14 24.77
CA TRP D 172 12.26 7.60 24.70
C TRP D 172 10.94 8.08 24.11
N THR D 173 10.05 7.18 23.69
CA THR D 173 8.73 7.59 23.22
C THR D 173 7.62 7.18 24.16
N LEU D 174 7.89 6.29 25.11
CA LEU D 174 6.88 5.81 26.05
C LEU D 174 7.31 6.02 27.49
N PHE D 175 8.46 5.45 27.87
CA PHE D 175 8.98 5.48 29.24
C PHE D 175 10.15 6.44 29.29
N GLU D 176 9.87 7.73 29.49
CA GLU D 176 10.95 8.70 29.57
C GLU D 176 11.55 8.76 30.97
N ASP D 177 10.72 8.60 31.99
CA ASP D 177 11.22 8.63 33.36
C ASP D 177 12.28 7.56 33.60
N GLU D 178 12.28 6.48 32.81
CA GLU D 178 13.25 5.40 32.93
C GLU D 178 14.10 5.26 31.68
N ALA D 179 14.30 6.37 30.97
CA ALA D 179 15.15 6.34 29.80
C ALA D 179 16.61 6.22 30.19
N PRO D 180 17.42 5.51 29.41
CA PRO D 180 18.86 5.45 29.68
C PRO D 180 19.53 6.73 29.23
N LEU D 181 20.80 6.86 29.63
CA LEU D 181 21.55 8.06 29.30
C LEU D 181 21.49 8.32 27.80
N ALA D 182 21.38 9.60 27.43
CA ALA D 182 21.13 9.98 26.05
C ALA D 182 22.22 9.44 25.12
N SER D 183 21.80 8.76 24.07
CA SER D 183 22.70 8.20 23.07
C SER D 183 22.93 9.21 21.95
N LYS D 184 23.86 8.85 21.06
CA LYS D 184 24.12 9.69 19.89
C LYS D 184 22.91 9.74 18.97
N PHE D 185 22.25 8.59 18.76
CA PHE D 185 21.14 8.53 17.83
C PHE D 185 20.00 9.44 18.25
N ILE D 186 19.65 9.41 19.54
CA ILE D 186 18.53 10.20 20.01
C ILE D 186 18.80 11.67 19.80
N LEU D 187 20.02 12.12 20.07
CA LEU D 187 20.37 13.51 19.86
C LEU D 187 20.29 13.86 18.38
N ASP D 188 20.81 12.98 17.52
CA ASP D 188 20.84 13.29 16.10
C ASP D 188 19.42 13.34 15.51
N ASN D 189 18.63 12.31 15.76
CA ASN D 189 17.28 12.19 15.19
C ASN D 189 16.22 12.50 16.24
N TYR D 190 16.10 13.79 16.58
CA TYR D 190 15.14 14.21 17.58
C TYR D 190 13.77 14.57 17.00
N GLY D 191 13.68 14.76 15.69
CA GLY D 191 12.38 15.04 15.10
C GLY D 191 11.51 13.81 15.04
N LEU D 192 12.14 12.65 14.87
CA LEU D 192 11.39 11.40 14.82
C LEU D 192 10.88 11.04 16.19
N VAL D 193 11.73 11.21 17.21
CA VAL D 193 11.31 10.91 18.57
C VAL D 193 10.19 11.85 18.99
N LYS D 194 10.28 13.13 18.63
CA LYS D 194 9.18 14.04 18.96
C LYS D 194 7.90 13.63 18.25
N GLU D 195 8.00 13.28 16.96
CA GLU D 195 6.81 12.91 16.20
C GLU D 195 6.13 11.69 16.78
N MET D 196 6.90 10.66 17.13
CA MET D 196 6.32 9.47 17.73
C MET D 196 5.78 9.77 19.13
N ARG D 197 6.49 10.61 19.87
CA ARG D 197 6.09 10.91 21.24
C ARG D 197 4.73 11.58 21.29
N SER D 198 4.48 12.52 20.38
CA SER D 198 3.24 13.28 20.44
C SER D 198 2.02 12.37 20.31
N LYS D 199 2.08 11.41 19.39
CA LYS D 199 0.93 10.54 19.14
C LYS D 199 0.59 9.67 20.34
N PHE D 200 1.60 9.20 21.07
CA PHE D 200 1.40 8.23 22.14
C PHE D 200 1.70 8.81 23.52
N ALA D 201 1.27 10.04 23.78
CA ALA D 201 1.47 10.68 25.08
C ALA D 201 0.12 11.10 25.63
N ASN D 202 -0.07 10.86 26.93
CA ASN D 202 -1.33 11.14 27.61
C ASN D 202 -2.47 10.32 26.98
N LYS D 203 -2.22 9.03 26.78
CA LYS D 203 -3.20 8.16 26.16
C LYS D 203 -3.35 6.89 26.98
N PRO D 204 -4.56 6.33 27.07
CA PRO D 204 -4.73 5.02 27.71
C PRO D 204 -4.40 3.90 26.75
N LEU D 205 -3.26 3.24 26.96
CA LEU D 205 -2.81 2.21 26.05
C LEU D 205 -1.97 1.19 26.80
N ASN D 206 -1.92 -0.03 26.26
CA ASN D 206 -0.96 -1.02 26.75
C ASN D 206 0.36 -0.70 26.08
N LYS D 207 1.30 -0.17 26.87
CA LYS D 207 2.53 0.38 26.32
C LYS D 207 3.36 -0.69 25.61
N GLU D 208 3.41 -1.90 26.18
CA GLU D 208 4.22 -2.96 25.61
C GLU D 208 3.80 -3.27 24.19
N VAL D 209 2.48 -3.29 23.94
CA VAL D 209 1.99 -3.60 22.60
C VAL D 209 2.48 -2.57 21.61
N VAL D 210 2.42 -1.29 21.99
CA VAL D 210 2.86 -0.24 21.08
C VAL D 210 4.34 -0.39 20.80
N ALA D 211 5.13 -0.72 21.83
CA ALA D 211 6.57 -0.85 21.60
C ALA D 211 6.86 -2.00 20.64
N HIS D 212 6.20 -3.14 20.84
CA HIS D 212 6.41 -4.28 19.95
C HIS D 212 6.02 -3.93 18.51
N MET D 213 4.89 -3.24 18.36
CA MET D 213 4.46 -2.85 17.02
C MET D 213 5.41 -1.85 16.38
N LEU D 214 6.06 -0.98 17.16
CA LEU D 214 7.07 -0.12 16.55
C LEU D 214 8.31 -0.92 16.16
N GLU D 215 8.59 -1.99 16.90
CA GLU D 215 9.68 -2.87 16.51
C GLU D 215 9.41 -3.47 15.15
N LYS D 216 8.21 -4.01 14.96
CA LYS D 216 7.86 -4.52 13.64
C LYS D 216 7.80 -3.41 12.60
N GLN D 217 7.42 -2.20 13.01
CA GLN D 217 7.36 -1.10 12.05
C GLN D 217 8.72 -0.82 11.44
N PHE D 218 9.79 -0.96 12.22
CA PHE D 218 11.12 -0.57 11.75
C PHE D 218 11.95 -1.76 11.29
N ASN D 219 11.34 -2.91 11.06
CA ASN D 219 12.05 -4.11 10.64
C ASN D 219 11.69 -4.49 9.22
N PRO D 220 12.59 -4.34 8.24
CA PRO D 220 12.27 -4.82 6.89
C PRO D 220 12.43 -6.33 6.84
N GLU D 221 11.32 -7.03 6.67
CA GLU D 221 11.31 -8.49 6.71
C GLU D 221 12.02 -9.03 5.47
N SER D 222 13.22 -9.56 5.67
CA SER D 222 14.00 -10.12 4.58
C SER D 222 13.76 -11.61 4.50
N ARG D 223 13.43 -12.10 3.30
CA ARG D 223 13.09 -13.50 3.10
C ARG D 223 13.75 -13.98 1.82
N PHE D 224 14.00 -15.28 1.76
CA PHE D 224 14.59 -15.92 0.58
C PHE D 224 13.46 -16.61 -0.16
N LEU D 225 13.02 -16.02 -1.25
CA LEU D 225 11.78 -16.43 -1.91
C LEU D 225 11.99 -16.64 -3.40
N PRO D 226 11.12 -17.40 -4.04
CA PRO D 226 11.06 -17.35 -5.50
C PRO D 226 10.41 -16.05 -5.95
N VAL D 227 10.88 -15.54 -7.09
CA VAL D 227 10.50 -14.20 -7.52
C VAL D 227 10.42 -14.18 -9.04
N PHE D 228 9.55 -13.30 -9.54
CA PHE D 228 9.42 -13.07 -10.97
C PHE D 228 9.10 -11.60 -11.19
N GLY D 229 9.62 -11.05 -12.27
CA GLY D 229 9.37 -9.65 -12.58
C GLY D 229 10.23 -8.72 -11.74
N ALA D 230 9.79 -7.47 -11.69
CA ALA D 230 10.50 -6.46 -10.92
C ALA D 230 10.58 -6.87 -9.45
N ILE D 231 11.47 -6.19 -8.74
CA ILE D 231 11.70 -6.44 -7.31
C ILE D 231 11.43 -5.13 -6.60
N ARG D 232 10.32 -5.08 -5.88
CA ARG D 232 9.92 -3.91 -5.15
C ARG D 232 9.18 -4.39 -3.91
N PRO D 233 9.41 -3.77 -2.75
CA PRO D 233 8.69 -4.22 -1.54
C PRO D 233 7.19 -4.18 -1.71
N GLU D 234 6.67 -3.20 -2.48
CA GLU D 234 5.23 -3.09 -2.67
C GLU D 234 4.62 -4.35 -3.27
N ARG D 235 5.37 -5.08 -4.10
CA ARG D 235 4.86 -6.31 -4.68
C ARG D 235 5.09 -7.50 -3.76
N MET D 236 6.30 -7.63 -3.23
CA MET D 236 6.65 -8.81 -2.44
C MET D 236 5.71 -9.02 -1.26
N GLU D 237 5.03 -7.96 -0.79
CA GLU D 237 4.12 -8.13 0.33
C GLU D 237 2.87 -8.91 -0.06
N LEU D 238 2.52 -8.94 -1.35
CA LEU D 238 1.34 -9.68 -1.82
C LEU D 238 1.65 -10.53 -3.04
N ILE D 239 2.93 -10.82 -3.29
CA ILE D 239 3.32 -11.63 -4.43
C ILE D 239 2.45 -12.88 -4.55
N HIS D 240 2.01 -13.42 -3.41
CA HIS D 240 1.18 -14.62 -3.42
C HIS D 240 -0.08 -14.43 -4.25
N ALA D 241 -0.49 -13.20 -4.52
CA ALA D 241 -1.71 -12.92 -5.28
C ALA D 241 -1.37 -12.19 -6.58
N LEU D 242 -0.19 -12.45 -7.11
CA LEU D 242 0.24 -11.92 -8.39
C LEU D 242 0.63 -12.99 -9.39
N GLY D 243 1.19 -14.11 -8.92
CA GLY D 243 1.56 -15.17 -9.83
C GLY D 243 2.24 -16.34 -9.17
N GLY D 244 2.09 -17.51 -9.77
CA GLY D 244 2.76 -18.71 -9.32
C GLY D 244 3.57 -19.36 -10.42
N GLU D 245 3.75 -20.67 -10.35
CA GLU D 245 4.50 -21.37 -11.39
C GLU D 245 3.71 -21.51 -12.68
N THR D 246 2.38 -21.37 -12.62
CA THR D 246 1.54 -21.68 -13.76
C THR D 246 0.56 -20.58 -14.12
N TRP D 247 0.48 -19.49 -13.35
CA TRP D 247 -0.51 -18.46 -13.57
C TRP D 247 0.08 -17.11 -13.21
N ILE D 248 -0.53 -16.06 -13.77
CA ILE D 248 -0.05 -14.70 -13.57
C ILE D 248 -1.25 -13.76 -13.51
N GLN D 249 -1.37 -13.01 -12.41
CA GLN D 249 -2.42 -12.02 -12.24
C GLN D 249 -1.82 -10.64 -12.49
N GLU D 250 -1.80 -10.23 -13.75
CA GLU D 250 -1.22 -8.94 -14.10
C GLU D 250 -1.82 -7.83 -13.24
N ALA D 251 -0.99 -6.83 -12.95
CA ALA D 251 -1.41 -5.68 -12.14
C ALA D 251 -0.34 -4.62 -12.18
N ASN D 252 -0.77 -3.36 -12.21
CA ASN D 252 0.12 -2.21 -12.25
C ASN D 252 0.28 -1.66 -10.83
N THR D 253 1.49 -1.77 -10.29
CA THR D 253 1.78 -1.33 -8.92
C THR D 253 2.94 -0.35 -8.86
N ALA D 254 3.20 0.37 -9.95
CA ALA D 254 4.36 1.25 -10.01
C ALA D 254 4.25 2.38 -9.01
N GLY D 255 3.11 3.07 -8.98
CA GLY D 255 2.99 4.27 -8.20
C GLY D 255 2.40 4.08 -6.82
N ILE D 256 3.04 3.23 -6.01
CA ILE D 256 2.65 3.08 -4.60
C ILE D 256 3.92 3.05 -3.75
N SER D 257 3.97 3.93 -2.76
CA SER D 257 5.04 3.95 -1.76
C SER D 257 6.42 3.78 -2.40
N ASN D 258 6.75 4.69 -3.30
CA ASN D 258 8.03 4.67 -3.99
C ASN D 258 9.19 4.60 -3.00
N VAL D 259 9.89 3.46 -2.97
CA VAL D 259 11.08 3.29 -2.14
C VAL D 259 12.36 3.19 -2.96
N ASP D 260 12.27 3.09 -4.29
CA ASP D 260 13.46 2.95 -5.12
C ASP D 260 14.12 4.27 -5.46
N GLN D 261 13.40 5.39 -5.42
CA GLN D 261 13.99 6.65 -5.83
C GLN D 261 14.99 7.15 -4.79
N ARG D 262 14.81 6.78 -3.53
CA ARG D 262 15.71 7.26 -2.49
C ARG D 262 16.98 6.41 -2.47
N LYS D 263 16.84 5.11 -2.73
CA LYS D 263 18.01 4.27 -2.93
C LYS D 263 18.82 4.76 -4.12
N ASN D 264 18.13 5.10 -5.21
CA ASN D 264 18.83 5.62 -6.39
C ASN D 264 19.55 6.92 -6.06
N ASP D 265 18.90 7.82 -5.33
CA ASP D 265 19.54 9.09 -5.00
C ASP D 265 20.76 8.87 -4.11
N ILE D 266 20.66 7.95 -3.14
CA ILE D 266 21.78 7.68 -2.27
C ILE D 266 22.97 7.16 -3.06
N ARG D 267 22.71 6.24 -4.00
CA ARG D 267 23.82 5.74 -4.82
C ARG D 267 24.39 6.82 -5.70
N ALA D 268 23.55 7.70 -6.24
CA ALA D 268 24.06 8.79 -7.07
C ALA D 268 24.97 9.70 -6.26
N VAL D 269 24.56 10.02 -5.02
CA VAL D 269 25.38 10.87 -4.17
C VAL D 269 26.69 10.19 -3.82
N CYS D 270 26.66 8.89 -3.54
CA CYS D 270 27.90 8.19 -3.25
C CYS D 270 28.83 8.19 -4.45
N ARG D 271 28.26 8.04 -5.65
CA ARG D 271 29.07 8.12 -6.87
C ARG D 271 29.70 9.51 -6.98
N LYS D 272 28.92 10.54 -6.71
CA LYS D 272 29.42 11.91 -6.84
C LYS D 272 30.56 12.18 -5.88
N VAL D 273 30.41 11.75 -4.62
CA VAL D 273 31.47 11.99 -3.64
C VAL D 273 32.71 11.16 -3.97
N CYS D 274 32.51 9.91 -4.43
CA CYS D 274 33.66 9.08 -4.78
C CYS D 274 34.42 9.66 -5.95
N LEU D 275 33.72 10.29 -6.89
CA LEU D 275 34.39 10.88 -8.05
C LEU D 275 35.03 12.22 -7.71
N ALA D 276 34.40 12.99 -6.82
CA ALA D 276 35.02 14.20 -6.30
C ALA D 276 36.35 13.89 -5.61
N ALA D 277 36.35 12.93 -4.69
CA ALA D 277 37.49 12.71 -3.81
C ALA D 277 38.60 11.87 -4.45
N ASN D 278 38.64 11.79 -5.77
CA ASN D 278 39.76 11.15 -6.45
C ASN D 278 40.85 12.14 -6.84
N ALA D 279 40.61 13.44 -6.70
CA ALA D 279 41.61 14.43 -7.06
C ALA D 279 42.84 14.33 -6.18
N SER D 280 42.66 14.13 -4.88
CA SER D 280 43.76 14.14 -3.93
C SER D 280 44.41 12.76 -3.95
N ILE D 281 45.56 12.65 -4.61
CA ILE D 281 46.24 11.38 -4.71
C ILE D 281 46.73 10.93 -3.33
N MET D 282 47.38 11.83 -2.60
CA MET D 282 48.00 11.46 -1.34
C MET D 282 46.97 11.16 -0.25
N ASN D 283 45.89 11.94 -0.19
CA ASN D 283 44.94 11.87 0.92
C ASN D 283 43.51 11.81 0.41
N ALA D 284 43.26 10.91 -0.54
CA ALA D 284 41.90 10.73 -1.04
C ALA D 284 40.97 10.19 0.05
N LYS D 285 41.47 9.25 0.85
CA LYS D 285 40.63 8.59 1.86
C LYS D 285 40.12 9.58 2.90
N SER D 286 41.01 10.42 3.44
CA SER D 286 40.59 11.38 4.45
C SER D 286 39.59 12.38 3.86
N LYS D 287 39.84 12.83 2.64
CA LYS D 287 38.91 13.74 1.98
C LYS D 287 37.56 13.08 1.83
N LEU D 288 37.55 11.79 1.49
CA LEU D 288 36.29 11.07 1.33
C LEU D 288 35.52 11.03 2.64
N VAL D 289 36.21 10.73 3.74
CA VAL D 289 35.51 10.64 5.02
C VAL D 289 34.95 12.00 5.40
N GLU D 290 35.74 13.06 5.24
CA GLU D 290 35.24 14.38 5.58
C GLU D 290 34.06 14.75 4.70
N TYR D 291 34.13 14.38 3.42
CA TYR D 291 33.07 14.69 2.47
C TYR D 291 31.76 14.00 2.88
N ILE D 292 31.86 12.74 3.29
CA ILE D 292 30.67 12.01 3.73
C ILE D 292 30.10 12.61 5.00
N LYS D 293 30.96 12.92 5.97
CA LYS D 293 30.44 13.37 7.26
C LYS D 293 29.72 14.70 7.13
N SER D 294 30.21 15.60 6.27
CA SER D 294 29.63 16.93 6.13
C SER D 294 28.58 16.97 5.03
N THR D 295 27.68 16.00 5.03
CA THR D 295 26.62 15.96 4.02
C THR D 295 25.40 15.27 4.62
N SER D 296 24.22 15.68 4.15
CA SER D 296 22.97 15.09 4.63
C SER D 296 21.93 15.11 3.52
N MET D 297 20.79 14.48 3.79
CA MET D 297 19.72 14.41 2.79
C MET D 297 18.39 14.22 3.51
N ARG D 298 17.32 14.69 2.88
CA ARG D 298 16.00 14.66 3.48
C ARG D 298 15.29 13.35 3.13
N ILE D 299 14.67 12.74 4.13
CA ILE D 299 13.88 11.53 4.00
C ILE D 299 12.49 11.88 4.51
N GLY D 300 11.53 11.96 3.59
CA GLY D 300 10.18 12.33 3.97
C GLY D 300 10.14 13.71 4.60
N GLU D 301 9.98 13.74 5.93
CA GLU D 301 9.97 14.98 6.68
C GLU D 301 11.32 15.26 7.34
N THR D 302 12.01 14.23 7.79
CA THR D 302 13.21 14.41 8.60
C THR D 302 14.41 14.57 7.67
N GLU D 303 15.49 15.14 8.20
CA GLU D 303 16.76 15.19 7.50
C GLU D 303 17.74 14.27 8.21
N ARG D 304 18.33 13.34 7.48
CA ARG D 304 19.21 12.33 8.04
C ARG D 304 20.61 12.49 7.46
N LYS D 305 21.60 12.10 8.27
CA LYS D 305 22.99 12.15 7.86
C LYS D 305 23.34 11.00 6.93
N LEU D 306 24.09 11.32 5.87
CA LEU D 306 24.42 10.32 4.87
C LEU D 306 25.20 9.16 5.46
N GLU D 307 26.04 9.42 6.46
CA GLU D 307 26.87 8.37 7.03
C GLU D 307 26.01 7.27 7.64
N GLU D 308 24.96 7.66 8.38
CA GLU D 308 24.11 6.66 9.00
C GLU D 308 23.31 5.92 7.94
N LEU D 309 22.83 6.63 6.91
CA LEU D 309 22.04 5.97 5.87
C LEU D 309 22.87 4.89 5.19
N ILE D 310 24.13 5.19 4.90
CA ILE D 310 24.99 4.20 4.24
C ILE D 310 25.14 2.96 5.09
N LEU D 311 25.28 3.14 6.40
CA LEU D 311 25.42 2.00 7.30
C LEU D 311 24.15 1.15 7.30
N GLU D 312 22.98 1.79 7.29
CA GLU D 312 21.73 1.06 7.34
C GLU D 312 21.43 0.34 6.03
N THR D 313 21.79 0.94 4.90
CA THR D 313 21.39 0.42 3.60
C THR D 313 21.99 -0.96 3.35
N ASP D 314 21.39 -1.67 2.38
CA ASP D 314 21.85 -3.00 1.98
C ASP D 314 22.10 -3.07 0.48
N ASP D 315 22.33 -1.94 -0.18
CA ASP D 315 22.64 -1.93 -1.60
C ASP D 315 24.02 -2.50 -1.84
N VAL D 316 24.09 -3.72 -2.38
CA VAL D 316 25.36 -4.34 -2.68
C VAL D 316 25.82 -3.84 -4.04
N SER D 317 26.38 -2.64 -4.07
CA SER D 317 26.78 -1.98 -5.29
C SER D 317 28.17 -1.37 -5.10
N PRO D 318 28.98 -1.31 -6.17
CA PRO D 318 30.37 -0.87 -5.98
C PRO D 318 30.49 0.51 -5.39
N GLU D 319 29.53 1.40 -5.68
CA GLU D 319 29.60 2.76 -5.14
C GLU D 319 29.53 2.73 -3.62
N VAL D 320 28.50 2.09 -3.08
CA VAL D 320 28.27 2.08 -1.64
C VAL D 320 29.36 1.29 -0.92
N THR D 321 29.85 0.22 -1.53
CA THR D 321 30.77 -0.67 -0.83
C THR D 321 32.02 0.07 -0.38
N LEU D 322 32.59 0.90 -1.27
CA LEU D 322 33.80 1.64 -0.91
C LEU D 322 33.52 2.59 0.25
N CYS D 323 32.39 3.29 0.21
CA CYS D 323 32.05 4.24 1.27
C CYS D 323 31.86 3.52 2.59
N LYS D 324 31.18 2.37 2.57
CA LYS D 324 31.02 1.58 3.77
C LYS D 324 32.36 1.14 4.30
N SER D 325 33.29 0.83 3.40
CA SER D 325 34.65 0.46 3.80
C SER D 325 35.33 1.59 4.54
N ALA D 326 35.23 2.81 4.00
CA ALA D 326 35.93 3.93 4.60
C ALA D 326 35.42 4.21 6.01
N LEU D 327 34.10 4.19 6.19
CA LEU D 327 33.53 4.40 7.51
C LEU D 327 33.80 3.25 8.46
N GLY D 328 34.06 2.05 7.94
CA GLY D 328 34.31 0.88 8.75
C GLY D 328 33.16 -0.09 8.83
N GLY D 329 32.07 0.16 8.11
CA GLY D 329 30.95 -0.76 8.11
C GLY D 329 31.31 -2.09 7.48
N GLN D 330 30.85 -3.16 8.12
CA GLN D 330 30.99 -4.49 7.56
C GLN D 330 29.91 -4.70 6.50
N LEU D 331 30.23 -5.54 5.51
CA LEU D 331 29.35 -5.68 4.36
C LEU D 331 29.37 -7.12 3.85
N GLY D 332 28.44 -7.39 2.93
CA GLY D 332 28.24 -8.73 2.44
C GLY D 332 29.38 -9.25 1.58
N LYS D 333 29.39 -10.57 1.42
CA LYS D 333 30.39 -11.26 0.61
C LYS D 333 29.95 -11.24 -0.86
N THR D 334 30.06 -10.05 -1.45
CA THR D 334 29.58 -9.82 -2.80
C THR D 334 30.61 -9.01 -3.58
N LEU D 335 31.15 -9.61 -4.64
CA LEU D 335 32.12 -8.96 -5.51
C LEU D 335 31.43 -8.20 -6.62
N SER D 336 32.24 -7.49 -7.40
CA SER D 336 31.75 -6.73 -8.53
C SER D 336 32.85 -6.64 -9.58
N PHE D 337 32.44 -6.45 -10.83
CA PHE D 337 33.39 -6.31 -11.94
C PHE D 337 32.68 -5.51 -13.02
N GLY D 338 32.79 -4.19 -12.94
CA GLY D 338 32.07 -3.30 -13.82
C GLY D 338 30.61 -3.19 -13.41
N PRO D 339 29.69 -3.15 -14.38
CA PRO D 339 28.27 -3.20 -14.05
C PRO D 339 27.74 -4.62 -13.94
N MET D 340 28.53 -5.48 -13.31
CA MET D 340 28.22 -6.90 -13.19
C MET D 340 28.27 -7.30 -11.72
N LEU D 341 27.63 -8.41 -11.40
CA LEU D 341 27.65 -8.93 -10.04
C LEU D 341 28.22 -10.35 -10.05
N LEU D 342 28.88 -10.70 -8.95
CA LEU D 342 29.55 -11.99 -8.80
C LEU D 342 29.38 -12.52 -7.39
N LYS D 343 29.53 -13.83 -7.25
CA LYS D 343 29.50 -14.46 -5.93
C LYS D 343 30.27 -15.78 -5.99
N LYS D 344 31.40 -15.82 -5.29
CA LYS D 344 32.30 -16.98 -5.31
C LYS D 344 31.69 -18.15 -4.55
N ILE D 345 31.29 -19.21 -5.26
CA ILE D 345 30.74 -20.35 -4.55
C ILE D 345 31.84 -21.17 -3.88
N SER D 346 32.98 -21.35 -4.55
CA SER D 346 34.02 -22.24 -4.05
C SER D 346 35.35 -21.88 -4.70
N GLY D 347 36.40 -22.57 -4.28
CA GLY D 347 37.73 -22.46 -4.87
C GLY D 347 38.66 -21.57 -4.07
N SER D 348 39.82 -21.32 -4.69
CA SER D 348 40.92 -20.59 -4.06
C SER D 348 41.86 -20.13 -5.16
N GLY D 349 43.05 -19.68 -4.76
CA GLY D 349 44.05 -19.27 -5.73
C GLY D 349 45.09 -18.35 -5.10
N VAL D 350 45.98 -17.86 -5.97
CA VAL D 350 47.11 -17.04 -5.54
C VAL D 350 47.66 -16.31 -6.77
N LYS D 351 48.03 -15.06 -6.57
CA LYS D 351 48.41 -14.17 -7.66
C LYS D 351 49.62 -14.72 -8.42
N VAL D 352 49.59 -14.58 -9.75
CA VAL D 352 50.70 -15.01 -10.59
C VAL D 352 50.81 -14.09 -11.80
N LYS D 353 51.89 -13.32 -11.88
CA LYS D 353 52.07 -12.32 -12.92
C LYS D 353 52.40 -12.95 -14.27
N ASP D 354 51.94 -12.30 -15.34
CA ASP D 354 52.26 -12.68 -16.71
C ASP D 354 52.31 -11.42 -17.58
N THR D 355 53.21 -11.45 -18.57
CA THR D 355 53.42 -10.32 -19.45
C THR D 355 52.41 -10.27 -20.59
N VAL D 356 52.14 -9.07 -21.08
CA VAL D 356 51.31 -8.84 -22.27
C VAL D 356 51.95 -7.72 -23.08
N TYR D 357 52.26 -8.00 -24.35
CA TYR D 357 52.85 -7.01 -25.25
C TYR D 357 51.74 -6.21 -25.91
N ILE D 358 51.73 -4.89 -25.69
CA ILE D 358 50.62 -4.07 -26.17
C ILE D 358 50.74 -3.84 -27.67
N GLN D 359 51.94 -3.50 -28.15
CA GLN D 359 52.18 -3.22 -29.56
C GLN D 359 53.62 -3.61 -29.82
N GLY D 360 53.84 -4.50 -30.79
CA GLY D 360 55.19 -5.02 -30.97
C GLY D 360 55.66 -5.54 -29.63
N VAL D 361 56.70 -4.93 -29.07
CA VAL D 361 57.31 -5.39 -27.83
C VAL D 361 57.08 -4.29 -26.80
N ARG D 362 56.10 -4.48 -25.91
CA ARG D 362 55.87 -3.56 -24.80
C ARG D 362 55.29 -4.39 -23.64
N ALA D 363 56.17 -4.85 -22.77
CA ALA D 363 55.77 -5.74 -21.69
C ALA D 363 54.91 -5.00 -20.68
N VAL D 364 53.79 -5.61 -20.29
CA VAL D 364 52.89 -5.06 -19.28
C VAL D 364 52.44 -6.21 -18.39
N GLN D 365 52.74 -6.10 -17.10
CA GLN D 365 52.46 -7.21 -16.19
C GLN D 365 51.00 -7.21 -15.77
N PHE D 366 50.42 -8.39 -15.65
CA PHE D 366 49.05 -8.55 -15.17
C PHE D 366 48.98 -9.80 -14.33
N GLU D 367 48.21 -9.75 -13.26
CA GLU D 367 48.15 -10.83 -12.29
C GLU D 367 46.94 -11.71 -12.55
N TYR D 368 47.12 -13.03 -12.40
CA TYR D 368 46.07 -13.98 -12.67
C TYR D 368 46.08 -15.05 -11.58
N TRP D 369 44.90 -15.39 -11.09
CA TRP D 369 44.78 -16.40 -10.04
C TRP D 369 45.10 -17.78 -10.60
N SER D 370 45.40 -18.72 -9.70
CA SER D 370 45.80 -20.07 -10.12
C SER D 370 45.10 -21.13 -9.29
N GLU D 371 43.82 -21.37 -9.59
CA GLU D 371 43.09 -22.48 -9.00
C GLU D 371 41.71 -22.55 -9.63
N GLN D 372 41.04 -23.68 -9.42
CA GLN D 372 39.65 -23.82 -9.85
C GLN D 372 38.75 -22.96 -8.99
N GLU D 373 37.78 -22.30 -9.63
CA GLU D 373 36.96 -21.31 -8.91
C GLU D 373 35.61 -21.13 -9.58
N GLU D 374 34.54 -21.54 -8.88
CA GLU D 374 33.18 -21.38 -9.37
C GLU D 374 32.61 -20.02 -8.95
N PHE D 375 31.77 -19.46 -9.82
CA PHE D 375 31.30 -18.09 -9.64
C PHE D 375 29.91 -17.93 -10.21
N TYR D 376 28.96 -17.52 -9.37
CA TYR D 376 27.69 -17.04 -9.88
C TYR D 376 27.89 -15.63 -10.42
N GLY D 377 27.14 -15.32 -11.48
CA GLY D 377 27.21 -14.00 -12.06
C GLY D 377 25.82 -13.49 -12.40
N GLU D 378 25.73 -12.16 -12.53
CA GLU D 378 24.44 -11.50 -12.70
C GLU D 378 24.63 -10.19 -13.44
N TYR D 379 24.24 -10.19 -14.72
CA TYR D 379 24.11 -8.98 -15.52
C TYR D 379 22.61 -8.74 -15.74
N LYS D 380 22.27 -7.56 -16.24
CA LYS D 380 20.86 -7.21 -16.39
C LYS D 380 20.09 -8.34 -17.09
N SER D 381 19.03 -8.79 -16.44
CA SER D 381 18.13 -9.81 -16.98
C SER D 381 18.88 -11.03 -17.50
N ALA D 382 20.07 -11.29 -16.97
CA ALA D 382 20.80 -12.50 -17.29
C ALA D 382 21.60 -12.94 -16.07
N THR D 383 21.90 -14.24 -16.04
CA THR D 383 22.65 -14.81 -14.94
C THR D 383 23.52 -15.93 -15.47
N ALA D 384 24.50 -16.33 -14.67
CA ALA D 384 25.40 -17.40 -15.08
C ALA D 384 25.94 -18.12 -13.86
N LEU D 385 26.57 -19.26 -14.13
CA LEU D 385 27.28 -20.05 -13.12
C LEU D 385 28.54 -20.60 -13.80
N PHE D 386 29.56 -19.76 -13.90
CA PHE D 386 30.78 -20.12 -14.61
C PHE D 386 31.81 -20.71 -13.65
N SER D 387 32.89 -21.22 -14.23
CA SER D 387 34.02 -21.69 -13.46
C SER D 387 35.31 -21.42 -14.23
N ARG D 388 36.37 -21.14 -13.48
CA ARG D 388 37.68 -20.92 -14.06
C ARG D 388 38.67 -21.95 -13.53
N LYS D 389 39.82 -22.03 -14.21
CA LYS D 389 40.88 -22.96 -13.86
C LYS D 389 42.18 -22.46 -14.46
N GLU D 390 43.12 -22.05 -13.62
CA GLU D 390 44.50 -21.72 -14.02
C GLU D 390 44.53 -20.91 -15.31
N ARG D 391 43.92 -19.73 -15.25
CA ARG D 391 43.92 -18.81 -16.39
C ARG D 391 43.21 -19.43 -17.60
N SER D 392 42.13 -20.15 -17.35
CA SER D 392 41.31 -20.67 -18.42
C SER D 392 39.88 -20.78 -17.94
N LEU D 393 38.94 -20.41 -18.80
CA LEU D 393 37.53 -20.56 -18.50
C LEU D 393 37.11 -21.98 -18.82
N GLU D 394 36.86 -22.77 -17.76
CA GLU D 394 36.54 -24.18 -17.96
C GLU D 394 35.16 -24.35 -18.56
N TRP D 395 34.16 -23.65 -18.01
CA TRP D 395 32.81 -23.74 -18.53
C TRP D 395 32.00 -22.57 -18.02
N ILE D 396 30.86 -22.35 -18.68
CA ILE D 396 29.89 -21.34 -18.29
C ILE D 396 28.50 -21.82 -18.67
N THR D 397 27.61 -21.84 -17.70
CA THR D 397 26.21 -22.20 -17.90
C THR D 397 25.35 -20.97 -17.67
N ILE D 398 24.65 -20.52 -18.71
CA ILE D 398 23.83 -19.33 -18.67
C ILE D 398 22.36 -19.72 -18.68
N GLY D 399 21.55 -18.92 -18.00
CA GLY D 399 20.12 -19.15 -17.91
C GLY D 399 19.32 -17.88 -18.07
N GLY D 400 19.83 -16.94 -18.85
CA GLY D 400 19.20 -15.64 -19.00
C GLY D 400 18.00 -15.66 -19.92
N GLY D 401 17.67 -14.48 -20.42
CA GLY D 401 16.51 -14.32 -21.27
C GLY D 401 16.71 -13.37 -22.43
N ILE D 402 17.92 -12.82 -22.59
CA ILE D 402 18.20 -11.84 -23.63
C ILE D 402 19.53 -12.20 -24.31
N ASN D 403 19.62 -11.87 -25.60
CA ASN D 403 20.84 -12.14 -26.35
C ASN D 403 21.94 -11.12 -26.05
N GLU D 404 21.59 -9.83 -26.08
CA GLU D 404 22.59 -8.79 -25.84
C GLU D 404 23.19 -8.93 -24.45
N ASP D 405 22.33 -9.06 -23.44
CA ASP D 405 22.81 -9.23 -22.07
C ASP D 405 23.65 -10.50 -21.96
N ARG D 406 23.24 -11.57 -22.63
CA ARG D 406 24.03 -12.79 -22.61
C ARG D 406 25.44 -12.54 -23.15
N LYS D 407 25.55 -11.86 -24.29
CA LYS D 407 26.86 -11.61 -24.86
C LYS D 407 27.71 -10.77 -23.92
N ARG D 408 27.12 -9.73 -23.34
CA ARG D 408 27.88 -8.85 -22.45
C ARG D 408 28.35 -9.61 -21.21
N LEU D 409 27.48 -10.44 -20.64
CA LEU D 409 27.86 -11.26 -19.50
C LEU D 409 29.00 -12.19 -19.85
N LEU D 410 28.90 -12.87 -21.00
CA LEU D 410 29.96 -13.78 -21.40
C LEU D 410 31.28 -13.05 -21.56
N ALA D 411 31.24 -11.86 -22.18
CA ALA D 411 32.47 -11.12 -22.42
C ALA D 411 33.10 -10.67 -21.11
N MET D 412 32.31 -10.07 -20.22
CA MET D 412 32.87 -9.62 -18.95
C MET D 412 33.35 -10.80 -18.12
N CYS D 413 32.72 -11.96 -18.25
CA CYS D 413 33.20 -13.14 -17.52
C CYS D 413 34.53 -13.61 -18.08
N MET D 414 34.62 -13.74 -19.41
CA MET D 414 35.90 -14.10 -20.02
C MET D 414 37.00 -13.17 -19.58
N ILE D 415 36.71 -11.87 -19.53
CA ILE D 415 37.69 -10.91 -19.05
C ILE D 415 38.04 -11.18 -17.59
N PHE D 416 37.04 -11.53 -16.78
CA PHE D 416 37.28 -11.75 -15.36
C PHE D 416 38.38 -12.77 -15.15
N CYS D 417 38.41 -13.80 -15.99
CA CYS D 417 39.31 -14.93 -15.83
C CYS D 417 40.55 -14.82 -16.72
N ARG D 418 40.71 -13.71 -17.43
CA ARG D 418 41.89 -13.46 -18.26
C ARG D 418 42.20 -14.65 -19.17
N ASP D 419 41.15 -15.23 -19.75
CA ASP D 419 41.29 -16.25 -20.76
C ASP D 419 41.47 -15.61 -22.14
N GLY D 420 41.94 -16.42 -23.08
CA GLY D 420 42.05 -15.99 -24.46
C GLY D 420 43.45 -15.55 -24.83
N ASP D 421 43.73 -15.58 -26.14
CA ASP D 421 45.03 -15.19 -26.65
C ASP D 421 45.31 -13.71 -26.44
N TYR D 422 44.28 -12.86 -26.52
CA TYR D 422 44.51 -11.43 -26.45
C TYR D 422 45.27 -11.04 -25.20
N PHE D 423 44.98 -11.71 -24.08
CA PHE D 423 45.72 -11.43 -22.85
C PHE D 423 47.19 -11.78 -23.01
N LYS D 424 47.49 -12.84 -23.76
CA LYS D 424 48.88 -13.16 -24.08
C LYS D 424 49.46 -12.12 -25.03
N ASP D 425 48.74 -11.82 -26.12
CA ASP D 425 49.22 -10.88 -27.14
C ASP D 425 48.15 -9.82 -27.39
N ALA D 426 48.29 -8.69 -26.72
CA ALA D 426 47.30 -7.60 -26.72
C ALA D 426 46.79 -7.24 -28.11
N PRO D 427 45.58 -6.73 -28.23
CA PRO D 427 45.08 -6.28 -29.54
C PRO D 427 45.89 -5.11 -30.07
N ALA D 428 45.99 -5.04 -31.39
CA ALA D 428 46.79 -3.98 -32.02
C ALA D 428 46.26 -2.60 -31.70
N THR D 429 44.94 -2.45 -31.64
CA THR D 429 44.34 -1.12 -31.49
C THR D 429 44.72 -0.45 -30.17
N ILE D 430 44.68 -1.18 -29.06
CA ILE D 430 44.89 -0.54 -27.77
C ILE D 430 46.31 0.02 -27.69
N THR D 431 46.43 1.24 -27.17
CA THR D 431 47.67 1.98 -27.12
C THR D 431 48.06 2.27 -25.67
N MET D 432 49.31 2.75 -25.51
CA MET D 432 49.85 3.08 -24.21
C MET D 432 49.22 4.31 -23.60
N ALA D 433 48.64 5.20 -24.40
CA ALA D 433 47.93 6.35 -23.85
C ALA D 433 46.77 5.92 -22.98
N ASP D 434 46.01 4.93 -23.43
CA ASP D 434 44.84 4.45 -22.71
C ASP D 434 45.19 3.35 -21.72
N LEU D 435 46.35 2.72 -21.88
CA LEU D 435 46.75 1.64 -20.99
C LEU D 435 46.73 2.06 -19.53
N SER D 436 47.22 3.25 -19.22
CA SER D 436 47.38 3.62 -17.81
C SER D 436 47.49 5.13 -17.68
N THR D 437 47.41 5.58 -16.43
CA THR D 437 47.67 6.97 -16.05
C THR D 437 46.77 7.95 -16.79
N LYS D 438 45.47 7.68 -16.77
CA LYS D 438 44.52 8.67 -17.27
C LYS D 438 44.64 9.95 -16.46
N LEU D 439 44.77 9.81 -15.14
CA LEU D 439 44.98 10.92 -14.22
C LEU D 439 46.16 10.60 -13.30
N GLY D 440 47.17 9.95 -13.85
CA GLY D 440 48.32 9.54 -13.08
C GLY D 440 48.21 8.24 -12.31
N ARG D 441 47.22 7.40 -12.61
CA ARG D 441 47.05 6.12 -11.93
C ARG D 441 47.03 4.98 -12.95
N GLU D 442 47.81 3.95 -12.67
CA GLU D 442 47.91 2.79 -13.56
C GLU D 442 46.60 2.00 -13.59
N ILE D 443 46.23 1.55 -14.78
CA ILE D 443 45.03 0.76 -15.01
C ILE D 443 45.39 -0.64 -15.48
N PRO D 444 45.17 -1.69 -14.68
CA PRO D 444 45.59 -3.03 -15.09
C PRO D 444 44.97 -3.43 -16.43
N TYR D 445 45.50 -4.53 -16.97
CA TYR D 445 45.13 -4.96 -18.32
C TYR D 445 43.64 -5.28 -18.44
N GLN D 446 43.09 -5.97 -17.44
CA GLN D 446 41.71 -6.42 -17.55
C GLN D 446 40.74 -5.26 -17.73
N TYR D 447 40.95 -4.18 -16.97
CA TYR D 447 40.05 -3.04 -17.10
C TYR D 447 40.26 -2.32 -18.42
N VAL D 448 41.47 -2.43 -18.98
CA VAL D 448 41.72 -1.92 -20.32
C VAL D 448 40.88 -2.67 -21.33
N MET D 449 40.85 -4.01 -21.22
CA MET D 449 40.06 -4.79 -22.16
C MET D 449 38.57 -4.51 -21.98
N MET D 450 38.15 -4.32 -20.73
CA MET D 450 36.75 -4.02 -20.45
C MET D 450 36.34 -2.71 -21.12
N ASN D 451 37.18 -1.68 -21.00
CA ASN D 451 36.90 -0.43 -21.68
C ASN D 451 36.91 -0.63 -23.20
N TRP D 452 37.83 -1.47 -23.69
CA TRP D 452 37.88 -1.74 -25.12
C TRP D 452 36.56 -2.32 -25.61
N ILE D 453 36.04 -3.33 -24.90
CA ILE D 453 34.80 -3.96 -25.35
C ILE D 453 33.65 -2.96 -25.30
N GLN D 454 33.59 -2.14 -24.25
CA GLN D 454 32.52 -1.15 -24.19
C GLN D 454 32.64 -0.14 -25.33
N LYS D 455 33.86 0.20 -25.75
CA LYS D 455 34.03 1.24 -26.74
C LYS D 455 33.32 0.91 -28.05
N SER D 456 33.37 -0.34 -28.50
CA SER D 456 32.82 -0.69 -29.80
C SER D 456 32.36 -2.15 -29.81
N GLU D 457 31.27 -2.39 -30.54
CA GLU D 457 30.74 -3.75 -30.66
C GLU D 457 31.71 -4.67 -31.39
N ASP D 458 32.43 -4.14 -32.39
CA ASP D 458 33.32 -4.98 -33.17
C ASP D 458 34.37 -5.63 -32.29
N ASN D 459 34.90 -4.89 -31.32
CA ASN D 459 35.86 -5.46 -30.39
C ASN D 459 35.23 -6.61 -29.62
N LEU D 460 33.97 -6.45 -29.22
CA LEU D 460 33.26 -7.51 -28.51
C LEU D 460 33.13 -8.76 -29.37
N GLU D 461 32.77 -8.57 -30.64
CA GLU D 461 32.65 -9.71 -31.54
C GLU D 461 33.99 -10.40 -31.71
N ALA D 462 35.06 -9.63 -31.84
CA ALA D 462 36.39 -10.21 -31.96
C ALA D 462 36.74 -11.02 -30.71
N LEU D 463 36.43 -10.47 -29.53
CA LEU D 463 36.73 -11.18 -28.30
C LEU D 463 35.99 -12.51 -28.24
N LEU D 464 34.70 -12.49 -28.54
CA LEU D 464 33.94 -13.74 -28.52
C LEU D 464 34.48 -14.71 -29.56
N TYR D 465 34.90 -14.20 -30.71
CA TYR D 465 35.52 -15.05 -31.72
C TYR D 465 36.80 -15.68 -31.19
N SER D 466 37.51 -14.97 -30.31
CA SER D 466 38.73 -15.52 -29.74
C SER D 466 38.48 -16.85 -29.07
N ARG D 467 37.38 -16.97 -28.33
CA ARG D 467 36.95 -18.27 -27.84
C ARG D 467 36.59 -19.16 -29.02
N GLY D 468 37.09 -20.39 -28.99
CA GLY D 468 36.95 -21.26 -30.13
C GLY D 468 35.50 -21.48 -30.51
N ILE D 469 35.27 -21.62 -31.81
CA ILE D 469 33.96 -21.94 -32.36
C ILE D 469 34.03 -23.35 -32.92
N VAL D 470 33.00 -24.15 -32.65
CA VAL D 470 32.92 -25.51 -33.15
C VAL D 470 31.57 -25.69 -33.84
N GLU D 471 31.35 -26.87 -34.38
CA GLU D 471 30.09 -27.20 -35.04
C GLU D 471 29.14 -27.78 -34.00
N THR D 472 27.90 -27.31 -34.00
CA THR D 472 26.92 -27.77 -33.04
C THR D 472 26.60 -29.23 -33.30
N ASN D 473 27.07 -30.10 -32.40
CA ASN D 473 26.79 -31.52 -32.53
C ASN D 473 25.29 -31.75 -32.45
N PRO D 474 24.82 -32.92 -32.85
CA PRO D 474 23.37 -33.18 -32.79
C PRO D 474 22.90 -33.28 -31.35
N GLY D 475 21.67 -32.84 -31.13
CA GLY D 475 21.12 -32.84 -29.78
C GLY D 475 21.50 -31.63 -28.97
N LYS D 476 22.79 -31.28 -28.95
CA LYS D 476 23.26 -30.10 -28.24
C LYS D 476 22.88 -28.80 -28.94
N MET D 477 22.17 -28.85 -30.06
CA MET D 477 21.76 -27.63 -30.75
C MET D 477 21.07 -26.67 -29.78
N GLY D 478 20.21 -27.19 -28.92
CA GLY D 478 19.49 -26.32 -27.99
C GLY D 478 20.41 -25.69 -26.96
N SER D 479 21.39 -26.45 -26.48
CA SER D 479 22.36 -25.95 -25.50
C SER D 479 23.59 -25.44 -26.25
N SER D 480 23.40 -24.34 -26.95
CA SER D 480 24.45 -23.71 -27.72
C SER D 480 24.14 -22.24 -27.88
N MET D 481 25.19 -21.45 -28.10
CA MET D 481 25.06 -20.01 -28.26
C MET D 481 25.97 -19.57 -29.40
N GLY D 482 25.39 -18.93 -30.40
CA GLY D 482 26.14 -18.36 -31.49
C GLY D 482 26.78 -17.05 -31.09
N ILE D 483 27.10 -16.24 -32.10
CA ILE D 483 27.68 -14.93 -31.83
C ILE D 483 26.58 -13.91 -31.51
N ASP D 484 25.39 -14.10 -32.07
CA ASP D 484 24.24 -13.24 -31.77
C ASP D 484 23.39 -13.79 -30.64
N GLY D 485 23.96 -14.61 -29.77
CA GLY D 485 23.20 -15.16 -28.65
C GLY D 485 22.00 -15.96 -29.07
N SER D 486 22.12 -16.71 -30.17
CA SER D 486 21.03 -17.55 -30.63
C SER D 486 20.79 -18.71 -29.68
N LYS D 487 19.54 -19.14 -29.58
CA LYS D 487 19.22 -20.31 -28.77
C LYS D 487 19.86 -21.55 -29.34
N ARG D 488 19.91 -21.66 -30.67
CA ARG D 488 20.55 -22.79 -31.34
C ARG D 488 21.14 -22.29 -32.66
N ALA D 489 22.15 -23.01 -33.14
CA ALA D 489 22.76 -22.71 -34.42
C ALA D 489 23.47 -23.95 -34.94
N ILE D 490 24.09 -23.79 -36.10
CA ILE D 490 24.89 -24.87 -36.67
C ILE D 490 26.32 -24.84 -36.16
N LYS D 491 26.83 -23.66 -35.81
CA LYS D 491 28.15 -23.47 -35.25
C LYS D 491 28.01 -22.57 -34.03
N SER D 492 28.76 -22.88 -32.97
CA SER D 492 28.56 -22.20 -31.70
C SER D 492 29.86 -22.12 -30.92
N LEU D 493 29.85 -21.20 -29.96
CA LEU D 493 30.99 -20.93 -29.11
C LEU D 493 31.36 -22.17 -28.33
N ARG D 494 32.66 -22.40 -28.15
CA ARG D 494 33.13 -23.59 -27.47
C ARG D 494 32.75 -23.54 -25.99
N ALA D 495 32.22 -24.66 -25.49
CA ALA D 495 31.91 -24.84 -24.07
C ALA D 495 31.13 -23.66 -23.52
N VAL D 496 30.04 -23.31 -24.20
CA VAL D 496 29.11 -22.27 -23.74
C VAL D 496 27.73 -22.90 -23.73
N THR D 497 27.36 -23.53 -22.62
CA THR D 497 26.05 -24.12 -22.49
C THR D 497 24.99 -23.03 -22.36
N ILE D 498 23.76 -23.35 -22.76
CA ILE D 498 22.63 -22.44 -22.60
C ILE D 498 21.44 -23.24 -22.11
N GLN D 499 20.67 -22.64 -21.20
CA GLN D 499 19.50 -23.27 -20.64
C GLN D 499 18.43 -22.20 -20.47
N SER D 500 17.25 -22.62 -20.03
CA SER D 500 16.13 -21.73 -19.77
C SER D 500 15.82 -21.74 -18.29
N GLY D 501 15.63 -20.56 -17.71
CA GLY D 501 15.40 -20.42 -16.30
C GLY D 501 16.60 -19.84 -15.58
N LYS D 502 16.36 -18.77 -14.84
CA LYS D 502 17.44 -18.04 -14.19
C LYS D 502 18.11 -18.92 -13.15
N ILE D 503 19.44 -18.84 -13.07
CA ILE D 503 20.19 -19.60 -12.09
C ILE D 503 19.91 -19.06 -10.69
N ASP D 504 19.53 -19.96 -9.79
CA ASP D 504 19.14 -19.56 -8.45
C ASP D 504 20.30 -18.87 -7.73
N MET D 505 20.01 -17.74 -7.12
CA MET D 505 21.04 -16.95 -6.45
C MET D 505 21.48 -17.65 -5.17
N PRO D 506 22.78 -17.79 -4.93
CA PRO D 506 23.23 -18.41 -3.68
C PRO D 506 22.93 -17.51 -2.49
N GLU D 507 23.30 -17.94 -1.29
CA GLU D 507 23.03 -17.16 -0.09
C GLU D 507 24.08 -17.47 0.95
N SER D 508 24.42 -16.45 1.73
CA SER D 508 25.37 -16.61 2.83
C SER D 508 25.24 -15.41 3.76
N LYS D 509 25.02 -15.67 5.04
CA LYS D 509 24.85 -14.63 6.04
C LYS D 509 26.17 -14.33 6.75
N GLU D 510 27.15 -13.90 5.95
CA GLU D 510 28.50 -13.65 6.44
C GLU D 510 28.83 -12.18 6.30
N LYS D 511 29.71 -11.69 7.17
CA LYS D 511 30.16 -10.30 7.14
C LYS D 511 31.68 -10.26 7.16
N ILE D 512 32.27 -9.72 6.10
CA ILE D 512 33.72 -9.66 5.94
C ILE D 512 34.18 -8.21 6.07
N HIS D 513 35.17 -7.98 6.92
CA HIS D 513 35.82 -6.68 6.98
C HIS D 513 36.74 -6.53 5.77
N LEU D 514 36.74 -5.33 5.19
CA LEU D 514 37.59 -5.03 4.04
C LEU D 514 38.09 -3.60 4.12
N GLU D 515 39.37 -3.41 3.88
CA GLU D 515 39.99 -2.10 3.94
C GLU D 515 39.96 -1.48 2.54
N LEU D 516 40.65 -0.36 2.37
CA LEU D 516 40.82 0.22 1.05
C LEU D 516 42.19 0.89 0.97
N SER D 517 42.76 0.87 -0.23
CA SER D 517 44.08 1.42 -0.46
C SER D 517 43.99 2.93 -0.69
N ASP D 518 45.14 3.56 -0.86
CA ASP D 518 45.17 4.98 -1.17
C ASP D 518 44.49 5.27 -2.50
N ASN D 519 44.47 4.30 -3.41
CA ASN D 519 43.82 4.44 -4.70
C ASN D 519 42.38 3.93 -4.70
N LEU D 520 41.77 3.78 -3.53
CA LEU D 520 40.40 3.27 -3.42
C LEU D 520 40.27 1.87 -4.02
N GLU D 521 41.18 0.98 -3.65
CA GLU D 521 41.12 -0.43 -4.01
C GLU D 521 40.81 -1.22 -2.76
N ALA D 522 39.60 -1.78 -2.70
CA ALA D 522 39.09 -2.42 -1.48
C ALA D 522 39.60 -3.85 -1.38
N PHE D 523 40.62 -4.04 -0.55
CA PHE D 523 41.07 -5.38 -0.19
C PHE D 523 40.23 -5.94 0.95
N ASP D 524 40.13 -7.27 1.00
CA ASP D 524 39.23 -7.97 1.91
C ASP D 524 39.99 -9.11 2.59
N SER D 525 41.06 -8.76 3.29
CA SER D 525 41.85 -9.71 4.07
C SER D 525 42.55 -10.72 3.19
N SER D 526 42.62 -10.41 1.89
CA SER D 526 43.24 -11.28 0.90
C SER D 526 43.30 -10.48 -0.40
N GLY D 527 44.00 -11.03 -1.39
CA GLY D 527 44.33 -10.26 -2.57
C GLY D 527 43.12 -9.65 -3.24
N ARG D 528 41.98 -10.36 -3.21
CA ARG D 528 40.83 -10.00 -4.01
C ARG D 528 40.55 -8.50 -3.98
N ILE D 529 40.23 -7.96 -5.15
CA ILE D 529 39.76 -6.59 -5.30
C ILE D 529 38.24 -6.66 -5.40
N VAL D 530 37.55 -6.39 -4.31
CA VAL D 530 36.09 -6.42 -4.31
C VAL D 530 35.53 -5.31 -5.18
N ALA D 531 36.11 -4.11 -5.10
CA ALA D 531 35.57 -2.97 -5.83
C ALA D 531 36.66 -1.94 -6.02
N THR D 532 36.42 -1.03 -6.97
CA THR D 532 37.36 0.03 -7.31
C THR D 532 36.58 1.18 -7.93
N ILE D 533 37.28 2.29 -8.15
CA ILE D 533 36.68 3.47 -8.76
C ILE D 533 36.62 3.36 -10.27
N LEU D 534 37.19 2.31 -10.85
CA LEU D 534 37.21 2.12 -12.30
C LEU D 534 36.11 1.18 -12.77
N ASP D 535 35.00 1.18 -12.05
CA ASP D 535 33.82 0.39 -12.37
C ASP D 535 32.56 1.20 -12.08
N LEU D 536 32.63 2.51 -12.29
CA LEU D 536 31.56 3.47 -12.08
C LEU D 536 31.35 4.27 -13.35
N PRO D 537 30.12 4.73 -13.59
CA PRO D 537 29.87 5.60 -14.74
C PRO D 537 30.88 6.75 -14.79
N SER D 538 31.26 7.13 -16.00
CA SER D 538 32.31 8.15 -16.17
C SER D 538 31.91 9.43 -15.44
N ASP D 539 30.77 10.01 -15.80
CA ASP D 539 30.30 11.24 -15.20
C ASP D 539 28.92 11.54 -15.75
N LYS D 540 28.18 12.39 -15.03
CA LYS D 540 26.86 12.83 -15.44
C LYS D 540 26.44 13.97 -14.54
N LYS D 541 25.55 14.82 -15.06
CA LYS D 541 25.06 15.98 -14.33
C LYS D 541 23.67 15.70 -13.80
N VAL D 542 23.43 16.06 -12.54
CA VAL D 542 22.15 15.84 -11.89
C VAL D 542 21.88 16.98 -10.93
N THR D 543 20.61 17.30 -10.75
CA THR D 543 20.18 18.36 -9.84
C THR D 543 19.52 17.66 -8.65
N PHE D 544 20.27 17.55 -7.55
CA PHE D 544 19.78 16.86 -6.37
C PHE D 544 18.85 17.76 -5.57
N GLN D 545 17.73 17.19 -5.14
CA GLN D 545 16.73 17.91 -4.37
C GLN D 545 16.79 17.48 -2.91
N ASP D 546 16.56 18.44 -2.02
CA ASP D 546 16.50 18.19 -0.59
C ASP D 546 17.75 17.46 -0.09
N VAL D 547 18.90 18.08 -0.36
CA VAL D 547 20.19 17.55 0.06
C VAL D 547 21.01 18.71 0.60
N SER D 548 22.03 18.39 1.39
CA SER D 548 22.85 19.41 2.06
C SER D 548 24.32 19.04 1.95
N PHE D 549 25.03 19.69 1.04
CA PHE D 549 26.48 19.52 0.91
C PHE D 549 27.20 20.68 1.61
N GLN D 550 27.09 20.68 2.93
CA GLN D 550 27.69 21.76 3.73
C GLN D 550 29.20 21.64 3.79
N HIS D 551 29.86 21.85 2.65
CA HIS D 551 31.32 21.82 2.57
C HIS D 551 31.74 22.84 1.52
N PRO D 552 32.85 23.57 1.75
CA PRO D 552 33.24 24.63 0.81
C PRO D 552 33.43 24.15 -0.62
N ASP D 553 34.31 23.17 -0.82
CA ASP D 553 34.60 22.70 -2.17
C ASP D 553 33.33 22.22 -2.88
N LEU D 554 32.43 21.59 -2.14
CA LEU D 554 31.18 21.07 -2.71
C LEU D 554 30.05 22.08 -2.51
N ALA D 555 30.20 23.24 -3.14
CA ALA D 555 29.22 24.30 -3.03
C ALA D 555 29.24 25.14 -4.30
N VAL D 556 28.08 25.69 -4.64
CA VAL D 556 27.93 26.52 -5.83
C VAL D 556 27.45 27.92 -5.51
N LEU D 557 27.04 28.19 -4.27
CA LEU D 557 26.53 29.50 -3.91
C LEU D 557 27.68 30.50 -3.83
N ARG D 558 27.33 31.78 -3.86
CA ARG D 558 28.32 32.85 -3.85
C ARG D 558 28.70 33.23 -2.42
N ASP D 559 29.64 34.17 -2.32
CA ASP D 559 30.17 34.59 -1.02
C ASP D 559 29.11 35.25 -0.16
N GLU D 560 28.05 35.80 -0.73
CA GLU D 560 27.07 36.53 0.06
C GLU D 560 26.24 35.59 0.94
N LYS D 561 25.52 34.66 0.30
CA LYS D 561 24.70 33.74 1.08
C LYS D 561 25.55 32.84 1.95
N THR D 562 26.75 32.49 1.49
CA THR D 562 27.66 31.73 2.34
C THR D 562 28.06 32.55 3.57
N ALA D 563 28.31 33.84 3.39
CA ALA D 563 28.67 34.68 4.53
C ALA D 563 27.53 34.77 5.52
N ILE D 564 26.31 34.96 5.03
CA ILE D 564 25.16 35.04 5.92
C ILE D 564 24.95 33.73 6.66
N THR D 565 25.08 32.60 5.94
CA THR D 565 24.93 31.30 6.58
C THR D 565 26.00 31.09 7.64
N LYS D 566 27.24 31.52 7.35
CA LYS D 566 28.32 31.38 8.32
C LYS D 566 28.04 32.25 9.54
N GLY D 567 27.52 33.45 9.32
CA GLY D 567 27.19 34.31 10.45
C GLY D 567 26.11 33.71 11.33
N TYR D 568 25.08 33.12 10.73
CA TYR D 568 24.06 32.48 11.53
C TYR D 568 24.61 31.26 12.26
N GLU D 569 25.51 30.49 11.63
CA GLU D 569 26.13 29.40 12.36
C GLU D 569 26.90 29.92 13.56
N ALA D 570 27.64 31.01 13.38
CA ALA D 570 28.39 31.58 14.50
C ALA D 570 27.46 32.05 15.61
N LEU D 571 26.35 32.67 15.24
CA LEU D 571 25.39 33.12 16.24
C LEU D 571 24.79 31.94 16.99
N ILE D 572 24.51 30.83 16.29
CA ILE D 572 24.03 29.63 16.95
C ILE D 572 25.14 28.92 17.69
N LYS D 573 26.40 29.31 17.48
CA LYS D 573 27.51 28.67 18.17
C LYS D 573 27.73 29.27 19.54
N ARG D 574 27.10 30.41 19.84
CA ARG D 574 27.16 31.03 21.15
C ARG D 574 25.94 30.65 21.99
N LEU D 575 25.14 29.72 21.50
CA LEU D 575 23.97 29.22 22.21
C LEU D 575 24.35 28.13 23.20
N GLY D 576 25.61 27.74 23.23
CA GLY D 576 26.08 26.74 24.17
C GLY D 576 26.06 27.24 25.60
N THR D 577 26.25 26.30 26.52
CA THR D 577 26.21 26.59 27.93
C THR D 577 27.39 27.47 28.35
N GLY D 578 27.31 27.96 29.57
CA GLY D 578 28.35 28.77 30.16
C GLY D 578 27.97 30.24 30.21
N ASP D 579 28.60 30.95 31.12
CA ASP D 579 28.27 32.37 31.30
C ASP D 579 28.72 33.15 30.07
N ASN D 580 28.15 34.35 29.92
CA ASN D 580 28.41 35.21 28.77
C ASN D 580 27.83 34.63 27.49
N ASP D 581 26.73 33.88 27.61
CA ASP D 581 26.08 33.27 26.46
C ASP D 581 24.59 33.57 26.47
N ILE D 582 23.96 33.34 25.33
CA ILE D 582 22.58 33.72 25.06
C ILE D 582 21.62 33.15 26.10
N PRO D 583 21.61 31.83 26.34
CA PRO D 583 20.67 31.30 27.35
C PRO D 583 20.87 31.88 28.74
N SER D 584 22.11 31.99 29.21
CA SER D 584 22.32 32.54 30.54
C SER D 584 21.87 33.99 30.61
N LEU D 585 22.16 34.77 29.56
CA LEU D 585 21.73 36.16 29.54
C LEU D 585 20.20 36.24 29.58
N ILE D 586 19.53 35.35 28.86
CA ILE D 586 18.07 35.34 28.87
C ILE D 586 17.56 35.01 30.27
N ALA D 587 18.22 34.07 30.95
CA ALA D 587 17.81 33.76 32.32
C ALA D 587 18.00 34.95 33.23
N LYS D 588 19.08 35.70 33.05
CA LYS D 588 19.33 36.90 33.84
C LYS D 588 18.60 38.12 33.29
N LYS D 589 17.73 37.94 32.30
CA LYS D 589 16.95 39.03 31.70
C LYS D 589 17.84 40.14 31.15
N ASP D 590 19.14 39.87 30.96
CA ASP D 590 20.07 40.88 30.47
C ASP D 590 20.06 40.89 28.94
N TYR D 591 18.94 41.39 28.40
CA TYR D 591 18.82 41.49 26.95
C TYR D 591 19.83 42.47 26.38
N LEU D 592 20.22 43.48 27.17
CA LEU D 592 21.10 44.52 26.67
C LEU D 592 22.42 43.95 26.18
N SER D 593 22.94 42.94 26.88
CA SER D 593 24.22 42.36 26.49
C SER D 593 24.16 41.76 25.10
N LEU D 594 23.01 41.22 24.70
CA LEU D 594 22.91 40.56 23.41
C LEU D 594 23.30 41.49 22.28
N TYR D 595 23.06 42.79 22.44
CA TYR D 595 23.34 43.76 21.40
C TYR D 595 24.82 44.03 21.19
N ASN D 596 25.69 43.55 22.09
CA ASN D 596 27.13 43.77 21.96
C ASN D 596 27.90 42.47 21.85
N LEU D 597 27.22 41.37 21.53
CA LEU D 597 27.92 40.10 21.37
C LEU D 597 28.87 40.20 20.18
N PRO D 598 29.97 39.44 20.19
CA PRO D 598 30.92 39.55 19.08
C PRO D 598 30.34 39.18 17.73
N GLU D 599 29.44 38.19 17.70
CA GLU D 599 28.96 37.70 16.41
C GLU D 599 28.00 38.68 15.76
N VAL D 600 27.29 39.48 16.56
CA VAL D 600 26.44 40.50 15.98
C VAL D 600 27.30 41.63 15.44
N LYS D 601 28.40 41.93 16.12
CA LYS D 601 29.31 42.96 15.64
C LYS D 601 29.90 42.54 14.30
N LEU D 602 30.27 41.26 14.19
CA LEU D 602 30.79 40.76 12.92
C LEU D 602 29.75 40.77 11.82
N MET D 603 28.48 40.49 12.16
CA MET D 603 27.43 40.40 11.16
C MET D 603 26.80 41.74 10.82
N ALA D 604 27.08 42.79 11.58
CA ALA D 604 26.43 44.07 11.35
C ALA D 604 26.71 44.70 9.98
N PRO D 605 27.91 44.60 9.41
CA PRO D 605 28.16 45.29 8.12
C PRO D 605 27.18 44.91 7.03
N LEU D 606 26.73 43.66 7.00
CA LEU D 606 25.82 43.21 5.96
C LEU D 606 24.53 44.00 5.96
N ILE D 607 24.02 44.34 7.14
CA ILE D 607 22.72 45.00 7.25
C ILE D 607 22.67 46.23 6.37
N ARG D 608 21.53 46.41 5.71
CA ARG D 608 21.29 47.50 4.78
C ARG D 608 21.53 48.81 5.52
N PRO D 609 22.56 49.59 5.15
CA PRO D 609 22.87 50.79 5.93
C PRO D 609 21.85 51.90 5.81
N ASN D 610 21.08 51.97 4.73
CA ASN D 610 20.15 53.07 4.56
C ASN D 610 19.11 53.10 5.68
N ARG D 611 18.58 51.94 6.06
CA ARG D 611 17.52 51.86 7.07
C ARG D 611 17.90 50.94 8.23
N LYS D 612 19.20 50.84 8.52
CA LYS D 612 19.64 49.97 9.61
C LYS D 612 19.00 50.37 10.92
N GLY D 613 18.83 51.67 11.14
CA GLY D 613 18.26 52.11 12.39
C GLY D 613 16.84 51.63 12.59
N VAL D 614 15.99 51.77 11.57
CA VAL D 614 14.59 51.41 11.76
C VAL D 614 14.46 49.92 12.07
N TYR D 615 15.16 49.08 11.33
CA TYR D 615 15.08 47.65 11.62
C TYR D 615 15.60 47.38 13.01
N SER D 616 16.66 48.09 13.39
CA SER D 616 17.24 47.87 14.70
C SER D 616 16.25 48.20 15.79
N ARG D 617 15.43 49.23 15.59
CA ARG D 617 14.44 49.55 16.59
C ARG D 617 13.41 48.42 16.75
N VAL D 618 12.92 47.86 15.64
CA VAL D 618 11.89 46.84 15.77
C VAL D 618 12.44 45.58 16.42
N ALA D 619 13.63 45.16 16.02
CA ALA D 619 14.13 43.89 16.54
C ALA D 619 14.63 44.05 17.94
N ARG D 620 15.08 45.25 18.28
CA ARG D 620 15.54 45.51 19.63
C ARG D 620 14.33 45.56 20.56
N LYS D 621 13.16 45.96 20.02
CA LYS D 621 11.94 45.98 20.81
C LYS D 621 11.40 44.57 21.05
N LEU D 622 11.31 43.77 19.99
CA LEU D 622 10.68 42.47 20.12
C LEU D 622 11.39 41.63 21.17
N VAL D 623 12.73 41.65 21.15
CA VAL D 623 13.47 40.80 22.07
C VAL D 623 13.07 41.14 23.49
N SER D 624 12.95 42.43 23.81
CA SER D 624 12.63 42.79 25.18
C SER D 624 11.30 42.17 25.58
N THR D 625 10.30 42.30 24.71
CA THR D 625 9.00 41.75 25.03
C THR D 625 9.11 40.26 25.26
N GLN D 626 9.87 39.57 24.41
CA GLN D 626 10.08 38.15 24.58
C GLN D 626 10.87 37.88 25.84
N VAL D 627 11.92 38.67 26.09
CA VAL D 627 12.82 38.40 27.20
C VAL D 627 12.13 38.66 28.53
N THR D 628 11.45 39.81 28.65
CA THR D 628 10.92 40.22 29.95
C THR D 628 9.80 39.31 30.42
N THR D 629 8.84 39.00 29.55
CA THR D 629 7.69 38.22 29.98
C THR D 629 8.09 36.81 30.36
N GLY D 630 9.04 36.24 29.64
CA GLY D 630 9.39 34.84 29.81
C GLY D 630 8.79 33.93 28.75
N HIS D 631 8.05 34.49 27.80
CA HIS D 631 7.51 33.77 26.67
C HIS D 631 8.24 34.27 25.43
N TYR D 632 9.06 33.39 24.84
CA TYR D 632 9.93 33.78 23.74
C TYR D 632 10.01 32.63 22.74
N SER D 633 10.42 32.97 21.52
CA SER D 633 10.63 32.00 20.46
C SER D 633 12.10 32.10 20.05
N LEU D 634 12.88 31.13 20.52
CA LEU D 634 14.33 31.14 20.32
C LEU D 634 14.70 31.41 18.87
N HIS D 635 13.95 30.82 17.94
CA HIS D 635 14.27 30.96 16.53
C HIS D 635 14.12 32.40 16.07
N GLU D 636 13.06 33.09 16.52
CA GLU D 636 12.90 34.49 16.14
C GLU D 636 14.02 35.33 16.73
N LEU D 637 14.45 35.01 17.95
CA LEU D 637 15.54 35.76 18.56
C LEU D 637 16.79 35.62 17.71
N ILE D 638 17.11 34.40 17.30
CA ILE D 638 18.31 34.20 16.49
C ILE D 638 18.16 34.91 15.16
N LYS D 639 16.96 34.90 14.61
CA LYS D 639 16.72 35.51 13.32
C LYS D 639 16.96 37.02 13.35
N VAL D 640 16.54 37.67 14.44
CA VAL D 640 16.54 39.14 14.48
C VAL D 640 17.64 39.73 15.36
N LEU D 641 18.52 38.92 15.96
CA LEU D 641 19.61 39.56 16.72
C LEU D 641 20.68 40.26 15.89
N PRO D 642 20.91 39.88 14.62
CA PRO D 642 21.96 40.57 13.87
C PRO D 642 21.71 42.05 13.69
N PHE D 643 20.46 42.50 13.84
CA PHE D 643 20.08 43.88 13.59
C PHE D 643 20.21 44.77 14.81
N THR D 644 20.50 44.21 15.98
CA THR D 644 20.52 44.94 17.24
C THR D 644 21.87 45.58 17.53
N TYR D 645 22.75 45.68 16.54
CA TYR D 645 24.04 46.32 16.78
C TYR D 645 23.96 47.83 16.82
N PHE D 646 23.19 48.43 15.92
CA PHE D 646 23.23 49.86 15.69
C PHE D 646 22.23 50.63 16.54
N ALA D 647 22.47 51.94 16.63
CA ALA D 647 21.60 52.83 17.40
C ALA D 647 20.22 52.89 16.76
N PRO D 648 19.15 52.81 17.55
CA PRO D 648 17.81 53.03 17.01
C PRO D 648 17.65 54.39 16.38
N LYS D 649 16.69 54.48 15.46
CA LYS D 649 16.32 55.73 14.80
C LYS D 649 14.81 55.72 14.63
N GLN D 650 14.31 56.66 13.83
CA GLN D 650 12.87 56.80 13.59
C GLN D 650 12.55 56.50 12.14
N GLY D 651 11.40 55.88 11.92
CA GLY D 651 10.98 55.54 10.56
C GLY D 651 9.84 54.56 10.58
N MET D 652 9.32 54.32 9.38
CA MET D 652 8.18 53.44 9.17
C MET D 652 8.67 52.03 8.83
N PHE D 653 8.11 51.03 9.49
CA PHE D 653 8.46 49.64 9.26
C PHE D 653 7.47 49.01 8.29
N GLU D 654 7.95 48.71 7.07
CA GLU D 654 7.10 48.08 6.08
C GLU D 654 6.74 46.65 6.48
N GLY D 655 7.70 45.89 6.99
CA GLY D 655 7.44 44.49 7.32
C GLY D 655 8.58 43.52 7.11
N ARG D 656 9.62 43.91 6.37
CA ARG D 656 10.72 43.00 6.06
C ARG D 656 12.06 43.63 6.41
N LEU D 657 12.97 42.78 6.89
CA LEU D 657 14.31 43.17 7.34
C LEU D 657 15.34 42.76 6.29
N PHE D 658 15.76 43.71 5.47
CA PHE D 658 16.65 43.40 4.36
C PHE D 658 18.11 43.34 4.81
N PHE D 659 18.92 42.69 3.98
CA PHE D 659 20.36 42.71 4.05
C PHE D 659 20.88 43.61 2.93
N SER D 660 22.18 43.59 2.70
CA SER D 660 22.79 44.36 1.62
C SER D 660 22.73 43.63 0.28
N ASN D 661 22.10 42.46 0.23
CA ASN D 661 22.09 41.62 -0.95
C ASN D 661 20.68 41.37 -1.48
N ASP D 662 19.72 42.22 -1.12
CA ASP D 662 18.35 42.14 -1.63
C ASP D 662 17.60 40.93 -1.08
N SER D 663 18.11 40.34 -0.01
CA SER D 663 17.46 39.21 0.67
C SER D 663 16.99 39.67 2.04
N PHE D 664 15.75 39.35 2.37
CA PHE D 664 15.11 39.85 3.58
C PHE D 664 14.69 38.69 4.47
N VAL D 665 14.24 39.04 5.67
CA VAL D 665 13.59 38.10 6.57
C VAL D 665 12.41 38.79 7.22
N GLU D 666 11.24 38.23 7.06
CA GLU D 666 10.04 38.80 7.65
C GLU D 666 9.86 38.22 9.05
N PRO D 667 9.59 39.05 10.07
CA PRO D 667 9.57 38.54 11.44
C PRO D 667 8.35 37.70 11.81
N GLY D 668 8.41 36.40 11.55
CA GLY D 668 7.35 35.51 11.98
C GLY D 668 7.01 34.42 10.99
N VAL D 669 7.14 34.71 9.70
CA VAL D 669 6.74 33.80 8.64
C VAL D 669 7.99 33.20 8.00
N ASN D 670 8.02 31.87 7.89
CA ASN D 670 9.16 31.18 7.32
C ASN D 670 9.29 31.48 5.82
N ASN D 671 10.54 31.70 5.39
CA ASN D 671 10.86 31.95 3.99
C ASN D 671 12.18 31.26 3.68
N ASN D 672 12.57 31.30 2.40
CA ASN D 672 13.75 30.57 1.96
C ASN D 672 14.99 31.00 2.74
N VAL D 673 15.16 32.31 2.94
CA VAL D 673 16.39 32.81 3.55
C VAL D 673 16.54 32.26 4.97
N PHE D 674 15.43 32.12 5.69
CA PHE D 674 15.45 31.54 7.02
C PHE D 674 14.13 30.81 7.23
N SER D 675 14.21 29.52 7.55
CA SER D 675 13.03 28.70 7.70
C SER D 675 13.21 27.81 8.92
N TRP D 676 12.10 27.22 9.35
CA TRP D 676 12.07 26.26 10.44
C TRP D 676 10.63 25.78 10.57
N SER D 677 10.45 24.79 11.41
CA SER D 677 9.11 24.27 11.68
C SER D 677 9.02 23.85 13.14
N LYS D 678 7.81 23.91 13.66
CA LYS D 678 7.56 23.50 15.04
C LYS D 678 7.69 21.99 15.20
N ALA D 679 7.53 21.21 14.12
CA ALA D 679 7.72 19.78 14.20
C ALA D 679 9.17 19.44 14.54
N ASP D 680 10.11 19.87 13.71
CA ASP D 680 11.54 19.65 13.91
C ASP D 680 12.16 20.99 14.31
N SER D 681 12.16 21.27 15.61
CA SER D 681 12.69 22.51 16.15
C SER D 681 14.21 22.51 16.30
N SER D 682 14.89 21.50 15.76
CA SER D 682 16.34 21.37 15.88
C SER D 682 17.04 21.54 14.54
N LYS D 683 16.44 22.30 13.64
CA LYS D 683 17.04 22.57 12.34
C LYS D 683 16.72 23.98 11.92
N ILE D 684 17.70 24.65 11.30
CA ILE D 684 17.50 25.97 10.72
C ILE D 684 17.92 25.89 9.25
N TYR D 685 17.01 26.25 8.36
CA TYR D 685 17.25 26.13 6.92
C TYR D 685 17.59 27.52 6.37
N CYS D 686 18.89 27.78 6.22
CA CYS D 686 19.38 29.02 5.63
C CYS D 686 19.77 28.75 4.18
N HIS D 687 19.02 29.31 3.24
CA HIS D 687 19.25 29.08 1.82
C HIS D 687 19.41 27.59 1.53
N GLY D 688 18.50 26.80 2.07
CA GLY D 688 18.54 25.36 1.88
C GLY D 688 19.78 24.71 2.44
N ILE D 689 20.27 25.22 3.58
CA ILE D 689 21.39 24.63 4.30
C ILE D 689 20.93 24.36 5.72
N ALA D 690 21.12 23.14 6.19
CA ALA D 690 20.65 22.71 7.50
C ALA D 690 21.70 23.06 8.55
N ILE D 691 21.32 23.90 9.50
CA ILE D 691 22.16 24.30 10.63
C ILE D 691 21.53 23.72 11.89
N ARG D 692 22.18 22.71 12.45
CA ARG D 692 21.73 22.12 13.71
C ARG D 692 21.88 23.11 14.85
N VAL D 693 20.82 23.29 15.64
CA VAL D 693 20.88 24.07 16.87
C VAL D 693 21.16 23.10 18.02
N PRO D 694 22.11 23.41 18.90
CA PRO D 694 22.28 22.56 20.08
C PRO D 694 21.05 22.58 20.97
N LEU D 695 20.93 21.53 21.79
CA LEU D 695 19.78 21.36 22.67
C LEU D 695 20.17 21.72 24.11
N VAL D 696 20.32 23.02 24.34
CA VAL D 696 20.75 23.51 25.65
C VAL D 696 19.64 24.22 26.41
N VAL D 697 18.55 24.60 25.74
CA VAL D 697 17.48 25.34 26.40
C VAL D 697 16.18 25.19 25.62
N GLY D 698 15.10 24.91 26.34
CA GLY D 698 13.81 24.71 25.71
C GLY D 698 13.15 25.99 25.27
N ASP D 699 12.18 25.83 24.38
CA ASP D 699 11.36 26.90 23.85
C ASP D 699 9.90 26.49 23.97
N GLU D 700 9.00 27.46 23.81
CA GLU D 700 7.59 27.19 24.09
C GLU D 700 7.06 26.02 23.28
N HIS D 701 7.42 25.95 22.00
CA HIS D 701 6.99 24.82 21.17
C HIS D 701 7.81 23.58 21.48
N MET D 702 9.13 23.70 21.34
CA MET D 702 10.05 22.58 21.51
C MET D 702 10.15 22.10 22.96
N ASP D 703 9.57 22.81 23.92
CA ASP D 703 9.82 22.49 25.32
C ASP D 703 9.46 21.03 25.60
N THR D 704 10.41 20.30 26.17
CA THR D 704 10.22 18.92 26.58
C THR D 704 11.49 18.49 27.30
N SER D 705 11.52 17.24 27.74
CA SER D 705 12.71 16.72 28.42
C SER D 705 13.92 16.65 27.49
N LEU D 706 13.71 16.52 26.18
CA LEU D 706 14.83 16.28 25.28
C LEU D 706 15.63 17.54 24.99
N ALA D 707 14.99 18.70 24.94
CA ALA D 707 15.64 19.90 24.44
C ALA D 707 16.79 20.38 25.30
N LEU D 708 17.06 19.72 26.43
CA LEU D 708 18.15 20.10 27.30
C LEU D 708 19.25 19.05 27.40
N LEU D 709 19.04 17.87 26.79
CA LEU D 709 19.91 16.74 27.08
C LEU D 709 21.37 17.03 26.74
N GLU D 710 21.60 17.74 25.63
CA GLU D 710 22.97 18.01 25.23
C GLU D 710 23.69 18.88 26.27
N GLY D 711 22.97 19.80 26.90
CA GLY D 711 23.61 20.70 27.84
C GLY D 711 24.29 19.95 28.98
N PHE D 712 23.63 18.93 29.50
CA PHE D 712 24.16 18.20 30.63
C PHE D 712 25.30 17.28 30.23
N SER D 713 26.13 16.93 31.21
CA SER D 713 27.20 15.97 31.02
C SER D 713 27.52 15.34 32.37
N VAL D 714 28.25 14.23 32.34
CA VAL D 714 28.61 13.53 33.55
C VAL D 714 29.91 14.09 34.09
N CYS D 715 30.12 13.92 35.39
CA CYS D 715 31.33 14.43 36.04
C CYS D 715 31.67 13.54 37.22
N GLU D 716 32.76 13.90 37.91
CA GLU D 716 33.19 13.18 39.10
C GLU D 716 32.09 13.20 40.14
N ASN D 717 31.85 12.03 40.76
CA ASN D 717 30.77 11.90 41.71
C ASN D 717 31.00 12.80 42.92
N ASP D 718 29.96 13.55 43.29
CA ASP D 718 29.96 14.36 44.49
C ASP D 718 28.66 14.09 45.23
N PRO D 719 28.70 13.53 46.44
CA PRO D 719 27.46 13.17 47.14
C PRO D 719 26.77 14.34 47.81
N ARG D 720 27.38 15.52 47.80
CA ARG D 720 26.79 16.67 48.47
C ARG D 720 25.68 17.29 47.62
N ALA D 721 25.86 17.31 46.31
CA ALA D 721 24.86 17.92 45.44
C ALA D 721 23.51 17.24 45.63
N PRO D 722 22.42 17.95 45.35
CA PRO D 722 21.08 17.40 45.60
C PRO D 722 20.66 16.40 44.55
N MET D 723 19.59 15.69 44.87
CA MET D 723 18.95 14.74 43.97
C MET D 723 17.62 15.34 43.53
N VAL D 724 17.49 15.56 42.22
CA VAL D 724 16.37 16.33 41.69
C VAL D 724 15.54 15.45 40.76
N THR D 725 14.38 15.97 40.40
CA THR D 725 13.49 15.32 39.45
C THR D 725 13.94 15.62 38.02
N ARG D 726 13.48 14.79 37.09
CA ARG D 726 13.81 15.00 35.69
C ARG D 726 13.22 16.31 35.18
N GLN D 727 12.00 16.65 35.60
CA GLN D 727 11.37 17.88 35.13
C GLN D 727 12.10 19.12 35.65
N ASP D 728 12.66 19.05 36.85
CA ASP D 728 13.32 20.21 37.43
C ASP D 728 14.64 20.52 36.74
N LEU D 729 15.07 19.67 35.81
CA LEU D 729 16.32 19.91 35.10
C LEU D 729 16.30 21.27 34.42
N ILE D 730 15.13 21.71 33.98
CA ILE D 730 14.99 23.00 33.30
C ILE D 730 15.43 24.16 34.19
N ASP D 731 15.26 24.03 35.49
CA ASP D 731 15.46 25.15 36.41
C ASP D 731 16.87 25.23 36.96
N VAL D 732 17.71 24.22 36.73
CA VAL D 732 19.02 24.21 37.34
C VAL D 732 19.90 25.29 36.72
N GLY D 733 20.82 25.82 37.51
CA GLY D 733 21.73 26.83 37.02
C GLY D 733 22.81 26.24 36.15
N PHE D 734 23.30 27.04 35.22
CA PHE D 734 24.44 26.63 34.41
C PHE D 734 25.69 26.51 35.27
N GLY D 735 26.47 25.48 35.01
CA GLY D 735 27.62 25.18 35.85
C GLY D 735 27.24 24.84 37.27
N GLN D 736 26.19 24.03 37.45
CA GLN D 736 25.77 23.56 38.75
C GLN D 736 25.65 22.04 38.72
N LYS D 737 26.21 21.39 39.74
CA LYS D 737 26.21 19.94 39.82
C LYS D 737 24.90 19.44 40.39
N VAL D 738 24.53 18.21 40.02
CA VAL D 738 23.31 17.61 40.57
C VAL D 738 23.36 16.11 40.35
N ARG D 739 22.94 15.36 41.37
CA ARG D 739 22.82 13.92 41.26
C ARG D 739 21.47 13.55 40.66
N LEU D 740 21.44 12.42 39.97
CA LEU D 740 20.24 12.04 39.23
C LEU D 740 20.20 10.55 38.96
N PHE D 741 19.05 9.95 39.23
CA PHE D 741 18.78 8.57 38.84
C PHE D 741 18.69 8.50 37.33
N VAL D 742 19.35 7.51 36.73
CA VAL D 742 19.38 7.37 35.28
C VAL D 742 19.03 5.93 34.93
N GLY D 743 18.17 5.78 33.92
CA GLY D 743 17.84 4.45 33.46
C GLY D 743 17.34 3.61 34.61
N GLN D 744 17.94 2.44 34.76
CA GLN D 744 17.58 1.51 35.82
C GLN D 744 18.80 1.25 36.68
N GLY D 745 18.63 1.34 38.00
CA GLY D 745 19.73 1.04 38.91
C GLY D 745 21.02 1.76 38.60
N SER D 746 20.92 3.05 38.25
CA SER D 746 22.10 3.87 38.04
C SER D 746 21.85 5.26 38.62
N VAL D 747 22.67 5.65 39.58
CA VAL D 747 22.66 6.98 40.16
C VAL D 747 23.96 7.67 39.76
N ARG D 748 23.85 8.78 39.05
CA ARG D 748 25.02 9.45 38.51
C ARG D 748 25.02 10.91 38.92
N THR D 749 26.02 11.64 38.43
CA THR D 749 26.19 13.05 38.72
C THR D 749 26.35 13.81 37.41
N PHE D 750 25.51 14.82 37.21
CA PHE D 750 25.45 15.59 35.98
C PHE D 750 25.78 17.05 36.26
N LYS D 751 26.59 17.63 35.40
CA LYS D 751 26.96 19.03 35.48
C LYS D 751 26.56 19.71 34.18
N ARG D 752 25.82 20.81 34.29
CA ARG D 752 25.16 21.44 33.15
C ARG D 752 26.12 22.28 32.30
N THR D 753 27.20 21.63 31.84
CA THR D 753 28.17 22.25 30.95
C THR D 753 28.45 21.31 29.79
N ALA D 754 28.22 21.80 28.56
CA ALA D 754 28.33 20.97 27.37
C ALA D 754 29.80 20.75 27.03
N SER D 755 30.26 19.50 27.18
CA SER D 755 31.63 19.11 26.84
C SER D 755 31.56 17.84 26.01
N GLN D 756 31.27 17.98 24.71
CA GLN D 756 31.23 16.85 23.79
C GLN D 756 32.01 17.25 22.54
N ARG D 757 33.33 17.22 22.64
CA ARG D 757 34.17 17.49 21.49
C ARG D 757 34.15 16.30 20.52
N ALA D 758 34.59 16.56 19.29
CA ALA D 758 34.69 15.51 18.30
C ALA D 758 35.74 14.49 18.71
N ALA D 759 35.35 13.21 18.76
CA ALA D 759 36.28 12.16 19.15
C ALA D 759 37.10 11.69 17.97
N SER D 760 36.48 11.60 16.78
CA SER D 760 37.18 11.10 15.61
C SER D 760 38.41 11.95 15.31
N SER D 761 38.26 13.27 15.33
CA SER D 761 39.36 14.16 14.94
C SER D 761 40.58 13.96 15.83
N ASP D 762 40.37 13.92 17.15
CA ASP D 762 41.51 13.81 18.06
C ASP D 762 42.24 12.49 17.86
N VAL D 763 41.48 11.39 17.74
CA VAL D 763 42.12 10.09 17.57
C VAL D 763 42.90 10.08 16.26
N ASN D 764 42.29 10.58 15.19
CA ASN D 764 42.97 10.56 13.89
C ASN D 764 44.27 11.34 13.97
N LYS D 765 44.21 12.54 14.56
CA LYS D 765 45.40 13.39 14.60
C LYS D 765 46.49 12.71 15.41
N ASN D 766 46.14 12.16 16.57
CA ASN D 766 47.15 11.55 17.43
C ASN D 766 47.77 10.33 16.74
N VAL D 767 46.93 9.52 16.07
CA VAL D 767 47.43 8.31 15.42
C VAL D 767 48.36 8.66 14.26
N LYS D 768 48.06 9.73 13.54
CA LYS D 768 48.95 10.14 12.45
C LYS D 768 50.33 10.50 12.99
N LYS D 769 50.39 11.12 14.15
CA LYS D 769 51.67 11.46 14.76
C LYS D 769 52.51 10.22 15.03
N ILE D 770 51.86 9.11 15.43
CA ILE D 770 52.60 7.89 15.69
C ILE D 770 53.36 7.39 14.47
N LYS D 771 52.99 7.82 13.26
CA LYS D 771 53.66 7.38 12.05
C LYS D 771 54.79 8.28 11.61
N MET D 772 55.10 9.32 12.38
CA MET D 772 56.26 10.17 12.09
C MET D 772 57.44 9.79 12.97
N ILE E 183 -31.30 16.74 -78.57
CA ILE E 183 -30.83 16.75 -77.18
C ILE E 183 -31.81 16.00 -76.29
N GLU E 184 -31.27 15.17 -75.41
CA GLU E 184 -32.09 14.41 -74.49
C GLU E 184 -31.18 13.65 -73.53
N MET E 185 -31.71 13.37 -72.34
CA MET E 185 -31.00 12.60 -71.32
C MET E 185 -31.08 11.12 -71.68
N LYS E 186 -30.05 10.61 -72.35
CA LYS E 186 -30.05 9.21 -72.75
C LYS E 186 -30.31 8.33 -71.54
N LYS E 187 -31.33 7.47 -71.65
CA LYS E 187 -31.77 6.68 -70.52
C LYS E 187 -31.04 5.35 -70.48
N GLY E 188 -30.82 4.85 -69.27
CA GLY E 188 -30.32 3.51 -69.06
C GLY E 188 -31.44 2.50 -68.91
N LYS E 189 -31.14 1.42 -68.20
CA LYS E 189 -32.12 0.38 -67.90
C LYS E 189 -32.37 0.28 -66.40
N THR E 190 -31.32 0.10 -65.59
CA THR E 190 -31.51 -0.04 -64.16
C THR E 190 -32.29 1.14 -63.57
N PHE E 191 -31.96 2.35 -64.00
CA PHE E 191 -32.68 3.52 -63.52
C PHE E 191 -34.16 3.41 -63.87
N LEU E 192 -34.46 3.07 -65.12
CA LEU E 192 -35.85 2.94 -65.54
C LEU E 192 -36.53 1.79 -64.83
N GLU E 193 -35.82 0.68 -64.62
CA GLU E 193 -36.40 -0.44 -63.88
C GLU E 193 -36.79 -0.02 -62.47
N LEU E 194 -35.88 0.70 -61.79
CA LEU E 194 -36.22 1.25 -60.47
C LEU E 194 -37.45 2.13 -60.55
N ARG E 195 -37.44 3.08 -61.48
CA ARG E 195 -38.56 4.02 -61.62
C ARG E 195 -39.87 3.26 -61.78
N ASP E 196 -39.87 2.19 -62.59
CA ASP E 196 -41.05 1.38 -62.78
C ASP E 196 -41.36 0.51 -61.57
N GLU E 197 -40.38 0.27 -60.71
CA GLU E 197 -40.57 -0.54 -59.51
C GLU E 197 -41.08 0.30 -58.34
N SER E 198 -40.32 1.32 -57.96
CA SER E 198 -40.68 2.15 -56.81
C SER E 198 -41.79 3.10 -57.26
N VAL E 199 -43.03 2.68 -57.04
CA VAL E 199 -44.20 3.46 -57.42
C VAL E 199 -45.32 3.16 -56.43
N PRO E 200 -46.41 3.93 -56.45
CA PRO E 200 -47.51 3.65 -55.51
C PRO E 200 -48.10 2.27 -55.71
N LEU E 201 -49.03 1.91 -54.82
CA LEU E 201 -49.59 0.56 -54.86
C LEU E 201 -50.43 0.34 -56.11
N PRO E 202 -51.52 1.05 -56.35
CA PRO E 202 -52.39 0.71 -57.49
C PRO E 202 -51.68 0.82 -58.83
N PHE E 203 -50.61 1.59 -58.91
CA PHE E 203 -49.84 1.74 -60.14
C PHE E 203 -48.58 0.91 -60.05
N GLN E 204 -48.27 0.19 -61.13
CA GLN E 204 -47.08 -0.65 -61.18
C GLN E 204 -46.10 -0.21 -62.26
N THR E 205 -46.40 0.85 -62.99
CA THR E 205 -45.52 1.35 -64.03
C THR E 205 -45.58 2.87 -64.05
N TYR E 206 -44.45 3.48 -64.41
CA TYR E 206 -44.38 4.94 -64.45
C TYR E 206 -45.44 5.53 -65.38
N GLU E 207 -45.86 4.77 -66.40
CA GLU E 207 -46.80 5.32 -67.37
C GLU E 207 -48.20 5.46 -66.77
N GLN E 208 -48.65 4.46 -66.01
CA GLN E 208 -49.97 4.55 -65.39
C GLN E 208 -50.03 5.72 -64.41
N MET E 209 -49.02 5.82 -63.54
CA MET E 209 -48.97 6.92 -62.59
C MET E 209 -48.90 8.26 -63.32
N LYS E 210 -48.10 8.35 -64.39
CA LYS E 210 -48.00 9.60 -65.12
C LYS E 210 -49.33 10.00 -65.74
N ASP E 211 -50.03 9.04 -66.34
CA ASP E 211 -51.33 9.34 -66.93
C ASP E 211 -52.33 9.77 -65.86
N TYR E 212 -52.31 9.11 -64.70
CA TYR E 212 -53.22 9.49 -63.62
C TYR E 212 -52.90 10.90 -63.12
N CYS E 213 -51.62 11.26 -63.07
CA CYS E 213 -51.23 12.57 -62.56
C CYS E 213 -51.61 13.67 -63.55
N GLU E 214 -51.10 13.58 -64.77
CA GLU E 214 -51.33 14.64 -65.76
C GLU E 214 -52.81 14.93 -65.99
N LYS E 215 -53.70 14.01 -65.63
CA LYS E 215 -55.12 14.19 -65.87
C LYS E 215 -55.95 14.27 -64.60
N PHE E 216 -55.30 14.38 -63.43
CA PHE E 216 -56.05 14.48 -62.18
C PHE E 216 -56.96 15.69 -62.20
N LYS E 217 -58.23 15.47 -61.86
CA LYS E 217 -59.23 16.52 -61.78
C LYS E 217 -59.68 16.69 -60.33
N GLY E 218 -60.26 17.85 -60.04
CA GLY E 218 -60.68 18.18 -58.70
C GLY E 218 -62.09 17.73 -58.41
N ASN E 219 -62.26 16.95 -57.35
CA ASN E 219 -63.56 16.51 -56.86
C ASN E 219 -63.65 16.89 -55.38
N PRO E 220 -63.89 18.17 -55.10
CA PRO E 220 -63.85 18.62 -53.69
C PRO E 220 -64.85 17.90 -52.79
N ARG E 221 -65.86 17.24 -53.36
CA ARG E 221 -66.87 16.61 -52.52
C ARG E 221 -66.33 15.36 -51.84
N GLU E 222 -65.72 14.46 -52.61
CA GLU E 222 -65.10 13.28 -52.01
C GLU E 222 -64.00 13.69 -51.04
N LEU E 223 -63.25 14.74 -51.38
CA LEU E 223 -62.20 15.20 -50.48
C LEU E 223 -62.79 15.74 -49.18
N ALA E 224 -63.89 16.48 -49.27
CA ALA E 224 -64.55 16.97 -48.06
C ALA E 224 -65.06 15.82 -47.20
N SER E 225 -65.66 14.81 -47.83
CA SER E 225 -66.12 13.65 -47.08
C SER E 225 -64.94 12.94 -46.40
N LYS E 226 -63.83 12.82 -47.11
CA LYS E 226 -62.67 12.13 -46.55
C LYS E 226 -62.09 12.90 -45.37
N VAL E 227 -61.95 14.22 -45.51
CA VAL E 227 -61.41 15.02 -44.42
C VAL E 227 -62.36 15.02 -43.24
N SER E 228 -63.67 14.98 -43.49
CA SER E 228 -64.62 14.91 -42.38
C SER E 228 -64.51 13.57 -41.67
N GLN E 229 -64.35 12.48 -42.42
CA GLN E 229 -64.15 11.18 -41.80
C GLN E 229 -62.87 11.18 -40.96
N MET E 230 -61.81 11.79 -41.47
CA MET E 230 -60.57 11.88 -40.71
C MET E 230 -60.78 12.69 -39.44
N GLN E 231 -61.54 13.78 -39.54
CA GLN E 231 -61.82 14.61 -38.37
C GLN E 231 -62.66 13.86 -37.35
N SER E 232 -63.51 12.94 -37.79
CA SER E 232 -64.35 12.19 -36.86
C SER E 232 -63.54 11.14 -36.11
N ASN E 233 -62.69 10.40 -36.83
CA ASN E 233 -61.86 9.37 -36.23
C ASN E 233 -60.64 9.92 -35.51
N ILE E 234 -60.58 11.24 -35.30
CA ILE E 234 -59.53 11.87 -34.51
C ILE E 234 -60.18 12.56 -33.31
N LYS E 235 -59.51 12.45 -32.16
CA LYS E 235 -59.96 13.09 -30.92
C LYS E 235 -58.86 14.04 -30.49
N LEU E 236 -58.89 15.27 -31.03
CA LEU E 236 -57.88 16.27 -30.74
C LEU E 236 -58.33 17.11 -29.55
N PRO E 237 -57.73 16.97 -28.37
CA PRO E 237 -58.13 17.80 -27.24
C PRO E 237 -57.51 19.19 -27.32
N ILE E 238 -58.24 20.16 -26.79
CA ILE E 238 -57.79 21.54 -26.76
C ILE E 238 -58.19 22.15 -25.43
N LYS E 239 -57.21 22.37 -24.55
CA LYS E 239 -57.42 22.99 -23.26
C LYS E 239 -57.02 24.47 -23.31
N HIS E 240 -57.42 25.23 -22.29
CA HIS E 240 -57.23 26.67 -22.27
C HIS E 240 -56.38 27.14 -21.10
N TYR E 241 -55.80 26.24 -20.32
CA TYR E 241 -54.90 26.55 -19.22
C TYR E 241 -55.59 27.24 -18.06
N GLU E 242 -56.89 27.51 -18.15
CA GLU E 242 -57.63 28.20 -17.09
C GLU E 242 -58.44 27.22 -16.26
N GLN E 243 -59.23 26.37 -16.91
CA GLN E 243 -59.93 25.32 -16.19
C GLN E 243 -58.98 24.18 -15.81
N ASN E 244 -57.96 23.96 -16.64
CA ASN E 244 -56.93 22.93 -16.41
C ASN E 244 -55.57 23.61 -16.53
N LYS E 245 -55.03 24.06 -15.39
CA LYS E 245 -53.79 24.81 -15.35
C LYS E 245 -52.59 23.86 -15.34
N PHE E 246 -51.39 24.44 -15.32
CA PHE E 246 -50.17 23.66 -15.21
C PHE E 246 -50.00 23.18 -13.77
N ARG E 247 -48.86 22.58 -13.47
CA ARG E 247 -48.54 22.12 -12.13
C ARG E 247 -47.06 22.37 -11.86
N GLN E 248 -46.71 22.36 -10.58
CA GLN E 248 -45.31 22.48 -10.21
C GLN E 248 -44.54 21.24 -10.64
N ILE E 249 -43.26 21.43 -10.94
CA ILE E 249 -42.43 20.35 -11.44
C ILE E 249 -41.92 19.50 -10.28
N ARG E 250 -41.87 18.20 -10.49
CA ARG E 250 -41.35 17.24 -9.52
C ARG E 250 -39.89 16.97 -9.81
N LEU E 251 -39.01 17.44 -8.95
CA LEU E 251 -37.59 17.25 -9.14
C LEU E 251 -37.18 15.84 -8.70
N PRO E 252 -36.04 15.35 -9.17
CA PRO E 252 -35.55 14.05 -8.71
C PRO E 252 -35.32 14.04 -7.20
N LYS E 253 -35.02 12.84 -6.70
CA LYS E 253 -34.79 12.64 -5.28
C LYS E 253 -33.53 11.80 -5.10
N GLY E 254 -32.76 12.11 -4.08
CA GLY E 254 -31.51 11.45 -3.82
C GLY E 254 -30.46 12.40 -3.30
N PRO E 255 -29.19 12.05 -3.45
CA PRO E 255 -28.11 12.94 -2.99
C PRO E 255 -28.01 14.19 -3.83
N MET E 256 -27.35 15.20 -3.26
CA MET E 256 -27.21 16.48 -3.91
C MET E 256 -26.24 16.37 -5.09
N ALA E 257 -26.41 17.28 -6.04
CA ALA E 257 -25.52 17.31 -7.19
C ALA E 257 -24.17 17.86 -6.75
N PRO E 258 -23.06 17.18 -7.03
CA PRO E 258 -21.76 17.67 -6.57
C PRO E 258 -21.11 18.64 -7.52
N TYR E 259 -19.96 19.17 -7.15
CA TYR E 259 -19.26 20.12 -8.00
C TYR E 259 -18.85 19.44 -9.31
N THR E 260 -18.89 20.20 -10.39
CA THR E 260 -18.64 19.65 -11.71
C THR E 260 -17.56 20.40 -12.50
N HIS E 261 -17.54 21.73 -12.41
CA HIS E 261 -16.63 22.51 -13.24
C HIS E 261 -15.18 22.12 -13.00
N LYS E 262 -14.37 22.24 -14.06
CA LYS E 262 -12.97 21.80 -13.98
C LYS E 262 -12.25 22.52 -12.85
N PHE E 263 -12.45 23.83 -12.73
CA PHE E 263 -11.76 24.64 -11.74
C PHE E 263 -12.55 24.69 -10.43
N LEU E 264 -12.20 25.64 -9.56
CA LEU E 264 -12.90 25.85 -8.28
C LEU E 264 -13.30 27.31 -8.13
N MET E 265 -14.55 27.65 -8.45
CA MET E 265 -14.96 29.04 -8.28
C MET E 265 -15.09 29.33 -6.80
N GLU E 266 -14.72 30.54 -6.40
CA GLU E 266 -14.86 31.01 -5.03
C GLU E 266 -13.93 30.29 -4.07
N GLU E 267 -13.92 28.96 -4.13
CA GLU E 267 -13.05 28.15 -3.28
C GLU E 267 -11.68 28.03 -3.96
N ALA E 268 -11.02 29.16 -4.10
CA ALA E 268 -9.65 29.17 -4.59
C ALA E 268 -8.82 30.15 -3.81
N TRP E 269 -7.60 29.74 -3.48
CA TRP E 269 -6.62 30.64 -2.90
C TRP E 269 -5.54 30.80 -3.94
N MET E 270 -5.18 32.05 -4.23
CA MET E 270 -4.26 32.38 -5.30
C MET E 270 -3.02 33.02 -4.74
N PHE E 271 -1.86 32.44 -5.03
CA PHE E 271 -0.65 33.20 -4.75
C PHE E 271 -0.55 34.32 -5.78
N THR E 272 0.39 35.23 -5.57
CA THR E 272 0.49 36.36 -6.48
C THR E 272 1.93 36.83 -6.60
N LYS E 273 2.30 37.27 -7.80
CA LYS E 273 3.60 37.86 -8.03
C LYS E 273 3.50 38.93 -9.11
N ILE E 274 4.32 39.97 -8.97
CA ILE E 274 4.28 41.06 -9.93
C ILE E 274 4.67 40.54 -11.31
N SER E 275 3.95 40.98 -12.33
CA SER E 275 4.12 40.47 -13.68
C SER E 275 5.37 41.04 -14.34
N ASP E 276 5.84 40.32 -15.35
CA ASP E 276 6.97 40.72 -16.18
C ASP E 276 6.59 40.54 -17.64
N PRO E 277 6.81 41.53 -18.50
CA PRO E 277 6.52 41.33 -19.93
C PRO E 277 7.55 40.46 -20.62
N GLU E 278 8.76 40.35 -20.09
CA GLU E 278 9.78 39.49 -20.67
C GLU E 278 9.63 38.04 -20.22
N ARG E 279 8.75 37.76 -19.27
CA ARG E 279 8.54 36.41 -18.76
C ARG E 279 7.06 36.05 -18.75
N SER E 280 6.31 36.54 -19.73
CA SER E 280 4.86 36.35 -19.76
C SER E 280 4.52 35.03 -20.46
N ARG E 281 4.92 33.95 -19.79
CA ARG E 281 4.65 32.61 -20.29
C ARG E 281 4.41 31.68 -19.11
N ALA E 282 3.81 30.52 -19.40
CA ALA E 282 3.46 29.59 -18.35
C ALA E 282 4.70 29.05 -17.64
N GLY E 283 5.67 28.55 -18.40
CA GLY E 283 6.84 27.96 -17.78
C GLY E 283 7.63 28.98 -16.98
N GLU E 284 7.84 30.16 -17.55
CA GLU E 284 8.60 31.19 -16.86
C GLU E 284 7.90 31.61 -15.58
N ILE E 285 6.58 31.78 -15.63
CA ILE E 285 5.83 32.21 -14.46
C ILE E 285 5.92 31.15 -13.37
N LEU E 286 5.73 29.89 -13.74
CA LEU E 286 5.78 28.82 -12.75
C LEU E 286 7.17 28.71 -12.13
N ILE E 287 8.21 28.86 -12.95
CA ILE E 287 9.57 28.77 -12.43
C ILE E 287 9.82 29.92 -11.47
N ASP E 288 9.37 31.12 -11.81
CA ASP E 288 9.58 32.27 -10.95
C ASP E 288 8.86 32.09 -9.62
N PHE E 289 7.63 31.58 -9.66
CA PHE E 289 6.90 31.34 -8.43
C PHE E 289 7.61 30.30 -7.57
N PHE E 290 8.17 29.26 -8.21
CA PHE E 290 8.90 28.25 -7.46
C PHE E 290 10.16 28.82 -6.81
N LYS E 291 10.85 29.74 -7.49
CA LYS E 291 12.16 30.19 -6.99
C LYS E 291 12.05 30.80 -5.60
N LYS E 292 11.02 31.60 -5.34
CA LYS E 292 10.88 32.18 -4.00
C LYS E 292 10.63 31.14 -2.92
N GLY E 293 10.38 29.88 -3.29
CA GLY E 293 10.30 28.80 -2.34
C GLY E 293 8.96 28.58 -1.68
N ASN E 294 7.94 29.35 -2.06
CA ASN E 294 6.63 29.16 -1.45
C ASN E 294 6.04 27.81 -1.84
N LEU E 295 5.87 27.56 -3.13
CA LEU E 295 5.26 26.31 -3.58
C LEU E 295 6.11 25.11 -3.16
N SER E 296 7.44 25.27 -3.20
CA SER E 296 8.31 24.18 -2.78
C SER E 296 8.05 23.81 -1.33
N ALA E 297 7.75 24.81 -0.49
CA ALA E 297 7.50 24.54 0.92
C ALA E 297 6.31 23.62 1.10
N ILE E 298 5.30 23.74 0.23
CA ILE E 298 4.13 22.87 0.30
C ILE E 298 4.57 21.42 0.31
N ARG E 299 4.06 20.66 1.28
CA ARG E 299 4.38 19.26 1.45
C ARG E 299 3.11 18.58 1.95
N PRO E 300 2.34 17.96 1.07
CA PRO E 300 1.04 17.44 1.50
C PRO E 300 1.20 16.21 2.37
N LYS E 301 0.35 16.13 3.39
CA LYS E 301 0.36 15.04 4.34
C LYS E 301 -0.30 13.79 3.77
N ASP E 302 0.09 12.64 4.31
CA ASP E 302 -0.35 11.36 3.77
C ASP E 302 -1.84 11.16 3.93
N LYS E 303 -2.40 11.48 5.09
CA LYS E 303 -3.78 11.15 5.37
C LYS E 303 -4.70 12.17 4.69
N PRO E 304 -5.62 11.75 3.82
CA PRO E 304 -6.52 12.69 3.17
C PRO E 304 -7.78 12.92 3.99
N LEU E 305 -8.31 14.13 3.88
CA LEU E 305 -9.57 14.44 4.56
C LEU E 305 -10.71 13.64 3.96
N GLN E 306 -10.81 13.64 2.63
CA GLN E 306 -11.88 12.90 1.94
C GLN E 306 -11.40 12.56 0.54
N GLY E 307 -10.83 11.36 0.38
CA GLY E 307 -10.28 11.01 -0.91
C GLY E 307 -10.08 9.53 -1.11
N LYS E 308 -10.08 9.13 -2.38
CA LYS E 308 -10.05 7.74 -2.79
C LYS E 308 -8.67 7.26 -3.23
N TYR E 309 -7.92 8.10 -3.94
CA TYR E 309 -6.60 7.74 -4.48
C TYR E 309 -5.57 8.77 -4.04
N PRO E 310 -5.25 8.81 -2.73
CA PRO E 310 -4.31 9.83 -2.26
C PRO E 310 -2.88 9.64 -2.74
N ILE E 311 -2.37 8.40 -2.70
CA ILE E 311 -0.95 8.18 -2.92
C ILE E 311 -0.53 8.63 -4.31
N HIS E 312 -1.32 8.30 -5.32
CA HIS E 312 -0.94 8.69 -6.68
C HIS E 312 -0.90 10.20 -6.81
N TYR E 313 -1.85 10.89 -6.20
CA TYR E 313 -1.88 12.35 -6.30
C TYR E 313 -0.69 12.97 -5.59
N LYS E 314 -0.33 12.45 -4.42
CA LYS E 314 0.80 13.01 -3.68
C LYS E 314 2.12 12.71 -4.37
N ASN E 315 2.24 11.54 -4.98
CA ASN E 315 3.47 11.20 -5.69
C ASN E 315 3.59 12.03 -6.95
N LEU E 316 2.47 12.25 -7.65
CA LEU E 316 2.50 13.11 -8.82
C LEU E 316 2.84 14.54 -8.42
N TRP E 317 2.40 14.98 -7.25
CA TRP E 317 2.75 16.31 -6.77
C TRP E 317 4.24 16.44 -6.54
N ASN E 318 4.83 15.43 -5.88
CA ASN E 318 6.28 15.45 -5.70
C ASN E 318 6.99 15.41 -7.05
N GLN E 319 6.45 14.64 -7.99
CA GLN E 319 7.04 14.59 -9.33
C GLN E 319 7.00 15.96 -10.00
N ILE E 320 5.89 16.69 -9.84
CA ILE E 320 5.80 18.02 -10.42
C ILE E 320 6.84 18.94 -9.81
N LYS E 321 7.00 18.89 -8.48
CA LYS E 321 7.99 19.75 -7.86
C LYS E 321 9.39 19.40 -8.36
N ALA E 322 9.70 18.11 -8.46
CA ALA E 322 11.03 17.69 -8.88
C ALA E 322 11.29 18.05 -10.33
N ALA E 323 10.25 18.01 -11.17
CA ALA E 323 10.43 18.38 -12.58
C ALA E 323 10.63 19.89 -12.70
N ILE E 324 9.82 20.67 -12.00
CA ILE E 324 9.96 22.12 -12.07
C ILE E 324 11.35 22.52 -11.57
N ALA E 325 11.85 21.85 -10.54
CA ALA E 325 13.19 22.13 -10.06
C ALA E 325 14.21 21.95 -11.18
N ASP E 326 14.00 20.96 -12.04
CA ASP E 326 14.89 20.67 -13.15
C ASP E 326 14.77 21.66 -14.29
N ARG E 327 13.96 22.70 -14.14
CA ARG E 327 13.75 23.74 -15.14
C ARG E 327 13.07 23.22 -16.40
N THR E 328 12.60 21.99 -16.40
CA THR E 328 11.87 21.42 -17.52
C THR E 328 10.49 20.99 -17.06
N MET E 329 9.46 21.39 -17.80
CA MET E 329 8.09 21.03 -17.47
C MET E 329 7.78 19.57 -17.76
N VAL E 330 8.72 18.81 -18.29
CA VAL E 330 8.45 17.44 -18.71
C VAL E 330 8.47 16.50 -17.52
N ILE E 331 7.81 15.36 -17.69
CA ILE E 331 7.83 14.25 -16.75
C ILE E 331 8.22 13.01 -17.54
N ASN E 332 9.35 12.41 -17.18
CA ASN E 332 9.83 11.24 -17.93
C ASN E 332 9.03 10.00 -17.56
N GLU E 333 9.05 9.62 -16.28
CA GLU E 333 8.33 8.45 -15.84
C GLU E 333 6.84 8.63 -16.07
N ASN E 334 6.18 7.58 -16.56
CA ASN E 334 4.75 7.58 -16.82
C ASN E 334 4.15 6.36 -16.13
N ASP E 335 3.89 6.49 -14.84
CA ASP E 335 3.22 5.46 -14.05
C ASP E 335 1.96 5.97 -13.37
N HIS E 336 2.00 7.13 -12.72
CA HIS E 336 0.84 7.63 -12.00
C HIS E 336 -0.21 8.21 -12.94
N SER E 337 0.19 9.15 -13.79
CA SER E 337 -0.75 9.71 -14.76
C SER E 337 -1.45 8.62 -15.55
N GLU E 338 -0.69 7.62 -16.00
CA GLU E 338 -1.27 6.52 -16.75
C GLU E 338 -2.39 5.85 -15.96
N PHE E 339 -2.10 5.48 -14.71
CA PHE E 339 -3.13 4.90 -13.85
C PHE E 339 -4.35 5.80 -13.75
N LEU E 340 -4.15 7.02 -13.24
CA LEU E 340 -5.29 7.88 -12.95
C LEU E 340 -6.08 8.24 -14.20
N GLY E 341 -5.49 8.07 -15.37
CA GLY E 341 -6.21 8.27 -16.61
C GLY E 341 -6.92 7.02 -17.10
N GLY E 342 -6.37 5.85 -16.75
CA GLY E 342 -6.91 4.59 -17.20
C GLY E 342 -7.95 3.93 -16.33
N ILE E 343 -8.20 4.43 -15.11
CA ILE E 343 -9.23 3.83 -14.27
C ILE E 343 -10.56 3.80 -15.02
N GLY E 344 -10.81 4.79 -15.88
CA GLY E 344 -12.06 4.81 -16.63
C GLY E 344 -12.19 3.60 -17.54
N ARG E 345 -11.15 3.35 -18.34
CA ARG E 345 -11.18 2.21 -19.26
C ARG E 345 -9.76 1.90 -19.70
N ALA E 346 -9.39 0.64 -19.58
CA ALA E 346 -8.12 0.14 -20.08
C ALA E 346 -8.16 -1.38 -20.07
N SER E 347 -7.86 -2.01 -21.20
CA SER E 347 -8.02 -3.45 -21.33
C SER E 347 -7.43 -3.89 -22.66
N LYS E 348 -7.41 -5.21 -22.86
CA LYS E 348 -6.92 -5.81 -24.08
C LYS E 348 -8.03 -5.88 -25.12
N LYS E 349 -7.72 -6.47 -26.28
CA LYS E 349 -8.66 -6.57 -27.37
C LYS E 349 -8.35 -7.84 -28.16
N ILE E 350 -9.37 -8.64 -28.41
CA ILE E 350 -9.24 -9.93 -29.07
C ILE E 350 -9.76 -9.78 -30.50
N PRO E 351 -9.03 -10.23 -31.51
CA PRO E 351 -9.56 -10.15 -32.88
C PRO E 351 -10.75 -11.06 -33.07
N GLU E 352 -11.67 -10.60 -33.91
CA GLU E 352 -12.84 -11.41 -34.23
C GLU E 352 -12.47 -12.72 -34.91
N ILE E 353 -11.36 -12.73 -35.66
CA ILE E 353 -11.00 -13.92 -36.40
C ILE E 353 -10.51 -15.01 -35.44
N SER E 354 -9.94 -14.61 -34.31
CA SER E 354 -9.51 -15.55 -33.30
C SER E 354 -10.64 -15.93 -32.35
N LEU E 355 -11.88 -15.78 -32.78
CA LEU E 355 -13.06 -15.96 -31.94
C LEU E 355 -13.78 -17.24 -32.36
N THR E 356 -14.34 -17.93 -31.37
CA THR E 356 -15.07 -19.16 -31.60
C THR E 356 -16.27 -19.16 -30.63
N GLN E 357 -16.95 -20.29 -30.53
CA GLN E 357 -18.01 -20.44 -29.53
C GLN E 357 -17.43 -20.91 -28.20
N ASP E 358 -16.40 -21.75 -28.24
CA ASP E 358 -15.75 -22.19 -27.01
C ASP E 358 -15.06 -21.02 -26.31
N VAL E 359 -14.40 -20.17 -27.09
CA VAL E 359 -13.76 -18.98 -26.52
C VAL E 359 -14.78 -18.14 -25.77
N ILE E 360 -15.90 -17.83 -26.42
CA ILE E 360 -16.95 -17.06 -25.79
C ILE E 360 -17.44 -17.74 -24.52
N THR E 361 -17.83 -19.00 -24.63
CA THR E 361 -18.34 -19.71 -23.47
C THR E 361 -17.32 -19.75 -22.33
N THR E 362 -16.03 -19.69 -22.66
CA THR E 362 -15.00 -19.71 -21.63
C THR E 362 -14.91 -18.36 -20.94
N GLU E 363 -14.78 -17.28 -21.71
CA GLU E 363 -14.68 -15.95 -21.13
C GLU E 363 -16.01 -15.40 -20.67
N GLY E 364 -17.13 -16.02 -21.07
CA GLY E 364 -18.43 -15.51 -20.73
C GLY E 364 -18.67 -14.11 -21.24
N LEU E 365 -18.26 -13.83 -22.47
CA LEU E 365 -18.47 -12.50 -23.05
C LEU E 365 -19.96 -12.21 -23.18
N LYS E 366 -20.32 -10.98 -22.80
CA LYS E 366 -21.69 -10.50 -22.88
C LYS E 366 -21.63 -9.04 -23.27
N GLN E 367 -22.68 -8.56 -23.94
CA GLN E 367 -22.66 -7.18 -24.43
C GLN E 367 -22.31 -6.23 -23.30
N SER E 368 -21.70 -5.10 -23.67
CA SER E 368 -21.23 -4.12 -22.69
C SER E 368 -22.41 -3.28 -22.24
N GLU E 369 -22.91 -3.57 -21.05
CA GLU E 369 -24.08 -2.86 -20.54
C GLU E 369 -23.79 -1.37 -20.49
N ASN E 370 -24.67 -0.57 -21.06
CA ASN E 370 -24.50 0.88 -21.07
C ASN E 370 -25.04 1.45 -19.76
N LYS E 371 -24.17 2.12 -19.02
CA LYS E 371 -24.58 2.76 -17.78
C LYS E 371 -25.23 4.10 -18.05
N LEU E 372 -26.09 4.52 -17.14
CA LEU E 372 -26.74 5.81 -17.23
C LEU E 372 -26.31 6.69 -16.06
N PRO E 373 -26.26 8.01 -16.26
CA PRO E 373 -25.95 8.89 -15.13
C PRO E 373 -27.05 8.83 -14.09
N GLU E 374 -26.64 8.75 -12.83
CA GLU E 374 -27.62 8.69 -11.76
C GLU E 374 -28.26 10.06 -11.56
N PRO E 375 -29.56 10.13 -11.30
CA PRO E 375 -30.18 11.43 -11.06
C PRO E 375 -29.75 11.99 -9.71
N ARG E 376 -29.83 13.31 -9.59
CA ARG E 376 -29.38 13.99 -8.40
C ARG E 376 -30.42 14.99 -7.93
N SER E 377 -30.19 15.52 -6.72
CA SER E 377 -31.13 16.38 -6.03
C SER E 377 -30.81 17.85 -6.24
N PHE E 378 -31.53 18.71 -5.52
CA PHE E 378 -31.38 20.14 -5.69
C PHE E 378 -30.05 20.62 -5.11
N PRO E 379 -29.22 21.34 -5.88
CA PRO E 379 -28.01 21.94 -5.30
C PRO E 379 -28.35 23.07 -4.36
N ARG E 380 -27.87 22.98 -3.12
CA ARG E 380 -28.10 24.03 -2.13
C ARG E 380 -27.00 25.07 -2.09
N TRP E 381 -25.92 24.88 -2.85
CA TRP E 381 -24.77 25.76 -2.82
C TRP E 381 -24.64 26.65 -4.05
N PHE E 382 -25.49 26.45 -5.05
CA PHE E 382 -25.46 27.32 -6.23
C PHE E 382 -25.78 28.77 -5.85
N ASN E 383 -26.65 28.97 -4.87
CA ASN E 383 -27.00 30.33 -4.45
C ASN E 383 -25.79 31.07 -3.89
N ALA E 384 -25.03 30.41 -3.02
CA ALA E 384 -23.85 31.07 -2.43
C ALA E 384 -22.84 31.41 -3.52
N GLU E 385 -22.60 30.47 -4.44
CA GLU E 385 -21.68 30.73 -5.53
C GLU E 385 -22.14 31.93 -6.34
N TRP E 386 -23.44 32.00 -6.61
CA TRP E 386 -23.99 33.09 -7.40
C TRP E 386 -23.79 34.41 -6.68
N MET E 387 -24.07 34.44 -5.38
CA MET E 387 -23.92 35.68 -4.62
C MET E 387 -22.47 36.13 -4.59
N TRP E 388 -21.53 35.19 -4.41
CA TRP E 388 -20.13 35.56 -4.47
C TRP E 388 -19.78 36.13 -5.84
N ALA E 389 -20.33 35.53 -6.90
CA ALA E 389 -20.08 36.05 -8.23
C ALA E 389 -20.58 37.48 -8.37
N ILE E 390 -21.65 37.83 -7.65
CA ILE E 390 -22.12 39.21 -7.69
C ILE E 390 -21.25 40.19 -6.92
N LYS E 391 -20.29 39.69 -6.14
CA LYS E 391 -19.39 40.60 -5.43
C LYS E 391 -18.33 41.17 -6.36
N ASP E 392 -17.74 42.29 -5.93
CA ASP E 392 -16.64 42.95 -6.62
C ASP E 392 -15.34 42.64 -5.90
N SER E 393 -14.38 42.07 -6.62
CA SER E 393 -13.14 41.63 -5.99
C SER E 393 -12.17 42.80 -5.84
N ASP E 394 -11.13 42.56 -5.03
CA ASP E 394 -10.09 43.57 -4.83
C ASP E 394 -9.36 43.91 -6.12
N LEU E 395 -9.09 42.91 -6.96
CA LEU E 395 -8.35 43.12 -8.19
C LEU E 395 -9.29 43.18 -9.39
N THR E 396 -8.85 43.88 -10.43
CA THR E 396 -9.67 44.17 -11.59
C THR E 396 -8.85 44.02 -12.86
N GLY E 397 -9.54 43.81 -13.97
CA GLY E 397 -8.90 43.72 -15.27
C GLY E 397 -8.34 42.37 -15.64
N TRP E 398 -8.95 41.29 -15.15
CA TRP E 398 -8.50 39.95 -15.50
C TRP E 398 -8.65 39.68 -16.99
N VAL E 399 -9.80 40.05 -17.56
CA VAL E 399 -10.08 39.78 -18.96
C VAL E 399 -9.44 40.84 -19.86
N PRO E 400 -8.85 40.45 -20.99
CA PRO E 400 -8.40 41.42 -21.98
C PRO E 400 -9.49 41.73 -23.00
N MET E 401 -9.36 42.91 -23.61
CA MET E 401 -10.28 43.37 -24.62
C MET E 401 -9.47 44.07 -25.70
N ALA E 402 -10.11 44.29 -26.84
CA ALA E 402 -9.43 44.95 -27.96
C ALA E 402 -9.46 46.45 -27.73
N GLU E 403 -9.06 47.22 -28.74
CA GLU E 403 -9.06 48.67 -28.67
C GLU E 403 -10.32 49.21 -29.33
N TYR E 404 -10.41 50.53 -29.40
CA TYR E 404 -11.57 51.21 -29.97
C TYR E 404 -11.11 52.03 -31.17
N PRO E 405 -11.62 51.77 -32.37
CA PRO E 405 -11.18 52.54 -33.54
C PRO E 405 -11.69 53.97 -33.48
N PRO E 406 -11.33 54.81 -34.45
CA PRO E 406 -11.80 56.21 -34.42
C PRO E 406 -13.30 56.33 -34.54
N ALA E 407 -13.81 57.56 -34.46
CA ALA E 407 -15.22 57.85 -34.60
C ALA E 407 -15.43 58.98 -35.58
N ASP E 408 -16.59 58.99 -36.23
CA ASP E 408 -16.92 59.99 -37.24
C ASP E 408 -18.30 60.60 -37.07
N ASN E 409 -19.04 60.24 -36.02
CA ASN E 409 -20.37 60.78 -35.78
C ASN E 409 -20.79 60.40 -34.37
N GLU E 410 -22.02 60.80 -34.01
CA GLU E 410 -22.49 60.64 -32.63
C GLU E 410 -22.82 59.20 -32.28
N LEU E 411 -23.28 58.40 -33.24
CA LEU E 411 -23.69 57.03 -32.93
C LEU E 411 -22.51 56.22 -32.39
N GLU E 412 -21.38 56.22 -33.10
CA GLU E 412 -20.24 55.46 -32.61
C GLU E 412 -19.73 56.03 -31.29
N ASP E 413 -19.82 57.33 -31.10
CA ASP E 413 -19.40 57.93 -29.84
C ASP E 413 -20.24 57.39 -28.68
N TYR E 414 -21.56 57.38 -28.84
CA TYR E 414 -22.44 56.84 -27.81
C TYR E 414 -22.17 55.35 -27.58
N ALA E 415 -21.99 54.59 -28.66
CA ALA E 415 -21.70 53.17 -28.50
C ALA E 415 -20.42 52.94 -27.72
N GLU E 416 -19.37 53.71 -28.03
CA GLU E 416 -18.11 53.59 -27.30
C GLU E 416 -18.28 53.96 -25.84
N HIS E 417 -19.02 55.05 -25.57
CA HIS E 417 -19.27 55.44 -24.19
C HIS E 417 -19.96 54.32 -23.41
N LEU E 418 -21.02 53.75 -23.99
CA LEU E 418 -21.74 52.69 -23.30
C LEU E 418 -20.85 51.47 -23.08
N ASN E 419 -20.09 51.08 -24.11
CA ASN E 419 -19.22 49.92 -23.99
C ASN E 419 -18.17 50.14 -22.90
N LYS E 420 -17.55 51.32 -22.88
CA LYS E 420 -16.56 51.61 -21.85
C LYS E 420 -17.17 51.58 -20.47
N THR E 421 -18.36 52.15 -20.31
CA THR E 421 -19.04 52.12 -19.01
C THR E 421 -19.26 50.68 -18.56
N MET E 422 -19.85 49.86 -19.44
CA MET E 422 -20.15 48.48 -19.05
C MET E 422 -18.89 47.71 -18.74
N GLU E 423 -17.84 47.89 -19.53
CA GLU E 423 -16.59 47.18 -19.29
C GLU E 423 -15.99 47.58 -17.95
N GLY E 424 -15.95 48.88 -17.67
CA GLY E 424 -15.41 49.33 -16.40
C GLY E 424 -16.23 48.85 -15.22
N VAL E 425 -17.53 48.64 -15.43
CA VAL E 425 -18.37 48.15 -14.34
C VAL E 425 -18.17 46.65 -14.12
N LEU E 426 -17.98 45.90 -15.20
CA LEU E 426 -18.00 44.44 -15.13
C LEU E 426 -16.64 43.84 -14.77
N GLN E 427 -15.54 44.37 -15.32
CA GLN E 427 -14.24 43.74 -15.15
C GLN E 427 -13.93 43.46 -13.68
N GLY E 428 -14.52 44.25 -12.77
CA GLY E 428 -14.22 44.14 -11.36
C GLY E 428 -14.90 43.00 -10.65
N THR E 429 -15.60 42.14 -11.37
CA THR E 429 -16.43 41.12 -10.75
C THR E 429 -15.64 39.83 -10.60
N ASN E 430 -16.08 39.01 -9.64
CA ASN E 430 -15.38 37.75 -9.39
C ASN E 430 -15.55 36.78 -10.55
N CYS E 431 -16.66 36.86 -11.28
CA CYS E 431 -16.87 35.99 -12.43
C CYS E 431 -15.79 36.21 -13.48
N ALA E 432 -15.43 37.46 -13.73
CA ALA E 432 -14.40 37.76 -14.73
C ALA E 432 -13.08 37.12 -14.36
N ARG E 433 -12.82 36.94 -13.07
CA ARG E 433 -11.61 36.25 -12.64
C ARG E 433 -11.59 34.82 -13.18
N GLU E 434 -12.71 34.11 -13.04
CA GLU E 434 -12.79 32.75 -13.54
C GLU E 434 -12.74 32.72 -15.06
N MET E 435 -13.37 33.69 -15.72
CA MET E 435 -13.29 33.75 -17.18
C MET E 435 -11.85 33.89 -17.66
N GLY E 436 -11.10 34.79 -17.04
CA GLY E 436 -9.70 34.96 -17.42
C GLY E 436 -8.88 33.71 -17.12
N LYS E 437 -9.14 33.09 -15.96
CA LYS E 437 -8.40 31.90 -15.62
C LYS E 437 -8.62 30.82 -16.67
N CYS E 438 -9.87 30.66 -17.13
CA CYS E 438 -10.13 29.66 -18.15
C CYS E 438 -9.43 30.01 -19.44
N ILE E 439 -9.49 31.28 -19.85
CA ILE E 439 -8.91 31.65 -21.14
C ILE E 439 -7.43 31.32 -21.15
N LEU E 440 -6.69 31.77 -20.13
CA LEU E 440 -5.25 31.55 -20.14
C LEU E 440 -4.90 30.07 -19.94
N THR E 441 -5.56 29.41 -18.99
CA THR E 441 -5.21 28.01 -18.71
C THR E 441 -5.47 27.13 -19.92
N VAL E 442 -6.63 27.29 -20.55
CA VAL E 442 -6.97 26.47 -21.70
C VAL E 442 -6.10 26.84 -22.90
N GLY E 443 -5.71 28.10 -23.05
CA GLY E 443 -4.77 28.43 -24.10
C GLY E 443 -3.46 27.71 -23.93
N ALA E 444 -2.95 27.67 -22.68
CA ALA E 444 -1.71 26.96 -22.41
C ALA E 444 -1.87 25.47 -22.68
N LEU E 445 -2.98 24.88 -22.24
CA LEU E 445 -3.20 23.45 -22.46
C LEU E 445 -3.26 23.12 -23.94
N MET E 446 -4.00 23.93 -24.71
CA MET E 446 -4.14 23.67 -26.14
C MET E 446 -2.80 23.78 -26.84
N THR E 447 -2.01 24.81 -26.50
CA THR E 447 -0.70 24.96 -27.11
C THR E 447 0.21 23.80 -26.76
N GLU E 448 0.20 23.36 -25.50
CA GLU E 448 1.07 22.25 -25.10
C GLU E 448 0.65 20.95 -25.75
N CYS E 449 -0.65 20.72 -25.90
CA CYS E 449 -1.12 19.53 -26.61
C CYS E 449 -0.66 19.55 -28.05
N ARG E 450 -0.80 20.69 -28.73
CA ARG E 450 -0.39 20.77 -30.13
C ARG E 450 1.11 20.57 -30.27
N LEU E 451 1.89 21.23 -29.42
CA LEU E 451 3.35 21.16 -29.49
C LEU E 451 3.86 19.78 -29.07
N PHE E 452 3.51 19.35 -27.87
CA PHE E 452 4.07 18.13 -27.29
C PHE E 452 3.01 17.04 -27.13
N PRO E 453 2.50 16.49 -28.22
CA PRO E 453 1.57 15.36 -28.09
C PRO E 453 2.29 14.11 -27.62
N GLY E 454 1.56 13.25 -26.91
CA GLY E 454 2.13 12.03 -26.41
C GLY E 454 3.25 12.25 -25.41
N LYS E 455 3.15 13.30 -24.59
CA LYS E 455 4.12 13.57 -23.55
C LYS E 455 3.41 14.19 -22.36
N ILE E 456 3.72 13.70 -21.17
CA ILE E 456 3.18 14.30 -19.95
C ILE E 456 3.84 15.65 -19.73
N LYS E 457 3.02 16.67 -19.54
CA LYS E 457 3.50 18.03 -19.35
C LYS E 457 2.97 18.58 -18.02
N VAL E 458 3.33 19.83 -17.75
CA VAL E 458 2.87 20.54 -16.57
C VAL E 458 2.47 21.95 -16.98
N VAL E 459 1.30 22.38 -16.54
CA VAL E 459 0.75 23.68 -16.93
C VAL E 459 0.34 24.43 -15.66
N PRO E 460 0.42 25.77 -15.64
CA PRO E 460 -0.07 26.51 -14.48
C PRO E 460 -1.48 27.05 -14.66
N ILE E 461 -2.27 27.01 -13.59
CA ILE E 461 -3.63 27.60 -13.62
C ILE E 461 -3.47 29.05 -13.17
N TYR E 462 -3.04 29.90 -14.11
CA TYR E 462 -2.69 31.27 -13.78
C TYR E 462 -3.67 32.27 -14.39
N ALA E 463 -3.49 33.53 -13.99
CA ALA E 463 -4.21 34.66 -14.54
C ALA E 463 -3.35 35.92 -14.45
N ARG E 464 -3.74 36.94 -15.20
CA ARG E 464 -3.00 38.20 -15.30
C ARG E 464 -3.90 39.41 -15.03
N SER E 465 -3.79 39.98 -13.83
CA SER E 465 -4.55 41.17 -13.46
C SER E 465 -3.98 42.44 -14.09
N LYS E 466 -4.74 43.54 -13.98
CA LYS E 466 -4.32 44.83 -14.51
C LYS E 466 -4.36 45.97 -13.49
N GLU E 467 -5.29 45.93 -12.53
CA GLU E 467 -5.46 47.05 -11.60
C GLU E 467 -5.75 46.50 -10.21
N ARG E 468 -6.08 47.40 -9.27
CA ARG E 468 -6.43 46.96 -7.93
C ARG E 468 -7.01 48.13 -7.14
N LYS E 469 -8.10 47.88 -6.43
CA LYS E 469 -8.71 48.92 -5.60
C LYS E 469 -7.83 49.25 -4.40
N SER E 470 -7.44 50.51 -4.28
CA SER E 470 -6.52 50.94 -3.24
C SER E 470 -7.09 50.64 -1.85
N MET E 471 -6.19 50.38 -0.89
CA MET E 471 -6.65 50.07 0.45
C MET E 471 -7.17 51.32 1.16
N GLN E 472 -6.54 52.47 0.92
CA GLN E 472 -6.99 53.70 1.54
C GLN E 472 -8.39 54.07 1.08
N GLU E 473 -8.67 53.88 -0.20
CA GLU E 473 -9.98 54.19 -0.76
C GLU E 473 -10.25 53.20 -1.90
N GLY E 474 -11.54 53.04 -2.20
CA GLY E 474 -11.93 52.05 -3.19
C GLY E 474 -11.58 52.40 -4.62
N LEU E 475 -11.05 53.58 -4.86
CA LEU E 475 -10.80 54.01 -6.23
C LEU E 475 -9.68 53.18 -6.84
N PRO E 476 -9.83 52.74 -8.09
CA PRO E 476 -8.85 51.84 -8.69
C PRO E 476 -7.49 52.51 -8.89
N VAL E 477 -6.43 51.74 -8.64
CA VAL E 477 -5.05 52.20 -8.81
C VAL E 477 -4.32 51.08 -9.55
N PRO E 478 -3.56 51.39 -10.60
CA PRO E 478 -3.00 50.34 -11.45
C PRO E 478 -1.97 49.49 -10.73
N SER E 479 -2.01 48.19 -11.02
CA SER E 479 -0.99 47.26 -10.57
C SER E 479 -1.14 45.94 -11.33
N GLU E 480 -0.18 45.62 -12.19
CA GLU E 480 -0.22 44.39 -12.96
C GLU E 480 0.33 43.25 -12.13
N MET E 481 -0.48 42.22 -11.89
CA MET E 481 -0.09 41.11 -11.06
C MET E 481 -0.38 39.79 -11.79
N ASP E 482 0.05 38.70 -11.17
CA ASP E 482 -0.06 37.36 -11.76
C ASP E 482 -0.49 36.40 -10.67
N CYS E 483 -1.69 35.86 -10.82
CA CYS E 483 -2.38 35.06 -9.81
C CYS E 483 -2.31 33.57 -10.15
N LEU E 484 -1.69 32.78 -9.26
CA LEU E 484 -1.51 31.34 -9.45
C LEU E 484 -2.48 30.56 -8.56
N PHE E 485 -3.45 29.87 -9.18
CA PHE E 485 -4.44 29.08 -8.46
C PHE E 485 -4.21 27.58 -8.51
N GLY E 486 -3.18 27.07 -9.20
CA GLY E 486 -2.98 25.64 -9.19
C GLY E 486 -2.02 25.16 -10.26
N ILE E 487 -1.99 23.84 -10.41
CA ILE E 487 -1.14 23.13 -11.36
C ILE E 487 -1.94 22.01 -12.02
N CYS E 488 -1.94 21.98 -13.36
CA CYS E 488 -2.76 21.02 -14.10
C CYS E 488 -1.90 20.21 -15.06
N VAL E 489 -1.72 18.93 -14.72
CA VAL E 489 -1.08 17.98 -15.62
C VAL E 489 -1.98 17.68 -16.80
N LYS E 490 -1.36 17.37 -17.95
CA LYS E 490 -2.04 16.97 -19.17
C LYS E 490 -1.50 15.62 -19.64
N SER E 491 -2.29 14.57 -19.45
CA SER E 491 -1.90 13.23 -19.86
C SER E 491 -1.91 13.13 -21.39
N LYS E 492 -1.41 11.98 -21.88
CA LYS E 492 -1.28 11.73 -23.31
C LYS E 492 -2.49 12.21 -24.10
N SER E 493 -2.24 13.15 -25.02
CA SER E 493 -3.27 13.70 -25.91
C SER E 493 -2.81 13.50 -27.34
N HIS E 494 -3.66 12.87 -28.15
CA HIS E 494 -3.24 12.43 -29.48
C HIS E 494 -4.32 12.54 -30.55
N LEU E 495 -5.43 13.24 -30.26
CA LEU E 495 -6.43 13.57 -31.28
C LEU E 495 -7.00 12.34 -31.98
N ASN E 496 -6.95 11.17 -31.36
CA ASN E 496 -7.38 9.93 -32.02
C ASN E 496 -8.55 9.28 -31.31
N LYS E 497 -8.42 8.90 -30.04
CA LYS E 497 -9.48 8.19 -29.35
C LYS E 497 -10.56 9.15 -28.86
N ASP E 498 -11.82 8.75 -29.03
CA ASP E 498 -12.97 9.51 -28.54
C ASP E 498 -12.95 10.94 -29.05
N ASP E 499 -12.78 11.08 -30.37
CA ASP E 499 -12.77 12.39 -31.02
C ASP E 499 -11.73 13.30 -30.38
N GLY E 500 -10.55 12.74 -30.13
CA GLY E 500 -9.46 13.53 -29.58
C GLY E 500 -9.62 13.89 -28.13
N MET E 501 -10.46 13.17 -27.39
CA MET E 501 -10.61 13.42 -25.97
C MET E 501 -9.30 13.14 -25.25
N TYR E 502 -8.94 14.04 -24.33
CA TYR E 502 -7.74 13.87 -23.52
C TYR E 502 -8.09 14.08 -22.05
N THR E 503 -7.14 13.75 -21.18
CA THR E 503 -7.32 13.81 -19.74
C THR E 503 -6.44 14.89 -19.14
N ILE E 504 -6.87 15.44 -18.00
CA ILE E 504 -6.02 16.30 -17.18
C ILE E 504 -6.21 15.94 -15.71
N ILE E 505 -5.35 16.55 -14.90
CA ILE E 505 -5.37 16.36 -13.45
C ILE E 505 -5.03 17.69 -12.79
N THR E 506 -5.84 18.10 -11.82
CA THR E 506 -5.76 19.42 -11.22
C THR E 506 -5.32 19.32 -9.78
N PHE E 507 -4.43 20.23 -9.38
CA PHE E 507 -3.99 20.43 -8.01
C PHE E 507 -4.25 21.91 -7.72
N GLU E 508 -5.37 22.22 -7.07
CA GLU E 508 -5.75 23.59 -6.80
C GLU E 508 -5.56 23.91 -5.32
N PHE E 509 -5.54 25.19 -5.01
CA PHE E 509 -5.39 25.68 -3.64
C PHE E 509 -6.73 26.14 -3.08
N SER E 510 -6.84 26.11 -1.76
CA SER E 510 -8.01 26.68 -1.11
C SER E 510 -7.69 26.95 0.36
N ILE E 511 -8.47 27.83 0.96
CA ILE E 511 -8.39 28.11 2.39
C ILE E 511 -9.73 27.84 3.07
N ARG E 512 -10.49 26.87 2.56
CA ARG E 512 -11.84 26.62 3.04
C ARG E 512 -12.03 25.11 3.15
N GLU E 513 -12.22 24.64 4.37
CA GLU E 513 -12.44 23.22 4.59
C GLU E 513 -13.60 22.75 3.72
N PRO E 514 -13.62 21.47 3.35
CA PRO E 514 -14.55 20.99 2.34
C PRO E 514 -15.86 20.49 2.93
N ASN E 515 -16.81 20.24 2.02
CA ASN E 515 -18.07 19.60 2.34
C ASN E 515 -18.11 18.26 1.60
N LEU E 516 -18.48 17.20 2.31
CA LEU E 516 -18.48 15.88 1.69
C LEU E 516 -19.50 15.83 0.55
N GLU E 517 -20.65 16.48 0.74
CA GLU E 517 -21.71 16.44 -0.26
C GLU E 517 -21.29 17.14 -1.55
N LYS E 518 -20.80 18.36 -1.43
CA LYS E 518 -20.43 19.14 -2.60
C LYS E 518 -19.16 18.59 -3.24
N HIS E 519 -18.09 18.47 -2.45
CA HIS E 519 -16.81 18.00 -2.95
C HIS E 519 -16.81 16.47 -2.89
N GLN E 520 -17.41 15.87 -3.92
CA GLN E 520 -17.45 14.43 -4.06
C GLN E 520 -16.44 13.93 -5.08
N LYS E 521 -15.98 14.81 -5.96
CA LYS E 521 -15.02 14.48 -6.99
C LYS E 521 -13.61 14.88 -6.62
N TYR E 522 -13.44 15.66 -5.56
CA TYR E 522 -12.15 16.20 -5.15
C TYR E 522 -11.60 15.43 -3.97
N THR E 523 -10.30 15.14 -4.02
CA THR E 523 -9.55 14.63 -2.87
C THR E 523 -8.78 15.78 -2.25
N VAL E 524 -8.87 15.95 -0.94
CA VAL E 524 -8.38 17.15 -0.29
C VAL E 524 -7.28 16.78 0.70
N PHE E 525 -6.27 17.64 0.78
CA PHE E 525 -5.14 17.47 1.67
C PHE E 525 -4.97 18.76 2.48
N GLU E 526 -4.09 18.70 3.49
CA GLU E 526 -3.77 19.81 4.36
C GLU E 526 -2.30 20.15 4.16
N ALA E 527 -2.02 21.06 3.23
CA ALA E 527 -0.66 21.42 2.88
C ALA E 527 -0.16 22.58 3.75
N GLY E 528 0.08 22.27 5.01
CA GLY E 528 0.71 23.24 5.91
C GLY E 528 -0.09 24.51 6.07
N HIS E 529 0.59 25.65 5.96
CA HIS E 529 0.02 26.94 6.26
C HIS E 529 0.46 27.99 5.24
N THR E 530 -0.40 28.97 5.02
CA THR E 530 -0.13 30.13 4.19
C THR E 530 -0.32 31.39 5.03
N THR E 531 -0.35 32.54 4.38
CA THR E 531 -0.52 33.82 5.06
C THR E 531 -1.37 34.77 4.24
N VAL E 532 -2.45 35.26 4.84
CA VAL E 532 -3.25 36.32 4.24
C VAL E 532 -2.61 37.66 4.55
N ARG E 533 -2.96 38.69 3.76
CA ARG E 533 -2.48 40.04 3.98
C ARG E 533 -3.63 41.03 3.87
N MET E 534 -3.76 41.89 4.86
CA MET E 534 -4.86 42.83 4.95
C MET E 534 -4.37 44.20 5.38
N LYS E 535 -5.26 45.18 5.25
CA LYS E 535 -5.01 46.53 5.74
C LYS E 535 -4.86 46.56 7.26
N LYS E 536 -4.09 47.55 7.72
CA LYS E 536 -3.94 47.91 9.13
C LYS E 536 -3.56 49.39 9.09
N GLY E 537 -4.56 50.24 8.89
CA GLY E 537 -4.29 51.66 8.77
C GLY E 537 -3.36 51.90 7.61
N GLU E 538 -2.23 52.55 7.91
CA GLU E 538 -1.26 52.93 6.89
C GLU E 538 -0.42 51.76 6.38
N SER E 539 -0.54 50.56 6.95
CA SER E 539 0.39 49.49 6.60
C SER E 539 -0.34 48.17 6.39
N VAL E 540 0.22 47.33 5.53
CA VAL E 540 -0.35 46.04 5.17
C VAL E 540 0.33 44.98 6.02
N ILE E 541 -0.45 44.27 6.84
CA ILE E 541 0.09 43.23 7.70
C ILE E 541 -0.38 41.87 7.20
N GLY E 542 0.29 40.83 7.68
CA GLY E 542 -0.08 39.46 7.35
C GLY E 542 -0.44 38.63 8.57
N ARG E 543 -1.39 37.71 8.37
CA ARG E 543 -1.83 36.77 9.40
C ARG E 543 -1.88 35.37 8.82
N GLU E 544 -1.26 34.42 9.52
CA GLU E 544 -1.15 33.05 9.04
C GLU E 544 -2.49 32.33 9.12
N VAL E 545 -2.69 31.37 8.22
CA VAL E 545 -3.88 30.54 8.19
C VAL E 545 -3.50 29.16 7.65
N PRO E 546 -4.31 28.13 7.87
CA PRO E 546 -4.05 26.84 7.20
C PRO E 546 -4.47 26.87 5.74
N LEU E 547 -3.82 25.99 4.97
CA LEU E 547 -4.02 25.88 3.53
C LEU E 547 -4.41 24.46 3.18
N TYR E 548 -5.23 24.31 2.14
CA TYR E 548 -5.69 23.00 1.69
C TYR E 548 -5.42 22.82 0.20
N LEU E 549 -5.36 21.55 -0.21
CA LEU E 549 -4.93 21.13 -1.53
C LEU E 549 -5.98 20.24 -2.19
N TYR E 550 -6.66 20.78 -3.19
CA TYR E 550 -7.77 20.12 -3.89
C TYR E 550 -7.25 19.39 -5.13
N CYS E 551 -6.99 18.10 -4.99
CA CYS E 551 -6.68 17.23 -6.13
C CYS E 551 -7.96 16.80 -6.83
N ARG E 552 -7.86 16.56 -8.14
CA ARG E 552 -9.00 16.00 -8.87
C ARG E 552 -8.61 15.62 -10.29
N THR E 553 -9.07 14.46 -10.73
CA THR E 553 -8.81 13.93 -12.06
C THR E 553 -10.04 14.15 -12.94
N THR E 554 -9.85 14.78 -14.11
CA THR E 554 -10.98 15.01 -15.00
C THR E 554 -10.57 14.85 -16.46
N ALA E 555 -11.57 14.82 -17.32
CA ALA E 555 -11.40 14.68 -18.76
C ALA E 555 -11.83 15.95 -19.48
N LEU E 556 -11.11 16.27 -20.56
CA LEU E 556 -11.45 17.37 -21.44
C LEU E 556 -11.38 16.88 -22.88
N SER E 557 -11.64 17.80 -23.82
CA SER E 557 -11.61 17.49 -25.24
C SER E 557 -11.29 18.76 -26.00
N LYS E 558 -11.15 18.63 -27.32
CA LYS E 558 -10.84 19.80 -28.13
C LYS E 558 -12.04 20.74 -28.23
N ILE E 559 -13.24 20.19 -28.38
CA ILE E 559 -14.41 21.04 -28.54
C ILE E 559 -14.67 21.83 -27.28
N LYS E 560 -14.52 21.20 -26.11
CA LYS E 560 -14.70 21.95 -24.86
C LYS E 560 -13.65 23.05 -24.73
N ASN E 561 -12.42 22.80 -25.19
CA ASN E 561 -11.41 23.85 -25.17
C ASN E 561 -11.83 25.03 -26.03
N ASP E 562 -12.25 24.75 -27.27
CA ASP E 562 -12.66 25.82 -28.17
C ASP E 562 -13.89 26.55 -27.62
N TRP E 563 -14.71 25.85 -26.84
CA TRP E 563 -15.96 26.43 -26.34
C TRP E 563 -15.71 27.30 -25.11
N LEU E 564 -14.88 26.83 -24.18
CA LEU E 564 -14.62 27.58 -22.95
C LEU E 564 -13.63 28.71 -23.17
N SER E 565 -12.64 28.53 -24.04
CA SER E 565 -11.63 29.55 -24.25
C SER E 565 -12.20 30.88 -24.70
N LYS E 566 -13.47 30.94 -25.11
CA LYS E 566 -14.10 32.20 -25.54
C LYS E 566 -15.38 32.39 -24.73
N ALA E 567 -15.22 32.81 -23.49
CA ALA E 567 -16.34 33.15 -22.62
C ALA E 567 -16.73 34.62 -22.70
N ARG E 568 -15.96 35.43 -23.44
CA ARG E 568 -16.31 36.85 -23.57
C ARG E 568 -17.61 37.04 -24.34
N ARG E 569 -18.07 36.04 -25.07
CA ARG E 569 -19.31 36.20 -25.82
C ARG E 569 -20.49 36.40 -24.89
N CYS E 570 -20.31 36.18 -23.59
CA CYS E 570 -21.38 36.48 -22.65
C CYS E 570 -21.55 37.98 -22.48
N PHE E 571 -20.43 38.71 -22.41
CA PHE E 571 -20.52 40.16 -22.22
C PHE E 571 -21.37 40.77 -23.33
N ILE E 572 -21.08 40.41 -24.57
CA ILE E 572 -21.83 40.97 -25.69
C ILE E 572 -23.29 40.57 -25.58
N THR E 573 -23.55 39.33 -25.18
CA THR E 573 -24.94 38.92 -25.00
C THR E 573 -25.60 39.80 -23.96
N THR E 574 -24.91 40.03 -22.84
CA THR E 574 -25.46 40.91 -21.82
C THR E 574 -25.63 42.32 -22.40
N MET E 575 -24.67 42.75 -23.23
CA MET E 575 -24.78 44.06 -23.84
C MET E 575 -26.09 44.16 -24.62
N ASP E 576 -26.48 43.09 -25.29
CA ASP E 576 -27.72 43.13 -26.06
C ASP E 576 -28.89 43.49 -25.15
N THR E 577 -28.96 42.88 -23.97
CA THR E 577 -30.03 43.22 -23.05
C THR E 577 -30.03 44.71 -22.79
N VAL E 578 -28.86 45.27 -22.50
CA VAL E 578 -28.78 46.69 -22.22
C VAL E 578 -29.32 47.47 -23.40
N GLU E 579 -28.90 47.09 -24.61
CA GLU E 579 -29.30 47.85 -25.77
C GLU E 579 -30.82 47.88 -25.89
N THR E 580 -31.47 46.75 -25.60
CA THR E 580 -32.92 46.73 -25.66
C THR E 580 -33.49 47.83 -24.79
N ILE E 581 -33.11 47.84 -23.51
CA ILE E 581 -33.65 48.83 -22.60
C ILE E 581 -33.24 50.22 -23.06
N CYS E 582 -32.05 50.34 -23.66
CA CYS E 582 -31.55 51.63 -24.09
C CYS E 582 -32.00 51.99 -25.51
N LEU E 583 -32.73 51.11 -26.19
CA LEU E 583 -33.31 51.44 -27.48
C LEU E 583 -34.81 51.61 -27.44
N ARG E 584 -35.50 50.86 -26.60
CA ARG E 584 -36.95 50.99 -26.50
C ARG E 584 -37.31 52.32 -25.83
N GLU E 585 -36.84 52.52 -24.60
CA GLU E 585 -37.10 53.77 -23.89
C GLU E 585 -36.68 54.97 -24.71
N SER E 586 -35.47 54.95 -25.27
CA SER E 586 -34.99 56.09 -26.04
C SER E 586 -35.95 56.43 -27.18
N ALA E 587 -36.71 55.46 -27.66
CA ALA E 587 -37.69 55.72 -28.71
C ALA E 587 -39.06 56.08 -28.15
N LYS E 588 -39.42 55.55 -26.98
CA LYS E 588 -40.70 55.89 -26.38
C LYS E 588 -40.79 57.36 -26.04
N ALA E 589 -39.75 57.91 -25.44
CA ALA E 589 -39.69 59.33 -25.11
C ALA E 589 -38.93 60.16 -26.12
N GLU E 590 -38.19 59.53 -27.03
CA GLU E 590 -37.46 60.23 -28.09
C GLU E 590 -36.42 61.18 -27.46
N GLU E 591 -35.54 60.58 -26.67
CA GLU E 591 -34.47 61.32 -26.02
C GLU E 591 -33.56 60.32 -25.30
N ASN E 592 -32.35 60.76 -25.00
CA ASN E 592 -31.37 59.91 -24.33
C ASN E 592 -31.82 59.67 -22.89
N LEU E 593 -32.13 58.41 -22.56
CA LEU E 593 -32.51 58.01 -21.21
C LEU E 593 -31.58 56.93 -20.67
N VAL E 594 -30.40 56.79 -21.26
CA VAL E 594 -29.49 55.70 -20.89
C VAL E 594 -29.09 55.82 -19.42
N GLU E 595 -28.49 56.94 -19.05
CA GLU E 595 -28.07 57.12 -17.66
C GLU E 595 -29.27 57.05 -16.72
N LYS E 596 -30.40 57.63 -17.14
CA LYS E 596 -31.58 57.64 -16.29
C LYS E 596 -32.05 56.24 -15.98
N THR E 597 -32.21 55.39 -17.00
CA THR E 597 -32.64 54.03 -16.76
C THR E 597 -31.59 53.24 -15.99
N LEU E 598 -30.32 53.42 -16.33
CA LEU E 598 -29.26 52.68 -15.65
C LEU E 598 -29.24 53.00 -14.15
N ASN E 599 -29.51 54.24 -13.78
CA ASN E 599 -29.39 54.67 -12.40
C ASN E 599 -30.70 54.59 -11.62
N GLU E 600 -31.84 54.49 -12.30
CA GLU E 600 -33.14 54.47 -11.64
C GLU E 600 -33.91 53.17 -11.84
N LYS E 601 -33.95 52.65 -13.07
CA LYS E 601 -34.77 51.49 -13.37
C LYS E 601 -34.51 50.35 -12.40
N GLN E 602 -35.55 49.98 -11.65
CA GLN E 602 -35.44 48.94 -10.64
C GLN E 602 -35.83 47.58 -11.21
N MET E 603 -35.15 46.54 -10.76
CA MET E 603 -35.37 45.18 -11.24
C MET E 603 -35.33 44.22 -10.07
N TRP E 604 -36.39 43.42 -9.95
CA TRP E 604 -36.48 42.42 -8.90
C TRP E 604 -35.39 41.38 -9.10
N ILE E 605 -34.67 41.05 -8.03
CA ILE E 605 -33.55 40.13 -8.11
C ILE E 605 -33.77 38.81 -7.38
N GLY E 606 -34.76 38.73 -6.49
CA GLY E 606 -34.87 37.53 -5.67
C GLY E 606 -35.87 37.71 -4.56
N LYS E 607 -35.68 36.95 -3.48
CA LYS E 607 -36.53 37.04 -2.31
C LYS E 607 -35.65 37.07 -1.07
N LYS E 608 -35.76 38.15 -0.30
CA LYS E 608 -35.04 38.31 0.95
C LYS E 608 -36.04 38.42 2.08
N ASN E 609 -35.98 37.48 3.03
CA ASN E 609 -36.88 37.49 4.18
C ASN E 609 -38.33 37.47 3.72
N GLY E 610 -38.63 36.65 2.72
CA GLY E 610 -39.97 36.60 2.18
C GLY E 610 -40.42 37.93 1.60
N GLU E 611 -39.52 38.65 0.95
CA GLU E 611 -39.81 39.98 0.42
C GLU E 611 -38.95 40.24 -0.80
N LEU E 612 -39.59 40.44 -1.95
CA LEU E 612 -38.87 40.63 -3.20
C LEU E 612 -37.82 41.74 -3.06
N ILE E 613 -36.57 41.41 -3.33
CA ILE E 613 -35.54 42.43 -3.38
C ILE E 613 -35.57 43.08 -4.75
N ALA E 614 -35.18 44.35 -4.79
CA ALA E 614 -35.10 45.09 -6.04
C ALA E 614 -33.83 45.93 -6.04
N GLN E 615 -33.11 45.90 -7.15
CA GLN E 615 -31.88 46.67 -7.28
C GLN E 615 -31.84 47.28 -8.67
N PRO E 616 -31.09 48.36 -8.85
CA PRO E 616 -31.06 48.99 -10.17
C PRO E 616 -30.48 48.04 -11.21
N LEU E 617 -30.54 48.47 -12.46
CA LEU E 617 -29.97 47.66 -13.53
C LEU E 617 -28.46 47.51 -13.38
N ARG E 618 -27.83 48.45 -12.68
CA ARG E 618 -26.38 48.38 -12.48
C ARG E 618 -25.99 47.09 -11.78
N GLU E 619 -26.81 46.65 -10.82
CA GLU E 619 -26.55 45.39 -10.13
C GLU E 619 -27.24 44.20 -10.78
N ALA E 620 -28.29 44.43 -11.57
CA ALA E 620 -28.91 43.34 -12.32
C ALA E 620 -27.96 42.78 -13.37
N LEU E 621 -27.12 43.64 -13.97
CA LEU E 621 -26.24 43.17 -15.03
C LEU E 621 -25.36 42.03 -14.54
N ARG E 622 -24.97 42.06 -13.27
CA ARG E 622 -24.12 41.00 -12.75
C ARG E 622 -24.84 39.65 -12.78
N VAL E 623 -26.11 39.63 -12.39
CA VAL E 623 -26.85 38.38 -12.45
C VAL E 623 -27.02 37.91 -13.88
N GLN E 624 -27.31 38.83 -14.80
CA GLN E 624 -27.49 38.41 -16.19
C GLN E 624 -26.20 37.82 -16.75
N LEU E 625 -25.08 38.48 -16.46
CA LEU E 625 -23.78 38.03 -16.95
C LEU E 625 -23.38 36.70 -16.34
N VAL E 626 -23.69 36.49 -15.05
CA VAL E 626 -23.39 35.21 -14.44
C VAL E 626 -24.33 34.13 -14.94
N GLN E 627 -25.50 34.53 -15.43
CA GLN E 627 -26.39 33.55 -16.04
C GLN E 627 -25.81 33.06 -17.35
N GLN E 628 -25.21 33.97 -18.12
CA GLN E 628 -24.60 33.56 -19.38
C GLN E 628 -23.35 32.73 -19.13
N PHE E 629 -22.54 33.14 -18.17
CA PHE E 629 -21.35 32.37 -17.83
C PHE E 629 -21.73 30.95 -17.41
N TYR E 630 -22.58 30.82 -16.39
CA TYR E 630 -22.96 29.49 -15.93
C TYR E 630 -23.63 28.70 -17.05
N PHE E 631 -24.26 29.38 -18.01
CA PHE E 631 -24.78 28.66 -19.17
C PHE E 631 -23.64 28.01 -19.92
N CYS E 632 -22.58 28.78 -20.18
CA CYS E 632 -21.46 28.25 -20.95
C CYS E 632 -20.73 27.13 -20.21
N ILE E 633 -20.48 27.31 -18.91
CA ILE E 633 -19.71 26.32 -18.16
C ILE E 633 -20.39 24.95 -18.16
N TYR E 634 -21.72 24.92 -18.11
CA TYR E 634 -22.46 23.66 -18.03
C TYR E 634 -23.15 23.27 -19.33
N ASN E 635 -22.90 23.99 -20.42
CA ASN E 635 -23.55 23.66 -21.69
C ASN E 635 -23.49 22.17 -21.96
N ASP E 636 -24.66 21.57 -22.17
CA ASP E 636 -24.77 20.15 -22.49
C ASP E 636 -26.17 19.89 -23.03
N SER E 637 -26.47 18.61 -23.28
CA SER E 637 -27.77 18.26 -23.85
C SER E 637 -28.90 18.59 -22.90
N GLN E 638 -28.75 18.28 -21.61
CA GLN E 638 -29.81 18.54 -20.65
C GLN E 638 -30.18 20.00 -20.65
N LEU E 639 -29.17 20.88 -20.58
CA LEU E 639 -29.43 22.30 -20.48
C LEU E 639 -30.05 22.84 -21.76
N GLU E 640 -29.61 22.35 -22.92
CA GLU E 640 -30.21 22.83 -24.16
C GLU E 640 -31.67 22.43 -24.24
N GLY E 641 -31.99 21.19 -23.86
CA GLY E 641 -33.38 20.75 -23.90
C GLY E 641 -34.25 21.57 -22.96
N PHE E 642 -33.81 21.71 -21.71
CA PHE E 642 -34.59 22.49 -20.75
C PHE E 642 -34.75 23.93 -21.21
N CYS E 643 -33.68 24.54 -21.71
CA CYS E 643 -33.76 25.92 -22.15
C CYS E 643 -34.74 26.07 -23.29
N ASN E 644 -34.74 25.12 -24.22
CA ASN E 644 -35.69 25.20 -25.33
C ASN E 644 -37.13 25.07 -24.83
N GLU E 645 -37.38 24.11 -23.94
CA GLU E 645 -38.74 23.80 -23.52
C GLU E 645 -39.30 24.75 -22.47
N GLN E 646 -38.48 25.56 -21.81
CA GLN E 646 -39.02 26.50 -20.83
C GLN E 646 -39.66 27.72 -21.50
N LYS E 647 -39.21 28.02 -22.73
CA LYS E 647 -39.72 29.17 -23.46
C LYS E 647 -41.24 29.15 -23.56
N LYS E 648 -41.82 27.96 -23.76
CA LYS E 648 -43.27 27.89 -23.91
C LYS E 648 -43.97 28.29 -22.61
N ILE E 649 -43.47 27.81 -21.48
CA ILE E 649 -44.06 28.20 -20.20
C ILE E 649 -43.97 29.71 -20.01
N LEU E 650 -42.81 30.30 -20.31
CA LEU E 650 -42.67 31.74 -20.09
C LEU E 650 -43.55 32.55 -21.05
N MET E 651 -43.70 32.09 -22.29
CA MET E 651 -44.57 32.81 -23.22
C MET E 651 -46.03 32.68 -22.83
N ALA E 652 -46.46 31.48 -22.44
CA ALA E 652 -47.84 31.32 -21.98
C ALA E 652 -48.12 32.19 -20.76
N LEU E 653 -47.19 32.23 -19.81
CA LEU E 653 -47.38 33.10 -18.65
C LEU E 653 -47.46 34.56 -19.07
N GLU E 654 -46.57 35.00 -19.97
CA GLU E 654 -46.64 36.37 -20.45
C GLU E 654 -48.00 36.66 -21.06
N GLY E 655 -48.52 35.73 -21.86
CA GLY E 655 -49.85 35.90 -22.40
C GLY E 655 -50.90 36.00 -21.30
N ASP E 656 -50.71 35.23 -20.23
CA ASP E 656 -51.62 35.34 -19.09
C ASP E 656 -51.59 36.74 -18.51
N LYS E 657 -50.40 37.32 -18.37
CA LYS E 657 -50.28 38.67 -17.83
C LYS E 657 -51.21 39.63 -18.56
N LYS E 658 -51.25 39.55 -19.88
CA LYS E 658 -51.99 40.48 -20.71
C LYS E 658 -53.40 39.98 -21.03
N ASN E 659 -53.94 39.08 -20.21
CA ASN E 659 -55.32 38.61 -20.32
C ASN E 659 -55.59 38.06 -21.72
N LYS E 660 -54.87 36.98 -22.06
CA LYS E 660 -55.02 36.29 -23.33
C LYS E 660 -55.23 34.81 -23.07
N SER E 661 -56.25 34.24 -23.70
CA SER E 661 -56.67 32.87 -23.44
C SER E 661 -55.69 31.90 -24.09
N SER E 662 -54.54 31.74 -23.43
CA SER E 662 -53.57 30.75 -23.87
C SER E 662 -54.21 29.36 -23.86
N PHE E 663 -53.94 28.58 -24.90
CA PHE E 663 -54.59 27.29 -25.09
C PHE E 663 -53.60 26.29 -25.66
N GLY E 664 -53.30 25.26 -24.88
CA GLY E 664 -52.40 24.21 -25.30
C GLY E 664 -53.13 23.00 -25.86
N PHE E 665 -52.36 21.92 -26.03
CA PHE E 665 -52.90 20.64 -26.46
C PHE E 665 -52.68 19.53 -25.45
N ASN E 666 -51.44 19.30 -25.02
CA ASN E 666 -51.11 18.29 -24.00
C ASN E 666 -49.97 18.80 -23.13
N PRO E 667 -50.24 19.78 -22.26
CA PRO E 667 -49.18 20.28 -21.37
C PRO E 667 -48.55 19.22 -20.48
N GLU E 668 -49.33 18.22 -20.05
CA GLU E 668 -48.78 17.19 -19.17
C GLU E 668 -47.56 16.52 -19.81
N GLY E 669 -47.62 16.25 -21.11
CA GLY E 669 -46.48 15.69 -21.80
C GLY E 669 -45.28 16.61 -21.80
N LEU E 670 -45.52 17.92 -21.87
CA LEU E 670 -44.41 18.87 -21.90
C LEU E 670 -43.73 18.94 -20.55
N LEU E 671 -44.53 18.89 -19.47
CA LEU E 671 -43.94 18.83 -18.14
C LEU E 671 -43.15 17.55 -17.97
N GLU E 672 -43.65 16.43 -18.49
CA GLU E 672 -42.91 15.17 -18.40
C GLU E 672 -41.59 15.27 -19.15
N LYS E 673 -41.61 15.92 -20.32
CA LYS E 673 -40.38 16.09 -21.09
C LYS E 673 -39.34 16.90 -20.30
N ILE E 674 -39.78 18.02 -19.71
CA ILE E 674 -38.82 18.84 -18.99
C ILE E 674 -38.33 18.13 -17.74
N GLU E 675 -39.18 17.33 -17.10
CA GLU E 675 -38.69 16.52 -15.99
C GLU E 675 -37.68 15.50 -16.47
N GLU E 676 -37.87 14.97 -17.67
CA GLU E 676 -36.92 14.02 -18.24
C GLU E 676 -35.56 14.67 -18.45
N CYS E 677 -35.54 15.95 -18.86
CA CYS E 677 -34.26 16.60 -19.16
C CYS E 677 -33.47 16.99 -17.92
N LEU E 678 -34.01 16.84 -16.72
CA LEU E 678 -33.36 17.28 -15.48
C LEU E 678 -32.61 16.12 -14.83
N ILE E 679 -31.32 15.99 -15.15
CA ILE E 679 -30.49 14.97 -14.52
C ILE E 679 -29.03 15.40 -14.38
N ASN E 680 -28.53 15.37 -13.15
CA ASN E 680 -27.11 15.51 -12.84
C ASN E 680 -26.49 16.74 -13.49
N ASN E 681 -27.17 17.86 -13.40
CA ASN E 681 -26.62 19.14 -13.84
C ASN E 681 -27.17 20.22 -12.91
N PRO E 682 -26.40 20.63 -11.88
CA PRO E 682 -26.90 21.62 -10.92
C PRO E 682 -27.67 22.79 -11.51
N MET E 683 -27.20 23.31 -12.64
CA MET E 683 -27.81 24.52 -13.20
C MET E 683 -29.28 24.30 -13.52
N CYS E 684 -29.60 23.19 -14.19
CA CYS E 684 -30.98 22.95 -14.59
C CYS E 684 -31.87 22.70 -13.38
N LEU E 685 -31.40 21.93 -12.39
CA LEU E 685 -32.18 21.70 -11.19
C LEU E 685 -32.48 22.99 -10.44
N PHE E 686 -31.48 23.86 -10.34
CA PHE E 686 -31.67 25.14 -9.67
C PHE E 686 -32.63 26.03 -10.46
N MET E 687 -32.44 26.12 -11.77
CA MET E 687 -33.28 27.00 -12.57
C MET E 687 -34.72 26.53 -12.55
N ALA E 688 -34.94 25.21 -12.57
CA ALA E 688 -36.30 24.69 -12.48
C ALA E 688 -36.93 24.98 -11.13
N GLN E 689 -36.18 24.82 -10.04
CA GLN E 689 -36.75 25.17 -8.73
C GLN E 689 -37.16 26.64 -8.72
N ARG E 690 -36.35 27.51 -9.31
CA ARG E 690 -36.73 28.91 -9.43
C ARG E 690 -37.96 29.09 -10.30
N LEU E 691 -38.07 28.37 -11.41
CA LEU E 691 -39.29 28.47 -12.21
C LEU E 691 -40.53 28.11 -11.41
N ASN E 692 -40.42 27.06 -10.58
CA ASN E 692 -41.54 26.69 -9.71
C ASN E 692 -41.86 27.80 -8.73
N GLU E 693 -40.85 28.46 -8.19
CA GLU E 693 -41.14 29.50 -7.23
C GLU E 693 -41.47 30.83 -7.90
N LEU E 694 -41.28 30.91 -9.22
CA LEU E 694 -41.68 32.11 -9.94
C LEU E 694 -43.14 32.01 -10.31
N VAL E 695 -43.61 30.80 -10.57
CA VAL E 695 -45.00 30.63 -10.95
C VAL E 695 -45.88 30.53 -9.70
N ILE E 696 -45.31 30.15 -8.56
CA ILE E 696 -46.08 30.26 -7.33
C ILE E 696 -46.32 31.72 -7.01
N GLU E 697 -45.26 32.53 -7.06
CA GLU E 697 -45.39 33.95 -6.79
C GLU E 697 -46.30 34.64 -7.81
N ALA E 698 -46.25 34.20 -9.07
CA ALA E 698 -47.06 34.83 -10.10
C ALA E 698 -48.53 34.40 -10.06
N SER E 699 -48.83 33.23 -9.49
CA SER E 699 -50.23 32.84 -9.33
C SER E 699 -51.04 33.92 -8.63
N LYS E 700 -50.40 34.69 -7.74
CA LYS E 700 -51.07 35.81 -7.09
C LYS E 700 -51.52 36.87 -8.10
N ARG E 701 -51.07 36.80 -9.34
CA ARG E 701 -51.49 37.71 -10.38
C ARG E 701 -51.78 37.00 -11.70
N GLY E 702 -51.65 35.67 -11.75
CA GLY E 702 -51.95 34.91 -12.93
C GLY E 702 -52.91 33.79 -12.61
N ALA E 703 -53.52 33.25 -13.66
CA ALA E 703 -54.56 32.23 -13.53
C ALA E 703 -54.32 31.08 -14.49
N LYS E 704 -53.07 30.59 -14.51
CA LYS E 704 -52.73 29.46 -15.37
C LYS E 704 -51.78 28.48 -14.67
N PHE E 705 -51.72 28.47 -13.34
CA PHE E 705 -50.78 27.65 -12.62
C PHE E 705 -51.39 27.17 -11.32
N PHE E 706 -51.07 25.93 -10.93
CA PHE E 706 -51.51 25.39 -9.66
C PHE E 706 -50.61 25.88 -8.53
N LYS E 707 -50.90 25.40 -7.33
CA LYS E 707 -50.14 25.77 -6.14
C LYS E 707 -49.44 24.56 -5.54
N MET F 1 -30.26 35.83 0.92
CA MET F 1 -30.93 36.23 -0.34
C MET F 1 -30.78 35.13 -1.38
N GLU F 2 -31.89 34.50 -1.76
CA GLU F 2 -31.90 33.49 -2.80
C GLU F 2 -32.15 34.17 -4.15
N ILE F 3 -31.12 34.19 -5.00
CA ILE F 3 -31.21 34.89 -6.27
C ILE F 3 -32.09 34.11 -7.23
N ASN F 4 -33.06 34.79 -7.82
CA ASN F 4 -33.99 34.18 -8.78
C ASN F 4 -34.04 35.07 -10.03
N PRO F 5 -33.38 34.68 -11.11
CA PRO F 5 -33.29 35.59 -12.26
C PRO F 5 -34.37 35.35 -13.29
N TYR F 6 -35.59 35.09 -12.82
CA TYR F 6 -36.78 35.07 -13.67
C TYR F 6 -37.77 36.13 -13.23
N LEU F 7 -37.44 36.92 -12.21
CA LEU F 7 -38.37 37.87 -11.64
C LEU F 7 -38.41 39.16 -12.45
N MET F 8 -37.43 39.40 -13.31
CA MET F 8 -37.42 40.54 -14.20
C MET F 8 -38.44 40.43 -15.33
N PHE F 9 -39.14 39.32 -15.44
CA PHE F 9 -40.17 39.14 -16.46
C PHE F 9 -41.53 39.66 -16.02
N LEU F 10 -41.65 40.14 -14.79
CA LEU F 10 -42.94 40.60 -14.28
C LEU F 10 -43.27 41.99 -14.82
N ASN F 11 -42.44 42.97 -14.47
CA ASN F 11 -42.66 44.35 -14.88
C ASN F 11 -42.03 44.68 -16.24
N ASN F 12 -41.60 43.68 -16.99
CA ASN F 12 -40.95 43.89 -18.27
C ASN F 12 -41.41 42.82 -19.25
N ASP F 13 -41.48 43.19 -20.53
CA ASP F 13 -41.98 42.26 -21.53
C ASP F 13 -40.98 41.12 -21.74
N VAL F 14 -41.53 39.94 -22.05
CA VAL F 14 -40.70 38.76 -22.24
C VAL F 14 -39.80 38.89 -23.46
N THR F 15 -40.33 39.51 -24.52
CA THR F 15 -39.61 39.51 -25.81
C THR F 15 -38.22 40.11 -25.68
N SER F 16 -38.08 41.18 -24.91
CA SER F 16 -36.77 41.79 -24.72
C SER F 16 -35.78 40.86 -24.01
N LEU F 17 -36.22 40.17 -22.96
CA LEU F 17 -35.33 39.39 -22.11
C LEU F 17 -35.35 37.90 -22.39
N ILE F 18 -36.08 37.44 -23.41
CA ILE F 18 -36.08 36.01 -23.74
C ILE F 18 -34.69 35.53 -24.15
N SER F 19 -33.92 36.39 -24.83
CA SER F 19 -32.60 35.99 -25.31
C SER F 19 -31.69 35.52 -24.18
N THR F 20 -31.85 36.09 -22.99
CA THR F 20 -31.01 35.68 -21.87
C THR F 20 -31.12 34.19 -21.59
N THR F 21 -32.30 33.62 -21.83
CA THR F 21 -32.48 32.18 -21.59
C THR F 21 -31.74 31.30 -22.60
N TYR F 22 -31.31 31.85 -23.74
CA TYR F 22 -30.70 30.99 -24.76
C TYR F 22 -29.22 31.27 -24.92
N PRO F 23 -28.37 30.24 -24.95
CA PRO F 23 -26.95 30.44 -25.22
C PRO F 23 -26.68 31.13 -26.55
N TYR F 24 -25.45 31.63 -26.68
CA TYR F 24 -25.03 32.33 -27.89
C TYR F 24 -24.73 31.33 -29.00
N THR F 25 -24.83 31.79 -30.24
CA THR F 25 -24.61 30.94 -31.40
C THR F 25 -23.17 30.40 -31.40
N SER F 35 -23.23 6.49 -33.90
CA SER F 35 -23.57 5.30 -33.12
C SER F 35 -24.66 4.51 -33.82
N THR F 36 -24.52 3.18 -33.78
CA THR F 36 -25.47 2.32 -34.46
C THR F 36 -26.87 2.41 -33.87
N LYS F 37 -26.97 2.54 -32.54
CA LYS F 37 -28.28 2.49 -31.90
C LYS F 37 -29.19 3.61 -32.40
N TYR F 38 -28.67 4.83 -32.50
CA TYR F 38 -29.49 5.95 -32.93
C TYR F 38 -30.00 5.75 -34.36
N THR F 39 -29.11 5.29 -35.25
CA THR F 39 -29.51 5.05 -36.63
C THR F 39 -30.55 3.93 -36.71
N LEU F 40 -30.35 2.87 -35.93
CA LEU F 40 -31.29 1.76 -35.94
C LEU F 40 -32.67 2.23 -35.49
N GLU F 41 -32.72 3.00 -34.41
CA GLU F 41 -34.00 3.51 -33.95
C GLU F 41 -34.64 4.42 -34.98
N THR F 42 -33.82 5.26 -35.63
CA THR F 42 -34.36 6.19 -36.62
C THR F 42 -35.01 5.46 -37.78
N ILE F 43 -34.31 4.44 -38.31
CA ILE F 43 -34.87 3.67 -39.41
C ILE F 43 -36.09 2.89 -38.96
N LYS F 44 -36.05 2.33 -37.74
CA LYS F 44 -37.20 1.58 -37.24
C LYS F 44 -38.42 2.48 -37.14
N ARG F 45 -38.22 3.72 -36.70
CA ARG F 45 -39.33 4.67 -36.63
C ARG F 45 -39.80 5.07 -38.03
N THR F 46 -38.87 5.16 -38.98
CA THR F 46 -39.26 5.47 -40.34
C THR F 46 -40.17 4.40 -40.91
N TYR F 47 -39.85 3.13 -40.64
CA TYR F 47 -40.71 2.03 -41.07
C TYR F 47 -42.03 2.02 -40.33
N ASP F 48 -41.99 2.20 -39.00
CA ASP F 48 -43.21 2.08 -38.21
C ASP F 48 -44.19 3.20 -38.49
N TYR F 49 -43.71 4.40 -38.83
CA TYR F 49 -44.60 5.53 -39.02
C TYR F 49 -45.45 5.37 -40.28
N SER F 50 -44.85 4.78 -41.32
CA SER F 50 -45.56 4.59 -42.59
C SER F 50 -46.93 3.95 -42.41
N ARG F 51 -47.13 3.18 -41.35
CA ARG F 51 -48.43 2.60 -41.03
C ARG F 51 -49.00 1.83 -42.23
N THR F 52 -48.25 0.82 -42.67
CA THR F 52 -48.71 -0.08 -43.71
C THR F 52 -48.15 -1.47 -43.44
N SER F 53 -48.43 -2.41 -44.35
CA SER F 53 -47.84 -3.74 -44.29
C SER F 53 -47.50 -4.32 -45.66
N VAL F 54 -47.35 -3.49 -46.68
CA VAL F 54 -47.15 -3.97 -48.04
C VAL F 54 -45.66 -4.14 -48.31
N GLU F 55 -45.27 -5.33 -48.76
CA GLU F 55 -43.90 -5.63 -49.13
C GLU F 55 -43.86 -6.18 -50.54
N LYS F 56 -43.04 -5.58 -51.40
CA LYS F 56 -42.83 -6.04 -52.77
C LYS F 56 -41.34 -6.24 -53.00
N THR F 57 -40.99 -7.43 -53.48
CA THR F 57 -39.58 -7.77 -53.70
C THR F 57 -38.98 -6.88 -54.78
N SER F 58 -37.72 -6.50 -54.58
CA SER F 58 -36.99 -5.66 -55.52
C SER F 58 -36.28 -6.56 -56.52
N LYS F 59 -36.60 -6.40 -57.80
CA LYS F 59 -36.09 -7.31 -58.82
C LYS F 59 -34.58 -7.21 -58.95
N VAL F 60 -34.04 -5.99 -58.94
CA VAL F 60 -32.64 -5.79 -59.29
C VAL F 60 -31.73 -6.51 -58.30
N PHE F 61 -31.99 -6.36 -57.00
CA PHE F 61 -31.19 -7.02 -55.97
C PHE F 61 -31.96 -8.06 -55.18
N ASN F 62 -33.22 -8.34 -55.51
CA ASN F 62 -34.01 -9.35 -54.81
C ASN F 62 -34.13 -9.01 -53.32
N ILE F 63 -34.47 -7.76 -53.04
CA ILE F 63 -34.56 -7.24 -51.69
C ILE F 63 -36.01 -6.85 -51.42
N PRO F 64 -36.61 -7.24 -50.29
CA PRO F 64 -37.98 -6.79 -50.00
C PRO F 64 -38.02 -5.28 -49.85
N ARG F 65 -39.01 -4.66 -50.49
CA ARG F 65 -39.24 -3.23 -50.37
C ARG F 65 -40.61 -3.00 -49.73
N ARG F 66 -40.64 -2.27 -48.62
CA ARG F 66 -41.88 -1.93 -47.94
C ARG F 66 -42.44 -0.66 -48.58
N LYS F 67 -43.33 -0.84 -49.55
CA LYS F 67 -44.00 0.29 -50.17
C LYS F 67 -44.97 0.90 -49.15
N PHE F 68 -44.90 2.22 -48.98
CA PHE F 68 -45.84 2.93 -48.10
C PHE F 68 -46.36 4.17 -48.83
N CYS F 69 -47.38 3.98 -49.65
CA CYS F 69 -48.03 5.09 -50.33
C CYS F 69 -49.37 4.60 -50.85
N ASN F 70 -50.40 5.44 -50.66
CA ASN F 70 -51.75 5.15 -51.14
C ASN F 70 -52.28 3.84 -50.55
N CYS F 71 -51.93 3.57 -49.28
CA CYS F 71 -52.46 2.40 -48.59
C CYS F 71 -52.49 2.70 -47.09
N LEU F 72 -53.52 3.43 -46.67
CA LEU F 72 -53.73 3.67 -45.25
C LEU F 72 -54.19 2.39 -44.56
N GLU F 73 -53.66 2.15 -43.36
CA GLU F 73 -54.06 0.99 -42.56
C GLU F 73 -53.88 1.33 -41.09
N ASP F 74 -54.44 0.48 -40.23
CA ASP F 74 -54.30 0.62 -38.79
C ASP F 74 -54.63 2.05 -38.35
N LYS F 75 -55.88 2.44 -38.64
CA LYS F 75 -56.31 3.81 -38.35
C LYS F 75 -56.19 4.15 -36.87
N ASP F 76 -56.40 3.18 -35.98
CA ASP F 76 -56.34 3.45 -34.56
C ASP F 76 -55.02 4.10 -34.18
N GLU F 77 -55.07 4.98 -33.18
CA GLU F 77 -53.91 5.76 -32.75
C GLU F 77 -53.32 6.54 -33.92
N LEU F 78 -54.19 7.20 -34.69
CA LEU F 78 -53.72 7.98 -35.82
C LEU F 78 -53.00 9.25 -35.40
N VAL F 79 -53.17 9.68 -34.14
CA VAL F 79 -52.53 10.92 -33.71
C VAL F 79 -51.02 10.83 -33.91
N LYS F 80 -50.44 9.69 -33.58
CA LYS F 80 -49.01 9.49 -33.77
C LYS F 80 -48.65 9.73 -35.24
N PRO F 81 -47.40 10.11 -35.52
CA PRO F 81 -47.02 10.43 -36.89
C PRO F 81 -47.35 9.31 -37.86
N THR F 82 -47.97 9.67 -38.99
CA THR F 82 -48.36 8.71 -40.02
C THR F 82 -47.96 9.30 -41.37
N GLY F 83 -46.86 8.79 -41.92
CA GLY F 83 -46.32 9.37 -43.14
C GLY F 83 -47.16 9.10 -44.37
N ASN F 84 -47.76 7.92 -44.46
CA ASN F 84 -48.42 7.46 -45.68
C ASN F 84 -49.16 8.59 -46.39
N VAL F 85 -48.80 8.81 -47.66
CA VAL F 85 -49.31 9.94 -48.43
C VAL F 85 -50.59 9.58 -49.16
N ASP F 86 -51.29 10.61 -49.64
CA ASP F 86 -52.42 10.47 -50.55
C ASP F 86 -52.21 11.41 -51.72
N ILE F 87 -52.30 10.88 -52.93
CA ILE F 87 -51.95 11.64 -54.13
C ILE F 87 -53.10 12.55 -54.55
N SER F 88 -54.33 12.08 -54.40
CA SER F 88 -55.49 12.85 -54.85
C SER F 88 -55.53 14.22 -54.19
N SER F 89 -55.52 14.25 -52.86
CA SER F 89 -55.58 15.52 -52.15
C SER F 89 -54.38 16.39 -52.48
N LEU F 90 -53.21 15.78 -52.63
CA LEU F 90 -52.01 16.55 -52.96
C LEU F 90 -52.18 17.28 -54.28
N LEU F 91 -52.57 16.56 -55.32
CA LEU F 91 -52.76 17.20 -56.62
C LEU F 91 -53.91 18.20 -56.60
N GLY F 92 -54.95 17.93 -55.80
CA GLY F 92 -56.04 18.89 -55.71
C GLY F 92 -55.58 20.21 -55.11
N LEU F 93 -54.80 20.14 -54.03
CA LEU F 93 -54.26 21.35 -53.43
C LEU F 93 -53.28 22.04 -54.37
N ALA F 94 -52.49 21.27 -55.11
CA ALA F 94 -51.60 21.86 -56.10
C ALA F 94 -52.39 22.63 -57.16
N GLU F 95 -53.52 22.07 -57.60
CA GLU F 95 -54.36 22.75 -58.58
C GLU F 95 -54.96 24.01 -57.98
N MET F 96 -55.39 23.93 -56.72
CA MET F 96 -55.89 25.12 -56.02
C MET F 96 -54.86 26.23 -56.03
N MET F 97 -53.62 25.90 -55.62
CA MET F 97 -52.56 26.91 -55.59
C MET F 97 -52.27 27.46 -56.98
N GLU F 98 -52.23 26.58 -57.99
CA GLU F 98 -52.00 27.05 -59.35
C GLU F 98 -53.08 28.05 -59.77
N LYS F 99 -54.34 27.68 -59.59
CA LYS F 99 -55.44 28.58 -59.91
C LYS F 99 -55.25 29.91 -59.20
N ARG F 100 -54.90 29.86 -57.91
CA ARG F 100 -54.69 31.10 -57.15
C ARG F 100 -53.61 31.95 -57.81
N MET F 101 -52.39 31.41 -57.90
CA MET F 101 -51.28 32.18 -58.47
C MET F 101 -51.51 32.44 -59.96
N GLY F 102 -51.84 31.41 -60.71
CA GLY F 102 -52.04 31.53 -62.14
C GLY F 102 -51.81 30.22 -62.84
N GLU F 103 -52.15 30.21 -64.12
CA GLU F 103 -52.07 28.98 -64.91
C GLU F 103 -50.64 28.70 -65.33
N GLY F 104 -50.02 29.64 -66.04
CA GLY F 104 -48.65 29.45 -66.49
C GLY F 104 -47.64 29.81 -65.42
N PHE F 105 -47.99 29.56 -64.15
CA PHE F 105 -47.10 29.87 -63.04
C PHE F 105 -46.02 28.81 -62.89
N PHE F 106 -46.43 27.57 -62.62
CA PHE F 106 -45.47 26.48 -62.52
C PHE F 106 -44.66 26.35 -63.79
N LYS F 107 -45.30 26.55 -64.95
CA LYS F 107 -44.60 26.46 -66.22
C LYS F 107 -43.51 27.52 -66.30
N HIS F 108 -43.86 28.78 -65.97
CA HIS F 108 -42.87 29.85 -66.00
C HIS F 108 -41.73 29.55 -65.04
N CYS F 109 -42.04 29.08 -63.84
CA CYS F 109 -40.99 28.83 -62.85
C CYS F 109 -40.06 27.73 -63.32
N VAL F 110 -40.61 26.63 -63.83
CA VAL F 110 -39.77 25.53 -64.28
C VAL F 110 -38.94 25.96 -65.49
N MET F 111 -39.50 26.78 -66.36
CA MET F 111 -38.74 27.29 -67.50
C MET F 111 -37.57 28.14 -67.03
N GLU F 112 -37.82 29.03 -66.06
CA GLU F 112 -36.76 29.87 -65.53
C GLU F 112 -35.65 29.01 -64.91
N ALA F 113 -36.04 28.05 -64.07
CA ALA F 113 -35.05 27.19 -63.43
C ALA F 113 -34.25 26.41 -64.48
N GLU F 114 -34.93 25.89 -65.50
CA GLU F 114 -34.24 25.18 -66.58
C GLU F 114 -33.20 26.07 -67.23
N THR F 115 -33.65 27.19 -67.82
CA THR F 115 -32.71 28.09 -68.51
C THR F 115 -31.56 28.48 -67.60
N GLU F 116 -31.83 28.71 -66.31
CA GLU F 116 -30.76 29.02 -65.37
C GLU F 116 -29.78 27.86 -65.27
N ILE F 117 -30.28 26.63 -65.27
CA ILE F 117 -29.40 25.47 -65.16
C ILE F 117 -28.56 25.31 -66.42
N LEU F 118 -29.12 25.67 -67.58
CA LEU F 118 -28.43 25.42 -68.84
C LEU F 118 -27.01 25.99 -68.84
N LYS F 119 -26.88 27.27 -68.50
CA LYS F 119 -25.58 27.93 -68.47
C LYS F 119 -24.76 27.59 -67.24
N MET F 120 -25.14 26.57 -66.47
CA MET F 120 -24.43 26.20 -65.26
C MET F 120 -23.32 25.21 -65.56
N HIS F 121 -22.20 25.35 -64.86
CA HIS F 121 -21.07 24.45 -64.97
C HIS F 121 -21.11 23.43 -63.84
N PHE F 122 -20.85 22.17 -64.18
CA PHE F 122 -20.88 21.11 -63.18
C PHE F 122 -20.01 21.43 -61.97
N SER F 123 -18.95 22.24 -62.17
CA SER F 123 -18.06 22.60 -61.08
C SER F 123 -18.79 23.13 -59.87
N ARG F 124 -20.01 23.67 -60.06
CA ARG F 124 -20.78 24.17 -58.93
C ARG F 124 -20.92 23.14 -57.83
N LEU F 125 -20.98 21.85 -58.19
CA LEU F 125 -21.15 20.81 -57.18
C LEU F 125 -20.06 20.85 -56.12
N THR F 126 -18.92 21.49 -56.41
CA THR F 126 -17.87 21.65 -55.41
C THR F 126 -18.31 22.52 -54.24
N GLU F 127 -19.43 23.23 -54.35
CA GLU F 127 -19.92 24.11 -53.29
C GLU F 127 -20.93 23.32 -52.47
N GLY F 128 -20.45 22.74 -51.36
CA GLY F 128 -21.32 21.97 -50.49
C GLY F 128 -20.71 21.83 -49.12
N ARG F 129 -21.57 21.67 -48.12
CA ARG F 129 -21.12 21.50 -46.74
C ARG F 129 -20.17 20.31 -46.63
N GLN F 130 -20.67 19.11 -46.94
CA GLN F 130 -19.85 17.91 -46.95
C GLN F 130 -20.59 16.84 -47.73
N THR F 131 -19.89 15.76 -48.03
CA THR F 131 -20.47 14.63 -48.75
C THR F 131 -19.92 13.35 -48.17
N TYR F 132 -20.15 12.25 -48.89
CA TYR F 132 -19.65 10.94 -48.49
C TYR F 132 -19.01 10.31 -49.72
N ASP F 133 -17.72 10.00 -49.64
CA ASP F 133 -17.02 9.38 -50.75
C ASP F 133 -17.51 7.95 -50.96
N TRP F 134 -17.66 7.57 -52.22
CA TRP F 134 -18.09 6.23 -52.59
C TRP F 134 -16.91 5.32 -52.90
N THR F 135 -15.68 5.84 -52.77
CA THR F 135 -14.45 5.08 -53.02
C THR F 135 -13.71 4.78 -51.73
N SER F 136 -13.40 5.81 -50.94
CA SER F 136 -12.82 5.61 -49.61
C SER F 136 -13.87 5.24 -48.57
N GLU F 137 -15.15 5.47 -48.85
CA GLU F 137 -16.23 5.22 -47.89
C GLU F 137 -16.04 6.06 -46.62
N ARG F 138 -15.92 7.38 -46.82
CA ARG F 138 -15.72 8.31 -45.73
C ARG F 138 -16.41 9.62 -46.06
N ASN F 139 -16.30 10.60 -45.17
CA ASN F 139 -16.91 11.90 -45.33
C ASN F 139 -15.82 12.95 -45.57
N MET F 140 -16.08 13.83 -46.53
CA MET F 140 -15.12 14.84 -46.94
C MET F 140 -15.88 15.98 -47.59
N PRO F 141 -15.22 17.10 -47.86
CA PRO F 141 -15.85 18.15 -48.67
C PRO F 141 -16.21 17.63 -50.04
N ALA F 142 -17.00 18.43 -50.77
CA ALA F 142 -17.48 17.99 -52.07
C ALA F 142 -16.36 17.93 -53.10
N ALA F 143 -15.44 18.91 -53.06
CA ALA F 143 -14.40 18.97 -54.07
C ALA F 143 -13.53 17.72 -54.04
N THR F 144 -13.19 17.24 -52.84
CA THR F 144 -12.31 16.08 -52.73
C THR F 144 -12.94 14.84 -53.36
N ALA F 145 -14.15 14.49 -52.91
CA ALA F 145 -14.81 13.30 -53.45
C ALA F 145 -15.11 13.45 -54.93
N LEU F 146 -15.41 14.65 -55.39
CA LEU F 146 -15.64 14.86 -56.82
C LEU F 146 -14.36 14.63 -57.62
N GLN F 147 -13.24 15.16 -57.14
CA GLN F 147 -11.96 14.88 -57.79
C GLN F 147 -11.68 13.38 -57.80
N LEU F 148 -11.95 12.70 -56.69
CA LEU F 148 -11.77 11.25 -56.65
C LEU F 148 -12.59 10.57 -57.74
N THR F 149 -13.88 10.92 -57.84
CA THR F 149 -14.74 10.28 -58.82
C THR F 149 -14.26 10.55 -60.25
N VAL F 150 -13.90 11.79 -60.55
CA VAL F 150 -13.50 12.13 -61.91
C VAL F 150 -12.20 11.43 -62.27
N ASP F 151 -11.24 11.38 -61.34
CA ASP F 151 -9.99 10.70 -61.65
C ASP F 151 -10.19 9.19 -61.76
N ALA F 152 -11.16 8.64 -61.01
CA ALA F 152 -11.48 7.23 -61.19
C ALA F 152 -12.07 6.97 -62.57
N ILE F 153 -12.98 7.84 -63.01
CA ILE F 153 -13.51 7.75 -64.36
C ILE F 153 -12.38 7.82 -65.38
N LYS F 154 -11.43 8.72 -65.16
CA LYS F 154 -10.26 8.82 -66.04
C LYS F 154 -9.49 7.51 -66.08
N GLU F 155 -9.18 6.97 -64.90
CA GLU F 155 -8.38 5.75 -64.83
C GLU F 155 -9.10 4.57 -65.47
N THR F 156 -10.44 4.56 -65.44
CA THR F 156 -11.16 3.39 -65.89
C THR F 156 -11.54 3.46 -67.37
N GLU F 157 -12.21 4.53 -67.81
CA GLU F 157 -12.67 4.64 -69.19
C GLU F 157 -12.48 6.05 -69.73
N GLY F 158 -11.35 6.68 -69.38
CA GLY F 158 -10.99 7.97 -69.93
C GLY F 158 -11.65 9.15 -69.24
N PRO F 159 -11.17 10.35 -69.57
CA PRO F 159 -11.63 11.56 -68.88
C PRO F 159 -13.02 11.99 -69.30
N PHE F 160 -13.56 12.94 -68.54
CA PHE F 160 -14.85 13.57 -68.81
C PHE F 160 -14.59 14.99 -69.29
N LYS F 161 -14.85 15.24 -70.57
CA LYS F 161 -14.58 16.53 -71.19
C LYS F 161 -15.86 17.34 -71.39
N GLY F 162 -16.96 16.96 -70.73
CA GLY F 162 -18.20 17.69 -70.90
C GLY F 162 -18.12 19.12 -70.40
N THR F 163 -17.68 19.29 -69.15
CA THR F 163 -17.58 20.61 -68.54
C THR F 163 -18.96 21.27 -68.47
N THR F 164 -19.96 20.50 -68.05
CA THR F 164 -21.32 21.00 -67.93
C THR F 164 -22.11 20.04 -67.07
N MET F 165 -23.20 20.54 -66.48
CA MET F 165 -23.98 19.72 -65.56
C MET F 165 -24.67 18.56 -66.29
N LEU F 166 -25.23 18.84 -67.47
CA LEU F 166 -26.00 17.80 -68.16
C LEU F 166 -25.11 16.63 -68.56
N GLU F 167 -23.92 16.94 -69.09
CA GLU F 167 -22.98 15.88 -69.44
C GLU F 167 -22.54 15.10 -68.21
N TYR F 168 -22.36 15.78 -67.08
CA TYR F 168 -22.04 15.07 -65.85
C TYR F 168 -23.15 14.11 -65.47
N CYS F 169 -24.40 14.57 -65.52
CA CYS F 169 -25.53 13.71 -65.16
C CYS F 169 -25.61 12.52 -66.09
N ASN F 170 -25.45 12.74 -67.40
CA ASN F 170 -25.48 11.63 -68.35
C ASN F 170 -24.31 10.67 -68.11
N LYS F 171 -23.15 11.20 -67.68
CA LYS F 171 -22.03 10.34 -67.36
C LYS F 171 -22.34 9.46 -66.14
N MET F 172 -22.96 10.05 -65.12
CA MET F 172 -23.42 9.27 -63.98
C MET F 172 -24.36 8.17 -64.45
N ILE F 173 -25.34 8.53 -65.29
CA ILE F 173 -26.27 7.54 -65.84
C ILE F 173 -25.49 6.40 -66.48
N GLU F 174 -24.61 6.73 -67.42
CA GLU F 174 -23.80 5.71 -68.07
C GLU F 174 -23.10 4.83 -67.05
N MET F 175 -22.57 5.44 -66.00
CA MET F 175 -21.90 4.68 -64.95
C MET F 175 -22.86 3.75 -64.25
N LEU F 176 -24.15 4.10 -64.19
CA LEU F 176 -25.14 3.21 -63.61
C LEU F 176 -25.20 1.88 -64.34
N ASP F 177 -24.80 1.84 -65.61
CA ASP F 177 -24.84 0.63 -66.41
C ASP F 177 -23.47 -0.01 -66.59
N TRP F 178 -22.40 0.69 -66.24
CA TRP F 178 -21.07 0.09 -66.32
C TRP F 178 -20.96 -1.09 -65.36
N LYS F 179 -20.33 -2.17 -65.83
CA LYS F 179 -20.18 -3.36 -65.01
C LYS F 179 -18.95 -3.31 -64.11
N GLU F 180 -17.84 -2.77 -64.61
CA GLU F 180 -16.60 -2.65 -63.85
C GLU F 180 -16.16 -1.21 -63.80
N ILE F 181 -15.68 -0.78 -62.65
CA ILE F 181 -15.22 0.60 -62.45
C ILE F 181 -13.94 0.56 -61.63
N LYS F 182 -12.97 1.39 -62.00
CA LYS F 182 -11.64 1.37 -61.42
C LYS F 182 -11.41 2.66 -60.63
N PHE F 183 -10.38 2.64 -59.80
CA PHE F 183 -10.07 3.79 -58.96
C PHE F 183 -8.75 3.55 -58.24
N LYS F 184 -8.06 4.64 -57.93
CA LYS F 184 -6.79 4.56 -57.22
C LYS F 184 -7.02 4.09 -55.78
N LYS F 185 -6.00 3.43 -55.22
CA LYS F 185 -6.08 2.88 -53.88
C LYS F 185 -4.73 2.29 -53.54
N VAL F 186 -4.48 2.15 -52.24
CA VAL F 186 -3.25 1.50 -51.76
C VAL F 186 -3.56 0.69 -50.51
N ILE F 211 -4.47 0.70 -56.21
CA ILE F 211 -5.54 0.65 -57.22
C ILE F 211 -6.47 -0.51 -56.91
N ASP F 212 -7.73 -0.34 -57.29
CA ASP F 212 -8.74 -1.39 -57.11
C ASP F 212 -9.96 -1.01 -57.93
N SER F 213 -10.81 -2.00 -58.19
CA SER F 213 -12.03 -1.80 -58.95
C SER F 213 -13.19 -2.46 -58.23
N ILE F 214 -14.38 -2.30 -58.81
CA ILE F 214 -15.62 -2.85 -58.26
C ILE F 214 -16.56 -3.17 -59.41
N LYS F 215 -17.63 -3.90 -59.09
CA LYS F 215 -18.59 -4.39 -60.06
C LYS F 215 -19.80 -3.47 -60.12
N HIS F 216 -20.85 -3.93 -60.82
CA HIS F 216 -22.04 -3.11 -61.04
C HIS F 216 -22.84 -2.94 -59.77
N ASP F 217 -23.18 -4.05 -59.11
CA ASP F 217 -24.03 -3.98 -57.93
C ASP F 217 -23.34 -3.21 -56.80
N GLU F 218 -22.06 -3.50 -56.57
CA GLU F 218 -21.33 -2.81 -55.51
C GLU F 218 -21.22 -1.31 -55.80
N PHE F 219 -20.94 -0.95 -57.05
CA PHE F 219 -20.83 0.46 -57.39
C PHE F 219 -22.17 1.17 -57.18
N LEU F 220 -23.27 0.56 -57.63
CA LEU F 220 -24.58 1.13 -57.36
C LEU F 220 -24.78 1.34 -55.86
N ILE F 221 -24.53 0.28 -55.07
CA ILE F 221 -24.71 0.36 -53.62
C ILE F 221 -23.96 1.57 -53.07
N ARG F 222 -22.64 1.59 -53.30
CA ARG F 222 -21.83 2.72 -52.81
C ARG F 222 -22.40 4.06 -53.27
N ALA F 223 -22.79 4.16 -54.54
CA ALA F 223 -23.30 5.43 -55.06
C ALA F 223 -24.56 5.87 -54.32
N LEU F 224 -25.41 4.93 -53.92
CA LEU F 224 -26.63 5.25 -53.19
C LEU F 224 -26.49 4.92 -51.71
N THR F 225 -25.30 5.15 -51.17
CA THR F 225 -25.02 4.97 -49.75
C THR F 225 -25.11 6.32 -49.04
N ILE F 226 -25.38 6.28 -47.75
CA ILE F 226 -25.45 7.49 -46.94
C ILE F 226 -24.85 7.21 -45.56
N ASN F 227 -24.24 8.24 -44.99
CA ASN F 227 -23.59 8.16 -43.69
C ASN F 227 -24.17 9.22 -42.76
N THR F 228 -24.26 8.88 -41.49
CA THR F 228 -24.79 9.79 -40.49
C THR F 228 -23.67 10.60 -39.84
N PRO F 246 -24.57 13.02 -47.86
CA PRO F 246 -24.76 12.21 -49.06
C PRO F 246 -23.54 12.23 -49.98
N GLY F 247 -23.60 11.51 -51.09
CA GLY F 247 -22.49 11.42 -52.03
C GLY F 247 -22.51 12.51 -53.08
N MET F 248 -22.03 12.16 -54.27
CA MET F 248 -21.95 13.08 -55.40
C MET F 248 -22.84 12.72 -56.57
N ILE F 249 -23.26 11.45 -56.68
CA ILE F 249 -24.02 11.02 -57.85
C ILE F 249 -25.35 11.77 -57.92
N VAL F 250 -26.09 11.80 -56.81
CA VAL F 250 -27.40 12.45 -56.80
C VAL F 250 -27.31 13.95 -56.57
N ARG F 251 -26.15 14.45 -56.14
CA ARG F 251 -26.01 15.85 -55.76
C ARG F 251 -26.61 16.82 -56.78
N PRO F 252 -26.29 16.74 -58.07
CA PRO F 252 -26.80 17.75 -59.01
C PRO F 252 -28.31 17.72 -59.17
N PHE F 253 -28.92 16.53 -59.16
CA PHE F 253 -30.37 16.44 -59.31
C PHE F 253 -31.07 17.05 -58.09
N SER F 254 -30.56 16.77 -56.90
CA SER F 254 -31.10 17.42 -55.70
C SER F 254 -30.95 18.93 -55.78
N LYS F 255 -29.79 19.41 -56.25
CA LYS F 255 -29.60 20.85 -56.40
C LYS F 255 -30.60 21.44 -57.38
N ILE F 256 -30.87 20.73 -58.48
CA ILE F 256 -31.84 21.21 -59.46
C ILE F 256 -33.23 21.31 -58.84
N VAL F 257 -33.63 20.25 -58.12
CA VAL F 257 -34.95 20.26 -57.48
C VAL F 257 -35.05 21.39 -56.48
N GLU F 258 -33.98 21.64 -55.74
CA GLU F 258 -33.99 22.72 -54.75
C GLU F 258 -34.07 24.08 -55.44
N THR F 259 -33.35 24.23 -56.57
CA THR F 259 -33.42 25.47 -57.34
C THR F 259 -34.85 25.71 -57.83
N VAL F 260 -35.51 24.67 -58.31
CA VAL F 260 -36.89 24.82 -58.79
C VAL F 260 -37.80 25.22 -57.64
N ALA F 261 -37.73 24.48 -56.52
CA ALA F 261 -38.57 24.82 -55.38
C ALA F 261 -38.30 26.23 -54.88
N GLN F 262 -37.06 26.71 -54.99
CA GLN F 262 -36.75 28.07 -54.57
C GLN F 262 -37.37 29.08 -55.53
N LYS F 263 -37.13 28.92 -56.83
CA LYS F 263 -37.78 29.77 -57.82
C LYS F 263 -39.28 29.80 -57.60
N ILE F 264 -39.84 28.74 -57.02
CA ILE F 264 -41.28 28.72 -56.74
C ILE F 264 -41.58 29.54 -55.49
N CYS F 265 -40.80 29.34 -54.42
CA CYS F 265 -41.09 30.00 -53.16
C CYS F 265 -40.94 31.51 -53.25
N GLU F 266 -40.29 32.02 -54.29
CA GLU F 266 -40.09 33.47 -54.39
C GLU F 266 -41.42 34.17 -54.63
N LYS F 267 -42.23 33.64 -55.56
CA LYS F 267 -43.53 34.24 -55.85
C LYS F 267 -44.53 34.03 -54.73
N LEU F 268 -44.25 33.14 -53.79
CA LEU F 268 -45.18 32.84 -52.71
C LEU F 268 -45.04 33.87 -51.61
N LYS F 269 -46.16 34.47 -51.22
CA LYS F 269 -46.13 35.45 -50.14
C LYS F 269 -45.78 34.79 -48.81
N GLU F 270 -46.30 33.60 -48.58
CA GLU F 270 -46.07 32.87 -47.33
C GLU F 270 -44.91 31.90 -47.48
N SER F 271 -43.72 32.45 -47.70
CA SER F 271 -42.51 31.65 -47.86
C SER F 271 -41.34 32.45 -47.31
N GLY F 272 -41.01 32.20 -46.05
CA GLY F 272 -39.92 32.86 -45.36
C GLY F 272 -38.61 32.11 -45.36
N LEU F 273 -38.47 31.07 -46.18
CA LEU F 273 -37.25 30.28 -46.22
C LEU F 273 -36.13 30.98 -46.98
N PRO F 274 -36.36 31.42 -48.22
CA PRO F 274 -35.23 31.92 -49.03
C PRO F 274 -34.49 33.08 -48.41
N VAL F 275 -35.12 33.87 -47.55
CA VAL F 275 -34.50 35.04 -46.93
C VAL F 275 -35.10 35.21 -45.54
N GLY F 276 -34.47 36.05 -44.73
CA GLY F 276 -34.94 36.33 -43.38
C GLY F 276 -34.51 37.70 -42.93
N GLY F 277 -35.18 38.18 -41.89
CA GLY F 277 -34.85 39.47 -41.29
C GLY F 277 -35.76 40.57 -41.79
N ASN F 278 -35.16 41.67 -42.26
CA ASN F 278 -35.94 42.80 -42.76
C ASN F 278 -37.09 42.33 -43.65
N GLU F 279 -36.77 41.50 -44.65
CA GLU F 279 -37.81 40.95 -45.51
C GLU F 279 -38.82 40.15 -44.70
N LYS F 280 -38.35 39.42 -43.68
CA LYS F 280 -39.26 38.63 -42.87
C LYS F 280 -40.24 39.52 -42.11
N LYS F 281 -39.75 40.61 -41.51
CA LYS F 281 -40.66 41.53 -40.83
C LYS F 281 -41.62 42.19 -41.80
N ALA F 282 -41.13 42.56 -42.99
CA ALA F 282 -42.01 43.10 -44.01
C ALA F 282 -43.13 42.12 -44.33
N LYS F 283 -42.78 40.85 -44.51
CA LYS F 283 -43.77 39.83 -44.81
C LYS F 283 -44.77 39.72 -43.67
N LEU F 284 -44.27 39.68 -42.42
CA LEU F 284 -45.13 39.62 -41.26
C LEU F 284 -46.16 40.75 -41.29
N LYS F 285 -45.69 41.98 -41.45
CA LYS F 285 -46.59 43.13 -41.35
C LYS F 285 -47.57 43.15 -42.51
N THR F 286 -47.12 42.78 -43.72
CA THR F 286 -48.03 42.65 -44.85
C THR F 286 -49.14 41.64 -44.54
N THR F 287 -48.76 40.47 -44.04
CA THR F 287 -49.73 39.45 -43.68
C THR F 287 -50.74 39.99 -42.67
N VAL F 288 -50.24 40.61 -41.61
CA VAL F 288 -51.12 41.07 -40.54
C VAL F 288 -52.09 42.11 -41.07
N THR F 289 -51.61 43.04 -41.90
CA THR F 289 -52.49 44.10 -42.40
C THR F 289 -53.51 43.52 -43.37
N SER F 290 -53.10 42.61 -44.25
CA SER F 290 -54.05 41.97 -45.14
C SER F 290 -55.13 41.23 -44.37
N LEU F 291 -54.75 40.50 -43.32
CA LEU F 291 -55.74 39.85 -42.47
C LEU F 291 -56.70 40.87 -41.89
N ASN F 292 -56.18 41.89 -41.22
CA ASN F 292 -57.03 42.89 -40.59
C ASN F 292 -57.99 43.51 -41.61
N ALA F 293 -57.53 43.70 -42.84
CA ALA F 293 -58.38 44.29 -43.88
C ALA F 293 -59.30 43.27 -44.53
N ARG F 294 -59.13 41.98 -44.26
CA ARG F 294 -59.95 40.96 -44.90
C ARG F 294 -61.23 40.69 -44.10
N MET F 295 -61.08 40.32 -42.83
CA MET F 295 -62.23 39.92 -42.03
C MET F 295 -63.06 41.13 -41.65
N ASN F 296 -64.12 40.88 -40.89
CA ASN F 296 -65.12 41.90 -40.57
C ASN F 296 -65.03 42.24 -39.08
N SER F 297 -65.95 43.11 -38.64
CA SER F 297 -65.99 43.52 -37.24
C SER F 297 -66.53 42.42 -36.34
N ASP F 298 -67.31 41.49 -36.88
CA ASP F 298 -67.86 40.40 -36.07
C ASP F 298 -66.88 39.25 -35.93
N GLN F 299 -66.02 39.04 -36.93
CA GLN F 299 -65.05 37.96 -36.88
C GLN F 299 -63.90 38.33 -35.95
N PHE F 300 -63.32 37.30 -35.33
CA PHE F 300 -62.13 37.46 -34.50
C PHE F 300 -61.15 36.35 -34.82
N ALA F 301 -59.89 36.71 -34.99
CA ALA F 301 -58.87 35.79 -35.46
C ALA F 301 -58.12 35.19 -34.27
N VAL F 302 -57.15 34.32 -34.59
CA VAL F 302 -56.31 33.70 -33.57
C VAL F 302 -55.04 33.24 -34.26
N ASN F 303 -53.96 33.12 -33.49
CA ASN F 303 -52.67 32.69 -34.02
C ASN F 303 -52.20 31.42 -33.31
N ILE F 304 -51.33 30.70 -33.99
CA ILE F 304 -50.77 29.43 -33.51
C ILE F 304 -49.33 29.35 -33.93
N THR F 305 -48.45 29.06 -32.97
CA THR F 305 -47.03 28.82 -33.21
C THR F 305 -46.84 27.31 -33.25
N GLY F 306 -46.69 26.74 -34.44
CA GLY F 306 -46.58 25.31 -34.62
C GLY F 306 -45.18 24.88 -35.01
N ASP F 307 -44.86 23.63 -34.67
CA ASP F 307 -43.54 23.06 -34.94
C ASP F 307 -43.77 21.60 -35.33
N ASN F 308 -43.75 21.33 -36.63
CA ASN F 308 -43.97 19.97 -37.12
C ASN F 308 -42.93 19.02 -36.54
N SER F 309 -43.38 17.89 -36.04
CA SER F 309 -42.52 16.89 -35.45
C SER F 309 -42.22 15.79 -36.46
N LYS F 310 -40.96 15.35 -36.49
CA LYS F 310 -40.51 14.30 -37.40
C LYS F 310 -40.68 14.74 -38.85
N TRP F 311 -40.33 16.00 -39.13
CA TRP F 311 -40.46 16.52 -40.48
C TRP F 311 -39.52 15.83 -41.47
N ASN F 312 -38.55 15.06 -41.00
CA ASN F 312 -37.63 14.36 -41.90
C ASN F 312 -37.95 12.87 -42.01
N GLU F 313 -38.63 12.29 -41.04
CA GLU F 313 -38.93 10.86 -41.04
C GLU F 313 -40.36 10.57 -41.49
N CYS F 314 -41.01 11.54 -42.13
CA CYS F 314 -42.35 11.31 -42.67
C CYS F 314 -42.54 11.90 -44.05
N GLN F 315 -41.51 12.50 -44.65
CA GLN F 315 -41.58 13.02 -46.01
C GLN F 315 -41.01 11.99 -46.97
N GLN F 316 -41.82 11.56 -47.93
CA GLN F 316 -41.45 10.52 -48.86
C GLN F 316 -41.21 11.10 -50.25
N PRO F 317 -40.13 10.69 -50.93
CA PRO F 317 -39.84 11.25 -52.26
C PRO F 317 -40.80 10.80 -53.35
N GLU F 318 -41.60 9.76 -53.12
CA GLU F 318 -42.54 9.33 -54.16
C GLU F 318 -43.61 10.38 -54.39
N ALA F 319 -44.15 10.96 -53.31
CA ALA F 319 -45.09 12.06 -53.46
C ALA F 319 -44.42 13.24 -54.15
N TYR F 320 -43.16 13.50 -53.82
CA TYR F 320 -42.42 14.55 -54.52
C TYR F 320 -42.34 14.27 -56.01
N LEU F 321 -42.15 13.00 -56.38
CA LEU F 321 -42.09 12.64 -57.80
C LEU F 321 -43.42 12.90 -58.47
N ALA F 322 -44.51 12.45 -57.84
CA ALA F 322 -45.84 12.71 -58.41
C ALA F 322 -46.09 14.20 -58.56
N LEU F 323 -45.65 14.99 -57.58
CA LEU F 323 -45.82 16.44 -57.65
C LEU F 323 -45.04 17.05 -58.80
N LEU F 324 -43.77 16.65 -58.94
CA LEU F 324 -42.96 17.16 -60.03
C LEU F 324 -43.56 16.77 -61.38
N ALA F 325 -44.13 15.57 -61.46
CA ALA F 325 -44.79 15.14 -62.69
C ALA F 325 -45.97 16.04 -63.00
N TYR F 326 -46.87 16.24 -62.02
CA TYR F 326 -48.00 17.14 -62.24
C TYR F 326 -47.52 18.53 -62.63
N ILE F 327 -46.41 18.99 -62.09
CA ILE F 327 -45.91 20.32 -62.42
C ILE F 327 -45.43 20.37 -63.86
N THR F 328 -44.44 19.55 -64.20
CA THR F 328 -43.84 19.59 -65.52
C THR F 328 -44.73 18.99 -66.60
N LYS F 329 -45.96 18.56 -66.25
CA LYS F 329 -46.87 17.90 -67.17
C LYS F 329 -46.92 18.60 -68.52
N ASP F 330 -46.80 19.93 -68.51
CA ASP F 330 -46.85 20.74 -69.73
C ASP F 330 -45.53 21.49 -69.81
N SER F 331 -44.52 20.84 -70.37
CA SER F 331 -43.19 21.42 -70.54
C SER F 331 -42.35 20.45 -71.35
N SER F 332 -41.10 20.82 -71.59
CA SER F 332 -40.19 19.97 -72.32
C SER F 332 -40.00 18.63 -71.61
N ASP F 333 -40.09 17.54 -72.37
CA ASP F 333 -39.88 16.21 -71.80
C ASP F 333 -38.54 16.10 -71.10
N LEU F 334 -37.56 16.92 -71.51
CA LEU F 334 -36.27 16.95 -70.84
C LEU F 334 -36.42 17.13 -69.34
N MET F 335 -37.10 18.22 -68.93
CA MET F 335 -37.29 18.47 -67.50
C MET F 335 -38.19 17.42 -66.88
N LYS F 336 -39.18 16.92 -67.63
CA LYS F 336 -40.05 15.87 -67.10
C LYS F 336 -39.22 14.68 -66.62
N ASP F 337 -38.27 14.25 -67.45
CA ASP F 337 -37.44 13.11 -67.08
C ASP F 337 -36.40 13.51 -66.03
N LEU F 338 -35.83 14.71 -66.15
CA LEU F 338 -34.78 15.13 -65.22
C LEU F 338 -35.29 15.19 -63.79
N CYS F 339 -36.39 15.92 -63.57
CA CYS F 339 -36.94 16.06 -62.23
C CYS F 339 -37.31 14.72 -61.62
N SER F 340 -37.44 13.67 -62.42
CA SER F 340 -37.80 12.34 -61.93
C SER F 340 -36.60 11.48 -61.57
N VAL F 341 -35.45 12.10 -61.32
CA VAL F 341 -34.22 11.35 -61.03
C VAL F 341 -34.01 11.27 -59.53
N ALA F 342 -33.79 12.42 -58.90
CA ALA F 342 -33.54 12.44 -57.46
C ALA F 342 -34.63 11.75 -56.66
N PRO F 343 -35.92 11.89 -56.98
CA PRO F 343 -36.95 11.18 -56.22
C PRO F 343 -36.70 9.68 -56.14
N VAL F 344 -36.58 9.04 -57.30
CA VAL F 344 -36.33 7.59 -57.32
C VAL F 344 -34.99 7.27 -56.68
N LEU F 345 -33.98 8.14 -56.88
CA LEU F 345 -32.69 7.90 -56.24
C LEU F 345 -32.83 7.88 -54.73
N PHE F 346 -33.82 8.59 -54.20
CA PHE F 346 -34.08 8.59 -52.76
C PHE F 346 -35.05 7.51 -52.35
N CYS F 347 -35.83 6.99 -53.29
CA CYS F 347 -36.70 5.85 -53.00
C CYS F 347 -35.89 4.62 -52.63
N ASN F 348 -34.62 4.57 -53.01
CA ASN F 348 -33.72 3.47 -52.66
C ASN F 348 -32.48 4.09 -52.03
N LYS F 349 -32.38 4.07 -50.70
CA LYS F 349 -31.26 4.72 -50.03
C LYS F 349 -30.69 3.80 -48.96
N PHE F 350 -29.47 3.33 -49.20
CA PHE F 350 -28.71 2.56 -48.23
C PHE F 350 -28.17 3.46 -47.13
N VAL F 351 -28.39 3.08 -45.88
CA VAL F 351 -27.95 3.84 -44.72
C VAL F 351 -26.83 3.04 -44.06
N LYS F 352 -25.67 3.68 -43.89
CA LYS F 352 -24.51 3.04 -43.27
C LYS F 352 -24.67 2.96 -41.76
N LEU F 353 -24.74 1.75 -41.24
CA LEU F 353 -24.77 1.57 -39.79
C LEU F 353 -23.45 2.04 -39.19
N GLY F 354 -23.53 2.66 -38.02
CA GLY F 354 -22.37 3.23 -37.38
C GLY F 354 -21.37 2.20 -36.90
N GLN F 355 -20.47 2.61 -36.01
CA GLN F 355 -19.48 1.69 -35.47
C GLN F 355 -20.18 0.56 -34.72
N GLY F 356 -19.70 -0.67 -34.94
CA GLY F 356 -20.31 -1.82 -34.34
C GLY F 356 -20.19 -1.88 -32.83
N ILE F 357 -20.95 -2.81 -32.26
CA ILE F 357 -21.02 -3.03 -30.81
C ILE F 357 -19.73 -3.67 -30.30
N ARG F 358 -19.59 -3.73 -28.98
CA ARG F 358 -18.45 -4.35 -28.33
C ARG F 358 -18.92 -5.33 -27.27
N LEU F 359 -18.09 -6.33 -27.00
CA LEU F 359 -18.33 -7.29 -25.94
C LEU F 359 -17.34 -7.06 -24.80
N SER F 360 -17.56 -7.78 -23.71
CA SER F 360 -16.72 -7.64 -22.52
C SER F 360 -17.12 -8.71 -21.52
N ASN F 361 -16.15 -9.16 -20.75
CA ASN F 361 -16.42 -10.09 -19.67
C ASN F 361 -16.93 -9.34 -18.45
N LYS F 362 -17.17 -10.09 -17.37
CA LYS F 362 -17.73 -9.52 -16.15
C LYS F 362 -16.87 -8.37 -15.65
N ARG F 363 -15.61 -8.66 -15.31
CA ARG F 363 -14.70 -7.65 -14.80
C ARG F 363 -14.28 -6.62 -15.84
N LYS F 364 -14.66 -6.80 -17.11
CA LYS F 364 -14.35 -5.86 -18.18
C LYS F 364 -12.86 -5.86 -18.52
N THR F 365 -12.14 -6.91 -18.11
CA THR F 365 -10.72 -7.03 -18.41
C THR F 365 -10.43 -7.30 -19.87
N LYS F 366 -11.39 -7.81 -20.62
CA LYS F 366 -11.25 -8.06 -22.04
C LYS F 366 -12.41 -7.39 -22.76
N GLU F 367 -12.12 -6.80 -23.91
CA GLU F 367 -13.10 -6.01 -24.64
C GLU F 367 -12.87 -6.21 -26.13
N VAL F 368 -13.87 -6.77 -26.81
CA VAL F 368 -13.81 -7.04 -28.24
C VAL F 368 -14.53 -5.94 -28.99
N ILE F 369 -14.14 -5.77 -30.25
CA ILE F 369 -14.73 -4.79 -31.15
C ILE F 369 -15.12 -5.51 -32.42
N ILE F 370 -16.37 -5.34 -32.83
CA ILE F 370 -16.92 -6.01 -34.02
C ILE F 370 -17.69 -4.96 -34.81
N LYS F 371 -17.82 -5.19 -36.10
CA LYS F 371 -18.54 -4.27 -36.96
C LYS F 371 -20.04 -4.58 -36.92
N ALA F 372 -20.83 -3.78 -37.63
CA ALA F 372 -22.27 -3.98 -37.64
C ALA F 372 -22.67 -5.20 -38.45
N GLU F 373 -22.00 -5.41 -39.60
CA GLU F 373 -22.38 -6.49 -40.50
C GLU F 373 -22.38 -7.85 -39.81
N LYS F 374 -21.66 -7.99 -38.69
CA LYS F 374 -21.53 -9.26 -38.01
C LYS F 374 -22.39 -9.34 -36.76
N MET F 375 -23.16 -8.30 -36.46
CA MET F 375 -24.06 -8.35 -35.31
C MET F 375 -25.14 -9.39 -35.49
N GLY F 376 -25.55 -9.66 -36.73
CA GLY F 376 -26.45 -10.77 -36.99
C GLY F 376 -25.85 -12.12 -36.71
N LYS F 377 -24.55 -12.17 -36.41
CA LYS F 377 -23.87 -13.41 -36.08
C LYS F 377 -23.81 -13.64 -34.58
N TYR F 378 -24.01 -12.60 -33.77
CA TYR F 378 -23.95 -12.70 -32.32
C TYR F 378 -25.22 -12.17 -31.67
N LYS F 379 -26.33 -12.13 -32.41
CA LYS F 379 -27.57 -11.59 -31.86
C LYS F 379 -27.98 -12.27 -30.56
N ASN F 380 -27.61 -13.54 -30.38
CA ASN F 380 -28.01 -14.26 -29.18
C ASN F 380 -27.42 -13.66 -27.91
N LEU F 381 -26.43 -12.76 -28.03
CA LEU F 381 -25.77 -12.17 -26.88
C LEU F 381 -26.31 -10.78 -26.53
N MET F 382 -26.60 -9.96 -27.53
CA MET F 382 -27.03 -8.59 -27.25
C MET F 382 -28.29 -8.58 -26.40
N ARG F 383 -28.47 -7.49 -25.65
CA ARG F 383 -29.62 -7.35 -24.79
C ARG F 383 -30.91 -7.32 -25.62
N GLU F 384 -32.03 -7.44 -24.91
CA GLU F 384 -33.33 -7.50 -25.57
C GLU F 384 -33.62 -6.21 -26.34
N GLU F 385 -33.61 -5.07 -25.64
CA GLU F 385 -33.88 -3.79 -26.28
C GLU F 385 -33.05 -3.62 -27.55
N TYR F 386 -31.80 -4.10 -27.54
CA TYR F 386 -30.99 -4.09 -28.74
C TYR F 386 -31.35 -5.21 -29.69
N LYS F 387 -32.00 -6.27 -29.20
CA LYS F 387 -32.40 -7.38 -30.04
C LYS F 387 -33.71 -7.07 -30.75
N ASN F 388 -34.75 -6.72 -29.99
CA ASN F 388 -36.03 -6.33 -30.58
C ASN F 388 -35.88 -5.19 -31.57
N LEU F 389 -34.79 -4.44 -31.50
CA LEU F 389 -34.53 -3.34 -32.42
C LEU F 389 -33.74 -3.76 -33.65
N PHE F 390 -33.39 -5.03 -33.78
CA PHE F 390 -32.53 -5.46 -34.87
C PHE F 390 -33.14 -6.55 -35.74
N GLU F 391 -33.85 -7.51 -35.15
CA GLU F 391 -34.39 -8.61 -35.96
C GLU F 391 -35.34 -8.13 -37.04
N PRO F 392 -36.35 -7.31 -36.74
CA PRO F 392 -37.31 -6.92 -37.79
C PRO F 392 -36.66 -6.24 -38.97
N LEU F 393 -35.42 -5.75 -38.83
CA LEU F 393 -34.74 -5.05 -39.91
C LEU F 393 -33.72 -5.92 -40.62
N GLU F 394 -33.39 -7.09 -40.08
CA GLU F 394 -32.41 -7.96 -40.72
C GLU F 394 -32.78 -8.22 -42.18
N LYS F 395 -34.07 -8.21 -42.51
CA LYS F 395 -34.49 -8.43 -43.88
C LYS F 395 -33.89 -7.38 -44.81
N TYR F 396 -33.93 -6.12 -44.41
CA TYR F 396 -33.51 -5.02 -45.27
C TYR F 396 -32.01 -4.82 -45.30
N ILE F 397 -31.25 -5.52 -44.47
CA ILE F 397 -29.80 -5.40 -44.46
C ILE F 397 -29.24 -6.24 -45.60
N GLN F 398 -28.14 -5.76 -46.20
CA GLN F 398 -27.50 -6.47 -47.31
C GLN F 398 -26.11 -6.98 -46.94
N LYS F 399 -25.18 -6.08 -46.63
CA LYS F 399 -23.90 -6.47 -46.06
C LYS F 399 -23.65 -5.78 -44.72
N ASP F 400 -23.67 -4.44 -44.70
CA ASP F 400 -23.46 -3.67 -43.49
C ASP F 400 -24.36 -2.45 -43.42
N VAL F 401 -25.27 -2.28 -44.38
CA VAL F 401 -26.08 -1.08 -44.49
C VAL F 401 -27.55 -1.51 -44.46
N CYS F 402 -28.46 -0.54 -44.48
CA CYS F 402 -29.89 -0.83 -44.44
C CYS F 402 -30.57 -0.16 -45.62
N PHE F 403 -31.28 -0.95 -46.43
CA PHE F 403 -31.96 -0.47 -47.63
C PHE F 403 -33.28 0.20 -47.23
N LEU F 404 -33.18 1.48 -46.86
CA LEU F 404 -34.39 2.24 -46.56
C LEU F 404 -35.05 2.64 -47.86
N PRO F 405 -36.28 2.19 -48.14
CA PRO F 405 -36.94 2.53 -49.40
C PRO F 405 -37.63 3.88 -49.42
N GLY F 406 -37.53 4.66 -48.36
CA GLY F 406 -38.18 5.96 -48.31
C GLY F 406 -37.68 6.83 -47.18
N GLY F 407 -38.54 7.74 -46.72
CA GLY F 407 -38.13 8.74 -45.76
C GLY F 407 -37.27 9.82 -46.41
N MET F 408 -36.86 10.79 -45.59
CA MET F 408 -36.01 11.89 -46.06
C MET F 408 -35.24 12.42 -44.87
N LEU F 409 -34.01 11.94 -44.71
CA LEU F 409 -33.20 12.32 -43.55
C LEU F 409 -32.36 13.55 -43.80
N MET F 410 -31.77 13.67 -44.98
CA MET F 410 -30.96 14.84 -45.31
C MET F 410 -31.76 16.11 -45.07
N GLY F 411 -31.05 17.24 -44.90
CA GLY F 411 -31.71 18.53 -44.86
C GLY F 411 -31.96 19.08 -46.25
N MET F 412 -32.37 18.19 -47.16
CA MET F 412 -32.58 18.56 -48.55
C MET F 412 -34.07 18.71 -48.84
N PHE F 413 -34.36 19.27 -50.02
CA PHE F 413 -35.72 19.48 -50.48
C PHE F 413 -36.55 20.32 -49.50
N ASN F 414 -35.87 21.06 -48.62
CA ASN F 414 -36.59 21.92 -47.68
C ASN F 414 -37.47 22.92 -48.42
N MET F 415 -36.95 23.51 -49.50
CA MET F 415 -37.77 24.38 -50.33
C MET F 415 -39.03 23.65 -50.78
N LEU F 416 -38.89 22.38 -51.19
CA LEU F 416 -40.03 21.62 -51.66
C LEU F 416 -41.02 21.36 -50.53
N SER F 417 -40.52 21.03 -49.34
CA SER F 417 -41.40 20.88 -48.19
C SER F 417 -42.17 22.16 -47.90
N THR F 418 -41.49 23.32 -48.04
CA THR F 418 -42.18 24.59 -47.84
C THR F 418 -43.25 24.80 -48.89
N VAL F 419 -42.97 24.40 -50.14
CA VAL F 419 -43.98 24.49 -51.18
C VAL F 419 -45.19 23.63 -50.82
N LEU F 420 -44.93 22.43 -50.32
CA LEU F 420 -46.02 21.54 -49.91
C LEU F 420 -46.84 22.16 -48.77
N GLY F 421 -46.16 22.76 -47.80
CA GLY F 421 -46.88 23.42 -46.72
C GLY F 421 -47.74 24.58 -47.21
N VAL F 422 -47.18 25.40 -48.10
CA VAL F 422 -47.95 26.52 -48.64
C VAL F 422 -49.17 26.00 -49.40
N SER F 423 -49.00 24.88 -50.11
CA SER F 423 -50.15 24.24 -50.74
C SER F 423 -51.19 23.85 -49.69
N THR F 424 -50.73 23.28 -48.57
CA THR F 424 -51.64 22.93 -47.50
C THR F 424 -52.42 24.14 -47.00
N LEU F 425 -51.77 25.30 -46.95
CA LEU F 425 -52.42 26.47 -46.38
C LEU F 425 -53.38 27.14 -47.35
N CYS F 426 -53.15 27.00 -48.66
CA CYS F 426 -54.00 27.61 -49.67
C CYS F 426 -55.30 26.86 -49.90
N TYR F 427 -55.67 25.97 -48.98
CA TYR F 427 -56.90 25.20 -49.11
C TYR F 427 -58.11 26.06 -48.74
N MET F 428 -59.23 25.79 -49.42
CA MET F 428 -60.49 26.46 -49.14
C MET F 428 -61.60 25.74 -49.87
N ASP F 429 -62.77 25.65 -49.24
CA ASP F 429 -63.92 24.96 -49.81
C ASP F 429 -65.16 25.77 -49.46
N GLU F 430 -66.33 25.19 -49.70
CA GLU F 430 -67.59 25.87 -49.42
C GLU F 430 -68.12 25.56 -48.03
N GLU F 431 -67.77 24.40 -47.46
CA GLU F 431 -68.20 24.08 -46.10
C GLU F 431 -67.73 25.15 -45.12
N LEU F 432 -66.50 25.66 -45.32
CA LEU F 432 -66.00 26.72 -44.46
C LEU F 432 -66.70 28.04 -44.76
N LYS F 433 -66.75 28.43 -46.04
CA LYS F 433 -67.38 29.69 -46.40
C LYS F 433 -68.79 29.79 -45.81
N ALA F 434 -69.55 28.70 -45.87
CA ALA F 434 -70.89 28.71 -45.30
C ALA F 434 -70.86 29.02 -43.80
N LYS F 435 -69.85 28.51 -43.10
CA LYS F 435 -69.71 28.74 -41.66
C LYS F 435 -68.99 30.04 -41.33
N GLY F 436 -68.46 30.73 -42.33
CA GLY F 436 -67.73 31.97 -42.10
C GLY F 436 -66.45 31.79 -41.32
N CYS F 437 -65.57 30.94 -41.82
CA CYS F 437 -64.29 30.67 -41.17
C CYS F 437 -63.26 30.42 -42.25
N PHE F 438 -61.99 30.59 -41.91
CA PHE F 438 -60.91 30.31 -42.84
C PHE F 438 -59.59 30.33 -42.08
N TRP F 439 -58.48 30.25 -42.82
CA TRP F 439 -57.16 30.30 -42.23
C TRP F 439 -56.17 30.88 -43.24
N THR F 440 -54.95 31.07 -42.76
CA THR F 440 -53.81 31.46 -43.59
C THR F 440 -52.59 31.41 -42.69
N GLY F 441 -51.41 31.65 -43.26
CA GLY F 441 -50.23 31.69 -42.40
C GLY F 441 -48.93 31.70 -43.16
N LEU F 442 -47.92 31.10 -42.53
CA LEU F 442 -46.58 31.00 -43.08
C LEU F 442 -45.94 29.73 -42.54
N GLN F 443 -45.08 29.11 -43.34
CA GLN F 443 -44.47 27.85 -42.94
C GLN F 443 -43.00 27.82 -43.35
N SER F 444 -42.13 27.55 -42.39
CA SER F 444 -40.73 27.23 -42.66
C SER F 444 -40.61 25.73 -42.92
N SER F 445 -39.38 25.22 -42.92
CA SER F 445 -39.15 23.80 -43.17
C SER F 445 -40.01 22.93 -42.24
N ASP F 446 -39.82 23.09 -40.93
CA ASP F 446 -40.52 22.28 -39.94
C ASP F 446 -41.13 23.14 -38.84
N ASP F 447 -41.21 24.45 -39.07
CA ASP F 447 -41.81 25.39 -38.13
C ASP F 447 -42.74 26.30 -38.91
N PHE F 448 -43.89 26.61 -38.32
CA PHE F 448 -44.89 27.40 -39.03
C PHE F 448 -45.68 28.24 -38.04
N VAL F 449 -46.47 29.15 -38.61
CA VAL F 449 -47.34 30.03 -37.86
C VAL F 449 -48.68 30.09 -38.59
N LEU F 450 -49.75 29.80 -37.87
CA LEU F 450 -51.09 29.73 -38.43
C LEU F 450 -51.92 30.88 -37.90
N PHE F 451 -52.87 31.34 -38.71
CA PHE F 451 -53.81 32.39 -38.36
C PHE F 451 -55.18 31.91 -38.79
N ALA F 452 -56.00 31.51 -37.81
CA ALA F 452 -57.36 31.07 -38.08
C ALA F 452 -58.33 32.23 -37.85
N VAL F 453 -59.49 32.14 -38.51
CA VAL F 453 -60.51 33.19 -38.46
C VAL F 453 -61.88 32.53 -38.40
N ALA F 454 -62.75 33.08 -37.57
CA ALA F 454 -64.11 32.60 -37.34
C ALA F 454 -64.85 33.67 -36.55
N SER F 455 -66.08 33.36 -36.15
CA SER F 455 -66.90 34.30 -35.38
C SER F 455 -67.43 33.68 -34.08
N ASN F 456 -66.84 32.59 -33.62
CA ASN F 456 -67.29 31.95 -32.39
C ASN F 456 -66.12 31.25 -31.73
N TRP F 457 -66.18 31.14 -30.40
CA TRP F 457 -65.12 30.49 -29.64
C TRP F 457 -65.19 28.97 -29.68
N SER F 458 -66.06 28.40 -30.51
CA SER F 458 -66.15 26.95 -30.68
C SER F 458 -65.83 26.51 -32.10
N ASN F 459 -66.41 27.17 -33.10
CA ASN F 459 -66.12 26.83 -34.48
C ASN F 459 -64.62 26.89 -34.77
N ILE F 460 -63.89 27.70 -34.01
CA ILE F 460 -62.44 27.73 -34.15
C ILE F 460 -61.83 26.35 -33.92
N HIS F 461 -62.31 25.64 -32.91
CA HIS F 461 -61.82 24.28 -32.66
C HIS F 461 -62.11 23.37 -33.86
N TRP F 462 -63.30 23.50 -34.43
CA TRP F 462 -63.64 22.71 -35.60
C TRP F 462 -62.70 23.00 -36.75
N THR F 463 -62.38 24.28 -36.98
CA THR F 463 -61.45 24.64 -38.04
C THR F 463 -60.06 24.09 -37.76
N ILE F 464 -59.61 24.17 -36.51
CA ILE F 464 -58.29 23.64 -36.15
C ILE F 464 -58.23 22.14 -36.41
N ARG F 465 -59.28 21.42 -36.05
CA ARG F 465 -59.29 19.98 -36.29
C ARG F 465 -59.32 19.67 -37.77
N ARG F 466 -60.09 20.45 -38.55
CA ARG F 466 -60.09 20.29 -39.99
C ARG F 466 -58.69 20.46 -40.57
N PHE F 467 -57.98 21.50 -40.12
CA PHE F 467 -56.63 21.75 -40.62
C PHE F 467 -55.70 20.60 -40.22
N ASN F 468 -55.80 20.12 -38.99
CA ASN F 468 -54.96 19.01 -38.57
C ASN F 468 -55.22 17.78 -39.42
N ALA F 469 -56.49 17.53 -39.76
CA ALA F 469 -56.81 16.39 -40.61
C ALA F 469 -56.20 16.56 -42.00
N VAL F 470 -56.39 17.74 -42.60
CA VAL F 470 -55.85 17.98 -43.93
C VAL F 470 -54.33 17.85 -43.92
N CYS F 471 -53.68 18.23 -42.83
CA CYS F 471 -52.23 18.09 -42.74
C CYS F 471 -51.83 16.62 -42.63
N LYS F 472 -52.52 15.86 -41.79
CA LYS F 472 -52.17 14.45 -41.65
C LYS F 472 -52.46 13.64 -42.90
N LEU F 473 -53.39 14.10 -43.74
CA LEU F 473 -53.71 13.38 -44.95
C LEU F 473 -52.50 13.16 -45.86
N ILE F 474 -51.46 13.99 -45.72
CA ILE F 474 -50.32 13.93 -46.65
C ILE F 474 -49.02 13.78 -45.87
N GLY F 475 -49.08 13.13 -44.72
CA GLY F 475 -47.90 12.85 -43.93
C GLY F 475 -47.45 13.97 -43.02
N ILE F 476 -47.82 15.21 -43.32
CA ILE F 476 -47.47 16.34 -42.48
C ILE F 476 -48.23 16.22 -41.16
N ASN F 477 -47.50 15.93 -40.08
CA ASN F 477 -48.07 15.79 -38.76
C ASN F 477 -47.83 17.09 -37.98
N MET F 478 -48.15 17.06 -36.70
CA MET F 478 -47.96 18.26 -35.87
C MET F 478 -47.60 17.84 -34.46
N SER F 479 -46.81 18.70 -33.80
CA SER F 479 -46.41 18.46 -32.44
C SER F 479 -47.46 19.03 -31.49
N LEU F 480 -47.54 18.45 -30.30
CA LEU F 480 -48.50 18.90 -29.29
C LEU F 480 -47.86 19.53 -28.07
N GLU F 481 -46.65 19.12 -27.70
CA GLU F 481 -45.95 19.68 -26.56
C GLU F 481 -45.09 20.87 -26.93
N LYS F 482 -45.07 21.25 -28.21
CA LYS F 482 -44.23 22.36 -28.66
C LYS F 482 -44.97 23.30 -29.60
N SER F 483 -46.27 23.10 -29.82
CA SER F 483 -47.08 23.99 -30.65
C SER F 483 -48.19 24.56 -29.79
N TYR F 484 -48.26 25.89 -29.71
CA TYR F 484 -49.24 26.55 -28.87
C TYR F 484 -50.03 27.58 -29.68
N GLY F 485 -50.88 28.35 -29.03
CA GLY F 485 -51.66 29.36 -29.72
C GLY F 485 -52.30 30.32 -28.76
N SER F 486 -52.65 31.49 -29.28
CA SER F 486 -53.23 32.56 -28.47
C SER F 486 -53.80 33.61 -29.41
N LEU F 487 -54.16 34.77 -28.84
CA LEU F 487 -54.70 35.87 -29.63
C LEU F 487 -53.65 36.40 -30.60
N PRO F 488 -54.07 37.19 -31.60
CA PRO F 488 -53.16 37.51 -32.71
C PRO F 488 -51.91 38.25 -32.29
N GLU F 489 -51.92 38.91 -31.12
CA GLU F 489 -50.82 39.80 -30.78
C GLU F 489 -49.52 39.04 -30.60
N LEU F 490 -49.58 37.81 -30.06
CA LEU F 490 -48.39 37.09 -29.65
C LEU F 490 -48.26 35.80 -30.45
N PHE F 491 -47.06 35.52 -30.94
CA PHE F 491 -46.71 34.27 -31.59
C PHE F 491 -45.20 34.23 -31.73
N GLU F 492 -44.68 33.23 -32.46
CA GLU F 492 -43.25 33.10 -32.65
C GLU F 492 -42.97 32.44 -33.99
N PHE F 493 -41.81 32.77 -34.56
CA PHE F 493 -41.37 32.20 -35.83
C PHE F 493 -39.88 32.41 -35.97
N THR F 494 -39.13 31.33 -36.03
CA THR F 494 -37.68 31.38 -36.24
C THR F 494 -37.02 32.30 -35.21
N SER F 495 -37.43 32.13 -33.95
CA SER F 495 -36.90 32.87 -32.81
C SER F 495 -37.28 34.35 -32.82
N MET F 496 -38.08 34.78 -33.80
CA MET F 496 -38.50 36.18 -33.89
C MET F 496 -39.85 36.31 -33.19
N PHE F 497 -39.79 36.60 -31.89
CA PHE F 497 -40.97 36.65 -31.02
C PHE F 497 -41.78 37.92 -31.30
N PHE F 498 -42.83 37.78 -32.11
CA PHE F 498 -43.69 38.90 -32.44
C PHE F 498 -44.60 39.24 -31.27
N ASP G 559 -18.60 73.68 -13.63
CA ASP G 559 -18.37 72.27 -13.34
C ASP G 559 -16.98 72.06 -12.75
N GLU G 560 -16.80 70.96 -12.02
CA GLU G 560 -15.51 70.68 -11.42
C GLU G 560 -14.41 70.63 -12.46
N LYS G 561 -14.68 69.99 -13.61
CA LYS G 561 -13.69 69.95 -14.68
C LYS G 561 -13.36 71.36 -15.16
N THR G 562 -14.39 72.18 -15.41
CA THR G 562 -14.14 73.54 -15.87
C THR G 562 -13.36 74.33 -14.83
N ALA G 563 -13.66 74.11 -13.55
CA ALA G 563 -12.89 74.75 -12.49
C ALA G 563 -11.42 74.37 -12.58
N ILE G 564 -11.15 73.08 -12.77
CA ILE G 564 -9.77 72.61 -12.89
C ILE G 564 -9.11 73.25 -14.11
N THR G 565 -9.84 73.31 -15.22
CA THR G 565 -9.31 73.89 -16.44
C THR G 565 -8.91 75.34 -16.21
N LYS G 566 -9.78 76.14 -15.59
CA LYS G 566 -9.45 77.55 -15.38
C LYS G 566 -8.30 77.69 -14.41
N GLY G 567 -8.24 76.83 -13.37
CA GLY G 567 -7.09 76.85 -12.49
C GLY G 567 -5.79 76.60 -13.24
N TYR G 568 -5.81 75.62 -14.15
CA TYR G 568 -4.59 75.32 -14.91
C TYR G 568 -4.26 76.44 -15.88
N GLU G 569 -5.29 77.09 -16.45
CA GLU G 569 -5.03 78.24 -17.30
C GLU G 569 -4.35 79.35 -16.51
N ALA G 570 -4.81 79.58 -15.28
CA ALA G 570 -4.19 80.59 -14.43
C ALA G 570 -2.74 80.22 -14.12
N LEU G 571 -2.51 78.94 -13.81
CA LEU G 571 -1.14 78.49 -13.57
C LEU G 571 -0.26 78.74 -14.79
N ILE G 572 -0.82 78.54 -15.99
CA ILE G 572 -0.04 78.71 -17.21
C ILE G 572 0.27 80.18 -17.46
N LYS G 573 -0.75 81.03 -17.31
CA LYS G 573 -0.54 82.45 -17.58
C LYS G 573 0.42 83.07 -16.58
N ARG G 574 0.38 82.60 -15.32
CA ARG G 574 1.28 83.14 -14.30
C ARG G 574 2.72 83.23 -14.80
N LEU G 575 3.12 82.31 -15.68
CA LEU G 575 4.46 82.36 -16.26
C LEU G 575 4.82 83.77 -16.71
N GLY G 576 4.04 84.32 -17.63
CA GLY G 576 4.14 85.72 -18.01
C GLY G 576 5.51 86.22 -18.43
N THR G 577 6.46 85.31 -18.62
CA THR G 577 7.77 85.65 -19.18
C THR G 577 8.41 86.83 -18.45
N GLY G 578 8.27 86.86 -17.12
CA GLY G 578 8.71 88.00 -16.37
C GLY G 578 9.07 87.65 -14.94
N ASP G 579 9.56 88.66 -14.23
CA ASP G 579 9.94 88.50 -12.83
C ASP G 579 8.69 88.26 -11.96
N ASN G 580 8.93 87.62 -10.82
CA ASN G 580 7.85 87.25 -9.90
C ASN G 580 6.90 86.27 -10.57
N ASP G 581 7.46 85.36 -11.35
CA ASP G 581 6.71 84.35 -12.08
C ASP G 581 7.50 83.06 -12.07
N ILE G 582 6.91 82.01 -12.65
CA ILE G 582 7.47 80.67 -12.51
C ILE G 582 8.92 80.62 -12.98
N PRO G 583 9.29 81.17 -14.15
CA PRO G 583 10.67 80.99 -14.62
C PRO G 583 11.68 81.75 -13.79
N SER G 584 11.31 82.90 -13.23
CA SER G 584 12.25 83.66 -12.41
C SER G 584 12.53 82.92 -11.10
N LEU G 585 11.48 82.42 -10.45
CA LEU G 585 11.68 81.64 -9.23
C LEU G 585 12.46 80.35 -9.52
N ILE G 586 12.20 79.75 -10.69
CA ILE G 586 12.97 78.57 -11.09
C ILE G 586 14.45 78.91 -11.17
N ALA G 587 14.79 79.92 -11.98
CA ALA G 587 16.19 80.32 -12.11
C ALA G 587 16.77 80.72 -10.77
N LYS G 588 15.93 81.17 -9.84
CA LYS G 588 16.39 81.52 -8.49
C LYS G 588 16.48 80.30 -7.58
N LYS G 589 15.78 79.22 -7.92
CA LYS G 589 15.75 78.00 -7.11
C LYS G 589 15.07 78.25 -5.76
N ASP G 590 14.03 79.06 -5.75
CA ASP G 590 13.23 79.33 -4.56
C ASP G 590 11.86 78.68 -4.80
N TYR G 591 11.75 77.41 -4.43
CA TYR G 591 10.52 76.66 -4.64
C TYR G 591 9.49 76.85 -3.54
N LEU G 592 9.92 77.21 -2.34
CA LEU G 592 8.97 77.38 -1.24
C LEU G 592 7.89 78.39 -1.60
N SER G 593 8.25 79.50 -2.24
CA SER G 593 7.25 80.48 -2.65
C SER G 593 6.22 79.87 -3.60
N LEU G 594 6.64 78.93 -4.45
CA LEU G 594 5.70 78.28 -5.35
C LEU G 594 4.58 77.60 -4.58
N TYR G 595 4.87 77.14 -3.36
CA TYR G 595 3.90 76.47 -2.53
C TYR G 595 2.95 77.43 -1.82
N ASN G 596 2.92 78.70 -2.22
CA ASN G 596 2.08 79.69 -1.56
C ASN G 596 1.36 80.61 -2.54
N LEU G 597 1.44 80.36 -3.84
CA LEU G 597 0.85 81.24 -4.83
C LEU G 597 -0.66 81.34 -4.63
N PRO G 598 -1.33 82.30 -5.27
CA PRO G 598 -2.79 82.38 -5.10
C PRO G 598 -3.54 81.30 -5.86
N GLU G 599 -3.09 80.94 -7.05
CA GLU G 599 -3.85 79.98 -7.87
C GLU G 599 -3.93 78.62 -7.19
N VAL G 600 -2.83 78.16 -6.59
CA VAL G 600 -2.88 76.91 -5.84
C VAL G 600 -3.85 77.04 -4.67
N LYS G 601 -3.93 78.23 -4.07
CA LYS G 601 -4.87 78.44 -2.97
C LYS G 601 -6.31 78.37 -3.48
N LEU G 602 -6.55 78.80 -4.71
CA LEU G 602 -7.89 78.73 -5.28
C LEU G 602 -8.25 77.31 -5.68
N MET G 603 -7.27 76.52 -6.13
CA MET G 603 -7.53 75.15 -6.55
C MET G 603 -7.55 74.17 -5.40
N ALA G 604 -7.00 74.54 -4.24
CA ALA G 604 -6.93 73.63 -3.10
C ALA G 604 -8.25 72.98 -2.75
N PRO G 605 -9.38 73.69 -2.68
CA PRO G 605 -10.63 73.02 -2.27
C PRO G 605 -11.00 71.85 -3.15
N LEU G 606 -10.50 71.79 -4.38
CA LEU G 606 -10.82 70.71 -5.30
C LEU G 606 -10.05 69.43 -4.99
N ILE G 607 -9.25 69.41 -3.92
CA ILE G 607 -8.41 68.27 -3.58
C ILE G 607 -9.09 67.44 -2.51
N ARG G 608 -9.11 66.13 -2.72
CA ARG G 608 -9.83 65.23 -1.82
C ARG G 608 -9.31 65.40 -0.38
N PRO G 609 -10.19 65.59 0.59
CA PRO G 609 -9.72 65.89 1.95
C PRO G 609 -8.95 64.77 2.63
N ASN G 610 -9.39 63.52 2.49
CA ASN G 610 -8.80 62.43 3.27
C ASN G 610 -7.32 62.25 2.93
N ARG G 611 -6.96 62.34 1.65
CA ARG G 611 -5.58 62.15 1.21
C ARG G 611 -4.91 63.46 0.87
N LYS G 612 -5.46 64.58 1.35
CA LYS G 612 -4.85 65.89 1.08
C LYS G 612 -3.43 65.96 1.61
N GLY G 613 -3.19 65.42 2.81
CA GLY G 613 -1.86 65.50 3.39
C GLY G 613 -0.83 64.71 2.62
N VAL G 614 -1.19 63.50 2.19
CA VAL G 614 -0.22 62.64 1.53
C VAL G 614 0.09 63.19 0.14
N TYR G 615 -0.93 63.70 -0.55
CA TYR G 615 -0.71 64.22 -1.89
C TYR G 615 0.11 65.50 -1.83
N SER G 616 -0.14 66.33 -0.80
CA SER G 616 0.69 67.50 -0.58
C SER G 616 2.14 67.09 -0.34
N ARG G 617 2.35 66.08 0.51
CA ARG G 617 3.71 65.60 0.76
C ARG G 617 4.41 65.20 -0.52
N VAL G 618 3.77 64.33 -1.31
CA VAL G 618 4.42 63.80 -2.51
C VAL G 618 4.72 64.93 -3.48
N ALA G 619 3.74 65.81 -3.70
CA ALA G 619 3.94 66.88 -4.67
C ALA G 619 5.05 67.82 -4.21
N ARG G 620 5.08 68.12 -2.91
CA ARG G 620 6.12 69.00 -2.38
C ARG G 620 7.49 68.39 -2.62
N LYS G 621 7.63 67.10 -2.29
CA LYS G 621 8.92 66.43 -2.50
C LYS G 621 9.32 66.46 -3.97
N LEU G 622 8.39 66.14 -4.86
CA LEU G 622 8.74 66.10 -6.28
C LEU G 622 9.21 67.47 -6.76
N VAL G 623 8.46 68.52 -6.42
CA VAL G 623 8.83 69.85 -6.89
C VAL G 623 10.19 70.25 -6.32
N SER G 624 10.40 69.99 -5.03
CA SER G 624 11.66 70.34 -4.40
C SER G 624 12.82 69.63 -5.09
N THR G 625 12.68 68.31 -5.28
CA THR G 625 13.75 67.53 -5.88
C THR G 625 14.07 68.05 -7.27
N GLN G 626 13.04 68.26 -8.10
CA GLN G 626 13.27 68.72 -9.47
C GLN G 626 13.97 70.07 -9.46
N VAL G 627 13.46 71.02 -8.67
CA VAL G 627 14.03 72.37 -8.71
C VAL G 627 15.45 72.37 -8.19
N THR G 628 15.74 71.53 -7.19
CA THR G 628 17.08 71.52 -6.62
C THR G 628 18.14 71.23 -7.66
N THR G 629 17.86 70.29 -8.57
CA THR G 629 18.84 69.86 -9.56
C THR G 629 18.92 70.80 -10.75
N GLY G 630 17.96 71.71 -10.91
CA GLY G 630 17.81 72.46 -12.14
C GLY G 630 17.25 71.67 -13.30
N HIS G 631 17.14 70.35 -13.17
CA HIS G 631 16.48 69.51 -14.16
C HIS G 631 15.01 69.39 -13.81
N TYR G 632 14.14 69.70 -14.77
CA TYR G 632 12.72 69.78 -14.51
C TYR G 632 11.96 69.67 -15.82
N SER G 633 10.63 69.73 -15.71
CA SER G 633 9.75 69.74 -16.88
C SER G 633 8.47 70.45 -16.50
N LEU G 634 8.20 71.58 -17.16
CA LEU G 634 7.08 72.43 -16.77
C LEU G 634 5.78 71.65 -16.68
N HIS G 635 5.60 70.67 -17.56
CA HIS G 635 4.33 69.95 -17.64
C HIS G 635 4.01 69.25 -16.31
N GLU G 636 4.90 68.35 -15.86
CA GLU G 636 4.63 67.61 -14.64
C GLU G 636 4.55 68.55 -13.44
N LEU G 637 5.38 69.60 -13.45
CA LEU G 637 5.32 70.60 -12.39
C LEU G 637 3.91 71.14 -12.28
N ILE G 638 3.45 71.84 -13.32
CA ILE G 638 2.10 72.42 -13.30
C ILE G 638 1.06 71.35 -12.96
N LYS G 639 1.28 70.11 -13.41
CA LYS G 639 0.33 69.05 -13.10
C LYS G 639 0.20 68.84 -11.60
N VAL G 640 1.32 68.79 -10.89
CA VAL G 640 1.29 68.45 -9.46
C VAL G 640 1.23 69.66 -8.54
N LEU G 641 1.45 70.87 -9.04
CA LEU G 641 1.51 72.04 -8.18
C LEU G 641 0.28 72.23 -7.29
N PRO G 642 -0.95 72.09 -7.78
CA PRO G 642 -2.11 72.44 -6.95
C PRO G 642 -2.10 71.81 -5.56
N PHE G 643 -1.49 70.65 -5.40
CA PHE G 643 -1.60 69.91 -4.14
C PHE G 643 -0.72 70.47 -3.04
N THR G 644 0.32 71.23 -3.37
CA THR G 644 1.26 71.73 -2.36
C THR G 644 0.76 73.07 -1.81
N TYR G 645 -0.30 72.98 -1.03
CA TYR G 645 -0.76 74.12 -0.23
C TYR G 645 -1.36 73.58 1.07
N PHE G 646 -0.62 72.71 1.76
CA PHE G 646 -1.13 72.12 2.99
C PHE G 646 0.03 71.51 3.76
N ALA G 647 -0.29 71.05 4.97
CA ALA G 647 0.69 70.38 5.79
C ALA G 647 0.92 68.96 5.29
N PRO G 648 2.15 68.58 4.96
CA PRO G 648 2.39 67.19 4.54
C PRO G 648 2.31 66.24 5.72
N LYS G 649 1.59 65.13 5.54
CA LYS G 649 1.41 64.11 6.57
C LYS G 649 1.79 62.75 6.01
N GLN G 650 2.52 61.99 6.81
CA GLN G 650 2.93 60.64 6.43
C GLN G 650 1.72 59.79 6.06
N GLY G 651 1.94 58.84 5.18
CA GLY G 651 0.87 57.96 4.72
C GLY G 651 1.36 57.05 3.63
N MET G 652 0.40 56.42 2.95
CA MET G 652 0.66 55.47 1.87
C MET G 652 0.20 56.10 0.56
N PHE G 653 1.11 56.22 -0.39
CA PHE G 653 0.80 56.71 -1.72
C PHE G 653 0.78 55.56 -2.71
N GLU G 654 -0.12 55.65 -3.70
CA GLU G 654 -0.31 54.57 -4.67
C GLU G 654 -0.34 55.10 -6.09
N GLY G 655 0.40 56.19 -6.36
CA GLY G 655 0.56 56.66 -7.71
C GLY G 655 -0.69 57.20 -8.37
N ARG G 656 -1.65 57.70 -7.59
CA ARG G 656 -2.83 58.34 -8.17
C ARG G 656 -3.31 59.43 -7.24
N LEU G 657 -3.11 60.69 -7.63
CA LEU G 657 -3.53 61.85 -6.85
C LEU G 657 -5.00 62.15 -7.14
N PHE G 658 -5.87 61.40 -6.49
CA PHE G 658 -7.30 61.53 -6.75
C PHE G 658 -7.79 62.93 -6.42
N PHE G 659 -8.66 63.46 -7.29
CA PHE G 659 -9.28 64.75 -7.08
C PHE G 659 -10.54 64.59 -6.23
N SER G 660 -11.17 65.71 -5.88
CA SER G 660 -12.40 65.64 -5.11
C SER G 660 -13.56 65.06 -5.90
N ASN G 661 -13.47 65.05 -7.23
CA ASN G 661 -14.55 64.58 -8.08
C ASN G 661 -14.48 63.10 -8.39
N ASP G 662 -13.55 62.37 -7.77
CA ASP G 662 -13.29 60.94 -7.95
C ASP G 662 -12.42 60.69 -9.18
N SER G 663 -12.00 61.73 -9.89
CA SER G 663 -11.11 61.56 -11.04
C SER G 663 -9.70 61.37 -10.54
N PHE G 664 -8.72 61.37 -11.44
CA PHE G 664 -7.35 61.11 -11.04
C PHE G 664 -6.38 61.82 -11.96
N VAL G 665 -5.19 62.11 -11.42
CA VAL G 665 -4.03 62.53 -12.21
C VAL G 665 -2.83 61.77 -11.67
N GLU G 666 -2.27 60.86 -12.48
CA GLU G 666 -1.12 60.11 -12.03
C GLU G 666 0.16 60.73 -12.61
N PRO G 667 1.18 60.98 -11.78
CA PRO G 667 2.37 61.68 -12.29
C PRO G 667 3.09 60.89 -13.37
N GLY G 668 3.46 61.59 -14.43
CA GLY G 668 4.26 61.00 -15.49
C GLY G 668 3.52 60.17 -16.51
N VAL G 669 2.19 60.16 -16.48
CA VAL G 669 1.39 59.51 -17.51
C VAL G 669 0.39 60.51 -18.07
N ASN G 670 0.27 60.53 -19.39
CA ASN G 670 -0.72 61.40 -20.03
C ASN G 670 -2.13 60.91 -19.73
N ASN G 671 -3.06 61.86 -19.67
CA ASN G 671 -4.44 61.55 -19.33
C ASN G 671 -5.34 62.59 -19.98
N ASN G 672 -6.63 62.26 -20.05
CA ASN G 672 -7.58 63.19 -20.68
C ASN G 672 -7.61 64.51 -19.94
N VAL G 673 -7.61 64.48 -18.61
CA VAL G 673 -7.74 65.71 -17.84
C VAL G 673 -6.52 66.60 -18.08
N PHE G 674 -5.33 65.99 -18.14
CA PHE G 674 -4.11 66.72 -18.50
C PHE G 674 -3.20 65.79 -19.28
N SER G 675 -2.88 66.17 -20.52
CA SER G 675 -2.02 65.37 -21.38
C SER G 675 -0.94 66.26 -21.98
N TRP G 676 0.29 65.76 -22.00
CA TRP G 676 1.42 66.46 -22.62
C TRP G 676 2.10 65.51 -23.60
N SER G 677 2.14 65.90 -24.87
CA SER G 677 2.70 65.09 -25.93
C SER G 677 4.05 65.67 -26.35
N LYS G 678 5.04 64.80 -26.48
CA LYS G 678 6.35 65.24 -26.96
C LYS G 678 6.22 65.80 -28.37
N ALA G 679 6.97 66.88 -28.63
CA ALA G 679 6.92 67.64 -29.86
C ALA G 679 5.68 68.52 -29.90
N ASP G 680 5.00 68.70 -28.77
CA ASP G 680 3.83 69.55 -28.67
C ASP G 680 3.83 70.29 -27.34
N SER G 681 5.00 70.77 -26.92
CA SER G 681 5.12 71.42 -25.62
C SER G 681 4.21 72.64 -25.55
N SER G 682 4.16 73.41 -26.64
CA SER G 682 3.28 74.58 -26.66
C SER G 682 1.83 74.18 -26.46
N LYS G 683 1.41 73.09 -27.11
CA LYS G 683 0.04 72.62 -27.03
C LYS G 683 -0.10 71.73 -25.79
N ILE G 684 -0.75 72.26 -24.77
CA ILE G 684 -1.05 71.53 -23.54
C ILE G 684 -2.51 71.10 -23.64
N TYR G 685 -2.74 69.79 -23.78
CA TYR G 685 -4.08 69.27 -24.00
C TYR G 685 -4.74 69.01 -22.65
N CYS G 686 -5.76 69.81 -22.34
CA CYS G 686 -6.56 69.65 -21.13
C CYS G 686 -7.98 69.30 -21.55
N HIS G 687 -8.44 68.11 -21.17
CA HIS G 687 -9.75 67.62 -21.57
C HIS G 687 -9.91 67.69 -23.09
N GLY G 688 -8.87 67.28 -23.80
CA GLY G 688 -8.90 67.34 -25.26
C GLY G 688 -9.02 68.73 -25.82
N ILE G 689 -8.50 69.73 -25.10
CA ILE G 689 -8.51 71.12 -25.54
C ILE G 689 -7.07 71.62 -25.53
N ALA G 690 -6.57 72.03 -26.68
CA ALA G 690 -5.20 72.53 -26.76
C ALA G 690 -5.11 73.93 -26.16
N ILE G 691 -4.05 74.16 -25.39
CA ILE G 691 -3.77 75.45 -24.80
C ILE G 691 -2.34 75.84 -25.18
N ARG G 692 -2.18 77.03 -25.78
CA ARG G 692 -0.85 77.52 -26.09
C ARG G 692 -0.17 78.00 -24.82
N VAL G 693 1.13 77.78 -24.74
CA VAL G 693 1.91 78.28 -23.60
C VAL G 693 2.39 79.68 -23.95
N PRO G 694 2.49 80.60 -22.99
CA PRO G 694 2.94 81.96 -23.33
C PRO G 694 4.42 82.09 -23.63
N LEU G 695 5.19 81.00 -23.49
CA LEU G 695 6.62 81.01 -23.69
C LEU G 695 7.00 79.96 -24.74
N VAL G 696 8.30 79.73 -24.90
CA VAL G 696 8.81 78.71 -25.80
C VAL G 696 9.93 77.97 -25.08
N VAL G 697 9.98 76.66 -25.29
CA VAL G 697 10.99 75.82 -24.65
C VAL G 697 11.34 74.67 -25.59
N GLY G 698 12.61 74.29 -25.59
CA GLY G 698 13.07 73.16 -26.37
C GLY G 698 13.85 72.15 -25.55
N ASP G 699 14.37 72.58 -24.39
CA ASP G 699 15.12 71.70 -23.50
C ASP G 699 14.71 71.78 -22.05
N GLU G 700 14.07 72.87 -21.61
CA GLU G 700 13.65 72.95 -20.21
C GLU G 700 12.71 71.82 -19.82
N HIS G 701 12.01 71.23 -20.80
CA HIS G 701 11.09 70.14 -20.56
C HIS G 701 11.70 68.77 -20.86
N MET G 702 12.72 68.70 -21.73
CA MET G 702 13.25 67.42 -22.15
C MET G 702 13.77 66.57 -20.99
N ASP G 703 13.96 67.16 -19.81
CA ASP G 703 14.52 66.44 -18.67
C ASP G 703 13.40 66.18 -17.67
N THR G 704 12.75 65.03 -17.80
CA THR G 704 11.68 64.61 -16.92
C THR G 704 12.09 63.42 -16.05
N SER G 705 13.38 63.12 -15.99
CA SER G 705 13.86 61.96 -15.23
C SER G 705 13.53 62.03 -13.75
N LEU G 706 13.15 63.20 -13.24
CA LEU G 706 12.91 63.38 -11.82
C LEU G 706 11.45 63.66 -11.49
N ALA G 707 10.59 63.74 -12.49
CA ALA G 707 9.18 64.05 -12.28
C ALA G 707 8.33 62.80 -12.11
N LEU G 708 8.91 61.61 -12.23
CA LEU G 708 8.15 60.37 -12.14
C LEU G 708 7.94 59.96 -10.69
N LEU G 709 9.03 59.72 -9.96
CA LEU G 709 9.00 59.31 -8.57
C LEU G 709 9.70 60.38 -7.72
N GLU G 710 9.75 60.12 -6.42
CA GLU G 710 10.20 61.14 -5.47
C GLU G 710 11.72 61.15 -5.30
N GLY G 711 12.30 60.03 -4.86
CA GLY G 711 13.72 59.96 -4.58
C GLY G 711 14.51 59.08 -5.52
N PHE G 712 14.13 59.04 -6.79
CA PHE G 712 14.77 58.16 -7.76
C PHE G 712 15.06 58.93 -9.04
N SER G 713 15.80 58.27 -9.94
CA SER G 713 16.13 58.84 -11.23
C SER G 713 16.21 57.72 -12.25
N VAL G 714 15.73 58.00 -13.47
CA VAL G 714 15.79 57.01 -14.53
C VAL G 714 17.25 56.72 -14.88
N CYS G 715 17.46 55.54 -15.46
CA CYS G 715 18.77 55.12 -15.92
C CYS G 715 18.58 54.22 -17.13
N GLU G 716 19.69 53.74 -17.69
CA GLU G 716 19.61 52.91 -18.88
C GLU G 716 18.87 51.61 -18.59
N ASN G 717 18.13 51.14 -19.59
CA ASN G 717 17.29 49.97 -19.41
C ASN G 717 18.13 48.75 -19.08
N ASP G 718 17.61 47.90 -18.20
CA ASP G 718 18.30 46.67 -17.81
C ASP G 718 17.29 45.60 -17.41
N PRO G 719 17.11 44.56 -18.21
CA PRO G 719 16.12 43.53 -17.83
C PRO G 719 16.51 42.72 -16.61
N ARG G 720 17.81 42.57 -16.35
CA ARG G 720 18.23 41.75 -15.21
C ARG G 720 17.65 42.24 -13.89
N ALA G 721 17.44 43.55 -13.76
CA ALA G 721 16.92 44.08 -12.50
C ALA G 721 15.52 43.53 -12.25
N PRO G 722 15.20 43.18 -11.00
CA PRO G 722 13.88 42.58 -10.72
C PRO G 722 12.78 43.62 -10.60
N MET G 723 11.59 43.21 -11.02
CA MET G 723 10.41 44.05 -10.90
C MET G 723 10.01 44.23 -9.44
N VAL G 724 9.51 45.43 -9.12
CA VAL G 724 9.13 45.79 -7.76
C VAL G 724 7.91 46.71 -7.84
N THR G 725 7.35 47.00 -6.68
CA THR G 725 6.12 47.78 -6.56
C THR G 725 6.35 48.97 -5.64
N ARG G 726 5.32 49.80 -5.51
CA ARG G 726 5.43 51.03 -4.74
C ARG G 726 5.80 50.75 -3.28
N GLN G 727 5.23 49.70 -2.70
CA GLN G 727 5.44 49.42 -1.28
C GLN G 727 6.89 49.12 -0.97
N ASP G 728 7.54 48.30 -1.78
CA ASP G 728 8.90 47.83 -1.48
C ASP G 728 9.94 48.92 -1.67
N LEU G 729 9.61 50.01 -2.37
CA LEU G 729 10.60 51.01 -2.74
C LEU G 729 11.37 51.53 -1.53
N ILE G 730 10.71 51.59 -0.37
CA ILE G 730 11.35 52.13 0.84
C ILE G 730 12.61 51.36 1.21
N ASP G 731 12.66 50.06 0.91
CA ASP G 731 13.76 49.23 1.40
C ASP G 731 14.93 49.14 0.43
N VAL G 732 14.74 49.50 -0.84
CA VAL G 732 15.77 49.29 -1.84
C VAL G 732 17.08 49.92 -1.38
N GLY G 733 18.16 49.15 -1.47
CA GLY G 733 19.45 49.63 -1.02
C GLY G 733 20.01 50.69 -1.95
N PHE G 734 20.94 51.46 -1.41
CA PHE G 734 21.58 52.51 -2.21
C PHE G 734 22.31 51.90 -3.40
N GLY G 735 22.30 52.62 -4.51
CA GLY G 735 23.02 52.16 -5.69
C GLY G 735 22.53 50.82 -6.21
N GLN G 736 21.22 50.60 -6.25
CA GLN G 736 20.65 49.36 -6.75
C GLN G 736 19.53 49.68 -7.74
N LYS G 737 19.68 49.18 -8.96
CA LYS G 737 18.67 49.38 -10.00
C LYS G 737 17.40 48.58 -9.69
N VAL G 738 16.25 49.15 -10.07
CA VAL G 738 14.95 48.53 -9.81
C VAL G 738 14.03 48.84 -10.97
N ARG G 739 13.70 47.82 -11.75
CA ARG G 739 12.71 47.96 -12.81
C ARG G 739 11.32 48.10 -12.20
N LEU G 740 10.46 48.88 -12.85
CA LEU G 740 9.07 48.92 -12.38
C LEU G 740 8.21 49.68 -13.38
N PHE G 741 6.94 49.31 -13.43
CA PHE G 741 6.00 49.91 -14.37
C PHE G 741 5.89 51.41 -14.17
N VAL G 742 5.91 52.14 -15.28
CA VAL G 742 5.66 53.57 -15.31
C VAL G 742 4.31 53.87 -15.96
N GLY G 743 3.51 52.84 -16.19
CA GLY G 743 2.24 53.00 -16.87
C GLY G 743 1.68 51.65 -17.28
N GLN G 744 0.86 51.66 -18.32
CA GLN G 744 0.31 50.42 -18.87
C GLN G 744 1.36 49.75 -19.73
N GLY G 745 1.84 48.59 -19.30
CA GLY G 745 2.85 47.84 -20.04
C GLY G 745 4.09 48.64 -20.36
N SER G 746 4.38 49.67 -19.57
CA SER G 746 5.56 50.51 -19.74
C SER G 746 6.44 50.31 -18.51
N VAL G 747 7.60 49.66 -18.71
CA VAL G 747 8.51 49.31 -17.64
C VAL G 747 9.74 50.20 -17.75
N ARG G 748 10.16 50.79 -16.63
CA ARG G 748 11.27 51.73 -16.62
C ARG G 748 12.12 51.43 -15.39
N THR G 749 13.43 51.34 -15.59
CA THR G 749 14.35 51.14 -14.48
C THR G 749 14.52 52.44 -13.71
N PHE G 750 14.88 52.33 -12.43
CA PHE G 750 15.15 53.50 -11.60
C PHE G 750 16.30 53.22 -10.65
N LYS G 751 16.96 54.30 -10.25
CA LYS G 751 18.11 54.26 -9.35
C LYS G 751 17.91 55.31 -8.27
N ARG G 752 18.01 54.87 -7.02
CA ARG G 752 17.79 55.75 -5.87
C ARG G 752 18.76 56.93 -5.87
N THR G 753 18.22 58.12 -5.73
CA THR G 753 19.02 59.34 -5.71
C THR G 753 18.11 60.56 -5.62
N MET H 15 3.69 21.43 26.01
CA MET H 15 3.83 20.74 27.31
C MET H 15 2.47 20.22 27.80
N GLU H 16 1.92 20.84 28.85
CA GLU H 16 0.64 20.46 29.44
C GLU H 16 0.20 21.59 30.34
N MET H 17 -1.11 21.90 30.28
CA MET H 17 -1.62 23.04 31.03
C MET H 17 -1.30 22.95 32.52
N GLY H 18 -1.28 21.75 33.08
CA GLY H 18 -1.01 21.59 34.49
C GLY H 18 0.39 22.06 34.86
N ARG H 19 1.38 21.47 34.21
CA ARG H 19 2.76 21.85 34.48
C ARG H 19 3.04 23.28 34.06
N ARG H 20 2.52 23.69 32.90
CA ARG H 20 2.71 25.07 32.45
C ARG H 20 2.22 26.06 33.51
N ILE H 21 1.00 25.83 34.02
CA ILE H 21 0.45 26.73 35.03
C ILE H 21 1.29 26.69 36.30
N HIS H 22 1.54 25.48 36.83
CA HIS H 22 2.34 25.37 38.04
C HIS H 22 3.70 26.05 37.87
N LEU H 23 4.19 26.13 36.64
CA LEU H 23 5.45 26.81 36.39
C LEU H 23 5.28 28.33 36.40
N GLU H 24 4.28 28.83 35.69
CA GLU H 24 4.03 30.27 35.69
C GLU H 24 3.80 30.79 37.11
N LEU H 25 3.20 29.97 37.97
CA LEU H 25 2.93 30.34 39.36
C LEU H 25 4.18 30.07 40.20
N ARG H 26 5.11 31.03 40.16
CA ARG H 26 6.33 30.92 40.93
C ARG H 26 6.06 31.16 42.42
N ASN H 27 5.40 30.20 43.07
CA ASN H 27 5.03 30.26 44.47
C ASN H 27 3.89 31.25 44.73
N ARG H 28 3.41 31.93 43.70
CA ARG H 28 2.35 32.92 43.87
C ARG H 28 1.00 32.24 44.06
N THR H 29 0.22 32.74 45.01
CA THR H 29 -1.11 32.22 45.22
C THR H 29 -1.97 32.45 43.98
N PRO H 30 -2.96 31.59 43.72
CA PRO H 30 -3.88 31.85 42.61
C PRO H 30 -4.99 32.83 42.98
N SER H 31 -4.63 33.91 43.67
CA SER H 31 -5.60 34.92 44.07
C SER H 31 -5.08 36.35 43.96
N ASP H 32 -3.87 36.56 43.45
CA ASP H 32 -3.30 37.90 43.35
C ASP H 32 -2.74 38.20 41.96
N VAL H 33 -3.00 37.34 40.98
CA VAL H 33 -2.47 37.54 39.64
C VAL H 33 -3.45 38.34 38.82
N LYS H 34 -2.93 39.08 37.85
CA LYS H 34 -3.73 39.92 36.95
C LYS H 34 -3.58 39.53 35.50
N GLU H 35 -2.81 38.49 35.19
CA GLU H 35 -2.55 38.10 33.82
C GLU H 35 -2.09 36.64 33.82
N LEU H 36 -2.36 35.95 32.73
CA LEU H 36 -1.96 34.55 32.61
C LEU H 36 -1.86 34.19 31.14
N VAL H 37 -0.99 33.23 30.84
CA VAL H 37 -0.74 32.80 29.47
C VAL H 37 -0.56 31.30 29.45
N LEU H 38 -1.12 30.64 28.42
CA LEU H 38 -1.06 29.19 28.28
C LEU H 38 -0.84 28.80 26.83
N ASP H 39 -0.17 29.65 26.06
CA ASP H 39 -0.02 29.42 24.63
C ASP H 39 0.97 28.30 24.34
N ASN H 40 0.71 27.60 23.23
CA ASN H 40 1.58 26.55 22.72
C ASN H 40 1.73 25.42 23.74
N SER H 41 0.60 24.97 24.27
CA SER H 41 0.57 23.82 25.17
C SER H 41 -0.45 22.82 24.64
N ARG H 42 -0.83 21.84 25.45
CA ARG H 42 -1.83 20.86 25.08
C ARG H 42 -2.73 20.58 26.27
N SER H 43 -4.00 20.33 25.96
CA SER H 43 -5.02 20.08 26.97
C SER H 43 -5.77 18.82 26.58
N ASN H 44 -5.72 17.82 27.46
CA ASN H 44 -6.33 16.53 27.18
C ASN H 44 -7.80 16.67 26.83
N GLU H 45 -8.26 15.85 25.88
CA GLU H 45 -9.64 15.86 25.41
C GLU H 45 -10.06 17.23 24.89
N GLY H 46 -9.09 18.09 24.57
CA GLY H 46 -9.42 19.47 24.25
C GLY H 46 -10.26 20.11 25.33
N LYS H 47 -9.96 19.78 26.59
CA LYS H 47 -10.72 20.23 27.74
C LYS H 47 -9.78 20.91 28.74
N LEU H 48 -10.22 22.06 29.25
CA LEU H 48 -9.48 22.74 30.28
C LEU H 48 -9.26 21.83 31.48
N GLU H 49 -8.15 22.05 32.19
CA GLU H 49 -7.78 21.20 33.32
C GLU H 49 -6.87 21.98 34.26
N GLY H 50 -7.33 22.20 35.49
CA GLY H 50 -6.56 22.92 36.49
C GLY H 50 -7.11 24.27 36.87
N LEU H 51 -8.16 24.74 36.22
CA LEU H 51 -8.74 26.04 36.52
C LEU H 51 -9.87 25.91 37.54
N THR H 52 -10.02 26.93 38.36
CA THR H 52 -11.04 26.95 39.40
C THR H 52 -11.49 28.39 39.63
N ASP H 53 -12.38 28.57 40.60
CA ASP H 53 -12.82 29.90 41.00
C ASP H 53 -11.81 30.62 41.89
N GLU H 54 -10.73 29.95 42.29
CA GLU H 54 -9.70 30.62 43.09
C GLU H 54 -9.17 31.86 42.39
N PHE H 55 -9.09 31.82 41.06
CA PHE H 55 -8.61 32.96 40.29
C PHE H 55 -9.68 34.04 40.31
N GLU H 56 -9.45 35.08 41.11
CA GLU H 56 -10.41 36.17 41.28
C GLU H 56 -9.91 37.46 40.67
N GLU H 57 -8.66 37.82 40.92
CA GLU H 57 -8.08 39.06 40.42
C GLU H 57 -7.71 38.97 38.95
N LEU H 58 -7.92 37.82 38.31
CA LEU H 58 -7.54 37.64 36.91
C LEU H 58 -8.29 38.61 36.02
N GLU H 59 -7.55 39.28 35.13
CA GLU H 59 -8.11 40.25 34.21
C GLU H 59 -7.80 39.95 32.76
N PHE H 60 -7.03 38.91 32.48
CA PHE H 60 -6.63 38.58 31.12
C PHE H 60 -6.41 37.07 31.03
N LEU H 61 -6.64 36.52 29.84
CA LEU H 61 -6.43 35.09 29.61
C LEU H 61 -6.08 34.89 28.15
N SER H 62 -5.26 33.88 27.89
CA SER H 62 -4.84 33.57 26.52
C SER H 62 -4.58 32.08 26.40
N THR H 63 -5.36 31.41 25.56
CA THR H 63 -5.19 29.99 25.28
C THR H 63 -5.18 29.82 23.78
N ILE H 64 -4.02 29.49 23.23
CA ILE H 64 -3.79 29.49 21.80
C ILE H 64 -3.13 28.18 21.40
N ASN H 65 -3.66 27.54 20.37
CA ASN H 65 -3.05 26.36 19.75
C ASN H 65 -2.81 25.27 20.81
N VAL H 66 -3.90 24.83 21.42
CA VAL H 66 -3.81 23.83 22.47
C VAL H 66 -4.74 22.67 22.14
N GLY H 67 -5.15 22.57 20.88
CA GLY H 67 -6.03 21.49 20.46
C GLY H 67 -7.35 21.50 21.20
N LEU H 68 -7.88 22.68 21.49
CA LEU H 68 -9.12 22.79 22.23
C LEU H 68 -10.31 22.69 21.29
N THR H 69 -11.41 22.15 21.80
CA THR H 69 -12.61 21.96 20.99
C THR H 69 -13.91 22.36 21.68
N SER H 70 -13.91 22.62 22.97
CA SER H 70 -15.15 22.92 23.68
C SER H 70 -14.83 23.73 24.92
N ILE H 71 -15.89 24.21 25.58
CA ILE H 71 -15.78 24.99 26.81
C ILE H 71 -16.78 24.40 27.80
N ALA H 72 -16.32 23.50 28.66
CA ALA H 72 -17.21 22.89 29.65
C ALA H 72 -16.70 22.99 31.07
N ASN H 73 -15.39 22.85 31.28
CA ASN H 73 -14.80 22.92 32.62
C ASN H 73 -14.44 24.34 33.03
N LEU H 74 -14.99 25.35 32.36
CA LEU H 74 -14.61 26.73 32.65
C LEU H 74 -15.27 27.18 33.95
N PRO H 75 -14.48 27.50 35.00
CA PRO H 75 -15.08 28.01 36.24
C PRO H 75 -15.64 29.42 36.08
N LYS H 76 -16.11 30.00 37.19
CA LYS H 76 -16.71 31.32 37.20
C LYS H 76 -15.64 32.38 37.46
N LEU H 77 -15.50 33.33 36.53
CA LEU H 77 -14.50 34.39 36.61
C LEU H 77 -15.20 35.71 36.37
N ASN H 78 -15.25 36.56 37.40
CA ASN H 78 -15.96 37.83 37.28
C ASN H 78 -15.06 38.96 36.81
N LYS H 79 -13.91 39.14 37.46
CA LYS H 79 -13.00 40.22 37.09
C LYS H 79 -12.38 40.04 35.71
N LEU H 80 -12.67 38.95 35.02
CA LEU H 80 -12.13 38.74 33.69
C LEU H 80 -12.73 39.73 32.71
N LYS H 81 -11.86 40.34 31.88
CA LYS H 81 -12.31 41.35 30.94
C LYS H 81 -11.66 41.23 29.57
N LYS H 82 -11.08 40.07 29.26
CA LYS H 82 -10.47 39.89 27.94
C LYS H 82 -10.13 38.41 27.78
N LEU H 83 -10.43 37.86 26.61
CA LEU H 83 -10.24 36.44 26.36
C LEU H 83 -9.76 36.20 24.93
N GLU H 84 -9.02 35.11 24.74
CA GLU H 84 -8.46 34.74 23.44
C GLU H 84 -8.47 33.23 23.32
N LEU H 85 -9.09 32.72 22.25
CA LEU H 85 -9.21 31.28 22.01
C LEU H 85 -8.75 30.88 20.61
N SER H 86 -7.87 31.67 20.01
CA SER H 86 -7.51 31.43 18.62
C SER H 86 -6.86 30.06 18.43
N ASP H 87 -6.82 29.63 17.17
CA ASP H 87 -6.15 28.44 16.67
C ASP H 87 -6.77 27.12 17.12
N ASN H 88 -7.83 27.14 17.90
CA ASN H 88 -8.49 25.92 18.34
C ASN H 88 -9.68 25.64 17.43
N ARG H 89 -10.48 24.64 17.80
CA ARG H 89 -11.62 24.18 17.01
C ARG H 89 -12.90 24.20 17.85
N VAL H 90 -13.11 25.28 18.60
CA VAL H 90 -14.31 25.38 19.42
C VAL H 90 -15.53 25.59 18.52
N SER H 91 -16.66 25.06 18.95
CA SER H 91 -17.89 25.17 18.18
C SER H 91 -19.10 24.90 19.08
N GLY H 92 -19.96 25.89 19.22
CA GLY H 92 -21.26 25.67 19.84
C GLY H 92 -21.44 26.26 21.23
N GLY H 93 -20.42 26.13 22.09
CA GLY H 93 -20.56 26.59 23.45
C GLY H 93 -20.24 28.06 23.62
N LEU H 94 -21.28 28.90 23.66
CA LEU H 94 -21.08 30.33 23.81
C LEU H 94 -22.09 30.97 24.76
N GLU H 95 -22.82 30.17 25.53
CA GLU H 95 -23.78 30.70 26.49
C GLU H 95 -23.22 30.76 27.90
N VAL H 96 -22.20 29.97 28.21
CA VAL H 96 -21.56 30.04 29.52
C VAL H 96 -21.02 31.44 29.80
N LEU H 97 -20.68 32.18 28.74
CA LEU H 97 -20.05 33.48 28.93
C LEU H 97 -21.00 34.45 29.63
N ALA H 98 -22.31 34.29 29.41
CA ALA H 98 -23.27 35.17 30.06
C ALA H 98 -23.35 34.96 31.56
N GLU H 99 -22.84 33.83 32.08
CA GLU H 99 -22.90 33.58 33.52
C GLU H 99 -21.55 33.62 34.20
N LYS H 100 -20.49 33.12 33.55
CA LYS H 100 -19.18 33.11 34.18
C LYS H 100 -18.49 34.47 34.05
N CYS H 101 -18.45 35.02 32.85
CA CYS H 101 -17.76 36.28 32.57
C CYS H 101 -18.74 37.33 32.06
N PRO H 102 -19.73 37.72 32.87
CA PRO H 102 -20.68 38.74 32.43
C PRO H 102 -20.06 40.12 32.27
N ASN H 103 -18.93 40.39 32.92
CA ASN H 103 -18.24 41.68 32.80
C ASN H 103 -17.22 41.68 31.67
N LEU H 104 -17.40 40.84 30.66
CA LEU H 104 -16.44 40.70 29.59
C LEU H 104 -16.70 41.74 28.50
N THR H 105 -15.63 42.20 27.88
CA THR H 105 -15.69 43.25 26.87
C THR H 105 -15.07 42.84 25.54
N HIS H 106 -13.94 42.14 25.55
CA HIS H 106 -13.22 41.79 24.34
C HIS H 106 -13.15 40.28 24.21
N LEU H 107 -13.51 39.77 23.03
CA LEU H 107 -13.45 38.33 22.76
C LEU H 107 -12.92 38.13 21.35
N ASN H 108 -12.25 37.00 21.15
CA ASN H 108 -11.65 36.68 19.86
C ASN H 108 -11.75 35.17 19.63
N LEU H 109 -12.12 34.78 18.41
CA LEU H 109 -12.31 33.37 18.08
C LEU H 109 -11.70 32.97 16.74
N SER H 110 -10.92 33.85 16.10
CA SER H 110 -10.36 33.53 14.79
C SER H 110 -9.63 32.20 14.83
N GLY H 111 -9.96 31.32 13.91
CA GLY H 111 -9.34 30.03 13.81
C GLY H 111 -10.14 28.86 14.34
N ASN H 112 -11.39 29.07 14.72
CA ASN H 112 -12.21 28.03 15.31
C ASN H 112 -13.34 27.63 14.36
N LYS H 113 -14.03 26.55 14.73
CA LYS H 113 -15.07 25.97 13.91
C LYS H 113 -16.39 26.65 14.26
N ILE H 114 -16.85 27.52 13.37
CA ILE H 114 -18.11 28.25 13.56
C ILE H 114 -18.84 28.24 12.23
N LYS H 115 -20.07 27.74 12.23
CA LYS H 115 -20.83 27.51 11.00
C LYS H 115 -21.94 28.51 10.80
N ASP H 116 -22.82 28.67 11.78
CA ASP H 116 -24.01 29.51 11.65
C ASP H 116 -23.98 30.63 12.67
N LEU H 117 -25.06 31.40 12.69
CA LEU H 117 -25.19 32.53 13.61
C LEU H 117 -25.91 32.14 14.90
N SER H 118 -26.80 31.15 14.84
CA SER H 118 -27.51 30.71 16.05
C SER H 118 -26.54 30.42 17.19
N THR H 119 -25.34 29.96 16.87
CA THR H 119 -24.33 29.72 17.91
C THR H 119 -23.86 31.03 18.54
N ILE H 120 -23.93 32.14 17.79
CA ILE H 120 -23.46 33.43 18.27
C ILE H 120 -24.50 34.18 19.09
N GLU H 121 -25.79 33.89 18.88
CA GLU H 121 -26.85 34.68 19.52
C GLU H 121 -26.67 34.86 21.03
N PRO H 122 -26.29 33.84 21.81
CA PRO H 122 -26.21 34.05 23.27
C PRO H 122 -25.39 35.26 23.67
N LEU H 123 -24.38 35.62 22.87
CA LEU H 123 -23.50 36.73 23.25
C LEU H 123 -24.25 38.04 23.40
N LYS H 124 -25.51 38.11 22.96
CA LYS H 124 -26.28 39.33 23.17
C LYS H 124 -26.42 39.65 24.64
N LYS H 125 -26.44 38.63 25.50
CA LYS H 125 -26.64 38.90 26.92
C LYS H 125 -25.42 39.56 27.57
N LEU H 126 -24.26 39.53 26.92
CA LEU H 126 -23.07 40.20 27.43
C LEU H 126 -23.18 41.70 27.15
N GLU H 127 -23.97 42.37 28.00
CA GLU H 127 -24.18 43.80 27.82
C GLU H 127 -22.88 44.58 27.88
N ASN H 128 -21.86 44.04 28.53
CA ASN H 128 -20.56 44.68 28.63
C ASN H 128 -19.68 44.48 27.39
N LEU H 129 -20.21 43.88 26.33
CA LEU H 129 -19.38 43.54 25.18
C LEU H 129 -19.10 44.80 24.36
N LYS H 130 -17.85 44.93 23.92
CA LYS H 130 -17.44 46.06 23.11
C LYS H 130 -16.88 45.65 21.76
N SER H 131 -15.95 44.70 21.73
CA SER H 131 -15.28 44.29 20.50
C SER H 131 -15.34 42.78 20.33
N LEU H 132 -15.42 42.34 19.08
CA LEU H 132 -15.38 40.92 18.74
C LEU H 132 -14.53 40.73 17.48
N ASP H 133 -13.89 39.56 17.39
CA ASP H 133 -12.96 39.24 16.33
C ASP H 133 -13.30 37.88 15.73
N LEU H 134 -13.80 37.88 14.49
CA LEU H 134 -14.10 36.67 13.75
C LEU H 134 -13.37 36.71 12.42
N PHE H 135 -12.35 35.88 12.27
CA PHE H 135 -11.55 35.83 11.06
C PHE H 135 -11.25 34.38 10.72
N ASN H 136 -11.38 34.02 9.44
CA ASN H 136 -11.09 32.68 8.93
C ASN H 136 -12.15 31.67 9.31
N CYS H 137 -13.31 32.11 9.74
CA CYS H 137 -14.40 31.20 10.08
C CYS H 137 -15.33 31.03 8.89
N GLU H 138 -16.13 29.96 8.93
CA GLU H 138 -17.03 29.69 7.82
C GLU H 138 -18.08 30.78 7.71
N VAL H 139 -18.51 31.33 8.85
CA VAL H 139 -19.53 32.38 8.84
C VAL H 139 -19.07 33.55 7.98
N THR H 140 -17.77 33.84 8.00
CA THR H 140 -17.26 34.99 7.26
C THR H 140 -17.50 34.87 5.77
N ASN H 141 -17.75 33.65 5.26
CA ASN H 141 -17.95 33.43 3.84
C ASN H 141 -19.40 33.63 3.41
N LEU H 142 -20.20 34.31 4.21
CA LEU H 142 -21.59 34.58 3.88
C LEU H 142 -21.75 35.96 3.26
N ASN H 143 -22.99 36.31 2.96
CA ASN H 143 -23.35 37.57 2.33
C ASN H 143 -24.01 38.48 3.36
N ASP H 144 -23.52 39.72 3.47
CA ASP H 144 -24.07 40.70 4.38
C ASP H 144 -24.11 40.15 5.81
N TYR H 145 -22.92 39.84 6.31
CA TYR H 145 -22.73 39.22 7.62
C TYR H 145 -22.32 40.22 8.69
N ARG H 146 -21.44 41.16 8.36
CA ARG H 146 -21.10 42.21 9.33
C ARG H 146 -22.36 42.93 9.80
N GLU H 147 -23.21 43.30 8.85
CA GLU H 147 -24.42 44.05 9.20
C GLU H 147 -25.39 43.22 10.01
N ASN H 148 -25.60 41.96 9.62
CA ASN H 148 -26.52 41.12 10.37
C ASN H 148 -26.04 40.91 11.80
N VAL H 149 -24.74 40.73 11.98
CA VAL H 149 -24.21 40.58 13.33
C VAL H 149 -24.41 41.87 14.11
N PHE H 150 -24.05 43.01 13.51
CA PHE H 150 -24.24 44.29 14.20
C PHE H 150 -25.69 44.47 14.62
N LYS H 151 -26.63 44.10 13.75
CA LYS H 151 -28.04 44.19 14.09
C LYS H 151 -28.43 43.21 15.18
N LEU H 152 -27.68 42.12 15.32
CA LEU H 152 -27.94 41.18 16.40
C LEU H 152 -27.39 41.68 17.73
N LEU H 153 -26.13 42.13 17.73
CA LEU H 153 -25.47 42.63 18.93
C LEU H 153 -25.33 44.14 18.84
N PRO H 154 -26.34 44.92 19.24
CA PRO H 154 -26.24 46.37 19.09
C PRO H 154 -25.16 46.99 19.95
N GLN H 155 -25.00 46.50 21.18
CA GLN H 155 -24.00 47.05 22.08
C GLN H 155 -22.61 47.06 21.44
N LEU H 156 -22.38 46.16 20.49
CA LEU H 156 -21.07 46.06 19.87
C LEU H 156 -20.77 47.29 19.01
N THR H 157 -19.50 47.64 18.96
CA THR H 157 -18.99 48.73 18.15
C THR H 157 -17.85 48.30 17.23
N TYR H 158 -16.96 47.45 17.71
CA TYR H 158 -15.80 47.00 16.95
C TYR H 158 -16.00 45.56 16.51
N LEU H 159 -15.52 45.25 15.30
CA LEU H 159 -15.62 43.89 14.76
C LEU H 159 -14.33 43.57 14.02
N ASP H 160 -13.62 42.56 14.49
CA ASP H 160 -12.34 42.15 13.91
C ASP H 160 -11.32 43.27 13.90
N GLY H 161 -11.49 44.25 14.78
CA GLY H 161 -10.59 45.38 14.83
C GLY H 161 -11.06 46.55 14.00
N TYR H 162 -12.31 46.51 13.50
CA TYR H 162 -12.84 47.54 12.63
C TYR H 162 -14.28 47.82 13.03
N ASP H 163 -14.58 49.09 13.28
CA ASP H 163 -15.94 49.52 13.56
C ASP H 163 -16.70 49.77 12.26
N ARG H 164 -18.02 49.90 12.39
CA ARG H 164 -18.83 50.33 11.26
C ARG H 164 -18.18 51.51 10.57
N ASP H 165 -18.26 51.51 9.24
CA ASP H 165 -17.59 52.48 8.36
C ASP H 165 -16.11 52.18 8.22
N ASP H 166 -15.65 51.03 8.69
CA ASP H 166 -14.24 50.62 8.57
C ASP H 166 -13.33 51.58 9.33
N LYS H 167 -13.71 51.89 10.57
CA LYS H 167 -12.91 52.73 11.45
C LYS H 167 -11.91 51.84 12.20
N GLU H 168 -10.65 51.91 11.81
CA GLU H 168 -9.62 51.14 12.50
C GLU H 168 -9.56 51.52 13.97
N ALA H 169 -9.55 50.51 14.83
CA ALA H 169 -9.49 50.74 16.26
C ALA H 169 -8.06 51.07 16.68
N PRO H 170 -7.89 51.81 17.79
CA PRO H 170 -6.54 52.17 18.23
C PRO H 170 -5.74 50.98 18.72
N ASP H 171 -4.49 51.21 19.12
CA ASP H 171 -3.64 50.13 19.61
C ASP H 171 -4.24 49.51 20.87
N SER H 172 -4.37 50.31 21.93
CA SER H 172 -4.88 49.81 23.21
C SER H 172 -5.06 50.95 24.20
#